data_2KW6
#
_entry.id   2KW6
#
_cell.length_a   1.000
_cell.length_b   1.000
_cell.length_c   1.000
_cell.angle_alpha   90.00
_cell.angle_beta   90.00
_cell.angle_gamma   90.00
#
_symmetry.space_group_name_H-M   'P 1'
#
_entity_poly.entity_id   1
_entity_poly.type   'polypeptide(L)'
_entity_poly.pdbx_seq_one_letter_code
;MGHHHHHHSHSKYAELLAIIEELGKEIRPTYAGSKSAMERLKRGIIHARGLVRECLAETERNARS
;
_entity_poly.pdbx_strand_id   A,B
#
# COMPACT_ATOMS: atom_id res chain seq x y z
N MET A 1 -4.28 0.60 20.55
CA MET A 1 -5.70 1.01 20.69
C MET A 1 -5.82 2.53 20.54
N GLY A 2 -6.79 2.97 19.72
CA GLY A 2 -6.99 4.39 19.41
C GLY A 2 -7.62 4.57 18.04
N HIS A 3 -8.96 4.41 17.97
CA HIS A 3 -9.73 4.58 16.71
C HIS A 3 -9.86 6.09 16.39
N HIS A 4 -8.77 6.66 15.89
CA HIS A 4 -8.64 8.10 15.60
C HIS A 4 -7.49 8.29 14.63
N HIS A 5 -7.81 8.28 13.33
CA HIS A 5 -6.82 8.47 12.25
C HIS A 5 -6.31 9.92 12.24
N HIS A 6 -5.03 10.10 11.89
CA HIS A 6 -4.46 11.42 11.61
C HIS A 6 -5.07 11.98 10.31
N HIS A 7 -5.29 13.29 10.28
CA HIS A 7 -5.87 13.99 9.10
C HIS A 7 -4.84 13.99 7.96
N HIS A 8 -5.32 13.85 6.71
CA HIS A 8 -4.46 13.86 5.52
C HIS A 8 -3.86 15.26 5.32
N SER A 9 -2.64 15.44 5.83
CA SER A 9 -1.80 16.63 5.59
C SER A 9 -1.05 16.45 4.24
N HIS A 10 -0.28 17.47 3.84
CA HIS A 10 0.56 17.42 2.62
C HIS A 10 1.76 16.45 2.82
N SER A 11 1.47 15.15 2.63
CA SER A 11 2.44 14.07 2.86
C SER A 11 2.12 12.86 1.99
N LYS A 12 3.17 12.28 1.37
CA LYS A 12 3.10 10.99 0.66
C LYS A 12 2.55 9.92 1.61
N TYR A 13 3.01 9.96 2.87
CA TYR A 13 2.75 8.95 3.90
C TYR A 13 1.30 9.00 4.40
N ALA A 14 0.80 10.22 4.68
CA ALA A 14 -0.58 10.46 5.12
C ALA A 14 -1.59 9.98 4.07
N GLU A 15 -1.23 10.19 2.78
CA GLU A 15 -2.05 9.76 1.63
C GLU A 15 -1.92 8.25 1.41
N LEU A 16 -0.69 7.74 1.56
CA LEU A 16 -0.35 6.33 1.32
C LEU A 16 -1.11 5.43 2.31
N LEU A 17 -1.18 5.89 3.55
CA LEU A 17 -1.96 5.26 4.62
C LEU A 17 -3.46 5.32 4.30
N ALA A 18 -3.91 6.52 3.86
CA ALA A 18 -5.33 6.79 3.53
C ALA A 18 -5.84 5.91 2.38
N ILE A 19 -4.94 5.58 1.47
CA ILE A 19 -5.22 4.67 0.34
C ILE A 19 -5.38 3.23 0.85
N ILE A 20 -4.37 2.73 1.59
CA ILE A 20 -4.28 1.31 1.96
C ILE A 20 -5.37 0.91 3.00
N GLU A 21 -5.75 1.85 3.90
CA GLU A 21 -6.85 1.65 4.87
C GLU A 21 -8.22 1.55 4.14
N GLU A 22 -8.29 2.17 2.94
CA GLU A 22 -9.48 2.14 2.08
C GLU A 22 -9.56 0.77 1.37
N LEU A 23 -8.46 0.35 0.73
CA LEU A 23 -8.33 -0.91 -0.02
C LEU A 23 -8.76 -2.15 0.77
N GLY A 24 -8.61 -2.10 2.12
CA GLY A 24 -9.00 -3.19 3.01
C GLY A 24 -10.51 -3.36 3.13
N LYS A 25 -11.22 -2.23 2.99
CA LYS A 25 -12.69 -2.18 3.01
C LYS A 25 -13.27 -2.85 1.76
N GLU A 26 -12.68 -2.55 0.59
CA GLU A 26 -13.20 -2.95 -0.73
C GLU A 26 -12.93 -4.43 -1.07
N ILE A 27 -12.27 -5.17 -0.17
CA ILE A 27 -12.00 -6.61 -0.35
C ILE A 27 -13.29 -7.42 -0.26
N ARG A 28 -14.12 -7.10 0.76
CA ARG A 28 -15.41 -7.80 1.01
C ARG A 28 -16.32 -7.76 -0.26
N PRO A 29 -16.69 -6.55 -0.84
CA PRO A 29 -17.53 -6.49 -2.07
C PRO A 29 -16.81 -7.07 -3.33
N THR A 30 -15.47 -6.88 -3.45
CA THR A 30 -14.68 -7.47 -4.59
C THR A 30 -14.83 -9.01 -4.60
N TYR A 31 -14.61 -9.62 -3.43
CA TYR A 31 -14.80 -11.07 -3.21
C TYR A 31 -16.27 -11.49 -3.43
N ALA A 32 -17.20 -10.57 -3.15
CA ALA A 32 -18.66 -10.79 -3.33
C ALA A 32 -19.10 -10.54 -4.80
N GLY A 33 -18.13 -10.41 -5.72
CA GLY A 33 -18.40 -10.29 -7.16
C GLY A 33 -18.93 -8.91 -7.55
N SER A 34 -18.43 -7.84 -6.89
CA SER A 34 -18.84 -6.44 -7.17
C SER A 34 -17.74 -5.74 -7.99
N LYS A 35 -18.12 -5.31 -9.21
CA LYS A 35 -17.20 -4.75 -10.21
C LYS A 35 -16.75 -3.31 -9.87
N SER A 36 -17.57 -2.59 -9.11
CA SER A 36 -17.24 -1.21 -8.69
C SER A 36 -16.11 -1.23 -7.63
N ALA A 37 -16.15 -2.25 -6.74
CA ALA A 37 -15.17 -2.43 -5.65
C ALA A 37 -13.79 -2.81 -6.18
N MET A 38 -13.75 -3.78 -7.13
CA MET A 38 -12.47 -4.22 -7.75
C MET A 38 -11.77 -3.06 -8.49
N GLU A 39 -12.59 -2.13 -9.03
CA GLU A 39 -12.09 -0.89 -9.66
C GLU A 39 -11.40 0.03 -8.64
N ARG A 40 -12.05 0.23 -7.47
CA ARG A 40 -11.52 1.08 -6.37
C ARG A 40 -10.25 0.45 -5.77
N LEU A 41 -10.30 -0.88 -5.66
CA LEU A 41 -9.21 -1.69 -5.13
C LEU A 41 -7.96 -1.50 -6.00
N LYS A 42 -8.11 -1.71 -7.32
CA LYS A 42 -7.03 -1.56 -8.30
C LYS A 42 -6.52 -0.11 -8.36
N ARG A 43 -7.46 0.84 -8.33
CA ARG A 43 -7.20 2.27 -8.48
C ARG A 43 -6.21 2.75 -7.40
N GLY A 44 -6.53 2.39 -6.15
CA GLY A 44 -5.69 2.73 -5.01
C GLY A 44 -4.39 1.96 -4.97
N ILE A 45 -4.42 0.68 -5.38
CA ILE A 45 -3.21 -0.17 -5.40
C ILE A 45 -2.11 0.44 -6.31
N ILE A 46 -2.49 0.86 -7.52
CA ILE A 46 -1.56 1.54 -8.47
C ILE A 46 -1.15 2.93 -7.92
N HIS A 47 -2.15 3.69 -7.39
CA HIS A 47 -1.92 5.03 -6.80
C HIS A 47 -0.93 4.97 -5.61
N ALA A 48 -1.04 3.90 -4.81
CA ALA A 48 -0.18 3.66 -3.64
C ALA A 48 1.25 3.41 -4.09
N ARG A 49 1.40 2.56 -5.13
CA ARG A 49 2.69 2.21 -5.73
C ARG A 49 3.41 3.46 -6.29
N GLY A 50 2.60 4.41 -6.80
CA GLY A 50 3.09 5.70 -7.28
C GLY A 50 3.78 6.52 -6.20
N LEU A 51 3.21 6.48 -4.98
CA LEU A 51 3.76 7.18 -3.80
C LEU A 51 5.00 6.46 -3.26
N VAL A 52 4.98 5.12 -3.36
CA VAL A 52 6.11 4.27 -2.94
C VAL A 52 7.35 4.54 -3.82
N ARG A 53 7.13 4.72 -5.13
CA ARG A 53 8.20 5.01 -6.11
C ARG A 53 8.71 6.46 -5.98
N GLU A 54 7.83 7.39 -5.58
CA GLU A 54 8.24 8.77 -5.22
C GLU A 54 9.13 8.75 -3.97
N CYS A 55 8.76 7.87 -3.01
CA CYS A 55 9.46 7.72 -1.74
C CYS A 55 10.78 6.93 -1.93
N LEU A 56 10.82 6.00 -2.89
CA LEU A 56 11.99 5.15 -3.17
C LEU A 56 13.07 5.94 -3.92
N ALA A 57 12.67 6.66 -4.98
CA ALA A 57 13.58 7.53 -5.76
C ALA A 57 14.29 8.57 -4.87
N GLU A 58 13.59 8.97 -3.80
CA GLU A 58 14.12 9.89 -2.78
C GLU A 58 15.05 9.16 -1.78
N THR A 59 14.47 8.17 -1.08
CA THR A 59 15.09 7.52 0.10
C THR A 59 16.26 6.58 -0.27
N GLU A 60 16.32 6.14 -1.54
CA GLU A 60 17.35 5.19 -2.00
C GLU A 60 18.67 5.95 -2.26
N ARG A 61 18.54 7.18 -2.77
CA ARG A 61 19.67 8.11 -2.92
C ARG A 61 20.08 8.62 -1.53
N ASN A 62 19.08 8.80 -0.65
CA ASN A 62 19.26 9.30 0.72
C ASN A 62 19.80 8.20 1.66
N ALA A 63 19.88 6.93 1.15
CA ALA A 63 20.39 5.79 1.92
C ALA A 63 21.82 5.48 1.46
N ARG A 64 21.97 4.56 0.47
CA ARG A 64 23.25 4.09 -0.11
C ARG A 64 22.94 2.78 -0.88
N SER A 65 22.27 2.91 -2.03
CA SER A 65 21.79 1.77 -2.83
C SER A 65 21.70 2.18 -4.32
N MET B 1 8.45 0.06 -20.31
CA MET B 1 8.43 -1.27 -19.68
C MET B 1 9.26 -1.22 -18.39
N GLY B 2 8.56 -1.04 -17.24
CA GLY B 2 9.20 -0.86 -15.94
C GLY B 2 8.91 -2.02 -15.00
N HIS B 3 9.25 -3.25 -15.43
CA HIS B 3 9.11 -4.47 -14.58
C HIS B 3 10.37 -4.66 -13.73
N HIS B 4 11.54 -4.29 -14.29
CA HIS B 4 12.83 -4.33 -13.57
C HIS B 4 12.82 -3.35 -12.38
N HIS B 5 12.96 -3.90 -11.17
CA HIS B 5 13.09 -3.12 -9.93
C HIS B 5 14.58 -2.89 -9.64
N HIS B 6 14.86 -2.05 -8.64
CA HIS B 6 16.22 -1.93 -8.08
C HIS B 6 16.43 -3.00 -7.01
N HIS B 7 17.71 -3.27 -6.68
CA HIS B 7 18.04 -4.15 -5.55
C HIS B 7 17.53 -3.49 -4.25
N HIS B 8 16.58 -4.18 -3.61
CA HIS B 8 15.83 -3.68 -2.46
C HIS B 8 16.76 -3.27 -1.30
N SER B 9 16.84 -1.94 -1.09
CA SER B 9 17.56 -1.32 0.03
C SER B 9 16.94 -1.78 1.35
N HIS B 10 17.78 -1.90 2.41
CA HIS B 10 17.31 -2.28 3.76
C HIS B 10 16.34 -1.21 4.33
N SER B 11 15.06 -1.36 3.94
CA SER B 11 14.01 -0.37 4.14
C SER B 11 12.62 -1.04 4.00
N LYS B 12 11.63 -0.47 4.70
CA LYS B 12 10.24 -0.93 4.65
C LYS B 12 9.58 -0.54 3.32
N TYR B 13 10.11 0.52 2.63
CA TYR B 13 9.55 1.02 1.34
C TYR B 13 9.77 0.02 0.21
N ALA B 14 10.95 -0.62 0.23
CA ALA B 14 11.32 -1.66 -0.74
C ALA B 14 10.40 -2.89 -0.60
N GLU B 15 10.20 -3.32 0.66
CA GLU B 15 9.26 -4.41 1.00
C GLU B 15 7.81 -4.03 0.64
N LEU B 16 7.50 -2.73 0.85
CA LEU B 16 6.17 -2.14 0.62
C LEU B 16 5.80 -2.18 -0.87
N LEU B 17 6.80 -1.87 -1.73
CA LEU B 17 6.68 -1.97 -3.20
C LEU B 17 6.31 -3.40 -3.60
N ALA B 18 7.10 -4.37 -3.08
CA ALA B 18 6.96 -5.80 -3.35
C ALA B 18 5.56 -6.32 -2.99
N ILE B 19 4.99 -5.79 -1.90
CA ILE B 19 3.63 -6.11 -1.44
C ILE B 19 2.59 -5.57 -2.42
N ILE B 20 2.61 -4.24 -2.63
CA ILE B 20 1.54 -3.49 -3.31
C ILE B 20 1.40 -3.90 -4.79
N GLU B 21 2.51 -4.15 -5.48
CA GLU B 21 2.49 -4.65 -6.88
C GLU B 21 1.85 -6.06 -6.96
N GLU B 22 2.12 -6.87 -5.92
CA GLU B 22 1.58 -8.25 -5.82
C GLU B 22 0.07 -8.21 -5.53
N LEU B 23 -0.36 -7.19 -4.76
CA LEU B 23 -1.79 -6.95 -4.48
C LEU B 23 -2.57 -6.66 -5.76
N GLY B 24 -1.88 -6.01 -6.73
CA GLY B 24 -2.41 -5.78 -8.08
C GLY B 24 -2.83 -7.07 -8.78
N LYS B 25 -2.06 -8.15 -8.53
CA LYS B 25 -2.38 -9.50 -9.02
C LYS B 25 -3.54 -10.10 -8.21
N GLU B 26 -3.49 -9.92 -6.87
CA GLU B 26 -4.43 -10.55 -5.92
C GLU B 26 -5.90 -10.14 -6.16
N ILE B 27 -6.10 -9.01 -6.86
CA ILE B 27 -7.45 -8.53 -7.25
C ILE B 27 -8.20 -9.56 -8.10
N ARG B 28 -7.47 -10.20 -9.03
CA ARG B 28 -8.06 -11.12 -10.02
C ARG B 28 -8.68 -12.38 -9.35
N PRO B 29 -7.91 -13.20 -8.53
CA PRO B 29 -8.48 -14.39 -7.85
C PRO B 29 -9.47 -14.02 -6.72
N THR B 30 -9.27 -12.87 -6.02
CA THR B 30 -10.21 -12.39 -4.98
C THR B 30 -11.60 -12.10 -5.59
N TYR B 31 -11.60 -11.33 -6.69
CA TYR B 31 -12.83 -11.02 -7.45
C TYR B 31 -13.48 -12.30 -8.01
N ALA B 32 -12.65 -13.29 -8.37
CA ALA B 32 -13.12 -14.61 -8.86
C ALA B 32 -13.86 -15.39 -7.75
N GLY B 33 -13.56 -15.06 -6.49
CA GLY B 33 -14.19 -15.72 -5.34
C GLY B 33 -13.32 -16.81 -4.72
N SER B 34 -12.01 -16.71 -4.91
CA SER B 34 -11.03 -17.59 -4.26
C SER B 34 -10.79 -17.10 -2.81
N LYS B 35 -11.16 -17.95 -1.84
CA LYS B 35 -11.11 -17.62 -0.39
C LYS B 35 -9.64 -17.50 0.10
N SER B 36 -8.75 -18.23 -0.57
CA SER B 36 -7.31 -18.17 -0.33
C SER B 36 -6.72 -16.81 -0.79
N ALA B 37 -7.33 -16.22 -1.82
CA ALA B 37 -6.86 -14.98 -2.44
C ALA B 37 -7.21 -13.73 -1.61
N MET B 38 -8.46 -13.66 -1.13
CA MET B 38 -8.91 -12.54 -0.27
C MET B 38 -8.08 -12.43 1.02
N GLU B 39 -7.64 -13.59 1.53
CA GLU B 39 -6.78 -13.69 2.70
C GLU B 39 -5.35 -13.19 2.40
N ARG B 40 -4.84 -13.50 1.19
CA ARG B 40 -3.50 -13.02 0.73
C ARG B 40 -3.51 -11.49 0.53
N LEU B 41 -4.60 -11.01 -0.11
CA LEU B 41 -4.82 -9.60 -0.41
C LEU B 41 -4.89 -8.78 0.88
N LYS B 42 -5.72 -9.25 1.82
CA LYS B 42 -5.94 -8.57 3.11
C LYS B 42 -4.68 -8.61 3.97
N ARG B 43 -3.99 -9.76 3.97
CA ARG B 43 -2.74 -9.95 4.74
C ARG B 43 -1.67 -8.96 4.26
N GLY B 44 -1.61 -8.79 2.92
CA GLY B 44 -0.69 -7.86 2.30
C GLY B 44 -1.03 -6.41 2.60
N ILE B 45 -2.33 -6.08 2.59
CA ILE B 45 -2.83 -4.72 2.82
C ILE B 45 -2.59 -4.26 4.28
N ILE B 46 -2.92 -5.11 5.26
CA ILE B 46 -2.70 -4.79 6.70
C ILE B 46 -1.18 -4.73 7.02
N HIS B 47 -0.37 -5.59 6.35
CA HIS B 47 1.11 -5.56 6.44
C HIS B 47 1.64 -4.22 5.89
N ALA B 48 1.16 -3.86 4.70
CA ALA B 48 1.57 -2.63 3.98
C ALA B 48 1.23 -1.39 4.81
N ARG B 49 0.00 -1.40 5.35
CA ARG B 49 -0.55 -0.33 6.22
C ARG B 49 0.33 -0.11 7.45
N GLY B 50 0.79 -1.24 8.04
CA GLY B 50 1.71 -1.22 9.18
C GLY B 50 3.04 -0.56 8.84
N LEU B 51 3.58 -0.89 7.64
CA LEU B 51 4.85 -0.33 7.14
C LEU B 51 4.77 1.20 6.99
N VAL B 52 3.60 1.65 6.49
CA VAL B 52 3.33 3.07 6.25
C VAL B 52 3.25 3.84 7.57
N ARG B 53 2.61 3.23 8.60
CA ARG B 53 2.49 3.88 9.93
C ARG B 53 3.86 4.02 10.62
N GLU B 54 4.74 3.02 10.43
CA GLU B 54 6.11 3.04 10.99
C GLU B 54 6.91 4.24 10.45
N CYS B 55 6.80 4.44 9.13
CA CYS B 55 7.54 5.51 8.44
C CYS B 55 6.82 6.87 8.57
N LEU B 56 5.48 6.85 8.75
CA LEU B 56 4.66 8.09 8.92
C LEU B 56 5.01 8.73 10.27
N ALA B 57 4.93 7.92 11.34
CA ALA B 57 5.24 8.35 12.72
C ALA B 57 6.69 8.85 12.85
N GLU B 58 7.60 8.20 12.09
CA GLU B 58 9.01 8.59 12.04
C GLU B 58 9.18 9.96 11.31
N THR B 59 8.41 10.15 10.22
CA THR B 59 8.37 11.44 9.47
C THR B 59 7.56 12.50 10.26
N GLU B 60 6.75 12.05 11.23
CA GLU B 60 5.99 12.92 12.14
C GLU B 60 6.96 13.56 13.16
N ARG B 61 8.03 12.81 13.52
CA ARG B 61 9.12 13.30 14.37
C ARG B 61 10.10 14.16 13.55
N ASN B 62 10.30 13.77 12.28
CA ASN B 62 11.24 14.44 11.35
C ASN B 62 10.66 15.78 10.86
N ALA B 63 9.65 15.70 9.98
CA ALA B 63 8.92 16.86 9.46
C ALA B 63 7.88 17.36 10.49
N ARG B 64 7.63 18.68 10.50
CA ARG B 64 6.74 19.31 11.47
C ARG B 64 5.26 19.07 11.09
N SER B 65 4.80 19.76 10.02
CA SER B 65 3.46 19.63 9.46
C SER B 65 3.50 20.05 7.97
N MET A 1 -5.21 0.42 16.31
CA MET A 1 -4.53 1.34 17.24
C MET A 1 -5.52 2.38 17.76
N GLY A 2 -6.14 3.13 16.84
CA GLY A 2 -7.11 4.16 17.17
C GLY A 2 -7.69 4.80 15.92
N HIS A 3 -8.96 5.22 15.99
CA HIS A 3 -9.64 5.89 14.88
C HIS A 3 -9.70 7.41 15.15
N HIS A 4 -8.50 8.02 15.26
CA HIS A 4 -8.36 9.48 15.29
C HIS A 4 -8.69 10.02 13.90
N HIS A 5 -9.45 11.15 13.85
CA HIS A 5 -9.88 11.77 12.58
C HIS A 5 -8.68 12.04 11.66
N HIS A 6 -8.49 11.13 10.68
CA HIS A 6 -7.32 11.12 9.80
C HIS A 6 -7.28 12.38 8.92
N HIS A 7 -6.41 13.33 9.32
CA HIS A 7 -6.10 14.51 8.51
C HIS A 7 -4.89 14.20 7.62
N HIS A 8 -4.92 14.64 6.35
CA HIS A 8 -3.80 14.43 5.42
C HIS A 8 -2.60 15.30 5.85
N SER A 9 -1.52 14.62 6.25
CA SER A 9 -0.36 15.23 6.92
C SER A 9 0.69 15.78 5.91
N HIS A 10 0.20 16.30 4.75
CA HIS A 10 1.00 16.92 3.67
C HIS A 10 1.84 15.86 2.92
N SER A 11 2.78 15.21 3.62
CA SER A 11 3.53 14.07 3.12
C SER A 11 2.57 12.92 2.73
N LYS A 12 2.80 12.35 1.53
CA LYS A 12 1.89 11.35 0.91
C LYS A 12 1.78 10.04 1.70
N TYR A 13 2.65 9.86 2.71
CA TYR A 13 2.61 8.68 3.60
C TYR A 13 1.26 8.60 4.37
N ALA A 14 0.67 9.77 4.71
CA ALA A 14 -0.67 9.82 5.35
C ALA A 14 -1.77 9.39 4.37
N GLU A 15 -1.60 9.80 3.10
CA GLU A 15 -2.50 9.37 2.00
C GLU A 15 -2.36 7.85 1.78
N LEU A 16 -1.11 7.38 1.92
CA LEU A 16 -0.74 5.97 1.72
C LEU A 16 -1.37 5.09 2.83
N LEU A 17 -1.39 5.63 4.07
CA LEU A 17 -2.09 5.00 5.21
C LEU A 17 -3.59 4.82 4.90
N ALA A 18 -4.20 5.92 4.45
CA ALA A 18 -5.64 5.98 4.15
C ALA A 18 -6.00 5.10 2.97
N ILE A 19 -5.10 5.01 1.95
CA ILE A 19 -5.31 4.15 0.77
C ILE A 19 -5.42 2.69 1.21
N ILE A 20 -4.41 2.22 1.94
CA ILE A 20 -4.33 0.82 2.39
C ILE A 20 -5.51 0.47 3.33
N GLU A 21 -5.90 1.44 4.16
CA GLU A 21 -7.08 1.36 5.02
C GLU A 21 -8.38 1.22 4.17
N GLU A 22 -8.42 1.90 3.01
CA GLU A 22 -9.55 1.85 2.07
C GLU A 22 -9.61 0.48 1.39
N LEU A 23 -8.45 0.03 0.85
CA LEU A 23 -8.29 -1.26 0.17
C LEU A 23 -8.77 -2.44 1.05
N GLY A 24 -8.64 -2.30 2.38
CA GLY A 24 -9.12 -3.29 3.35
C GLY A 24 -10.64 -3.36 3.37
N LYS A 25 -11.26 -2.19 3.26
CA LYS A 25 -12.74 -2.06 3.22
C LYS A 25 -13.28 -2.70 1.91
N GLU A 26 -12.57 -2.49 0.79
CA GLU A 26 -12.96 -2.87 -0.58
C GLU A 26 -12.73 -4.36 -0.87
N ILE A 27 -12.15 -5.11 0.09
CA ILE A 27 -12.04 -6.58 0.00
C ILE A 27 -13.45 -7.22 -0.08
N ARG A 28 -14.33 -6.77 0.85
CA ARG A 28 -15.70 -7.32 0.98
C ARG A 28 -16.49 -7.29 -0.39
N PRO A 29 -16.74 -6.08 -1.04
CA PRO A 29 -17.55 -6.01 -2.28
C PRO A 29 -16.84 -6.61 -3.53
N THR A 30 -15.49 -6.46 -3.60
CA THR A 30 -14.69 -7.10 -4.68
C THR A 30 -14.90 -8.62 -4.69
N TYR A 31 -14.74 -9.22 -3.50
CA TYR A 31 -14.96 -10.67 -3.29
C TYR A 31 -16.44 -11.05 -3.51
N ALA A 32 -17.36 -10.08 -3.26
CA ALA A 32 -18.80 -10.27 -3.48
C ALA A 32 -19.19 -10.10 -4.97
N GLY A 33 -18.18 -10.12 -5.88
CA GLY A 33 -18.41 -10.16 -7.33
C GLY A 33 -18.82 -8.81 -7.93
N SER A 34 -18.35 -7.71 -7.32
CA SER A 34 -18.58 -6.35 -7.84
C SER A 34 -17.42 -5.93 -8.75
N LYS A 35 -17.68 -5.81 -10.07
CA LYS A 35 -16.67 -5.33 -11.04
C LYS A 35 -16.36 -3.83 -10.82
N SER A 36 -17.27 -3.14 -10.14
CA SER A 36 -17.07 -1.75 -9.72
C SER A 36 -15.96 -1.67 -8.65
N ALA A 37 -16.10 -2.50 -7.61
CA ALA A 37 -15.23 -2.51 -6.43
C ALA A 37 -13.80 -2.94 -6.74
N MET A 38 -13.65 -3.98 -7.59
CA MET A 38 -12.31 -4.50 -7.98
C MET A 38 -11.48 -3.44 -8.72
N GLU A 39 -12.15 -2.59 -9.48
CA GLU A 39 -11.50 -1.52 -10.26
C GLU A 39 -11.08 -0.35 -9.36
N ARG A 40 -11.94 -0.04 -8.37
CA ARG A 40 -11.64 0.98 -7.33
C ARG A 40 -10.47 0.51 -6.44
N LEU A 41 -10.49 -0.80 -6.14
CA LEU A 41 -9.45 -1.50 -5.36
C LEU A 41 -8.11 -1.42 -6.10
N LYS A 42 -8.18 -1.66 -7.43
CA LYS A 42 -7.01 -1.63 -8.31
C LYS A 42 -6.46 -0.20 -8.44
N ARG A 43 -7.38 0.79 -8.44
CA ARG A 43 -7.03 2.21 -8.50
C ARG A 43 -6.17 2.60 -7.29
N GLY A 44 -6.66 2.27 -6.08
CA GLY A 44 -5.93 2.53 -4.85
C GLY A 44 -4.59 1.81 -4.78
N ILE A 45 -4.57 0.53 -5.21
CA ILE A 45 -3.34 -0.30 -5.21
C ILE A 45 -2.23 0.31 -6.11
N ILE A 46 -2.56 0.59 -7.39
CA ILE A 46 -1.60 1.21 -8.34
C ILE A 46 -1.13 2.59 -7.81
N HIS A 47 -2.09 3.37 -7.30
CA HIS A 47 -1.82 4.71 -6.72
C HIS A 47 -0.90 4.63 -5.48
N ALA A 48 -1.11 3.61 -4.65
CA ALA A 48 -0.34 3.37 -3.41
C ALA A 48 1.14 3.15 -3.72
N ARG A 49 1.39 2.29 -4.72
CA ARG A 49 2.74 1.97 -5.18
C ARG A 49 3.39 3.19 -5.88
N GLY A 50 2.53 4.06 -6.45
CA GLY A 50 2.97 5.31 -7.06
C GLY A 50 3.58 6.28 -6.05
N LEU A 51 3.03 6.28 -4.82
CA LEU A 51 3.56 7.06 -3.69
C LEU A 51 4.90 6.46 -3.22
N VAL A 52 5.02 5.12 -3.38
CA VAL A 52 6.23 4.38 -3.03
C VAL A 52 7.36 4.63 -4.07
N ARG A 53 7.00 4.87 -5.36
CA ARG A 53 7.98 5.13 -6.44
C ARG A 53 8.81 6.39 -6.16
N GLU A 54 8.12 7.51 -5.91
CA GLU A 54 8.76 8.81 -5.60
C GLU A 54 9.55 8.73 -4.28
N CYS A 55 9.08 7.85 -3.37
CA CYS A 55 9.73 7.59 -2.09
C CYS A 55 11.03 6.80 -2.27
N LEU A 56 11.09 5.92 -3.28
CA LEU A 56 12.30 5.14 -3.60
C LEU A 56 13.38 6.02 -4.20
N ALA A 57 13.01 6.81 -5.23
CA ALA A 57 13.90 7.78 -5.90
C ALA A 57 14.44 8.83 -4.91
N GLU A 58 13.68 9.06 -3.81
CA GLU A 58 14.12 9.93 -2.70
C GLU A 58 15.11 9.17 -1.79
N THR A 59 14.61 8.11 -1.12
CA THR A 59 15.35 7.32 -0.10
C THR A 59 16.64 6.68 -0.65
N GLU A 60 16.71 6.50 -1.98
CA GLU A 60 17.89 5.94 -2.68
C GLU A 60 19.17 6.77 -2.41
N ARG A 61 18.97 8.08 -2.23
CA ARG A 61 20.06 9.03 -1.91
C ARG A 61 20.43 8.97 -0.41
N ASN A 62 19.52 8.42 0.42
CA ASN A 62 19.70 8.27 1.90
C ASN A 62 20.02 6.80 2.29
N ALA A 63 19.90 5.87 1.32
CA ALA A 63 19.91 4.41 1.57
C ALA A 63 19.58 3.65 0.26
N ARG A 64 20.49 2.75 -0.16
CA ARG A 64 20.34 2.01 -1.42
C ARG A 64 20.95 0.61 -1.27
N SER A 65 20.20 -0.29 -0.61
CA SER A 65 20.61 -1.69 -0.42
C SER A 65 20.33 -2.49 -1.72
N MET B 1 9.09 0.76 -16.83
CA MET B 1 9.23 0.36 -18.25
C MET B 1 9.89 -1.03 -18.34
N GLY B 2 11.16 -1.11 -17.90
CA GLY B 2 11.89 -2.37 -17.87
C GLY B 2 11.76 -3.06 -16.52
N HIS B 3 11.54 -4.39 -16.53
CA HIS B 3 11.47 -5.20 -15.30
C HIS B 3 12.81 -5.09 -14.54
N HIS B 4 12.81 -4.30 -13.48
CA HIS B 4 13.98 -4.06 -12.64
C HIS B 4 13.98 -5.04 -11.46
N HIS B 5 15.00 -5.91 -11.40
CA HIS B 5 15.21 -6.78 -10.23
C HIS B 5 15.90 -5.96 -9.13
N HIS B 6 15.56 -6.27 -7.87
CA HIS B 6 16.10 -5.55 -6.71
C HIS B 6 16.03 -6.47 -5.49
N HIS B 7 17.16 -6.60 -4.78
CA HIS B 7 17.24 -7.38 -3.53
C HIS B 7 16.50 -6.64 -2.41
N HIS B 8 16.01 -7.40 -1.41
CA HIS B 8 15.23 -6.87 -0.28
C HIS B 8 16.05 -5.80 0.51
N SER B 9 15.67 -4.53 0.30
CA SER B 9 16.39 -3.39 0.88
C SER B 9 16.06 -3.19 2.35
N HIS B 10 17.01 -2.58 3.06
CA HIS B 10 16.83 -2.17 4.48
C HIS B 10 15.81 -1.02 4.55
N SER B 11 15.65 -0.32 3.42
CA SER B 11 14.51 0.55 3.16
C SER B 11 13.26 -0.31 2.93
N LYS B 12 12.37 -0.34 3.94
CA LYS B 12 11.11 -1.11 3.89
C LYS B 12 10.15 -0.59 2.79
N TYR B 13 10.47 0.59 2.22
CA TYR B 13 9.74 1.16 1.08
C TYR B 13 9.87 0.25 -0.16
N ALA B 14 11.08 -0.33 -0.35
CA ALA B 14 11.35 -1.29 -1.46
C ALA B 14 10.62 -2.63 -1.22
N GLU B 15 10.46 -2.99 0.05
CA GLU B 15 9.62 -4.14 0.46
C GLU B 15 8.15 -3.85 0.10
N LEU B 16 7.70 -2.65 0.51
CA LEU B 16 6.33 -2.16 0.33
C LEU B 16 5.94 -2.10 -1.15
N LEU B 17 6.91 -1.71 -1.99
CA LEU B 17 6.79 -1.70 -3.45
C LEU B 17 6.29 -3.05 -3.97
N ALA B 18 7.05 -4.10 -3.60
CA ALA B 18 6.79 -5.48 -4.01
C ALA B 18 5.46 -6.00 -3.47
N ILE B 19 5.15 -5.70 -2.18
CA ILE B 19 3.92 -6.14 -1.52
C ILE B 19 2.67 -5.70 -2.33
N ILE B 20 2.59 -4.38 -2.57
CA ILE B 20 1.41 -3.73 -3.17
C ILE B 20 1.12 -4.27 -4.59
N GLU B 21 2.15 -4.37 -5.45
CA GLU B 21 1.99 -4.86 -6.85
C GLU B 21 1.59 -6.36 -6.92
N GLU B 22 2.00 -7.13 -5.89
CA GLU B 22 1.62 -8.55 -5.77
C GLU B 22 0.19 -8.70 -5.23
N LEU B 23 -0.28 -7.71 -4.45
CA LEU B 23 -1.69 -7.62 -4.02
C LEU B 23 -2.58 -7.27 -5.22
N GLY B 24 -1.98 -6.52 -6.18
CA GLY B 24 -2.58 -6.21 -7.47
C GLY B 24 -2.95 -7.46 -8.26
N LYS B 25 -2.10 -8.50 -8.14
CA LYS B 25 -2.35 -9.81 -8.75
C LYS B 25 -3.61 -10.48 -8.16
N GLU B 26 -3.76 -10.40 -6.82
CA GLU B 26 -4.83 -11.10 -6.09
C GLU B 26 -6.21 -10.45 -6.25
N ILE B 27 -6.29 -9.27 -6.89
CA ILE B 27 -7.58 -8.60 -7.20
C ILE B 27 -8.48 -9.50 -8.07
N ARG B 28 -7.89 -10.11 -9.12
CA ARG B 28 -8.63 -10.92 -10.10
C ARG B 28 -9.25 -12.21 -9.47
N PRO B 29 -8.48 -13.08 -8.73
CA PRO B 29 -9.07 -14.25 -8.04
C PRO B 29 -10.02 -13.87 -6.89
N THR B 30 -9.76 -12.73 -6.17
CA THR B 30 -10.69 -12.22 -5.14
C THR B 30 -12.07 -11.95 -5.74
N TYR B 31 -12.05 -11.21 -6.87
CA TYR B 31 -13.24 -10.95 -7.68
C TYR B 31 -13.93 -12.25 -8.16
N ALA B 32 -13.12 -13.25 -8.51
CA ALA B 32 -13.61 -14.57 -8.96
C ALA B 32 -14.26 -15.37 -7.81
N GLY B 33 -13.99 -14.96 -6.56
CA GLY B 33 -14.57 -15.59 -5.38
C GLY B 33 -13.64 -16.63 -4.77
N SER B 34 -12.33 -16.36 -4.82
CA SER B 34 -11.29 -17.23 -4.21
C SER B 34 -10.97 -16.72 -2.80
N LYS B 35 -11.28 -17.55 -1.78
CA LYS B 35 -11.15 -17.18 -0.36
C LYS B 35 -9.67 -17.04 0.05
N SER B 36 -8.79 -17.73 -0.68
CA SER B 36 -7.33 -17.58 -0.53
C SER B 36 -6.89 -16.16 -0.90
N ALA B 37 -7.37 -15.71 -2.07
CA ALA B 37 -6.99 -14.43 -2.70
C ALA B 37 -7.31 -13.22 -1.83
N MET B 38 -8.55 -13.18 -1.32
CA MET B 38 -9.03 -12.09 -0.46
C MET B 38 -8.23 -12.00 0.84
N GLU B 39 -7.78 -13.16 1.35
CA GLU B 39 -6.97 -13.25 2.57
C GLU B 39 -5.49 -12.91 2.32
N ARG B 40 -4.98 -13.16 1.10
CA ARG B 40 -3.61 -12.77 0.71
C ARG B 40 -3.53 -11.25 0.56
N LEU B 41 -4.59 -10.72 -0.06
CA LEU B 41 -4.84 -9.28 -0.21
C LEU B 41 -4.88 -8.62 1.19
N LYS B 42 -5.73 -9.17 2.06
CA LYS B 42 -5.94 -8.72 3.46
C LYS B 42 -4.64 -8.79 4.30
N ARG B 43 -3.92 -9.92 4.19
CA ARG B 43 -2.66 -10.14 4.93
C ARG B 43 -1.61 -9.09 4.53
N GLY B 44 -1.52 -8.84 3.21
CA GLY B 44 -0.58 -7.89 2.66
C GLY B 44 -0.94 -6.45 3.01
N ILE B 45 -2.25 -6.16 3.08
CA ILE B 45 -2.79 -4.82 3.42
C ILE B 45 -2.44 -4.45 4.87
N ILE B 46 -2.83 -5.33 5.82
CA ILE B 46 -2.57 -5.15 7.25
C ILE B 46 -1.05 -5.00 7.52
N HIS B 47 -0.26 -5.83 6.82
CA HIS B 47 1.21 -5.80 6.89
C HIS B 47 1.75 -4.46 6.35
N ALA B 48 1.25 -4.06 5.18
CA ALA B 48 1.70 -2.85 4.45
C ALA B 48 1.46 -1.57 5.27
N ARG B 49 0.27 -1.52 5.91
CA ARG B 49 -0.14 -0.40 6.77
C ARG B 49 0.81 -0.25 7.98
N GLY B 50 1.40 -1.38 8.41
CA GLY B 50 2.39 -1.39 9.50
C GLY B 50 3.68 -0.67 9.11
N LEU B 51 4.15 -0.93 7.87
CA LEU B 51 5.34 -0.25 7.29
C LEU B 51 5.09 1.28 7.23
N VAL B 52 3.90 1.65 6.76
CA VAL B 52 3.49 3.04 6.57
C VAL B 52 3.40 3.78 7.92
N ARG B 53 2.94 3.08 8.96
CA ARG B 53 2.88 3.62 10.34
C ARG B 53 4.28 4.00 10.86
N GLU B 54 5.29 3.21 10.49
CA GLU B 54 6.69 3.49 10.85
C GLU B 54 7.23 4.71 10.07
N CYS B 55 6.77 4.85 8.82
CA CYS B 55 7.11 6.00 7.96
C CYS B 55 6.50 7.29 8.54
N LEU B 56 5.25 7.18 9.01
CA LEU B 56 4.46 8.29 9.58
C LEU B 56 5.11 8.84 10.85
N ALA B 57 5.36 7.94 11.82
CA ALA B 57 5.99 8.29 13.12
C ALA B 57 7.35 8.97 12.93
N GLU B 58 8.11 8.47 11.93
CA GLU B 58 9.43 9.00 11.56
C GLU B 58 9.30 10.40 10.93
N THR B 59 8.29 10.57 10.05
CA THR B 59 8.00 11.86 9.37
C THR B 59 7.33 12.86 10.36
N GLU B 60 6.71 12.33 11.42
CA GLU B 60 5.98 13.13 12.42
C GLU B 60 6.99 13.83 13.36
N ARG B 61 8.11 13.15 13.63
CA ARG B 61 9.21 13.70 14.43
C ARG B 61 10.09 14.63 13.57
N ASN B 62 10.07 14.41 12.24
CA ASN B 62 10.83 15.22 11.27
C ASN B 62 10.06 16.52 10.93
N ALA B 63 9.01 16.39 10.09
CA ALA B 63 8.19 17.51 9.61
C ALA B 63 6.70 17.14 9.72
N ARG B 64 6.12 17.41 10.90
CA ARG B 64 4.73 17.07 11.24
C ARG B 64 3.75 18.10 10.64
N SER B 65 2.56 17.60 10.27
CA SER B 65 1.40 18.41 9.84
C SER B 65 0.13 17.76 10.43
N MET A 1 -17.79 12.33 23.69
CA MET A 1 -17.11 11.68 22.54
C MET A 1 -16.26 12.72 21.79
N GLY A 2 -14.95 12.75 22.11
CA GLY A 2 -14.00 13.58 21.39
C GLY A 2 -13.67 12.98 20.03
N HIS A 3 -14.43 13.42 18.98
CA HIS A 3 -14.34 12.84 17.62
C HIS A 3 -12.91 12.99 17.05
N HIS A 4 -12.35 11.89 16.56
CA HIS A 4 -10.97 11.86 16.05
C HIS A 4 -10.97 12.11 14.53
N HIS A 5 -9.86 12.69 14.04
CA HIS A 5 -9.69 13.07 12.64
C HIS A 5 -8.19 13.10 12.30
N HIS A 6 -7.73 12.06 11.57
CA HIS A 6 -6.36 12.02 11.04
C HIS A 6 -6.27 13.00 9.86
N HIS A 7 -5.67 14.17 10.13
CA HIS A 7 -5.43 15.22 9.15
C HIS A 7 -4.56 14.70 7.98
N HIS A 8 -5.11 14.82 6.76
CA HIS A 8 -4.39 14.52 5.52
C HIS A 8 -3.37 15.64 5.27
N SER A 9 -2.09 15.31 5.40
CA SER A 9 -0.99 16.26 5.17
C SER A 9 -0.63 16.30 3.65
N HIS A 10 0.50 16.94 3.33
CA HIS A 10 1.08 16.94 1.98
C HIS A 10 1.97 15.69 1.80
N SER A 11 2.40 15.07 2.94
CA SER A 11 3.30 13.90 2.97
C SER A 11 2.74 12.75 2.11
N LYS A 12 3.57 12.27 1.16
CA LYS A 12 3.21 11.16 0.24
C LYS A 12 2.76 9.91 1.03
N TYR A 13 3.40 9.74 2.19
CA TYR A 13 3.23 8.60 3.09
C TYR A 13 1.86 8.64 3.79
N ALA A 14 1.37 9.87 4.10
CA ALA A 14 0.03 10.06 4.70
C ALA A 14 -1.08 9.61 3.73
N GLU A 15 -0.95 10.00 2.46
CA GLU A 15 -1.90 9.60 1.40
C GLU A 15 -1.74 8.10 1.09
N LEU A 16 -0.49 7.63 1.14
CA LEU A 16 -0.14 6.22 0.91
C LEU A 16 -0.86 5.33 1.92
N LEU A 17 -0.81 5.75 3.18
CA LEU A 17 -1.51 5.09 4.30
C LEU A 17 -3.03 5.01 4.05
N ALA A 18 -3.61 6.18 3.71
CA ALA A 18 -5.06 6.34 3.49
C ALA A 18 -5.55 5.41 2.38
N ILE A 19 -4.80 5.41 1.26
CA ILE A 19 -5.10 4.60 0.08
C ILE A 19 -5.08 3.10 0.42
N ILE A 20 -4.05 2.64 1.14
CA ILE A 20 -3.91 1.21 1.51
C ILE A 20 -5.09 0.73 2.38
N GLU A 21 -5.31 1.40 3.53
CA GLU A 21 -6.26 0.96 4.56
C GLU A 21 -7.73 0.92 4.07
N GLU A 22 -8.06 1.77 3.08
CA GLU A 22 -9.45 1.85 2.57
C GLU A 22 -9.76 0.68 1.64
N LEU A 23 -8.73 0.14 0.95
CA LEU A 23 -8.86 -1.01 0.03
C LEU A 23 -9.21 -2.31 0.77
N GLY A 24 -8.89 -2.36 2.09
CA GLY A 24 -9.24 -3.49 2.96
C GLY A 24 -10.74 -3.60 3.16
N LYS A 25 -11.38 -2.42 3.22
CA LYS A 25 -12.85 -2.32 3.29
C LYS A 25 -13.48 -2.90 2.01
N GLU A 26 -12.86 -2.63 0.83
CA GLU A 26 -13.40 -2.96 -0.48
C GLU A 26 -13.25 -4.44 -0.86
N ILE A 27 -12.47 -5.21 -0.07
CA ILE A 27 -12.26 -6.66 -0.33
C ILE A 27 -13.59 -7.43 -0.18
N ARG A 28 -14.32 -7.10 0.91
CA ARG A 28 -15.58 -7.77 1.28
C ARG A 28 -16.65 -7.66 0.13
N PRO A 29 -17.01 -6.42 -0.38
CA PRO A 29 -17.93 -6.29 -1.55
C PRO A 29 -17.32 -6.82 -2.88
N THR A 30 -15.98 -6.69 -3.07
CA THR A 30 -15.29 -7.26 -4.28
C THR A 30 -15.58 -8.78 -4.41
N TYR A 31 -15.39 -9.49 -3.29
CA TYR A 31 -15.68 -10.92 -3.16
C TYR A 31 -17.20 -11.19 -3.28
N ALA A 32 -18.02 -10.20 -2.85
CA ALA A 32 -19.49 -10.27 -2.93
C ALA A 32 -20.02 -9.88 -4.34
N GLY A 33 -19.12 -9.75 -5.32
CA GLY A 33 -19.49 -9.56 -6.73
C GLY A 33 -19.75 -8.10 -7.12
N SER A 34 -19.15 -7.15 -6.39
CA SER A 34 -19.25 -5.72 -6.71
C SER A 34 -18.15 -5.34 -7.72
N LYS A 35 -18.58 -4.98 -8.94
CA LYS A 35 -17.71 -4.46 -10.01
C LYS A 35 -17.18 -3.04 -9.63
N SER A 36 -17.90 -2.38 -8.71
CA SER A 36 -17.48 -1.11 -8.12
C SER A 36 -16.22 -1.28 -7.25
N ALA A 37 -16.31 -2.18 -6.26
CA ALA A 37 -15.29 -2.35 -5.22
C ALA A 37 -13.95 -2.88 -5.77
N MET A 38 -14.02 -3.76 -6.79
CA MET A 38 -12.82 -4.36 -7.42
C MET A 38 -11.98 -3.29 -8.14
N GLU A 39 -12.67 -2.30 -8.75
CA GLU A 39 -12.03 -1.20 -9.48
C GLU A 39 -11.55 -0.09 -8.53
N ARG A 40 -12.17 0.04 -7.34
CA ARG A 40 -11.62 0.88 -6.25
C ARG A 40 -10.33 0.24 -5.72
N LEU A 41 -10.37 -1.08 -5.58
CA LEU A 41 -9.24 -1.92 -5.17
C LEU A 41 -8.09 -1.80 -6.18
N LYS A 42 -8.46 -1.78 -7.48
CA LYS A 42 -7.50 -1.65 -8.58
C LYS A 42 -6.78 -0.30 -8.54
N ARG A 43 -7.58 0.79 -8.68
CA ARG A 43 -7.06 2.17 -8.81
C ARG A 43 -6.22 2.55 -7.58
N GLY A 44 -6.68 2.13 -6.40
CA GLY A 44 -5.96 2.35 -5.15
C GLY A 44 -4.58 1.71 -5.14
N ILE A 45 -4.52 0.39 -5.43
CA ILE A 45 -3.24 -0.36 -5.41
C ILE A 45 -2.24 0.19 -6.46
N ILE A 46 -2.76 0.59 -7.63
CA ILE A 46 -1.95 1.23 -8.70
C ILE A 46 -1.30 2.55 -8.18
N HIS A 47 -2.14 3.43 -7.61
CA HIS A 47 -1.70 4.71 -7.03
C HIS A 47 -0.72 4.51 -5.86
N ALA A 48 -1.03 3.55 -4.97
CA ALA A 48 -0.24 3.20 -3.78
C ALA A 48 1.17 2.76 -4.17
N ARG A 49 1.26 1.92 -5.22
CA ARG A 49 2.53 1.42 -5.79
C ARG A 49 3.33 2.59 -6.39
N GLY A 50 2.58 3.53 -7.01
CA GLY A 50 3.16 4.75 -7.58
C GLY A 50 3.76 5.65 -6.51
N LEU A 51 3.14 5.67 -5.32
CA LEU A 51 3.60 6.49 -4.18
C LEU A 51 4.80 5.86 -3.50
N VAL A 52 4.84 4.51 -3.46
CA VAL A 52 5.98 3.77 -2.91
C VAL A 52 7.23 3.96 -3.80
N ARG A 53 7.00 4.08 -5.12
CA ARG A 53 8.06 4.44 -6.09
C ARG A 53 8.64 5.83 -5.78
N GLU A 54 7.75 6.78 -5.37
CA GLU A 54 8.17 8.14 -4.97
C GLU A 54 8.87 8.11 -3.59
N CYS A 55 8.47 7.16 -2.73
CA CYS A 55 9.05 6.96 -1.39
C CYS A 55 10.50 6.46 -1.52
N LEU A 56 10.68 5.48 -2.43
CA LEU A 56 12.00 4.89 -2.74
C LEU A 56 12.93 5.94 -3.33
N ALA A 57 12.46 6.62 -4.37
CA ALA A 57 13.17 7.70 -5.06
C ALA A 57 13.53 8.87 -4.12
N GLU A 58 12.71 9.10 -3.09
CA GLU A 58 13.00 10.11 -2.06
C GLU A 58 14.14 9.61 -1.16
N THR A 59 14.00 8.37 -0.68
CA THR A 59 14.93 7.72 0.25
C THR A 59 16.30 7.41 -0.40
N GLU A 60 16.30 7.16 -1.73
CA GLU A 60 17.48 6.68 -2.48
C GLU A 60 18.43 7.84 -2.77
N ARG A 61 17.86 9.06 -2.93
CA ARG A 61 18.62 10.31 -3.15
C ARG A 61 19.25 10.79 -1.83
N ASN A 62 18.62 10.40 -0.71
CA ASN A 62 19.09 10.73 0.63
C ASN A 62 20.16 9.71 1.06
N ALA A 63 19.73 8.54 1.60
CA ALA A 63 20.63 7.49 2.08
C ALA A 63 20.59 6.28 1.12
N ARG A 64 21.68 6.10 0.35
CA ARG A 64 21.87 4.92 -0.52
C ARG A 64 22.53 3.80 0.31
N SER A 65 21.68 3.02 1.00
CA SER A 65 22.10 1.84 1.75
C SER A 65 21.97 0.58 0.86
N MET B 1 12.39 -10.24 -20.94
CA MET B 1 13.63 -10.81 -20.34
C MET B 1 14.40 -9.67 -19.64
N GLY B 2 15.15 -10.03 -18.59
CA GLY B 2 15.89 -9.07 -17.78
C GLY B 2 16.06 -9.57 -16.36
N HIS B 3 16.90 -10.60 -16.21
CA HIS B 3 17.21 -11.24 -14.92
C HIS B 3 17.90 -10.23 -13.98
N HIS B 4 17.11 -9.67 -13.07
CA HIS B 4 17.56 -8.75 -12.02
C HIS B 4 17.16 -9.30 -10.64
N HIS B 5 17.55 -8.55 -9.60
CA HIS B 5 17.14 -8.79 -8.21
C HIS B 5 17.08 -7.43 -7.52
N HIS B 6 15.94 -7.13 -6.88
CA HIS B 6 15.72 -5.85 -6.19
C HIS B 6 16.69 -5.73 -5.01
N HIS B 7 17.55 -4.71 -5.07
CA HIS B 7 18.50 -4.38 -3.99
C HIS B 7 17.73 -4.15 -2.67
N HIS B 8 17.79 -5.14 -1.76
CA HIS B 8 17.16 -5.05 -0.43
C HIS B 8 17.92 -4.01 0.39
N SER B 9 17.50 -2.75 0.22
CA SER B 9 18.12 -1.56 0.83
C SER B 9 17.93 -1.54 2.37
N HIS B 10 17.09 -2.49 2.87
CA HIS B 10 16.64 -2.58 4.28
C HIS B 10 15.71 -1.40 4.63
N SER B 11 15.26 -0.69 3.57
CA SER B 11 14.23 0.31 3.64
C SER B 11 12.88 -0.41 3.68
N LYS B 12 12.04 -0.05 4.65
CA LYS B 12 10.71 -0.63 4.83
C LYS B 12 9.81 -0.30 3.62
N TYR B 13 10.21 0.71 2.83
CA TYR B 13 9.50 1.13 1.60
C TYR B 13 9.76 0.13 0.44
N ALA B 14 10.97 -0.46 0.39
CA ALA B 14 11.31 -1.47 -0.64
C ALA B 14 10.54 -2.78 -0.39
N GLU B 15 10.36 -3.09 0.90
CA GLU B 15 9.53 -4.21 1.35
C GLU B 15 8.03 -3.92 1.06
N LEU B 16 7.66 -2.66 1.32
CA LEU B 16 6.30 -2.13 1.09
C LEU B 16 5.89 -2.24 -0.40
N LEU B 17 6.88 -1.99 -1.28
CA LEU B 17 6.69 -2.14 -2.74
C LEU B 17 6.34 -3.59 -3.08
N ALA B 18 7.15 -4.53 -2.56
CA ALA B 18 6.99 -5.98 -2.78
C ALA B 18 5.58 -6.46 -2.37
N ILE B 19 5.07 -5.92 -1.24
CA ILE B 19 3.73 -6.22 -0.75
C ILE B 19 2.66 -5.74 -1.76
N ILE B 20 2.68 -4.43 -2.06
CA ILE B 20 1.59 -3.76 -2.81
C ILE B 20 1.54 -4.22 -4.29
N GLU B 21 2.70 -4.44 -4.93
CA GLU B 21 2.75 -4.92 -6.33
C GLU B 21 2.21 -6.37 -6.44
N GLU B 22 2.38 -7.17 -5.36
CA GLU B 22 1.79 -8.52 -5.28
C GLU B 22 0.27 -8.44 -5.08
N LEU B 23 -0.17 -7.43 -4.29
CA LEU B 23 -1.59 -7.15 -4.08
C LEU B 23 -2.28 -6.74 -5.40
N GLY B 24 -1.49 -6.06 -6.26
CA GLY B 24 -1.91 -5.70 -7.62
C GLY B 24 -2.22 -6.93 -8.46
N LYS B 25 -1.45 -8.00 -8.23
CA LYS B 25 -1.68 -9.31 -8.85
C LYS B 25 -2.92 -9.99 -8.24
N GLU B 26 -3.07 -9.87 -6.89
CA GLU B 26 -4.15 -10.54 -6.12
C GLU B 26 -5.57 -10.07 -6.53
N ILE B 27 -5.67 -8.86 -7.12
CA ILE B 27 -6.97 -8.27 -7.54
C ILE B 27 -7.75 -9.20 -8.50
N ARG B 28 -7.02 -9.75 -9.49
CA ARG B 28 -7.61 -10.54 -10.59
C ARG B 28 -8.20 -11.90 -10.05
N PRO B 29 -7.44 -12.77 -9.27
CA PRO B 29 -8.00 -14.00 -8.65
C PRO B 29 -9.07 -13.70 -7.55
N THR B 30 -8.91 -12.59 -6.80
CA THR B 30 -9.92 -12.17 -5.78
C THR B 30 -11.30 -11.93 -6.45
N TYR B 31 -11.28 -11.22 -7.59
CA TYR B 31 -12.49 -10.98 -8.40
C TYR B 31 -12.98 -12.29 -9.07
N ALA B 32 -12.05 -13.22 -9.33
CA ALA B 32 -12.37 -14.57 -9.85
C ALA B 32 -13.06 -15.45 -8.78
N GLY B 33 -13.09 -14.94 -7.53
CA GLY B 33 -13.79 -15.60 -6.42
C GLY B 33 -12.87 -16.48 -5.57
N SER B 34 -11.56 -16.43 -5.85
CA SER B 34 -10.54 -17.20 -5.12
C SER B 34 -10.45 -16.70 -3.66
N LYS B 35 -10.89 -17.55 -2.74
CA LYS B 35 -10.90 -17.27 -1.30
C LYS B 35 -9.47 -17.02 -0.78
N SER B 36 -8.52 -17.85 -1.22
CA SER B 36 -7.11 -17.75 -0.80
C SER B 36 -6.50 -16.40 -1.21
N ALA B 37 -6.92 -15.90 -2.38
CA ALA B 37 -6.41 -14.64 -2.95
C ALA B 37 -6.86 -13.42 -2.12
N MET B 38 -8.14 -13.40 -1.70
CA MET B 38 -8.70 -12.28 -0.90
C MET B 38 -8.18 -12.31 0.55
N GLU B 39 -7.93 -13.52 1.08
CA GLU B 39 -7.34 -13.70 2.43
C GLU B 39 -5.91 -13.12 2.46
N ARG B 40 -5.09 -13.52 1.48
CA ARG B 40 -3.72 -13.02 1.30
C ARG B 40 -3.69 -11.50 1.02
N LEU B 41 -4.65 -11.05 0.19
CA LEU B 41 -4.85 -9.63 -0.15
C LEU B 41 -5.07 -8.79 1.12
N LYS B 42 -5.93 -9.33 2.01
CA LYS B 42 -6.27 -8.68 3.29
C LYS B 42 -5.03 -8.58 4.20
N ARG B 43 -4.29 -9.70 4.32
CA ARG B 43 -3.06 -9.77 5.13
C ARG B 43 -2.08 -8.69 4.67
N GLY B 44 -1.91 -8.61 3.34
CA GLY B 44 -1.00 -7.68 2.70
C GLY B 44 -1.38 -6.22 2.90
N ILE B 45 -2.68 -5.93 2.90
CA ILE B 45 -3.19 -4.55 3.11
C ILE B 45 -2.97 -4.10 4.58
N ILE B 46 -3.22 -5.01 5.54
CA ILE B 46 -2.97 -4.76 6.98
C ILE B 46 -1.44 -4.63 7.23
N HIS B 47 -0.63 -5.45 6.51
CA HIS B 47 0.84 -5.41 6.60
C HIS B 47 1.36 -4.07 6.09
N ALA B 48 0.94 -3.71 4.87
CA ALA B 48 1.37 -2.48 4.17
C ALA B 48 0.99 -1.21 4.97
N ARG B 49 -0.23 -1.22 5.54
CA ARG B 49 -0.74 -0.17 6.44
C ARG B 49 0.19 0.01 7.65
N GLY B 50 0.60 -1.13 8.22
CA GLY B 50 1.49 -1.17 9.37
C GLY B 50 2.89 -0.64 9.06
N LEU B 51 3.40 -0.98 7.86
CA LEU B 51 4.71 -0.53 7.38
C LEU B 51 4.77 1.01 7.31
N VAL B 52 3.75 1.61 6.69
CA VAL B 52 3.67 3.06 6.50
C VAL B 52 3.61 3.79 7.86
N ARG B 53 2.80 3.28 8.79
CA ARG B 53 2.58 3.89 10.13
C ARG B 53 3.87 3.88 10.98
N GLU B 54 4.59 2.75 10.98
CA GLU B 54 5.87 2.63 11.71
C GLU B 54 6.96 3.55 11.10
N CYS B 55 6.82 3.83 9.79
CA CYS B 55 7.66 4.81 9.08
C CYS B 55 7.24 6.26 9.43
N LEU B 56 5.92 6.48 9.59
CA LEU B 56 5.32 7.81 9.88
C LEU B 56 5.73 8.34 11.26
N ALA B 57 6.05 7.43 12.19
CA ALA B 57 6.58 7.78 13.53
C ALA B 57 7.89 8.58 13.45
N GLU B 58 8.67 8.32 12.39
CA GLU B 58 9.90 9.06 12.07
C GLU B 58 9.63 10.22 11.10
N THR B 59 8.85 9.91 10.04
CA THR B 59 8.59 10.82 8.91
C THR B 59 7.87 12.10 9.35
N GLU B 60 6.93 11.96 10.29
CA GLU B 60 6.15 13.09 10.84
C GLU B 60 7.07 14.12 11.56
N ARG B 61 8.12 13.60 12.23
CA ARG B 61 9.06 14.40 13.03
C ARG B 61 9.92 15.31 12.11
N ASN B 62 10.39 14.74 10.99
CA ASN B 62 11.26 15.45 10.03
C ASN B 62 10.39 16.27 9.04
N ALA B 63 9.52 15.56 8.32
CA ALA B 63 8.63 16.14 7.32
C ALA B 63 7.26 16.46 7.93
N ARG B 64 7.14 17.66 8.53
CA ARG B 64 5.85 18.19 9.01
C ARG B 64 5.28 19.14 7.94
N SER B 65 4.61 18.55 6.96
CA SER B 65 3.96 19.28 5.87
C SER B 65 2.79 18.42 5.36
N MET A 1 -11.58 -2.29 17.59
CA MET A 1 -12.18 -2.16 16.24
C MET A 1 -11.64 -0.90 15.54
N GLY A 2 -11.94 -0.76 14.24
CA GLY A 2 -11.41 0.34 13.43
C GLY A 2 -12.15 1.67 13.60
N HIS A 3 -13.15 1.71 14.49
CA HIS A 3 -13.95 2.92 14.77
C HIS A 3 -13.18 3.84 15.73
N HIS A 4 -12.41 4.77 15.15
CA HIS A 4 -11.60 5.75 15.89
C HIS A 4 -11.42 7.00 15.02
N HIS A 5 -11.65 8.18 15.61
CA HIS A 5 -11.49 9.48 14.93
C HIS A 5 -10.01 9.75 14.63
N HIS A 6 -9.53 9.24 13.48
CA HIS A 6 -8.16 9.42 13.00
C HIS A 6 -8.13 10.50 11.90
N HIS A 7 -7.35 11.55 12.16
CA HIS A 7 -7.11 12.64 11.19
C HIS A 7 -5.91 12.25 10.34
N HIS A 8 -6.06 12.29 9.01
CA HIS A 8 -4.94 12.05 8.09
C HIS A 8 -4.00 13.26 8.16
N SER A 9 -2.70 12.99 8.29
CA SER A 9 -1.66 14.03 8.27
C SER A 9 -1.60 14.70 6.88
N HIS A 10 -0.96 15.88 6.82
CA HIS A 10 -0.79 16.63 5.55
C HIS A 10 0.38 16.02 4.73
N SER A 11 1.06 14.99 5.33
CA SER A 11 2.12 14.21 4.68
C SER A 11 1.57 13.39 3.50
N LYS A 12 2.46 13.09 2.52
CA LYS A 12 2.12 12.27 1.35
C LYS A 12 2.07 10.77 1.73
N TYR A 13 2.78 10.41 2.82
CA TYR A 13 2.69 9.06 3.43
C TYR A 13 1.28 8.85 4.00
N ALA A 14 0.63 9.95 4.43
CA ALA A 14 -0.75 9.92 4.96
C ALA A 14 -1.78 9.74 3.84
N GLU A 15 -1.41 10.11 2.59
CA GLU A 15 -2.21 9.80 1.39
C GLU A 15 -2.08 8.30 1.09
N LEU A 16 -0.83 7.84 1.16
CA LEU A 16 -0.46 6.43 0.96
C LEU A 16 -1.18 5.53 1.99
N LEU A 17 -1.26 6.03 3.23
CA LEU A 17 -1.97 5.39 4.35
C LEU A 17 -3.48 5.32 4.06
N ALA A 18 -4.04 6.46 3.64
CA ALA A 18 -5.48 6.64 3.41
C ALA A 18 -6.01 5.70 2.33
N ILE A 19 -5.21 5.50 1.27
CA ILE A 19 -5.52 4.58 0.18
C ILE A 19 -5.65 3.15 0.72
N ILE A 20 -4.56 2.65 1.34
CA ILE A 20 -4.45 1.27 1.82
C ILE A 20 -5.50 0.98 2.93
N GLU A 21 -5.81 2.01 3.71
CA GLU A 21 -6.86 2.00 4.74
C GLU A 21 -8.23 1.63 4.12
N GLU A 22 -8.48 2.16 2.91
CA GLU A 22 -9.75 1.92 2.20
C GLU A 22 -9.74 0.59 1.45
N LEU A 23 -8.63 0.28 0.75
CA LEU A 23 -8.46 -0.93 -0.10
C LEU A 23 -8.87 -2.24 0.60
N GLY A 24 -8.59 -2.36 1.92
CA GLY A 24 -8.93 -3.53 2.72
C GLY A 24 -10.43 -3.70 2.88
N LYS A 25 -11.12 -2.56 2.91
CA LYS A 25 -12.58 -2.47 3.07
C LYS A 25 -13.27 -2.59 1.71
N GLU A 26 -12.51 -2.47 0.60
CA GLU A 26 -12.98 -2.64 -0.78
C GLU A 26 -12.86 -4.11 -1.21
N ILE A 27 -12.12 -4.92 -0.41
CA ILE A 27 -12.02 -6.38 -0.64
C ILE A 27 -13.40 -7.04 -0.45
N ARG A 28 -14.12 -6.59 0.59
CA ARG A 28 -15.49 -7.08 0.92
C ARG A 28 -16.43 -7.10 -0.34
N PRO A 29 -16.72 -5.94 -1.04
CA PRO A 29 -17.56 -5.96 -2.28
C PRO A 29 -16.85 -6.60 -3.52
N THR A 30 -15.50 -6.46 -3.62
CA THR A 30 -14.73 -7.11 -4.74
C THR A 30 -14.97 -8.64 -4.76
N TYR A 31 -14.78 -9.25 -3.58
CA TYR A 31 -15.02 -10.67 -3.34
C TYR A 31 -16.52 -11.02 -3.40
N ALA A 32 -17.39 -10.02 -3.14
CA ALA A 32 -18.86 -10.18 -3.23
C ALA A 32 -19.34 -10.24 -4.70
N GLY A 33 -18.46 -9.90 -5.67
CA GLY A 33 -18.77 -9.98 -7.10
C GLY A 33 -19.01 -8.62 -7.75
N SER A 34 -18.52 -7.53 -7.11
CA SER A 34 -18.72 -6.15 -7.61
C SER A 34 -17.58 -5.73 -8.55
N LYS A 35 -17.93 -5.48 -9.83
CA LYS A 35 -16.98 -5.01 -10.86
C LYS A 35 -16.56 -3.55 -10.59
N SER A 36 -17.38 -2.83 -9.81
CA SER A 36 -17.07 -1.47 -9.37
C SER A 36 -15.91 -1.49 -8.34
N ALA A 37 -16.04 -2.40 -7.37
CA ALA A 37 -15.12 -2.51 -6.22
C ALA A 37 -13.74 -2.99 -6.61
N MET A 38 -13.68 -3.96 -7.57
CA MET A 38 -12.38 -4.49 -8.05
C MET A 38 -11.54 -3.37 -8.68
N GLU A 39 -12.20 -2.40 -9.30
CA GLU A 39 -11.56 -1.23 -9.91
C GLU A 39 -11.15 -0.18 -8.85
N ARG A 40 -11.95 -0.04 -7.79
CA ARG A 40 -11.62 0.85 -6.65
C ARG A 40 -10.40 0.29 -5.87
N LEU A 41 -10.35 -1.05 -5.83
CA LEU A 41 -9.27 -1.81 -5.18
C LEU A 41 -8.00 -1.73 -6.05
N LYS A 42 -8.16 -1.99 -7.35
CA LYS A 42 -7.05 -2.12 -8.31
C LYS A 42 -6.35 -0.78 -8.55
N ARG A 43 -7.15 0.22 -8.92
CA ARG A 43 -6.65 1.56 -9.29
C ARG A 43 -6.04 2.26 -8.06
N GLY A 44 -6.55 1.90 -6.85
CA GLY A 44 -5.98 2.36 -5.59
C GLY A 44 -4.66 1.68 -5.26
N ILE A 45 -4.57 0.35 -5.49
CA ILE A 45 -3.30 -0.41 -5.27
C ILE A 45 -2.18 0.11 -6.20
N ILE A 46 -2.54 0.40 -7.45
CA ILE A 46 -1.60 0.92 -8.47
C ILE A 46 -1.21 2.39 -8.14
N HIS A 47 -2.18 3.17 -7.62
CA HIS A 47 -1.94 4.54 -7.10
C HIS A 47 -0.97 4.50 -5.90
N ALA A 48 -1.19 3.53 -4.99
CA ALA A 48 -0.39 3.34 -3.78
C ALA A 48 1.05 2.95 -4.15
N ARG A 49 1.19 2.08 -5.17
CA ARG A 49 2.48 1.62 -5.72
C ARG A 49 3.25 2.81 -6.33
N GLY A 50 2.48 3.72 -6.95
CA GLY A 50 3.03 4.94 -7.56
C GLY A 50 3.54 5.95 -6.53
N LEU A 51 2.91 5.98 -5.34
CA LEU A 51 3.34 6.86 -4.24
C LEU A 51 4.60 6.30 -3.58
N VAL A 52 4.67 4.96 -3.50
CA VAL A 52 5.84 4.27 -2.93
C VAL A 52 7.06 4.43 -3.87
N ARG A 53 6.81 4.49 -5.20
CA ARG A 53 7.86 4.80 -6.20
C ARG A 53 8.40 6.23 -6.00
N GLU A 54 7.49 7.16 -5.70
CA GLU A 54 7.83 8.56 -5.41
C GLU A 54 8.65 8.66 -4.11
N CYS A 55 8.27 7.83 -3.12
CA CYS A 55 8.96 7.73 -1.83
C CYS A 55 10.38 7.17 -2.05
N LEU A 56 10.52 6.21 -2.97
CA LEU A 56 11.81 5.57 -3.31
C LEU A 56 12.72 6.52 -4.12
N ALA A 57 12.13 7.33 -5.00
CA ALA A 57 12.84 8.37 -5.77
C ALA A 57 13.42 9.43 -4.84
N GLU A 58 12.67 9.72 -3.77
CA GLU A 58 13.08 10.63 -2.70
C GLU A 58 14.22 9.99 -1.86
N THR A 59 13.96 8.78 -1.34
CA THR A 59 14.86 8.02 -0.46
C THR A 59 16.16 7.57 -1.18
N GLU A 60 16.15 7.58 -2.53
CA GLU A 60 17.35 7.27 -3.36
C GLU A 60 18.54 8.20 -3.02
N ARG A 61 18.20 9.43 -2.58
CA ARG A 61 19.21 10.43 -2.14
C ARG A 61 19.60 10.23 -0.66
N ASN A 62 18.72 9.57 0.11
CA ASN A 62 18.91 9.35 1.57
C ASN A 62 19.48 7.95 1.88
N ALA A 63 19.44 7.07 0.88
CA ALA A 63 19.79 5.64 1.03
C ALA A 63 20.04 5.01 -0.36
N ARG A 64 21.02 4.11 -0.42
CA ARG A 64 21.44 3.46 -1.69
C ARG A 64 22.01 2.06 -1.42
N SER A 65 21.94 1.20 -2.44
CA SER A 65 22.48 -0.17 -2.44
C SER A 65 22.54 -0.69 -3.90
N MET B 1 4.45 -3.89 -21.11
CA MET B 1 4.35 -5.34 -20.85
C MET B 1 5.75 -5.97 -21.01
N GLY B 2 6.22 -6.62 -19.93
CA GLY B 2 7.53 -7.27 -19.91
C GLY B 2 7.75 -8.01 -18.60
N HIS B 3 9.01 -8.40 -18.36
CA HIS B 3 9.41 -9.14 -17.14
C HIS B 3 10.38 -8.26 -16.33
N HIS B 4 10.00 -7.91 -15.10
CA HIS B 4 10.85 -7.11 -14.19
C HIS B 4 10.90 -7.81 -12.83
N HIS B 5 12.09 -8.31 -12.47
CA HIS B 5 12.36 -8.83 -11.12
C HIS B 5 12.42 -7.63 -10.16
N HIS B 6 11.30 -7.37 -9.46
CA HIS B 6 11.22 -6.25 -8.50
C HIS B 6 12.03 -6.61 -7.25
N HIS B 7 13.03 -5.76 -6.95
CA HIS B 7 14.01 -6.00 -5.88
C HIS B 7 13.72 -5.09 -4.69
N HIS B 8 13.38 -5.70 -3.54
CA HIS B 8 13.25 -4.95 -2.28
C HIS B 8 14.66 -4.82 -1.67
N SER B 9 15.05 -3.58 -1.36
CA SER B 9 16.36 -3.26 -0.75
C SER B 9 16.30 -3.60 0.76
N HIS B 10 16.96 -2.80 1.62
CA HIS B 10 16.74 -2.83 3.08
C HIS B 10 16.16 -1.47 3.50
N SER B 11 15.00 -1.16 2.90
CA SER B 11 14.30 0.12 3.01
C SER B 11 12.80 -0.12 3.20
N LYS B 12 12.21 0.54 4.21
CA LYS B 12 10.79 0.35 4.61
C LYS B 12 9.83 0.56 3.41
N TYR B 13 10.24 1.45 2.50
CA TYR B 13 9.48 1.80 1.29
C TYR B 13 9.69 0.74 0.18
N ALA B 14 10.93 0.24 0.03
CA ALA B 14 11.28 -0.76 -1.02
C ALA B 14 10.52 -2.08 -0.80
N GLU B 15 10.48 -2.53 0.46
CA GLU B 15 9.70 -3.72 0.87
C GLU B 15 8.20 -3.48 0.70
N LEU B 16 7.76 -2.24 1.02
CA LEU B 16 6.36 -1.82 0.89
C LEU B 16 5.89 -1.88 -0.58
N LEU B 17 6.78 -1.46 -1.50
CA LEU B 17 6.52 -1.52 -2.97
C LEU B 17 6.24 -2.95 -3.41
N ALA B 18 7.16 -3.84 -3.00
CA ALA B 18 7.12 -5.27 -3.33
C ALA B 18 5.82 -5.93 -2.86
N ILE B 19 5.38 -5.57 -1.64
CA ILE B 19 4.16 -6.15 -1.03
C ILE B 19 2.91 -5.67 -1.77
N ILE B 20 2.78 -4.36 -1.97
CA ILE B 20 1.59 -3.72 -2.59
C ILE B 20 1.32 -4.27 -4.01
N GLU B 21 2.38 -4.40 -4.83
CA GLU B 21 2.25 -4.87 -6.22
C GLU B 21 1.90 -6.37 -6.30
N GLU B 22 2.25 -7.14 -5.25
CA GLU B 22 1.88 -8.57 -5.14
C GLU B 22 0.45 -8.73 -4.61
N LEU B 23 -0.03 -7.71 -3.88
CA LEU B 23 -1.46 -7.57 -3.55
C LEU B 23 -2.24 -7.22 -4.84
N GLY B 24 -1.55 -6.50 -5.76
CA GLY B 24 -2.06 -6.22 -7.11
C GLY B 24 -2.29 -7.47 -7.94
N LYS B 25 -1.53 -8.54 -7.62
CA LYS B 25 -1.71 -9.85 -8.26
C LYS B 25 -2.96 -10.55 -7.70
N GLU B 26 -3.18 -10.41 -6.38
CA GLU B 26 -4.26 -11.11 -5.64
C GLU B 26 -5.66 -10.59 -6.00
N ILE B 27 -5.74 -9.41 -6.65
CA ILE B 27 -7.03 -8.78 -7.05
C ILE B 27 -7.84 -9.71 -7.99
N ARG B 28 -7.12 -10.36 -8.93
CA ARG B 28 -7.77 -11.16 -10.00
C ARG B 28 -8.52 -12.40 -9.40
N PRO B 29 -7.84 -13.33 -8.62
CA PRO B 29 -8.53 -14.50 -8.02
C PRO B 29 -9.54 -14.09 -6.91
N THR B 30 -9.33 -12.93 -6.25
CA THR B 30 -10.30 -12.37 -5.27
C THR B 30 -11.64 -12.05 -5.98
N TYR B 31 -11.55 -11.38 -7.14
CA TYR B 31 -12.73 -11.07 -7.98
C TYR B 31 -13.29 -12.35 -8.66
N ALA B 32 -12.44 -13.37 -8.85
CA ALA B 32 -12.88 -14.69 -9.34
C ALA B 32 -13.66 -15.45 -8.25
N GLY B 33 -13.49 -15.02 -6.99
CA GLY B 33 -14.22 -15.58 -5.85
C GLY B 33 -13.43 -16.66 -5.13
N SER B 34 -12.13 -16.40 -4.90
CA SER B 34 -11.22 -17.30 -4.16
C SER B 34 -10.98 -16.73 -2.76
N LYS B 35 -11.39 -17.49 -1.71
CA LYS B 35 -11.21 -17.06 -0.33
C LYS B 35 -9.72 -17.02 0.06
N SER B 36 -8.94 -18.02 -0.39
CA SER B 36 -7.50 -18.13 -0.09
C SER B 36 -6.72 -16.90 -0.61
N ALA B 37 -7.16 -16.37 -1.77
CA ALA B 37 -6.55 -15.22 -2.43
C ALA B 37 -6.86 -13.91 -1.70
N MET B 38 -8.15 -13.71 -1.35
CA MET B 38 -8.60 -12.48 -0.68
C MET B 38 -8.02 -12.34 0.72
N GLU B 39 -7.77 -13.47 1.42
CA GLU B 39 -7.18 -13.47 2.78
C GLU B 39 -5.69 -13.08 2.73
N ARG B 40 -5.01 -13.43 1.63
CA ARG B 40 -3.62 -12.99 1.36
C ARG B 40 -3.59 -11.48 1.11
N LEU B 41 -4.56 -11.04 0.31
CA LEU B 41 -4.80 -9.62 -0.01
C LEU B 41 -5.16 -8.81 1.26
N LYS B 42 -5.96 -9.44 2.12
CA LYS B 42 -6.53 -8.83 3.34
C LYS B 42 -5.44 -8.64 4.41
N ARG B 43 -4.71 -9.74 4.70
CA ARG B 43 -3.57 -9.77 5.63
C ARG B 43 -2.50 -8.75 5.18
N GLY B 44 -2.21 -8.78 3.87
CA GLY B 44 -1.16 -7.96 3.26
C GLY B 44 -1.44 -6.48 3.32
N ILE B 45 -2.71 -6.10 3.13
CA ILE B 45 -3.14 -4.69 3.18
C ILE B 45 -3.12 -4.15 4.63
N ILE B 46 -3.39 -5.00 5.63
CA ILE B 46 -3.24 -4.62 7.06
C ILE B 46 -1.76 -4.30 7.37
N HIS B 47 -0.87 -5.19 6.91
CA HIS B 47 0.59 -5.06 7.13
C HIS B 47 1.22 -3.94 6.28
N ALA B 48 0.66 -3.67 5.08
CA ALA B 48 1.12 -2.58 4.19
C ALA B 48 0.79 -1.23 4.84
N ARG B 49 -0.45 -1.14 5.32
CA ARG B 49 -0.97 -0.01 6.12
C ARG B 49 -0.11 0.19 7.39
N GLY B 50 0.29 -0.94 7.98
CA GLY B 50 1.14 -0.95 9.17
C GLY B 50 2.53 -0.41 8.90
N LEU B 51 3.10 -0.75 7.73
CA LEU B 51 4.43 -0.26 7.29
C LEU B 51 4.39 1.27 7.12
N VAL B 52 3.26 1.78 6.60
CA VAL B 52 3.06 3.22 6.39
C VAL B 52 2.89 3.95 7.75
N ARG B 53 2.23 3.29 8.72
CA ARG B 53 2.13 3.78 10.12
C ARG B 53 3.54 3.96 10.72
N GLU B 54 4.40 2.97 10.45
CA GLU B 54 5.80 2.96 10.90
C GLU B 54 6.64 4.01 10.14
N CYS B 55 6.29 4.26 8.85
CA CYS B 55 6.96 5.27 8.01
C CYS B 55 6.61 6.70 8.47
N LEU B 56 5.36 6.88 8.92
CA LEU B 56 4.89 8.15 9.52
C LEU B 56 5.61 8.42 10.85
N ALA B 57 5.74 7.36 11.66
CA ALA B 57 6.44 7.40 12.97
C ALA B 57 7.94 7.65 12.81
N GLU B 58 8.53 7.11 11.73
CA GLU B 58 9.97 7.27 11.42
C GLU B 58 10.25 8.70 10.94
N THR B 59 9.37 9.20 10.06
CA THR B 59 9.39 10.58 9.58
C THR B 59 9.13 11.56 10.74
N GLU B 60 8.32 11.13 11.71
CA GLU B 60 7.96 11.92 12.90
C GLU B 60 9.21 12.20 13.77
N ARG B 61 10.17 11.26 13.74
CA ARG B 61 11.45 11.40 14.43
C ARG B 61 12.39 12.34 13.67
N ASN B 62 12.39 12.21 12.32
CA ASN B 62 13.27 13.01 11.44
C ASN B 62 12.70 14.42 11.25
N ALA B 63 11.64 14.55 10.44
CA ALA B 63 10.95 15.82 10.17
C ALA B 63 9.44 15.60 10.40
N ARG B 64 8.98 15.92 11.63
CA ARG B 64 7.62 15.64 12.11
C ARG B 64 6.54 16.30 11.22
N SER B 65 5.52 15.51 10.84
CA SER B 65 4.43 15.94 9.96
C SER B 65 3.25 16.50 10.82
N MET A 1 -5.83 -3.03 17.10
CA MET A 1 -5.48 -2.61 15.73
C MET A 1 -5.47 -1.08 15.66
N GLY A 2 -4.53 -0.52 14.87
CA GLY A 2 -4.30 0.93 14.83
C GLY A 2 -5.42 1.72 14.17
N HIS A 3 -6.08 2.60 14.95
CA HIS A 3 -7.22 3.42 14.46
C HIS A 3 -6.82 4.91 14.31
N HIS A 4 -5.52 5.22 14.49
CA HIS A 4 -5.01 6.61 14.43
C HIS A 4 -5.11 7.14 12.98
N HIS A 5 -6.11 8.01 12.75
CA HIS A 5 -6.42 8.59 11.42
C HIS A 5 -6.03 10.06 11.32
N HIS A 6 -5.71 10.69 12.48
CA HIS A 6 -5.25 12.07 12.52
C HIS A 6 -3.79 12.14 12.07
N HIS A 7 -3.59 12.57 10.82
CA HIS A 7 -2.27 12.66 10.18
C HIS A 7 -2.06 14.06 9.60
N HIS A 8 -0.83 14.35 9.15
CA HIS A 8 -0.50 15.61 8.46
C HIS A 8 -1.17 15.65 7.08
N SER A 9 -1.75 16.80 6.73
CA SER A 9 -2.35 17.04 5.41
C SER A 9 -1.26 17.04 4.33
N HIS A 10 -0.14 17.71 4.63
CA HIS A 10 1.02 17.84 3.72
C HIS A 10 2.11 16.84 4.11
N SER A 11 1.87 15.55 3.80
CA SER A 11 2.86 14.46 3.98
C SER A 11 2.61 13.37 2.92
N LYS A 12 3.70 12.89 2.30
CA LYS A 12 3.70 11.84 1.26
C LYS A 12 3.01 10.55 1.78
N TYR A 13 3.49 10.09 2.94
CA TYR A 13 3.07 8.83 3.52
C TYR A 13 1.64 8.92 4.09
N ALA A 14 1.19 10.15 4.42
CA ALA A 14 -0.18 10.39 4.93
C ALA A 14 -1.26 10.02 3.90
N GLU A 15 -0.94 10.27 2.62
CA GLU A 15 -1.81 9.87 1.50
C GLU A 15 -1.72 8.35 1.29
N LEU A 16 -0.48 7.84 1.36
CA LEU A 16 -0.15 6.43 1.11
C LEU A 16 -0.86 5.48 2.09
N LEU A 17 -0.76 5.81 3.39
CA LEU A 17 -1.41 5.09 4.50
C LEU A 17 -2.94 5.03 4.30
N ALA A 18 -3.52 6.22 4.09
CA ALA A 18 -4.96 6.42 3.93
C ALA A 18 -5.53 5.63 2.73
N ILE A 19 -4.73 5.53 1.65
CA ILE A 19 -5.11 4.77 0.44
C ILE A 19 -5.17 3.26 0.76
N ILE A 20 -4.09 2.72 1.34
CA ILE A 20 -3.96 1.27 1.61
C ILE A 20 -5.12 0.74 2.47
N GLU A 21 -5.35 1.38 3.64
CA GLU A 21 -6.44 0.99 4.57
C GLU A 21 -7.84 1.14 3.94
N GLU A 22 -7.96 2.03 2.94
CA GLU A 22 -9.22 2.29 2.24
C GLU A 22 -9.56 1.12 1.32
N LEU A 23 -8.51 0.60 0.66
CA LEU A 23 -8.56 -0.59 -0.21
C LEU A 23 -9.00 -1.84 0.57
N GLY A 24 -8.78 -1.84 1.90
CA GLY A 24 -9.18 -2.92 2.81
C GLY A 24 -10.70 -3.04 2.93
N LYS A 25 -11.39 -1.91 2.73
CA LYS A 25 -12.86 -1.83 2.76
C LYS A 25 -13.49 -2.49 1.52
N GLU A 26 -12.73 -2.54 0.40
CA GLU A 26 -13.22 -3.00 -0.90
C GLU A 26 -12.98 -4.51 -1.15
N ILE A 27 -12.36 -5.21 -0.17
CA ILE A 27 -11.96 -6.64 -0.35
C ILE A 27 -13.17 -7.58 -0.37
N ARG A 28 -13.96 -7.56 0.72
CA ARG A 28 -15.16 -8.44 0.89
C ARG A 28 -16.16 -8.30 -0.31
N PRO A 29 -16.58 -7.05 -0.75
CA PRO A 29 -17.44 -6.90 -1.95
C PRO A 29 -16.77 -7.40 -3.26
N THR A 30 -15.46 -7.10 -3.46
CA THR A 30 -14.68 -7.63 -4.63
C THR A 30 -14.77 -9.17 -4.69
N TYR A 31 -14.59 -9.79 -3.52
CA TYR A 31 -14.66 -11.25 -3.34
C TYR A 31 -16.08 -11.77 -3.65
N ALA A 32 -17.09 -10.96 -3.29
CA ALA A 32 -18.52 -11.28 -3.49
C ALA A 32 -19.02 -10.92 -4.91
N GLY A 33 -18.08 -10.66 -5.85
CA GLY A 33 -18.40 -10.42 -7.26
C GLY A 33 -18.94 -9.01 -7.54
N SER A 34 -18.44 -8.01 -6.81
CA SER A 34 -18.80 -6.60 -7.04
C SER A 34 -17.77 -5.95 -7.97
N LYS A 35 -18.22 -5.63 -9.20
CA LYS A 35 -17.38 -4.98 -10.22
C LYS A 35 -16.97 -3.56 -9.78
N SER A 36 -17.81 -2.90 -8.96
CA SER A 36 -17.53 -1.52 -8.52
C SER A 36 -16.34 -1.50 -7.56
N ALA A 37 -16.34 -2.45 -6.59
CA ALA A 37 -15.33 -2.54 -5.52
C ALA A 37 -13.93 -2.79 -6.09
N MET A 38 -13.83 -3.78 -7.02
CA MET A 38 -12.55 -4.20 -7.62
C MET A 38 -11.88 -3.08 -8.45
N GLU A 39 -12.70 -2.18 -9.04
CA GLU A 39 -12.20 -1.05 -9.86
C GLU A 39 -11.58 0.05 -8.96
N ARG A 40 -12.24 0.30 -7.81
CA ARG A 40 -11.76 1.25 -6.77
C ARG A 40 -10.46 0.68 -6.12
N LEU A 41 -10.51 -0.65 -5.92
CA LEU A 41 -9.41 -1.43 -5.31
C LEU A 41 -8.17 -1.41 -6.22
N LYS A 42 -8.41 -1.52 -7.54
CA LYS A 42 -7.36 -1.53 -8.58
C LYS A 42 -6.72 -0.14 -8.72
N ARG A 43 -7.58 0.87 -8.72
CA ARG A 43 -7.20 2.29 -8.93
C ARG A 43 -6.25 2.76 -7.82
N GLY A 44 -6.62 2.46 -6.56
CA GLY A 44 -5.86 2.88 -5.39
C GLY A 44 -4.55 2.12 -5.23
N ILE A 45 -4.55 0.81 -5.57
CA ILE A 45 -3.32 -0.02 -5.50
C ILE A 45 -2.25 0.49 -6.50
N ILE A 46 -2.68 0.80 -7.72
CA ILE A 46 -1.80 1.38 -8.75
C ILE A 46 -1.23 2.76 -8.28
N HIS A 47 -2.12 3.60 -7.72
CA HIS A 47 -1.72 4.94 -7.20
C HIS A 47 -0.77 4.82 -6.00
N ALA A 48 -1.04 3.82 -5.14
CA ALA A 48 -0.25 3.53 -3.92
C ALA A 48 1.18 3.13 -4.32
N ARG A 49 1.30 2.33 -5.41
CA ARG A 49 2.58 1.98 -6.03
C ARG A 49 3.31 3.25 -6.49
N GLY A 50 2.55 4.17 -7.11
CA GLY A 50 3.08 5.44 -7.63
C GLY A 50 3.73 6.29 -6.55
N LEU A 51 3.16 6.26 -5.34
CA LEU A 51 3.68 6.97 -4.17
C LEU A 51 4.94 6.27 -3.64
N VAL A 52 4.89 4.91 -3.64
CA VAL A 52 6.04 4.08 -3.22
C VAL A 52 7.24 4.26 -4.17
N ARG A 53 6.96 4.54 -5.46
CA ARG A 53 8.00 4.88 -6.47
C ARG A 53 8.76 6.15 -6.05
N GLU A 54 7.99 7.13 -5.52
CA GLU A 54 8.53 8.41 -5.03
C GLU A 54 9.16 8.26 -3.63
N CYS A 55 8.73 7.22 -2.88
CA CYS A 55 9.35 6.84 -1.59
C CYS A 55 10.74 6.23 -1.84
N LEU A 56 10.83 5.32 -2.82
CA LEU A 56 12.08 4.64 -3.22
C LEU A 56 13.12 5.65 -3.71
N ALA A 57 12.70 6.49 -4.67
CA ALA A 57 13.55 7.50 -5.33
C ALA A 57 14.22 8.45 -4.31
N GLU A 58 13.43 8.89 -3.32
CA GLU A 58 13.87 9.89 -2.33
C GLU A 58 14.74 9.24 -1.23
N THR A 59 14.28 8.08 -0.69
CA THR A 59 15.01 7.29 0.33
C THR A 59 16.34 6.72 -0.24
N GLU A 60 16.39 6.53 -1.58
CA GLU A 60 17.60 6.10 -2.30
C GLU A 60 18.72 7.15 -2.18
N ARG A 61 18.33 8.43 -2.00
CA ARG A 61 19.27 9.52 -1.65
C ARG A 61 19.48 9.59 -0.12
N ASN A 62 18.37 9.51 0.63
CA ASN A 62 18.34 9.72 2.11
C ASN A 62 19.17 8.65 2.87
N ALA A 63 19.32 7.48 2.26
CA ALA A 63 20.03 6.33 2.85
C ALA A 63 20.81 5.60 1.74
N ARG A 64 21.50 6.43 0.91
CA ARG A 64 22.19 6.03 -0.35
C ARG A 64 22.92 4.67 -0.30
N SER A 65 23.67 4.43 0.78
CA SER A 65 24.43 3.19 0.97
C SER A 65 23.50 2.11 1.56
N MET B 1 6.15 2.02 -16.89
CA MET B 1 6.66 1.42 -15.64
C MET B 1 8.15 1.09 -15.78
N GLY B 2 8.84 0.98 -14.63
CA GLY B 2 10.27 0.71 -14.60
C GLY B 2 10.60 -0.78 -14.64
N HIS B 3 10.82 -1.32 -15.86
CA HIS B 3 11.29 -2.72 -16.03
C HIS B 3 12.80 -2.84 -15.73
N HIS B 4 13.47 -1.69 -15.49
CA HIS B 4 14.81 -1.64 -14.89
C HIS B 4 14.66 -1.88 -13.38
N HIS B 5 14.81 -3.16 -12.95
CA HIS B 5 14.56 -3.60 -11.57
C HIS B 5 15.72 -3.22 -10.63
N HIS B 6 15.50 -2.14 -9.86
CA HIS B 6 16.43 -1.68 -8.81
C HIS B 6 15.60 -1.29 -7.58
N HIS B 7 15.66 -2.11 -6.53
CA HIS B 7 14.94 -1.87 -5.27
C HIS B 7 15.88 -2.17 -4.10
N HIS B 8 16.26 -1.10 -3.39
CA HIS B 8 17.10 -1.17 -2.21
C HIS B 8 16.33 -1.91 -1.10
N SER B 9 16.57 -3.23 -1.00
CA SER B 9 15.89 -4.14 -0.05
C SER B 9 16.14 -3.73 1.42
N HIS B 10 17.21 -2.92 1.62
CA HIS B 10 17.53 -2.31 2.92
C HIS B 10 16.72 -1.01 3.17
N SER B 11 15.55 -0.87 2.51
CA SER B 11 14.56 0.15 2.85
C SER B 11 13.19 -0.53 2.96
N LYS B 12 12.39 -0.08 3.96
CA LYS B 12 11.02 -0.55 4.23
C LYS B 12 10.11 -0.44 2.98
N TYR B 13 10.40 0.58 2.15
CA TYR B 13 9.59 0.99 1.01
C TYR B 13 9.72 0.00 -0.16
N ALA B 14 10.87 -0.69 -0.27
CA ALA B 14 11.08 -1.75 -1.29
C ALA B 14 10.23 -3.00 -0.99
N GLU B 15 10.08 -3.27 0.32
CA GLU B 15 9.18 -4.32 0.84
C GLU B 15 7.72 -3.92 0.57
N LEU B 16 7.44 -2.64 0.80
CA LEU B 16 6.12 -2.02 0.62
C LEU B 16 5.67 -2.10 -0.86
N LEU B 17 6.63 -1.86 -1.78
CA LEU B 17 6.41 -2.01 -3.24
C LEU B 17 5.99 -3.44 -3.58
N ALA B 18 6.78 -4.40 -3.05
CA ALA B 18 6.58 -5.83 -3.29
C ALA B 18 5.18 -6.30 -2.88
N ILE B 19 4.70 -5.79 -1.72
CA ILE B 19 3.36 -6.10 -1.21
C ILE B 19 2.27 -5.52 -2.15
N ILE B 20 2.24 -4.18 -2.28
CA ILE B 20 1.16 -3.44 -2.99
C ILE B 20 1.01 -3.90 -4.46
N GLU B 21 2.15 -3.95 -5.17
CA GLU B 21 2.21 -4.39 -6.58
C GLU B 21 1.64 -5.81 -6.79
N GLU B 22 1.87 -6.71 -5.82
CA GLU B 22 1.37 -8.08 -5.88
C GLU B 22 -0.14 -8.13 -5.55
N LEU B 23 -0.59 -7.24 -4.64
CA LEU B 23 -2.03 -7.11 -4.26
C LEU B 23 -2.90 -6.76 -5.48
N GLY B 24 -2.34 -5.92 -6.38
CA GLY B 24 -2.99 -5.54 -7.63
C GLY B 24 -3.26 -6.71 -8.56
N LYS B 25 -2.41 -7.75 -8.44
CA LYS B 25 -2.58 -9.02 -9.17
C LYS B 25 -3.60 -9.91 -8.46
N GLU B 26 -3.62 -9.86 -7.11
CA GLU B 26 -4.48 -10.71 -6.26
C GLU B 26 -5.96 -10.28 -6.31
N ILE B 27 -6.23 -9.11 -6.90
CA ILE B 27 -7.61 -8.62 -7.13
C ILE B 27 -8.40 -9.59 -8.02
N ARG B 28 -7.73 -10.15 -9.05
CA ARG B 28 -8.39 -11.05 -10.03
C ARG B 28 -8.83 -12.40 -9.38
N PRO B 29 -7.91 -13.20 -8.69
CA PRO B 29 -8.35 -14.42 -7.97
C PRO B 29 -9.33 -14.14 -6.81
N THR B 30 -9.17 -12.99 -6.10
CA THR B 30 -10.13 -12.55 -5.04
C THR B 30 -11.54 -12.38 -5.63
N TYR B 31 -11.61 -11.65 -6.75
CA TYR B 31 -12.86 -11.37 -7.48
C TYR B 31 -13.47 -12.67 -8.04
N ALA B 32 -12.58 -13.60 -8.45
CA ALA B 32 -12.95 -14.91 -8.99
C ALA B 32 -13.53 -15.84 -7.89
N GLY B 33 -13.24 -15.51 -6.63
CA GLY B 33 -13.82 -16.21 -5.48
C GLY B 33 -12.87 -17.17 -4.78
N SER B 34 -11.55 -17.00 -5.01
CA SER B 34 -10.50 -17.77 -4.33
C SER B 34 -10.29 -17.19 -2.90
N LYS B 35 -10.67 -17.98 -1.86
CA LYS B 35 -10.63 -17.52 -0.45
C LYS B 35 -9.18 -17.30 0.05
N SER B 36 -8.22 -18.00 -0.56
CA SER B 36 -6.79 -17.79 -0.26
C SER B 36 -6.39 -16.35 -0.63
N ALA B 37 -6.81 -15.92 -1.83
CA ALA B 37 -6.38 -14.66 -2.44
C ALA B 37 -6.96 -13.43 -1.70
N MET B 38 -8.22 -13.55 -1.20
CA MET B 38 -8.86 -12.46 -0.42
C MET B 38 -8.14 -12.26 0.93
N GLU B 39 -7.62 -13.36 1.50
CA GLU B 39 -6.88 -13.34 2.78
C GLU B 39 -5.43 -12.89 2.57
N ARG B 40 -4.89 -13.08 1.35
CA ARG B 40 -3.58 -12.53 0.94
C ARG B 40 -3.70 -11.01 0.75
N LEU B 41 -4.84 -10.62 0.16
CA LEU B 41 -5.18 -9.22 -0.11
C LEU B 41 -5.43 -8.49 1.22
N LYS B 42 -6.12 -9.18 2.14
CA LYS B 42 -6.46 -8.65 3.48
C LYS B 42 -5.19 -8.46 4.32
N ARG B 43 -4.41 -9.55 4.46
CA ARG B 43 -3.17 -9.53 5.26
C ARG B 43 -2.15 -8.57 4.63
N GLY B 44 -2.17 -8.48 3.30
CA GLY B 44 -1.28 -7.61 2.53
C GLY B 44 -1.53 -6.15 2.81
N ILE B 45 -2.82 -5.78 2.82
CA ILE B 45 -3.25 -4.41 3.11
C ILE B 45 -3.03 -4.06 4.60
N ILE B 46 -3.19 -5.04 5.51
CA ILE B 46 -2.92 -4.87 6.95
C ILE B 46 -1.40 -4.64 7.22
N HIS B 47 -0.55 -5.42 6.52
CA HIS B 47 0.92 -5.39 6.67
C HIS B 47 1.52 -4.14 6.01
N ALA B 48 1.00 -3.81 4.81
CA ALA B 48 1.42 -2.61 4.04
C ALA B 48 1.04 -1.34 4.81
N ARG B 49 -0.18 -1.33 5.39
CA ARG B 49 -0.63 -0.27 6.31
C ARG B 49 0.33 -0.18 7.51
N GLY B 50 0.69 -1.34 8.07
CA GLY B 50 1.60 -1.44 9.22
C GLY B 50 2.97 -0.82 8.95
N LEU B 51 3.46 -1.00 7.71
CA LEU B 51 4.72 -0.40 7.25
C LEU B 51 4.61 1.14 7.26
N VAL B 52 3.56 1.66 6.59
CA VAL B 52 3.39 3.12 6.40
C VAL B 52 3.02 3.84 7.72
N ARG B 53 2.41 3.09 8.66
CA ARG B 53 2.18 3.55 10.06
C ARG B 53 3.51 4.06 10.67
N GLU B 54 4.55 3.22 10.58
CA GLU B 54 5.90 3.57 11.05
C GLU B 54 6.51 4.70 10.19
N CYS B 55 6.15 4.77 8.89
CA CYS B 55 6.68 5.80 7.97
C CYS B 55 6.24 7.22 8.40
N LEU B 56 4.94 7.39 8.77
CA LEU B 56 4.44 8.68 9.31
C LEU B 56 5.14 9.03 10.62
N ALA B 57 5.03 8.13 11.60
CA ALA B 57 5.53 8.34 12.97
C ALA B 57 7.04 8.64 13.02
N GLU B 58 7.79 8.01 12.10
CA GLU B 58 9.25 8.20 11.99
C GLU B 58 9.56 9.58 11.40
N THR B 59 8.93 9.89 10.25
CA THR B 59 9.09 11.17 9.55
C THR B 59 8.59 12.35 10.42
N GLU B 60 7.60 12.08 11.28
CA GLU B 60 6.98 13.07 12.17
C GLU B 60 7.97 13.56 13.25
N ARG B 61 8.83 12.65 13.73
CA ARG B 61 9.88 12.98 14.71
C ARG B 61 10.96 13.88 14.08
N ASN B 62 11.27 13.57 12.80
CA ASN B 62 12.31 14.28 12.02
C ASN B 62 11.79 15.64 11.50
N ALA B 63 10.48 15.69 11.21
CA ALA B 63 9.82 16.88 10.65
C ALA B 63 9.23 17.73 11.79
N ARG B 64 9.74 18.95 11.94
CA ARG B 64 9.19 19.93 12.91
C ARG B 64 7.76 20.35 12.49
N SER B 65 7.52 20.37 11.16
CA SER B 65 6.24 20.67 10.54
C SER B 65 5.45 19.35 10.31
N MET A 1 -16.56 2.94 12.46
CA MET A 1 -17.72 3.77 12.09
C MET A 1 -17.27 5.21 11.81
N GLY A 2 -17.79 5.81 10.72
CA GLY A 2 -17.48 7.19 10.34
C GLY A 2 -16.93 7.30 8.93
N HIS A 3 -16.48 8.51 8.57
CA HIS A 3 -15.92 8.84 7.26
C HIS A 3 -14.59 9.58 7.45
N HIS A 4 -13.46 8.93 7.11
CA HIS A 4 -12.12 9.56 7.12
C HIS A 4 -12.12 10.78 6.19
N HIS A 5 -11.90 11.98 6.76
CA HIS A 5 -11.84 13.22 5.96
C HIS A 5 -10.57 13.22 5.09
N HIS A 6 -10.77 13.23 3.75
CA HIS A 6 -9.65 13.26 2.78
C HIS A 6 -9.33 14.71 2.40
N HIS A 7 -8.04 15.03 2.37
CA HIS A 7 -7.53 16.40 2.16
C HIS A 7 -6.12 16.32 1.56
N HIS A 8 -5.52 17.50 1.35
CA HIS A 8 -4.12 17.60 0.91
C HIS A 8 -3.20 17.34 2.12
N SER A 9 -2.81 16.06 2.27
CA SER A 9 -1.91 15.61 3.33
C SER A 9 -0.44 15.87 2.92
N HIS A 10 0.24 16.76 3.68
CA HIS A 10 1.64 17.16 3.38
C HIS A 10 2.59 15.95 3.38
N SER A 11 2.46 15.11 4.43
CA SER A 11 3.16 13.83 4.51
C SER A 11 2.62 12.90 3.41
N LYS A 12 3.50 12.47 2.49
CA LYS A 12 3.09 11.62 1.35
C LYS A 12 2.61 10.24 1.84
N TYR A 13 3.21 9.80 2.96
CA TYR A 13 2.84 8.54 3.63
C TYR A 13 1.40 8.63 4.19
N ALA A 14 0.95 9.83 4.59
CA ALA A 14 -0.43 10.05 5.10
C ALA A 14 -1.49 9.79 4.00
N GLU A 15 -1.15 10.13 2.73
CA GLU A 15 -2.01 9.83 1.56
C GLU A 15 -1.93 8.32 1.22
N LEU A 16 -0.72 7.77 1.40
CA LEU A 16 -0.44 6.35 1.17
C LEU A 16 -1.27 5.48 2.15
N LEU A 17 -1.41 5.97 3.39
CA LEU A 17 -2.23 5.34 4.44
C LEU A 17 -3.72 5.42 4.07
N ALA A 18 -4.14 6.59 3.57
CA ALA A 18 -5.53 6.87 3.15
C ALA A 18 -5.97 5.94 2.01
N ILE A 19 -5.02 5.58 1.15
CA ILE A 19 -5.23 4.60 0.07
C ILE A 19 -5.46 3.19 0.65
N ILE A 20 -4.50 2.72 1.46
CA ILE A 20 -4.45 1.34 1.96
C ILE A 20 -5.67 1.00 2.85
N GLU A 21 -6.06 1.95 3.71
CA GLU A 21 -7.25 1.82 4.59
C GLU A 21 -8.56 1.75 3.77
N GLU A 22 -8.54 2.27 2.53
CA GLU A 22 -9.69 2.19 1.61
C GLU A 22 -9.72 0.82 0.93
N LEU A 23 -8.55 0.36 0.43
CA LEU A 23 -8.35 -0.95 -0.22
C LEU A 23 -8.87 -2.12 0.64
N GLY A 24 -8.77 -1.97 1.98
CA GLY A 24 -9.25 -2.95 2.94
C GLY A 24 -10.77 -3.02 2.98
N LYS A 25 -11.40 -1.85 2.83
CA LYS A 25 -12.88 -1.74 2.76
C LYS A 25 -13.42 -2.55 1.57
N GLU A 26 -12.82 -2.32 0.39
CA GLU A 26 -13.31 -2.83 -0.89
C GLU A 26 -12.92 -4.30 -1.16
N ILE A 27 -12.27 -4.98 -0.17
CA ILE A 27 -11.97 -6.43 -0.28
C ILE A 27 -13.27 -7.25 -0.36
N ARG A 28 -14.17 -6.98 0.62
CA ARG A 28 -15.44 -7.76 0.79
C ARG A 28 -16.35 -7.66 -0.46
N PRO A 29 -16.72 -6.43 -0.99
CA PRO A 29 -17.51 -6.31 -2.24
C PRO A 29 -16.78 -6.91 -3.48
N THR A 30 -15.45 -6.70 -3.61
CA THR A 30 -14.64 -7.34 -4.70
C THR A 30 -14.81 -8.87 -4.67
N TYR A 31 -14.69 -9.43 -3.46
CA TYR A 31 -14.83 -10.86 -3.19
C TYR A 31 -16.28 -11.34 -3.42
N ALA A 32 -17.23 -10.40 -3.26
CA ALA A 32 -18.66 -10.65 -3.49
C ALA A 32 -19.05 -10.51 -4.97
N GLY A 33 -18.04 -10.33 -5.86
CA GLY A 33 -18.26 -10.23 -7.31
C GLY A 33 -18.74 -8.85 -7.75
N SER A 34 -18.27 -7.79 -7.08
CA SER A 34 -18.62 -6.39 -7.42
C SER A 34 -17.49 -5.74 -8.23
N LYS A 35 -17.78 -5.37 -9.49
CA LYS A 35 -16.78 -4.79 -10.41
C LYS A 35 -16.37 -3.37 -9.97
N SER A 36 -17.29 -2.65 -9.31
CA SER A 36 -17.04 -1.26 -8.86
C SER A 36 -15.94 -1.22 -7.79
N ALA A 37 -15.99 -2.22 -6.89
CA ALA A 37 -15.05 -2.36 -5.76
C ALA A 37 -13.65 -2.72 -6.24
N MET A 38 -13.55 -3.71 -7.16
CA MET A 38 -12.25 -4.15 -7.71
C MET A 38 -11.58 -3.04 -8.54
N GLU A 39 -12.38 -2.11 -9.08
CA GLU A 39 -11.86 -0.92 -9.77
C GLU A 39 -11.19 0.05 -8.77
N ARG A 40 -11.85 0.28 -7.61
CA ARG A 40 -11.29 1.13 -6.51
C ARG A 40 -10.04 0.47 -5.90
N LEU A 41 -10.13 -0.85 -5.74
CA LEU A 41 -9.07 -1.69 -5.19
C LEU A 41 -7.83 -1.62 -6.09
N LYS A 42 -8.04 -1.85 -7.39
CA LYS A 42 -6.95 -1.88 -8.37
C LYS A 42 -6.33 -0.50 -8.57
N ARG A 43 -7.20 0.53 -8.63
CA ARG A 43 -6.80 1.93 -8.88
C ARG A 43 -5.92 2.43 -7.74
N GLY A 44 -6.36 2.14 -6.50
CA GLY A 44 -5.63 2.52 -5.30
C GLY A 44 -4.31 1.78 -5.16
N ILE A 45 -4.30 0.49 -5.52
CA ILE A 45 -3.08 -0.34 -5.53
C ILE A 45 -2.05 0.20 -6.56
N ILE A 46 -2.53 0.66 -7.72
CA ILE A 46 -1.68 1.34 -8.74
C ILE A 46 -1.10 2.64 -8.15
N HIS A 47 -1.98 3.42 -7.50
CA HIS A 47 -1.64 4.72 -6.89
C HIS A 47 -0.66 4.59 -5.72
N ALA A 48 -0.84 3.52 -4.90
CA ALA A 48 0.01 3.22 -3.74
C ALA A 48 1.42 2.85 -4.20
N ARG A 49 1.49 2.08 -5.31
CA ARG A 49 2.73 1.73 -6.02
C ARG A 49 3.41 3.01 -6.54
N GLY A 50 2.58 3.94 -7.04
CA GLY A 50 3.04 5.23 -7.55
C GLY A 50 3.70 6.08 -6.46
N LEU A 51 3.06 6.13 -5.28
CA LEU A 51 3.54 6.90 -4.13
C LEU A 51 4.84 6.34 -3.59
N VAL A 52 4.93 5.00 -3.54
CA VAL A 52 6.13 4.32 -3.01
C VAL A 52 7.33 4.46 -3.98
N ARG A 53 7.09 4.47 -5.31
CA ARG A 53 8.16 4.63 -6.31
C ARG A 53 8.78 6.03 -6.27
N GLU A 54 7.91 7.07 -6.26
CA GLU A 54 8.36 8.48 -6.17
C GLU A 54 8.99 8.76 -4.79
N CYS A 55 8.51 8.05 -3.75
CA CYS A 55 9.08 8.11 -2.40
C CYS A 55 10.49 7.51 -2.40
N LEU A 56 10.66 6.34 -3.05
CA LEU A 56 11.96 5.63 -3.13
C LEU A 56 12.98 6.46 -3.89
N ALA A 57 12.52 7.08 -5.00
CA ALA A 57 13.33 7.95 -5.86
C ALA A 57 13.97 9.09 -5.05
N GLU A 58 13.17 9.69 -4.15
CA GLU A 58 13.61 10.83 -3.33
C GLU A 58 14.47 10.36 -2.13
N THR A 59 13.99 9.31 -1.44
CA THR A 59 14.62 8.77 -0.22
C THR A 59 15.99 8.10 -0.53
N GLU A 60 16.16 7.64 -1.78
CA GLU A 60 17.41 6.99 -2.24
C GLU A 60 18.46 8.07 -2.60
N ARG A 61 18.00 9.21 -3.17
CA ARG A 61 18.87 10.39 -3.42
C ARG A 61 19.25 11.06 -2.09
N ASN A 62 18.31 10.96 -1.12
CA ASN A 62 18.49 11.44 0.26
C ASN A 62 19.44 10.51 1.06
N ALA A 63 19.61 9.28 0.53
CA ALA A 63 20.54 8.28 1.06
C ALA A 63 21.89 8.37 0.30
N ARG A 64 22.80 7.43 0.63
CA ARG A 64 24.15 7.35 0.00
C ARG A 64 24.33 5.95 -0.60
N SER A 65 23.81 4.93 0.11
CA SER A 65 23.84 3.52 -0.31
C SER A 65 22.87 2.72 0.61
N MET B 1 5.84 -10.23 -18.69
CA MET B 1 6.46 -11.22 -17.78
C MET B 1 6.65 -10.60 -16.38
N GLY B 2 6.54 -11.44 -15.34
CA GLY B 2 6.63 -10.97 -13.96
C GLY B 2 6.90 -12.11 -12.98
N HIS B 3 8.13 -12.63 -13.00
CA HIS B 3 8.61 -13.63 -12.02
C HIS B 3 9.79 -13.03 -11.24
N HIS B 4 9.48 -12.49 -10.06
CA HIS B 4 10.44 -11.96 -9.11
C HIS B 4 9.92 -12.23 -7.70
N HIS B 5 10.59 -13.14 -6.97
CA HIS B 5 10.26 -13.40 -5.57
C HIS B 5 10.67 -12.18 -4.71
N HIS B 6 9.72 -11.66 -3.92
CA HIS B 6 9.97 -10.53 -3.02
C HIS B 6 10.87 -10.97 -1.85
N HIS B 7 11.59 -10.00 -1.29
CA HIS B 7 12.55 -10.22 -0.20
C HIS B 7 12.69 -8.93 0.61
N HIS B 8 13.58 -8.93 1.60
CA HIS B 8 13.96 -7.72 2.32
C HIS B 8 15.02 -6.97 1.50
N SER B 9 14.58 -5.91 0.82
CA SER B 9 15.47 -4.93 0.22
C SER B 9 16.01 -4.00 1.33
N HIS B 10 17.16 -3.34 1.07
CA HIS B 10 17.79 -2.44 2.07
C HIS B 10 16.82 -1.32 2.51
N SER B 11 16.03 -0.82 1.56
CA SER B 11 14.96 0.14 1.85
C SER B 11 13.70 -0.63 2.30
N LYS B 12 13.15 -0.19 3.45
CA LYS B 12 11.93 -0.77 4.04
C LYS B 12 10.68 -0.47 3.18
N TYR B 13 10.73 0.65 2.46
CA TYR B 13 9.64 1.09 1.58
C TYR B 13 9.62 0.23 0.29
N ALA B 14 10.81 -0.30 -0.10
CA ALA B 14 10.94 -1.23 -1.23
C ALA B 14 10.28 -2.60 -0.92
N GLU B 15 10.27 -2.98 0.38
CA GLU B 15 9.50 -4.14 0.88
C GLU B 15 8.00 -3.91 0.65
N LEU B 16 7.54 -2.70 1.02
CA LEU B 16 6.14 -2.26 0.87
C LEU B 16 5.72 -2.26 -0.62
N LEU B 17 6.62 -1.78 -1.50
CA LEU B 17 6.42 -1.77 -2.96
C LEU B 17 6.21 -3.20 -3.50
N ALA B 18 7.05 -4.12 -3.00
CA ALA B 18 6.98 -5.55 -3.33
C ALA B 18 5.68 -6.21 -2.85
N ILE B 19 5.06 -5.65 -1.80
CA ILE B 19 3.77 -6.11 -1.28
C ILE B 19 2.62 -5.63 -2.18
N ILE B 20 2.69 -4.35 -2.57
CA ILE B 20 1.62 -3.67 -3.34
C ILE B 20 1.41 -4.34 -4.73
N GLU B 21 2.53 -4.67 -5.41
CA GLU B 21 2.48 -5.40 -6.71
C GLU B 21 1.88 -6.82 -6.55
N GLU B 22 2.14 -7.45 -5.39
CA GLU B 22 1.57 -8.77 -5.05
C GLU B 22 0.06 -8.66 -4.84
N LEU B 23 -0.36 -7.58 -4.16
CA LEU B 23 -1.78 -7.26 -3.94
C LEU B 23 -2.49 -7.05 -5.30
N GLY B 24 -1.75 -6.44 -6.24
CA GLY B 24 -2.22 -6.24 -7.62
C GLY B 24 -2.55 -7.55 -8.33
N LYS B 25 -1.79 -8.59 -8.00
CA LYS B 25 -2.05 -9.96 -8.48
C LYS B 25 -3.31 -10.53 -7.82
N GLU B 26 -3.39 -10.39 -6.48
CA GLU B 26 -4.43 -11.04 -5.65
C GLU B 26 -5.85 -10.51 -5.94
N ILE B 27 -5.94 -9.31 -6.57
CA ILE B 27 -7.24 -8.68 -6.97
C ILE B 27 -8.11 -9.62 -7.81
N ARG B 28 -7.47 -10.24 -8.83
CA ARG B 28 -8.18 -10.99 -9.87
C ARG B 28 -8.85 -12.28 -9.29
N PRO B 29 -8.11 -13.20 -8.57
CA PRO B 29 -8.73 -14.38 -7.94
C PRO B 29 -9.69 -14.02 -6.77
N THR B 30 -9.48 -12.87 -6.09
CA THR B 30 -10.44 -12.36 -5.06
C THR B 30 -11.81 -12.06 -5.71
N TYR B 31 -11.76 -11.37 -6.85
CA TYR B 31 -12.95 -11.04 -7.66
C TYR B 31 -13.59 -12.31 -8.27
N ALA B 32 -12.75 -13.33 -8.51
CA ALA B 32 -13.21 -14.65 -8.98
C ALA B 32 -13.88 -15.46 -7.85
N GLY B 33 -13.70 -15.00 -6.60
CA GLY B 33 -14.35 -15.60 -5.43
C GLY B 33 -13.55 -16.72 -4.80
N SER B 34 -12.21 -16.68 -4.96
CA SER B 34 -11.28 -17.62 -4.31
C SER B 34 -10.96 -17.11 -2.89
N LYS B 35 -11.31 -17.91 -1.86
CA LYS B 35 -11.17 -17.54 -0.43
C LYS B 35 -9.69 -17.34 -0.06
N SER B 36 -8.82 -18.13 -0.68
CA SER B 36 -7.37 -18.05 -0.45
C SER B 36 -6.82 -16.67 -0.87
N ALA B 37 -7.38 -16.14 -1.97
CA ALA B 37 -6.94 -14.89 -2.59
C ALA B 37 -7.35 -13.66 -1.78
N MET B 38 -8.60 -13.65 -1.26
CA MET B 38 -9.09 -12.53 -0.42
C MET B 38 -8.28 -12.44 0.88
N GLU B 39 -7.86 -13.61 1.41
CA GLU B 39 -7.02 -13.70 2.60
C GLU B 39 -5.61 -13.16 2.30
N ARG B 40 -5.02 -13.61 1.19
CA ARG B 40 -3.71 -13.15 0.68
C ARG B 40 -3.66 -11.61 0.55
N LEU B 41 -4.67 -11.07 -0.12
CA LEU B 41 -4.90 -9.64 -0.30
C LEU B 41 -5.01 -8.94 1.08
N LYS B 42 -5.79 -9.56 1.97
CA LYS B 42 -6.11 -9.02 3.30
C LYS B 42 -4.84 -8.86 4.18
N ARG B 43 -4.00 -9.91 4.24
CA ARG B 43 -2.79 -9.93 5.11
C ARG B 43 -1.81 -8.83 4.67
N GLY B 44 -1.67 -8.70 3.34
CA GLY B 44 -0.78 -7.72 2.73
C GLY B 44 -1.20 -6.29 2.98
N ILE B 45 -2.52 -6.02 2.89
CA ILE B 45 -3.10 -4.67 3.11
C ILE B 45 -3.02 -4.26 4.60
N ILE B 46 -3.29 -5.21 5.51
CA ILE B 46 -3.17 -4.99 6.98
C ILE B 46 -1.71 -4.67 7.37
N HIS B 47 -0.79 -5.49 6.82
CA HIS B 47 0.67 -5.32 7.02
C HIS B 47 1.15 -3.99 6.39
N ALA B 48 0.55 -3.64 5.24
CA ALA B 48 0.89 -2.41 4.49
C ALA B 48 0.52 -1.16 5.30
N ARG B 49 -0.67 -1.20 5.92
CA ARG B 49 -1.12 -0.15 6.87
C ARG B 49 -0.09 0.04 7.99
N GLY B 50 0.36 -1.10 8.55
CA GLY B 50 1.35 -1.11 9.63
C GLY B 50 2.69 -0.51 9.21
N LEU B 51 3.12 -0.80 7.96
CA LEU B 51 4.39 -0.30 7.39
C LEU B 51 4.35 1.22 7.22
N VAL B 52 3.18 1.76 6.87
CA VAL B 52 2.99 3.20 6.71
C VAL B 52 2.88 3.90 8.08
N ARG B 53 2.21 3.26 9.06
CA ARG B 53 2.06 3.82 10.42
C ARG B 53 3.43 3.97 11.12
N GLU B 54 4.23 2.89 11.09
CA GLU B 54 5.59 2.86 11.71
C GLU B 54 6.52 3.88 10.99
N CYS B 55 6.25 4.07 9.68
CA CYS B 55 6.96 5.06 8.86
C CYS B 55 6.60 6.48 9.30
N LEU B 56 5.29 6.73 9.50
CA LEU B 56 4.75 8.06 9.89
C LEU B 56 5.33 8.52 11.24
N ALA B 57 5.54 7.55 12.16
CA ALA B 57 6.17 7.81 13.47
C ALA B 57 7.62 8.31 13.30
N GLU B 58 8.38 7.65 12.40
CA GLU B 58 9.78 8.02 12.10
C GLU B 58 9.85 9.36 11.35
N THR B 59 9.00 9.50 10.32
CA THR B 59 8.93 10.70 9.45
C THR B 59 8.52 11.94 10.26
N GLU B 60 7.71 11.72 11.31
CA GLU B 60 7.30 12.77 12.25
C GLU B 60 8.50 13.23 13.10
N ARG B 61 9.21 12.25 13.72
CA ARG B 61 10.46 12.49 14.48
C ARG B 61 11.53 13.20 13.62
N ASN B 62 11.50 12.91 12.31
CA ASN B 62 12.43 13.50 11.32
C ASN B 62 12.00 14.94 10.98
N ALA B 63 10.67 15.16 10.84
CA ALA B 63 10.09 16.46 10.46
C ALA B 63 10.35 17.51 11.55
N ARG B 64 11.03 18.61 11.15
CA ARG B 64 11.43 19.70 12.07
C ARG B 64 10.20 20.48 12.60
N SER B 65 9.17 20.60 11.74
CA SER B 65 7.94 21.34 12.05
C SER B 65 6.74 20.55 11.46
N MET A 1 -11.30 1.52 22.29
CA MET A 1 -12.01 2.15 21.16
C MET A 1 -11.01 2.91 20.29
N GLY A 2 -10.46 2.21 19.28
CA GLY A 2 -9.46 2.76 18.38
C GLY A 2 -10.09 3.48 17.21
N HIS A 3 -10.35 4.78 17.38
CA HIS A 3 -10.89 5.65 16.32
C HIS A 3 -9.88 5.75 15.16
N HIS A 4 -10.13 5.00 14.07
CA HIS A 4 -9.34 5.10 12.85
C HIS A 4 -9.59 6.46 12.18
N HIS A 5 -8.68 7.42 12.43
CA HIS A 5 -8.72 8.74 11.80
C HIS A 5 -8.25 8.62 10.33
N HIS A 6 -9.20 8.72 9.39
CA HIS A 6 -8.88 8.65 7.95
C HIS A 6 -8.39 10.04 7.49
N HIS A 7 -7.10 10.29 7.74
CA HIS A 7 -6.47 11.59 7.53
C HIS A 7 -5.25 11.46 6.61
N HIS A 8 -5.49 11.62 5.30
CA HIS A 8 -4.40 11.69 4.30
C HIS A 8 -3.86 13.13 4.27
N SER A 9 -2.68 13.31 4.90
CA SER A 9 -1.98 14.60 4.94
C SER A 9 -1.29 14.85 3.59
N HIS A 10 -0.87 16.12 3.35
CA HIS A 10 -0.22 16.56 2.09
C HIS A 10 1.07 15.72 1.81
N SER A 11 1.74 15.27 2.89
CA SER A 11 2.85 14.31 2.79
C SER A 11 2.33 12.97 2.22
N LYS A 12 2.97 12.53 1.13
CA LYS A 12 2.55 11.36 0.34
C LYS A 12 2.71 10.04 1.13
N TYR A 13 3.41 10.10 2.28
CA TYR A 13 3.52 8.97 3.24
C TYR A 13 2.18 8.78 3.98
N ALA A 14 1.58 9.89 4.44
CA ALA A 14 0.27 9.87 5.13
C ALA A 14 -0.89 9.61 4.15
N GLU A 15 -0.66 9.96 2.88
CA GLU A 15 -1.56 9.60 1.76
C GLU A 15 -1.46 8.08 1.49
N LEU A 16 -0.22 7.56 1.61
CA LEU A 16 0.10 6.15 1.34
C LEU A 16 -0.63 5.22 2.33
N LEU A 17 -0.54 5.53 3.65
CA LEU A 17 -1.27 4.78 4.71
C LEU A 17 -2.78 4.80 4.44
N ALA A 18 -3.27 6.00 4.12
CA ALA A 18 -4.70 6.28 3.94
C ALA A 18 -5.31 5.54 2.74
N ILE A 19 -4.53 5.37 1.67
CA ILE A 19 -4.97 4.62 0.48
C ILE A 19 -5.10 3.12 0.81
N ILE A 20 -4.10 2.57 1.52
CA ILE A 20 -4.03 1.13 1.82
C ILE A 20 -5.21 0.69 2.73
N GLU A 21 -5.58 1.54 3.72
CA GLU A 21 -6.75 1.27 4.61
C GLU A 21 -8.10 1.45 3.88
N GLU A 22 -8.10 2.14 2.72
CA GLU A 22 -9.29 2.23 1.85
C GLU A 22 -9.44 0.94 1.05
N LEU A 23 -8.32 0.39 0.56
CA LEU A 23 -8.24 -0.87 -0.21
C LEU A 23 -8.81 -2.05 0.60
N GLY A 24 -8.58 -2.05 1.93
CA GLY A 24 -9.11 -3.07 2.84
C GLY A 24 -10.63 -3.05 2.96
N LYS A 25 -11.20 -1.84 2.75
CA LYS A 25 -12.67 -1.64 2.76
C LYS A 25 -13.31 -2.34 1.55
N GLU A 26 -12.68 -2.22 0.37
CA GLU A 26 -13.24 -2.65 -0.93
C GLU A 26 -13.26 -4.18 -1.10
N ILE A 27 -12.62 -4.92 -0.19
CA ILE A 27 -12.50 -6.39 -0.28
C ILE A 27 -13.85 -7.09 -0.04
N ARG A 28 -14.60 -6.61 0.98
CA ARG A 28 -15.92 -7.17 1.31
C ARG A 28 -16.90 -7.17 0.07
N PRO A 29 -17.14 -5.99 -0.64
CA PRO A 29 -17.94 -5.99 -1.89
C PRO A 29 -17.25 -6.72 -3.08
N THR A 30 -15.90 -6.62 -3.20
CA THR A 30 -15.14 -7.32 -4.29
C THR A 30 -15.40 -8.86 -4.26
N TYR A 31 -15.27 -9.43 -3.06
CA TYR A 31 -15.55 -10.85 -2.79
C TYR A 31 -17.07 -11.15 -2.87
N ALA A 32 -17.90 -10.12 -2.60
CA ALA A 32 -19.38 -10.24 -2.75
C ALA A 32 -19.81 -10.31 -4.23
N GLY A 33 -18.85 -10.14 -5.18
CA GLY A 33 -19.11 -10.23 -6.62
C GLY A 33 -19.35 -8.87 -7.26
N SER A 34 -18.85 -7.80 -6.63
CA SER A 34 -18.96 -6.42 -7.15
C SER A 34 -17.72 -6.06 -7.98
N LYS A 35 -17.91 -6.04 -9.31
CA LYS A 35 -16.87 -5.64 -10.28
C LYS A 35 -16.50 -4.14 -10.13
N SER A 36 -17.40 -3.36 -9.51
CA SER A 36 -17.16 -1.94 -9.24
C SER A 36 -16.09 -1.77 -8.15
N ALA A 37 -16.14 -2.66 -7.14
CA ALA A 37 -15.27 -2.60 -5.97
C ALA A 37 -13.84 -3.01 -6.31
N MET A 38 -13.70 -4.08 -7.13
CA MET A 38 -12.37 -4.56 -7.58
C MET A 38 -11.63 -3.51 -8.42
N GLU A 39 -12.39 -2.68 -9.15
CA GLU A 39 -11.84 -1.61 -10.00
C GLU A 39 -11.37 -0.41 -9.15
N ARG A 40 -12.14 -0.03 -8.12
CA ARG A 40 -11.74 1.04 -7.16
C ARG A 40 -10.55 0.56 -6.29
N LEU A 41 -10.56 -0.74 -6.03
CA LEU A 41 -9.45 -1.45 -5.37
C LEU A 41 -8.18 -1.35 -6.25
N LYS A 42 -8.36 -1.65 -7.54
CA LYS A 42 -7.27 -1.67 -8.53
C LYS A 42 -6.61 -0.29 -8.68
N ARG A 43 -7.45 0.76 -8.78
CA ARG A 43 -6.99 2.17 -8.92
C ARG A 43 -6.07 2.54 -7.75
N GLY A 44 -6.56 2.33 -6.52
CA GLY A 44 -5.83 2.67 -5.30
C GLY A 44 -4.54 1.87 -5.13
N ILE A 45 -4.56 0.58 -5.53
CA ILE A 45 -3.36 -0.28 -5.46
C ILE A 45 -2.24 0.27 -6.38
N ILE A 46 -2.62 0.71 -7.60
CA ILE A 46 -1.69 1.35 -8.55
C ILE A 46 -1.16 2.70 -7.98
N HIS A 47 -2.09 3.50 -7.42
CA HIS A 47 -1.80 4.84 -6.85
C HIS A 47 -0.81 4.77 -5.67
N ALA A 48 -1.07 3.81 -4.75
CA ALA A 48 -0.27 3.57 -3.55
C ALA A 48 1.16 3.16 -3.93
N ARG A 49 1.27 2.32 -4.97
CA ARG A 49 2.56 1.83 -5.48
C ARG A 49 3.33 2.97 -6.17
N GLY A 50 2.57 3.93 -6.75
CA GLY A 50 3.15 5.14 -7.33
C GLY A 50 3.84 5.98 -6.25
N LEU A 51 3.20 6.04 -5.06
CA LEU A 51 3.74 6.74 -3.88
C LEU A 51 4.99 6.04 -3.35
N VAL A 52 5.00 4.70 -3.45
CA VAL A 52 6.13 3.88 -3.02
C VAL A 52 7.37 4.10 -3.93
N ARG A 53 7.13 4.15 -5.25
CA ARG A 53 8.21 4.32 -6.27
C ARG A 53 8.90 5.69 -6.15
N GLU A 54 8.11 6.74 -5.84
CA GLU A 54 8.67 8.09 -5.62
C GLU A 54 9.37 8.19 -4.24
N CYS A 55 8.96 7.35 -3.28
CA CYS A 55 9.64 7.24 -1.96
C CYS A 55 10.99 6.50 -2.11
N LEU A 56 11.06 5.58 -3.10
CA LEU A 56 12.33 4.94 -3.49
C LEU A 56 13.26 5.97 -4.16
N ALA A 57 12.69 6.77 -5.09
CA ALA A 57 13.41 7.85 -5.79
C ALA A 57 13.82 8.97 -4.81
N GLU A 58 13.07 9.12 -3.71
CA GLU A 58 13.40 10.04 -2.60
C GLU A 58 14.66 9.53 -1.89
N THR A 59 14.66 8.22 -1.56
CA THR A 59 15.80 7.54 -0.92
C THR A 59 17.02 7.48 -1.87
N GLU A 60 16.77 7.54 -3.19
CA GLU A 60 17.83 7.48 -4.22
C GLU A 60 18.65 8.80 -4.22
N ARG A 61 18.02 9.88 -3.73
CA ARG A 61 18.68 11.18 -3.49
C ARG A 61 19.52 11.12 -2.20
N ASN A 62 18.95 10.44 -1.20
CA ASN A 62 19.49 10.37 0.18
C ASN A 62 20.65 9.36 0.30
N ALA A 63 20.65 8.34 -0.56
CA ALA A 63 21.59 7.20 -0.47
C ALA A 63 21.61 6.44 -1.80
N ARG A 64 22.47 5.41 -1.86
CA ARG A 64 22.59 4.53 -3.04
C ARG A 64 23.07 3.15 -2.59
N SER A 65 23.06 2.20 -3.54
CA SER A 65 23.52 0.82 -3.35
C SER A 65 23.51 0.12 -4.73
N MET B 1 8.93 -0.79 -22.12
CA MET B 1 8.60 -1.85 -21.15
C MET B 1 9.24 -1.53 -19.79
N GLY B 2 10.54 -1.22 -19.82
CA GLY B 2 11.30 -0.88 -18.62
C GLY B 2 11.72 -2.12 -17.83
N HIS B 3 13.04 -2.36 -17.72
CA HIS B 3 13.59 -3.48 -16.96
C HIS B 3 13.19 -3.36 -15.46
N HIS B 4 12.27 -4.22 -15.04
CA HIS B 4 11.61 -4.14 -13.72
C HIS B 4 12.62 -4.38 -12.58
N HIS B 5 12.97 -3.30 -11.89
CA HIS B 5 13.96 -3.31 -10.79
C HIS B 5 13.31 -3.88 -9.52
N HIS B 6 13.72 -5.10 -9.13
CA HIS B 6 13.18 -5.81 -7.95
C HIS B 6 14.32 -6.36 -7.09
N HIS B 7 14.33 -5.88 -5.83
CA HIS B 7 15.33 -6.21 -4.81
C HIS B 7 14.87 -5.56 -3.48
N HIS B 8 15.07 -6.25 -2.36
CA HIS B 8 14.76 -5.71 -1.04
C HIS B 8 15.91 -4.80 -0.56
N SER B 9 15.77 -3.49 -0.86
CA SER B 9 16.70 -2.44 -0.41
C SER B 9 16.67 -2.28 1.12
N HIS B 10 17.62 -1.49 1.65
CA HIS B 10 17.71 -1.18 3.10
C HIS B 10 16.44 -0.44 3.58
N SER B 11 15.82 0.33 2.68
CA SER B 11 14.55 1.01 2.93
C SER B 11 13.37 0.02 2.82
N LYS B 12 12.44 0.12 3.77
CA LYS B 12 11.23 -0.73 3.86
C LYS B 12 10.21 -0.39 2.74
N TYR B 13 10.46 0.70 2.01
CA TYR B 13 9.65 1.08 0.83
C TYR B 13 9.80 0.03 -0.30
N ALA B 14 10.99 -0.58 -0.43
CA ALA B 14 11.23 -1.66 -1.41
C ALA B 14 10.49 -2.96 -1.03
N GLU B 15 10.37 -3.18 0.29
CA GLU B 15 9.53 -4.26 0.87
C GLU B 15 8.05 -3.99 0.57
N LEU B 16 7.65 -2.74 0.80
CA LEU B 16 6.27 -2.26 0.62
C LEU B 16 5.86 -2.31 -0.87
N LEU B 17 6.85 -2.08 -1.76
CA LEU B 17 6.70 -2.21 -3.21
C LEU B 17 6.30 -3.66 -3.55
N ALA B 18 7.11 -4.59 -3.02
CA ALA B 18 6.93 -6.04 -3.22
C ALA B 18 5.57 -6.55 -2.69
N ILE B 19 5.05 -5.88 -1.63
CA ILE B 19 3.73 -6.21 -1.06
C ILE B 19 2.60 -5.72 -2.00
N ILE B 20 2.59 -4.42 -2.31
CA ILE B 20 1.49 -3.78 -3.05
C ILE B 20 1.35 -4.33 -4.49
N GLU B 21 2.47 -4.67 -5.15
CA GLU B 21 2.46 -5.27 -6.50
C GLU B 21 1.97 -6.74 -6.46
N GLU B 22 2.20 -7.41 -5.31
CA GLU B 22 1.74 -8.79 -5.06
C GLU B 22 0.20 -8.80 -4.96
N LEU B 23 -0.32 -7.81 -4.22
CA LEU B 23 -1.76 -7.55 -4.07
C LEU B 23 -2.38 -7.17 -5.42
N GLY B 24 -1.56 -6.45 -6.22
CA GLY B 24 -1.92 -6.04 -7.59
C GLY B 24 -2.16 -7.20 -8.52
N LYS B 25 -1.45 -8.32 -8.28
CA LYS B 25 -1.65 -9.58 -9.05
C LYS B 25 -2.93 -10.31 -8.62
N GLU B 26 -3.27 -10.21 -7.32
CA GLU B 26 -4.33 -11.02 -6.70
C GLU B 26 -5.72 -10.34 -6.70
N ILE B 27 -5.84 -9.18 -7.37
CA ILE B 27 -7.16 -8.51 -7.58
C ILE B 27 -8.09 -9.41 -8.45
N ARG B 28 -7.51 -10.04 -9.50
CA ARG B 28 -8.25 -10.88 -10.47
C ARG B 28 -8.85 -12.16 -9.80
N PRO B 29 -8.04 -13.06 -9.09
CA PRO B 29 -8.61 -14.26 -8.41
C PRO B 29 -9.57 -13.92 -7.25
N THR B 30 -9.31 -12.80 -6.52
CA THR B 30 -10.23 -12.30 -5.46
C THR B 30 -11.63 -11.98 -6.06
N TYR B 31 -11.62 -11.27 -7.20
CA TYR B 31 -12.83 -10.99 -8.00
C TYR B 31 -13.47 -12.31 -8.51
N ALA B 32 -12.64 -13.27 -8.93
CA ALA B 32 -13.11 -14.59 -9.42
C ALA B 32 -13.83 -15.38 -8.31
N GLY B 33 -13.54 -15.01 -7.05
CA GLY B 33 -14.20 -15.58 -5.87
C GLY B 33 -13.32 -16.58 -5.14
N SER B 34 -12.01 -16.29 -5.09
CA SER B 34 -11.05 -17.11 -4.34
C SER B 34 -11.06 -16.68 -2.86
N LYS B 35 -11.54 -17.61 -2.01
CA LYS B 35 -11.54 -17.45 -0.54
C LYS B 35 -10.08 -17.39 0.00
N SER B 36 -9.15 -17.94 -0.80
CA SER B 36 -7.71 -17.86 -0.56
C SER B 36 -7.15 -16.43 -0.85
N ALA B 37 -7.36 -15.95 -2.09
CA ALA B 37 -6.74 -14.71 -2.61
C ALA B 37 -7.25 -13.45 -1.91
N MET B 38 -8.54 -13.45 -1.50
CA MET B 38 -9.15 -12.32 -0.74
C MET B 38 -8.45 -12.10 0.61
N GLU B 39 -8.05 -13.21 1.24
CA GLU B 39 -7.36 -13.20 2.55
C GLU B 39 -5.87 -12.87 2.40
N ARG B 40 -5.26 -13.28 1.27
CA ARG B 40 -3.87 -12.90 0.92
C ARG B 40 -3.79 -11.38 0.66
N LEU B 41 -4.85 -10.87 -0.01
CA LEU B 41 -5.03 -9.46 -0.34
C LEU B 41 -5.13 -8.62 0.95
N LYS B 42 -6.06 -9.03 1.83
CA LYS B 42 -6.33 -8.34 3.10
C LYS B 42 -5.15 -8.41 4.07
N ARG B 43 -4.49 -9.58 4.12
CA ARG B 43 -3.36 -9.82 5.04
C ARG B 43 -2.16 -8.95 4.65
N GLY B 44 -1.94 -8.84 3.32
CA GLY B 44 -0.90 -7.99 2.75
C GLY B 44 -1.13 -6.51 3.04
N ILE B 45 -2.40 -6.09 2.97
CA ILE B 45 -2.84 -4.71 3.30
C ILE B 45 -2.58 -4.37 4.78
N ILE B 46 -2.89 -5.31 5.68
CA ILE B 46 -2.68 -5.14 7.14
C ILE B 46 -1.17 -4.97 7.45
N HIS B 47 -0.33 -5.80 6.80
CA HIS B 47 1.14 -5.74 6.92
C HIS B 47 1.73 -4.48 6.25
N ALA B 48 1.09 -4.05 5.14
CA ALA B 48 1.51 -2.88 4.35
C ALA B 48 1.37 -1.60 5.19
N ARG B 49 0.24 -1.49 5.91
CA ARG B 49 -0.02 -0.36 6.81
C ARG B 49 1.00 -0.30 7.96
N GLY B 50 1.51 -1.47 8.39
CA GLY B 50 2.50 -1.54 9.47
C GLY B 50 3.79 -0.77 9.13
N LEU B 51 4.23 -0.94 7.87
CA LEU B 51 5.45 -0.29 7.34
C LEU B 51 5.30 1.24 7.25
N VAL B 52 4.09 1.69 6.87
CA VAL B 52 3.81 3.13 6.65
C VAL B 52 3.49 3.86 7.97
N ARG B 53 2.83 3.13 8.88
CA ARG B 53 2.37 3.68 10.18
C ARG B 53 3.56 4.00 11.10
N GLU B 54 4.57 3.10 11.14
CA GLU B 54 5.83 3.34 11.88
C GLU B 54 6.63 4.49 11.21
N CYS B 55 6.54 4.56 9.87
CA CYS B 55 7.19 5.61 9.06
C CYS B 55 6.62 6.98 9.44
N LEU B 56 5.30 7.03 9.67
CA LEU B 56 4.59 8.26 10.08
C LEU B 56 4.88 8.61 11.54
N ALA B 57 5.08 7.59 12.40
CA ALA B 57 5.50 7.78 13.80
C ALA B 57 6.91 8.44 13.86
N GLU B 58 7.72 8.18 12.83
CA GLU B 58 9.06 8.78 12.68
C GLU B 58 8.97 10.19 12.03
N THR B 59 8.09 10.31 11.00
CA THR B 59 7.82 11.58 10.27
C THR B 59 7.08 12.59 11.20
N GLU B 60 6.47 12.06 12.27
CA GLU B 60 5.79 12.85 13.32
C GLU B 60 6.80 13.76 14.02
N ARG B 61 7.98 13.19 14.32
CA ARG B 61 9.09 13.88 14.99
C ARG B 61 9.78 14.84 14.00
N ASN B 62 9.98 14.34 12.77
CA ASN B 62 10.69 15.05 11.69
C ASN B 62 9.97 16.35 11.28
N ALA B 63 8.70 16.23 10.85
CA ALA B 63 7.89 17.37 10.38
C ALA B 63 6.41 17.10 10.60
N ARG B 64 5.82 17.76 11.62
CA ARG B 64 4.38 17.69 11.90
C ARG B 64 3.69 18.95 11.34
N SER B 65 3.30 18.90 10.05
CA SER B 65 2.66 20.02 9.34
C SER B 65 2.05 19.51 8.02
N MET A 1 -20.22 27.29 10.21
CA MET A 1 -21.15 27.98 9.29
C MET A 1 -20.47 28.28 7.95
N GLY A 2 -21.25 28.14 6.85
CA GLY A 2 -20.77 28.39 5.49
C GLY A 2 -19.71 27.38 5.04
N HIS A 3 -18.46 27.82 4.95
CA HIS A 3 -17.30 26.98 4.62
C HIS A 3 -16.50 26.72 5.91
N HIS A 4 -16.37 25.45 6.31
CA HIS A 4 -15.63 25.08 7.53
C HIS A 4 -14.15 24.85 7.18
N HIS A 5 -13.24 25.49 7.96
CA HIS A 5 -11.79 25.35 7.76
C HIS A 5 -11.34 23.88 8.01
N HIS A 6 -10.85 23.25 6.95
CA HIS A 6 -10.31 21.88 6.98
C HIS A 6 -8.80 21.95 7.28
N HIS A 7 -8.21 20.81 7.69
CA HIS A 7 -6.76 20.72 7.94
C HIS A 7 -6.08 20.21 6.64
N HIS A 8 -5.55 21.15 5.85
CA HIS A 8 -4.97 20.87 4.51
C HIS A 8 -3.55 20.26 4.66
N SER A 9 -3.50 18.99 5.05
CA SER A 9 -2.26 18.26 5.31
C SER A 9 -2.28 16.92 4.54
N HIS A 10 -2.71 17.01 3.27
CA HIS A 10 -2.77 15.86 2.35
C HIS A 10 -1.35 15.59 1.77
N SER A 11 -0.51 14.96 2.60
CA SER A 11 0.88 14.58 2.27
C SER A 11 0.89 13.30 1.41
N LYS A 12 2.06 12.94 0.85
CA LYS A 12 2.26 11.65 0.15
C LYS A 12 2.08 10.47 1.13
N TYR A 13 2.49 10.69 2.39
CA TYR A 13 2.42 9.70 3.47
C TYR A 13 0.97 9.55 3.97
N ALA A 14 0.32 10.71 4.22
CA ALA A 14 -1.10 10.79 4.63
C ALA A 14 -2.02 10.17 3.56
N GLU A 15 -1.65 10.35 2.29
CA GLU A 15 -2.39 9.81 1.14
C GLU A 15 -2.19 8.29 1.05
N LEU A 16 -0.91 7.88 1.17
CA LEU A 16 -0.49 6.46 1.07
C LEU A 16 -1.22 5.60 2.11
N LEU A 17 -1.22 6.09 3.36
CA LEU A 17 -1.94 5.47 4.48
C LEU A 17 -3.43 5.33 4.17
N ALA A 18 -4.04 6.48 3.80
CA ALA A 18 -5.49 6.61 3.58
C ALA A 18 -5.98 5.71 2.43
N ILE A 19 -5.13 5.48 1.43
CA ILE A 19 -5.42 4.61 0.28
C ILE A 19 -5.51 3.16 0.74
N ILE A 20 -4.45 2.67 1.42
CA ILE A 20 -4.32 1.24 1.78
C ILE A 20 -5.48 0.77 2.71
N GLU A 21 -5.81 1.59 3.71
CA GLU A 21 -6.92 1.30 4.66
C GLU A 21 -8.30 1.42 3.98
N GLU A 22 -8.35 2.09 2.83
CA GLU A 22 -9.59 2.21 2.02
C GLU A 22 -9.77 0.94 1.18
N LEU A 23 -8.65 0.43 0.64
CA LEU A 23 -8.56 -0.82 -0.12
C LEU A 23 -9.05 -2.04 0.71
N GLY A 24 -8.89 -1.96 2.05
CA GLY A 24 -9.35 -2.98 2.98
C GLY A 24 -10.87 -3.06 3.07
N LYS A 25 -11.51 -1.90 2.86
CA LYS A 25 -12.98 -1.80 2.79
C LYS A 25 -13.52 -2.47 1.52
N GLU A 26 -12.73 -2.42 0.43
CA GLU A 26 -13.13 -2.89 -0.91
C GLU A 26 -12.92 -4.40 -1.10
N ILE A 27 -12.26 -5.06 -0.13
CA ILE A 27 -12.05 -6.54 -0.16
C ILE A 27 -13.41 -7.28 -0.16
N ARG A 28 -14.27 -6.87 0.79
CA ARG A 28 -15.60 -7.50 1.04
C ARG A 28 -16.45 -7.59 -0.28
N PRO A 29 -16.75 -6.43 -1.02
CA PRO A 29 -17.53 -6.49 -2.28
C PRO A 29 -16.73 -7.03 -3.51
N THR A 30 -15.38 -6.84 -3.57
CA THR A 30 -14.55 -7.44 -4.66
C THR A 30 -14.68 -8.98 -4.62
N TYR A 31 -14.51 -9.53 -3.41
CA TYR A 31 -14.67 -10.96 -3.13
C TYR A 31 -16.09 -11.46 -3.44
N ALA A 32 -17.07 -10.55 -3.32
CA ALA A 32 -18.49 -10.84 -3.59
C ALA A 32 -18.80 -10.83 -5.12
N GLY A 33 -17.77 -10.66 -5.98
CA GLY A 33 -17.93 -10.58 -7.43
C GLY A 33 -18.56 -9.28 -7.89
N SER A 34 -18.12 -8.15 -7.31
CA SER A 34 -18.57 -6.81 -7.74
C SER A 34 -17.50 -6.15 -8.63
N LYS A 35 -17.86 -5.89 -9.91
CA LYS A 35 -16.98 -5.24 -10.91
C LYS A 35 -16.65 -3.78 -10.50
N SER A 36 -17.49 -3.21 -9.64
CA SER A 36 -17.29 -1.88 -9.07
C SER A 36 -16.06 -1.86 -8.15
N ALA A 37 -16.08 -2.73 -7.13
CA ALA A 37 -15.10 -2.75 -6.04
C ALA A 37 -13.70 -3.13 -6.49
N MET A 38 -13.61 -4.10 -7.44
CA MET A 38 -12.32 -4.55 -8.00
C MET A 38 -11.55 -3.40 -8.69
N GLU A 39 -12.32 -2.46 -9.28
CA GLU A 39 -11.75 -1.27 -9.95
C GLU A 39 -11.30 -0.18 -8.95
N ARG A 40 -12.05 -0.05 -7.83
CA ARG A 40 -11.67 0.83 -6.71
C ARG A 40 -10.35 0.34 -6.09
N LEU A 41 -10.31 -0.98 -5.91
CA LEU A 41 -9.19 -1.71 -5.33
C LEU A 41 -7.95 -1.61 -6.25
N LYS A 42 -8.17 -1.80 -7.57
CA LYS A 42 -7.10 -1.76 -8.59
C LYS A 42 -6.47 -0.36 -8.68
N ARG A 43 -7.33 0.65 -8.81
CA ARG A 43 -6.91 2.04 -9.07
C ARG A 43 -6.09 2.57 -7.89
N GLY A 44 -6.57 2.29 -6.66
CA GLY A 44 -5.91 2.70 -5.43
C GLY A 44 -4.54 2.05 -5.25
N ILE A 45 -4.46 0.76 -5.57
CA ILE A 45 -3.18 -0.01 -5.49
C ILE A 45 -2.10 0.58 -6.41
N ILE A 46 -2.46 0.86 -7.67
CA ILE A 46 -1.55 1.48 -8.66
C ILE A 46 -1.09 2.88 -8.16
N HIS A 47 -2.06 3.63 -7.64
CA HIS A 47 -1.85 4.98 -7.09
C HIS A 47 -0.87 4.97 -5.89
N ALA A 48 -1.09 4.02 -4.96
CA ALA A 48 -0.30 3.86 -3.73
C ALA A 48 1.14 3.43 -4.04
N ARG A 49 1.29 2.60 -5.09
CA ARG A 49 2.59 2.08 -5.55
C ARG A 49 3.45 3.22 -6.12
N GLY A 50 2.77 4.19 -6.79
CA GLY A 50 3.42 5.38 -7.37
C GLY A 50 4.02 6.28 -6.30
N LEU A 51 3.37 6.34 -5.13
CA LEU A 51 3.82 7.13 -3.97
C LEU A 51 5.07 6.49 -3.34
N VAL A 52 5.08 5.14 -3.30
CA VAL A 52 6.22 4.37 -2.77
C VAL A 52 7.44 4.46 -3.72
N ARG A 53 7.17 4.55 -5.04
CA ARG A 53 8.23 4.75 -6.07
C ARG A 53 8.89 6.12 -5.90
N GLU A 54 8.06 7.13 -5.56
CA GLU A 54 8.54 8.51 -5.31
C GLU A 54 9.32 8.59 -3.97
N CYS A 55 8.91 7.75 -3.00
CA CYS A 55 9.56 7.63 -1.69
C CYS A 55 10.94 6.96 -1.83
N LEU A 56 11.04 5.96 -2.74
CA LEU A 56 12.29 5.22 -3.02
C LEU A 56 13.22 6.01 -3.93
N ALA A 57 12.65 6.80 -4.84
CA ALA A 57 13.38 7.71 -5.73
C ALA A 57 14.11 8.79 -4.90
N GLU A 58 13.45 9.22 -3.80
CA GLU A 58 14.00 10.22 -2.88
C GLU A 58 15.10 9.58 -1.99
N THR A 59 14.80 8.39 -1.43
CA THR A 59 15.75 7.57 -0.64
C THR A 59 16.96 7.12 -1.51
N GLU A 60 16.79 7.15 -2.85
CA GLU A 60 17.89 6.89 -3.81
C GLU A 60 18.88 8.06 -3.80
N ARG A 61 18.32 9.29 -3.78
CA ARG A 61 19.08 10.55 -3.83
C ARG A 61 19.77 10.81 -2.48
N ASN A 62 19.13 10.34 -1.39
CA ASN A 62 19.50 10.72 0.00
C ASN A 62 20.03 9.52 0.84
N ALA A 63 20.24 8.37 0.18
CA ALA A 63 20.73 7.15 0.87
C ALA A 63 21.21 6.09 -0.13
N ARG A 64 21.67 4.95 0.42
CA ARG A 64 22.08 3.75 -0.32
C ARG A 64 21.48 2.53 0.42
N SER A 65 20.16 2.64 0.68
CA SER A 65 19.40 1.64 1.44
C SER A 65 19.30 0.29 0.65
N MET B 1 25.94 -21.80 -10.83
CA MET B 1 25.97 -23.11 -10.15
C MET B 1 26.36 -22.92 -8.67
N GLY B 2 25.65 -23.61 -7.76
CA GLY B 2 25.93 -23.57 -6.32
C GLY B 2 25.02 -22.62 -5.56
N HIS B 3 25.40 -21.32 -5.53
CA HIS B 3 24.67 -20.25 -4.81
C HIS B 3 24.58 -19.00 -5.67
N HIS B 4 23.49 -18.24 -5.49
CA HIS B 4 23.30 -16.90 -6.07
C HIS B 4 23.18 -15.88 -4.93
N HIS B 5 24.31 -15.25 -4.59
CA HIS B 5 24.40 -14.26 -3.51
C HIS B 5 23.72 -12.95 -3.94
N HIS B 6 22.66 -12.59 -3.22
CA HIS B 6 21.91 -11.34 -3.46
C HIS B 6 22.57 -10.19 -2.69
N HIS B 7 22.87 -9.08 -3.41
CA HIS B 7 23.32 -7.83 -2.76
C HIS B 7 22.22 -7.33 -1.80
N HIS B 8 22.49 -7.40 -0.48
CA HIS B 8 21.50 -7.11 0.57
C HIS B 8 21.18 -5.60 0.61
N SER B 9 20.24 -5.20 -0.26
CA SER B 9 19.81 -3.82 -0.42
C SER B 9 18.27 -3.78 -0.41
N HIS B 10 17.70 -3.42 0.75
CA HIS B 10 16.24 -3.37 0.97
C HIS B 10 15.88 -2.22 1.93
N SER B 11 14.58 -2.06 2.17
CA SER B 11 14.01 -1.02 3.03
C SER B 11 12.58 -1.42 3.41
N LYS B 12 12.03 -0.82 4.48
CA LYS B 12 10.62 -1.04 4.86
C LYS B 12 9.68 -0.44 3.79
N TYR B 13 10.21 0.53 3.01
CA TYR B 13 9.53 1.12 1.86
C TYR B 13 9.58 0.17 0.64
N ALA B 14 10.75 -0.47 0.45
CA ALA B 14 10.94 -1.50 -0.62
C ALA B 14 10.03 -2.72 -0.38
N GLU B 15 9.84 -3.05 0.90
CA GLU B 15 8.92 -4.12 1.35
C GLU B 15 7.46 -3.71 1.08
N LEU B 16 7.15 -2.45 1.42
CA LEU B 16 5.83 -1.83 1.22
C LEU B 16 5.45 -1.86 -0.27
N LEU B 17 6.45 -1.59 -1.12
CA LEU B 17 6.35 -1.67 -2.59
C LEU B 17 5.94 -3.08 -3.03
N ALA B 18 6.73 -4.07 -2.58
CA ALA B 18 6.56 -5.51 -2.93
C ALA B 18 5.17 -6.03 -2.53
N ILE B 19 4.65 -5.52 -1.40
CA ILE B 19 3.31 -5.86 -0.92
C ILE B 19 2.24 -5.31 -1.87
N ILE B 20 2.26 -3.99 -2.11
CA ILE B 20 1.19 -3.28 -2.84
C ILE B 20 1.02 -3.84 -4.28
N GLU B 21 2.15 -4.05 -4.99
CA GLU B 21 2.12 -4.62 -6.36
C GLU B 21 1.61 -6.07 -6.38
N GLU B 22 1.88 -6.83 -5.30
CA GLU B 22 1.35 -8.20 -5.13
C GLU B 22 -0.18 -8.17 -4.98
N LEU B 23 -0.66 -7.20 -4.17
CA LEU B 23 -2.11 -7.01 -3.90
C LEU B 23 -2.88 -6.80 -5.21
N GLY B 24 -2.23 -6.01 -6.11
CA GLY B 24 -2.76 -5.72 -7.44
C GLY B 24 -3.01 -6.97 -8.27
N LYS B 25 -2.15 -7.98 -8.10
CA LYS B 25 -2.24 -9.25 -8.84
C LYS B 25 -3.33 -10.17 -8.27
N GLU B 26 -3.59 -10.06 -6.94
CA GLU B 26 -4.52 -10.97 -6.23
C GLU B 26 -5.98 -10.51 -6.34
N ILE B 27 -6.21 -9.32 -6.94
CA ILE B 27 -7.57 -8.75 -7.12
C ILE B 27 -8.51 -9.65 -7.95
N ARG B 28 -8.02 -10.16 -9.10
CA ARG B 28 -8.83 -10.96 -10.04
C ARG B 28 -9.24 -12.35 -9.47
N PRO B 29 -8.31 -13.15 -8.84
CA PRO B 29 -8.72 -14.39 -8.12
C PRO B 29 -9.73 -14.10 -6.96
N THR B 30 -9.52 -12.99 -6.20
CA THR B 30 -10.47 -12.54 -5.15
C THR B 30 -11.87 -12.26 -5.76
N TYR B 31 -11.86 -11.58 -6.91
CA TYR B 31 -13.06 -11.26 -7.71
C TYR B 31 -13.78 -12.54 -8.20
N ALA B 32 -12.99 -13.60 -8.47
CA ALA B 32 -13.50 -14.93 -8.85
C ALA B 32 -14.01 -15.71 -7.63
N GLY B 33 -13.77 -15.18 -6.42
CA GLY B 33 -14.26 -15.76 -5.16
C GLY B 33 -13.30 -16.79 -4.58
N SER B 34 -11.99 -16.52 -4.73
CA SER B 34 -10.92 -17.38 -4.19
C SER B 34 -10.51 -16.83 -2.81
N LYS B 35 -10.79 -17.61 -1.74
CA LYS B 35 -10.54 -17.15 -0.36
C LYS B 35 -9.04 -16.96 -0.10
N SER B 36 -8.19 -17.86 -0.62
CA SER B 36 -6.73 -17.79 -0.41
C SER B 36 -6.16 -16.47 -0.97
N ALA B 37 -6.80 -15.97 -2.04
CA ALA B 37 -6.42 -14.72 -2.72
C ALA B 37 -6.79 -13.49 -1.90
N MET B 38 -8.03 -13.48 -1.35
CA MET B 38 -8.51 -12.37 -0.48
C MET B 38 -7.75 -12.36 0.86
N GLU B 39 -7.23 -13.53 1.27
CA GLU B 39 -6.39 -13.66 2.49
C GLU B 39 -4.97 -13.11 2.24
N ARG B 40 -4.44 -13.30 1.02
CA ARG B 40 -3.15 -12.67 0.59
C ARG B 40 -3.33 -11.14 0.53
N LEU B 41 -4.49 -10.75 0.02
CA LEU B 41 -4.92 -9.36 -0.13
C LEU B 41 -5.09 -8.70 1.27
N LYS B 42 -5.76 -9.41 2.18
CA LYS B 42 -6.09 -8.92 3.53
C LYS B 42 -4.84 -8.80 4.39
N ARG B 43 -4.05 -9.89 4.44
CA ARG B 43 -2.77 -9.97 5.18
C ARG B 43 -1.82 -8.85 4.73
N GLY B 44 -1.76 -8.67 3.40
CA GLY B 44 -0.93 -7.65 2.78
C GLY B 44 -1.35 -6.23 3.13
N ILE B 45 -2.67 -5.95 3.04
CA ILE B 45 -3.24 -4.60 3.30
C ILE B 45 -3.03 -4.18 4.77
N ILE B 46 -3.30 -5.09 5.72
CA ILE B 46 -3.09 -4.84 7.17
C ILE B 46 -1.59 -4.52 7.44
N HIS B 47 -0.70 -5.38 6.89
CA HIS B 47 0.76 -5.23 7.03
C HIS B 47 1.26 -3.94 6.37
N ALA B 48 0.71 -3.61 5.19
CA ALA B 48 1.13 -2.45 4.37
C ALA B 48 0.76 -1.13 5.06
N ARG B 49 -0.48 -1.09 5.61
CA ARG B 49 -0.98 0.03 6.43
C ARG B 49 -0.04 0.23 7.64
N GLY B 50 0.37 -0.90 8.23
CA GLY B 50 1.29 -0.94 9.36
C GLY B 50 2.69 -0.44 8.99
N LEU B 51 3.13 -0.70 7.74
CA LEU B 51 4.43 -0.21 7.23
C LEU B 51 4.42 1.31 7.05
N VAL B 52 3.23 1.86 6.73
CA VAL B 52 3.03 3.32 6.64
C VAL B 52 2.91 3.93 8.06
N ARG B 53 2.35 3.16 9.03
CA ARG B 53 2.24 3.60 10.44
C ARG B 53 3.64 3.77 11.07
N GLU B 54 4.52 2.77 10.86
CA GLU B 54 5.91 2.79 11.38
C GLU B 54 6.77 3.80 10.59
N CYS B 55 6.41 4.00 9.30
CA CYS B 55 7.00 5.05 8.44
C CYS B 55 6.70 6.43 9.04
N LEU B 56 5.42 6.65 9.41
CA LEU B 56 4.93 7.90 10.00
C LEU B 56 5.55 8.15 11.38
N ALA B 57 5.73 7.07 12.15
CA ALA B 57 6.40 7.10 13.47
C ALA B 57 7.83 7.66 13.33
N GLU B 58 8.54 7.18 12.30
CA GLU B 58 9.94 7.57 12.03
C GLU B 58 10.02 8.97 11.35
N THR B 59 9.07 9.26 10.45
CA THR B 59 9.02 10.53 9.70
C THR B 59 8.62 11.70 10.62
N GLU B 60 7.86 11.38 11.68
CA GLU B 60 7.43 12.36 12.70
C GLU B 60 8.63 12.77 13.59
N ARG B 61 9.64 11.90 13.63
CA ARG B 61 10.94 12.20 14.27
C ARG B 61 11.82 12.98 13.28
N ASN B 62 11.77 12.57 12.00
CA ASN B 62 12.64 13.09 10.92
C ASN B 62 12.26 14.53 10.54
N ALA B 63 11.17 14.68 9.78
CA ALA B 63 10.70 15.97 9.26
C ALA B 63 9.18 15.96 9.14
N ARG B 64 8.54 17.06 9.58
CA ARG B 64 7.08 17.22 9.58
C ARG B 64 6.56 17.40 8.14
N SER B 65 6.23 16.26 7.51
CA SER B 65 5.68 16.21 6.16
C SER B 65 4.17 15.88 6.27
N MET A 1 -13.58 0.93 12.72
CA MET A 1 -13.25 2.30 13.16
C MET A 1 -13.59 2.48 14.65
N GLY A 2 -13.31 3.68 15.17
CA GLY A 2 -13.57 4.03 16.57
C GLY A 2 -13.67 5.53 16.76
N HIS A 3 -13.84 5.97 18.01
CA HIS A 3 -14.03 7.38 18.36
C HIS A 3 -12.69 8.12 18.26
N HIS A 4 -12.47 8.81 17.12
CA HIS A 4 -11.21 9.51 16.80
C HIS A 4 -11.48 10.99 16.48
N HIS A 5 -10.47 11.82 16.71
CA HIS A 5 -10.47 13.24 16.26
C HIS A 5 -10.16 13.29 14.75
N HIS A 6 -10.58 14.36 14.06
CA HIS A 6 -10.24 14.57 12.64
C HIS A 6 -8.77 15.03 12.52
N HIS A 7 -7.85 14.07 12.73
CA HIS A 7 -6.41 14.32 12.64
C HIS A 7 -5.99 14.27 11.17
N HIS A 8 -6.06 15.45 10.52
CA HIS A 8 -5.72 15.60 9.10
C HIS A 8 -4.19 15.50 8.93
N SER A 9 -3.70 14.25 8.90
CA SER A 9 -2.28 13.95 8.70
C SER A 9 -1.84 14.45 7.31
N HIS A 10 -0.83 15.32 7.28
CA HIS A 10 -0.37 15.99 6.06
C HIS A 10 1.02 15.46 5.66
N SER A 11 1.02 14.53 4.70
CA SER A 11 2.24 13.97 4.10
C SER A 11 1.84 13.05 2.93
N LYS A 12 2.82 12.71 2.08
CA LYS A 12 2.64 11.72 0.99
C LYS A 12 2.53 10.29 1.56
N TYR A 13 3.09 10.11 2.78
CA TYR A 13 2.91 8.88 3.57
C TYR A 13 1.48 8.82 4.13
N ALA A 14 0.94 9.98 4.50
CA ALA A 14 -0.46 10.12 4.97
C ALA A 14 -1.45 9.85 3.84
N GLU A 15 -1.04 10.12 2.58
CA GLU A 15 -1.82 9.79 1.39
C GLU A 15 -1.77 8.26 1.17
N LEU A 16 -0.55 7.73 1.29
CA LEU A 16 -0.25 6.30 1.13
C LEU A 16 -1.07 5.45 2.14
N LEU A 17 -1.08 5.92 3.39
CA LEU A 17 -1.84 5.34 4.50
C LEU A 17 -3.35 5.34 4.22
N ALA A 18 -3.86 6.53 3.86
CA ALA A 18 -5.30 6.77 3.61
C ALA A 18 -5.84 5.94 2.45
N ILE A 19 -4.98 5.70 1.46
CA ILE A 19 -5.27 4.81 0.33
C ILE A 19 -5.41 3.36 0.85
N ILE A 20 -4.36 2.87 1.53
CA ILE A 20 -4.23 1.45 1.93
C ILE A 20 -5.35 1.01 2.91
N GLU A 21 -5.61 1.82 3.96
CA GLU A 21 -6.67 1.53 4.95
C GLU A 21 -8.08 1.50 4.32
N GLU A 22 -8.21 2.14 3.14
CA GLU A 22 -9.46 2.14 2.37
C GLU A 22 -9.53 0.88 1.50
N LEU A 23 -8.39 0.48 0.89
CA LEU A 23 -8.25 -0.74 0.07
C LEU A 23 -8.70 -2.00 0.83
N GLY A 24 -8.47 -2.02 2.16
CA GLY A 24 -8.92 -3.12 3.03
C GLY A 24 -10.44 -3.20 3.10
N LYS A 25 -11.06 -2.01 3.09
CA LYS A 25 -12.53 -1.87 3.10
C LYS A 25 -13.14 -2.33 1.77
N GLU A 26 -12.37 -2.26 0.66
CA GLU A 26 -12.82 -2.57 -0.70
C GLU A 26 -12.88 -4.07 -0.97
N ILE A 27 -12.22 -4.87 -0.11
CA ILE A 27 -12.15 -6.33 -0.25
C ILE A 27 -13.54 -6.97 -0.09
N ARG A 28 -14.32 -6.46 0.90
CA ARG A 28 -15.69 -6.95 1.19
C ARG A 28 -16.61 -6.94 -0.07
N PRO A 29 -16.86 -5.76 -0.78
CA PRO A 29 -17.69 -5.74 -2.02
C PRO A 29 -16.98 -6.41 -3.24
N THR A 30 -15.64 -6.31 -3.33
CA THR A 30 -14.86 -7.00 -4.40
C THR A 30 -15.10 -8.53 -4.38
N TYR A 31 -15.01 -9.11 -3.17
CA TYR A 31 -15.22 -10.55 -2.95
C TYR A 31 -16.73 -10.90 -3.03
N ALA A 32 -17.59 -9.86 -2.88
CA ALA A 32 -19.05 -9.99 -3.05
C ALA A 32 -19.48 -9.91 -4.54
N GLY A 33 -18.49 -9.81 -5.46
CA GLY A 33 -18.75 -9.84 -6.90
C GLY A 33 -19.04 -8.47 -7.52
N SER A 34 -18.56 -7.39 -6.88
CA SER A 34 -18.73 -6.01 -7.41
C SER A 34 -17.62 -5.68 -8.41
N LYS A 35 -18.04 -5.35 -9.64
CA LYS A 35 -17.15 -4.91 -10.72
C LYS A 35 -16.67 -3.45 -10.48
N SER A 36 -17.43 -2.72 -9.65
CA SER A 36 -17.09 -1.33 -9.26
C SER A 36 -15.93 -1.32 -8.25
N ALA A 37 -16.12 -2.08 -7.15
CA ALA A 37 -15.22 -2.08 -5.98
C ALA A 37 -13.83 -2.62 -6.31
N MET A 38 -13.77 -3.65 -7.17
CA MET A 38 -12.51 -4.30 -7.57
C MET A 38 -11.61 -3.32 -8.35
N GLU A 39 -12.23 -2.40 -9.10
CA GLU A 39 -11.50 -1.37 -9.87
C GLU A 39 -11.00 -0.25 -8.96
N ARG A 40 -11.77 0.10 -7.93
CA ARG A 40 -11.34 1.11 -6.93
C ARG A 40 -10.20 0.55 -6.07
N LEU A 41 -10.32 -0.75 -5.77
CA LEU A 41 -9.30 -1.52 -5.05
C LEU A 41 -8.00 -1.60 -5.88
N LYS A 42 -8.16 -1.89 -7.18
CA LYS A 42 -7.04 -2.04 -8.13
C LYS A 42 -6.28 -0.73 -8.32
N ARG A 43 -7.00 0.28 -8.78
CA ARG A 43 -6.42 1.56 -9.21
C ARG A 43 -5.84 2.34 -8.02
N GLY A 44 -6.40 2.12 -6.81
CA GLY A 44 -5.85 2.64 -5.57
C GLY A 44 -4.56 1.94 -5.18
N ILE A 45 -4.52 0.61 -5.36
CA ILE A 45 -3.28 -0.20 -5.16
C ILE A 45 -2.15 0.31 -6.10
N ILE A 46 -2.49 0.50 -7.38
CA ILE A 46 -1.55 1.00 -8.40
C ILE A 46 -1.06 2.42 -8.04
N HIS A 47 -1.98 3.27 -7.54
CA HIS A 47 -1.66 4.64 -7.07
C HIS A 47 -0.72 4.61 -5.86
N ALA A 48 -0.99 3.71 -4.91
CA ALA A 48 -0.16 3.49 -3.70
C ALA A 48 1.26 3.05 -4.10
N ARG A 49 1.35 2.24 -5.17
CA ARG A 49 2.62 1.75 -5.74
C ARG A 49 3.39 2.90 -6.41
N GLY A 50 2.63 3.84 -7.00
CA GLY A 50 3.19 5.03 -7.64
C GLY A 50 3.83 5.96 -6.63
N LEU A 51 3.18 6.08 -5.45
CA LEU A 51 3.72 6.84 -4.30
C LEU A 51 5.03 6.22 -3.80
N VAL A 52 5.07 4.87 -3.79
CA VAL A 52 6.26 4.13 -3.36
C VAL A 52 7.44 4.35 -4.35
N ARG A 53 7.15 4.46 -5.67
CA ARG A 53 8.16 4.71 -6.73
C ARG A 53 8.90 6.03 -6.50
N GLU A 54 8.12 7.10 -6.32
CA GLU A 54 8.66 8.47 -6.12
C GLU A 54 9.29 8.63 -4.72
N CYS A 55 8.76 7.87 -3.73
CA CYS A 55 9.33 7.83 -2.37
C CYS A 55 10.68 7.07 -2.36
N LEU A 56 10.83 6.05 -3.21
CA LEU A 56 12.10 5.32 -3.36
C LEU A 56 13.14 6.22 -4.04
N ALA A 57 12.73 6.88 -5.14
CA ALA A 57 13.58 7.79 -5.94
C ALA A 57 14.16 8.94 -5.08
N GLU A 58 13.36 9.40 -4.10
CA GLU A 58 13.73 10.51 -3.21
C GLU A 58 14.55 10.02 -1.99
N THR A 59 13.96 9.09 -1.22
CA THR A 59 14.52 8.59 0.06
C THR A 59 15.85 7.82 -0.13
N GLU A 60 16.06 7.25 -1.35
CA GLU A 60 17.33 6.58 -1.70
C GLU A 60 18.49 7.58 -1.59
N ARG A 61 18.30 8.76 -2.18
CA ARG A 61 19.29 9.85 -2.19
C ARG A 61 19.33 10.60 -0.83
N ASN A 62 18.25 10.45 -0.04
CA ASN A 62 18.08 11.18 1.25
C ASN A 62 18.43 10.27 2.47
N ALA A 63 18.73 8.99 2.19
CA ALA A 63 19.00 7.97 3.23
C ALA A 63 19.94 6.87 2.69
N ARG A 64 20.05 5.74 3.43
CA ARG A 64 20.93 4.61 3.07
C ARG A 64 20.09 3.46 2.44
N SER A 65 19.12 2.93 3.21
CA SER A 65 18.21 1.86 2.78
C SER A 65 17.07 1.70 3.84
N MET B 1 4.29 -6.36 -16.76
CA MET B 1 5.29 -7.15 -16.02
C MET B 1 6.21 -7.88 -17.02
N GLY B 2 7.54 -7.84 -16.76
CA GLY B 2 8.51 -8.47 -17.64
C GLY B 2 9.94 -8.30 -17.15
N HIS B 3 10.63 -7.26 -17.65
CA HIS B 3 12.04 -6.97 -17.29
C HIS B 3 12.09 -6.16 -15.99
N HIS B 4 12.74 -6.73 -14.96
CA HIS B 4 12.89 -6.11 -13.64
C HIS B 4 14.26 -6.51 -13.06
N HIS B 5 15.13 -5.51 -12.87
CA HIS B 5 16.49 -5.72 -12.36
C HIS B 5 16.43 -6.15 -10.88
N HIS B 6 16.83 -7.41 -10.59
CA HIS B 6 16.84 -7.97 -9.23
C HIS B 6 18.00 -7.38 -8.41
N HIS B 7 17.74 -6.21 -7.82
CA HIS B 7 18.56 -5.59 -6.78
C HIS B 7 17.59 -4.96 -5.79
N HIS B 8 16.90 -5.84 -5.05
CA HIS B 8 15.91 -5.42 -4.04
C HIS B 8 16.64 -4.79 -2.87
N SER B 9 16.33 -3.51 -2.61
CA SER B 9 16.93 -2.74 -1.50
C SER B 9 16.15 -3.08 -0.22
N HIS B 10 16.85 -3.34 0.89
CA HIS B 10 16.20 -3.60 2.19
C HIS B 10 15.66 -2.27 2.74
N SER B 11 14.47 -1.91 2.25
CA SER B 11 13.82 -0.63 2.52
C SER B 11 12.34 -0.87 2.77
N LYS B 12 11.79 -0.26 3.83
CA LYS B 12 10.37 -0.43 4.22
C LYS B 12 9.38 -0.04 3.09
N TYR B 13 9.86 0.82 2.17
CA TYR B 13 9.11 1.20 0.96
C TYR B 13 9.25 0.10 -0.11
N ALA B 14 10.47 -0.47 -0.25
CA ALA B 14 10.78 -1.51 -1.25
C ALA B 14 10.01 -2.82 -0.98
N GLU B 15 10.00 -3.30 0.28
CA GLU B 15 9.16 -4.44 0.69
C GLU B 15 7.68 -4.14 0.42
N LEU B 16 7.28 -2.90 0.77
CA LEU B 16 5.91 -2.39 0.57
C LEU B 16 5.53 -2.40 -0.94
N LEU B 17 6.50 -2.06 -1.80
CA LEU B 17 6.34 -2.05 -3.27
C LEU B 17 5.97 -3.45 -3.78
N ALA B 18 6.77 -4.43 -3.35
CA ALA B 18 6.64 -5.85 -3.72
C ALA B 18 5.32 -6.46 -3.19
N ILE B 19 4.88 -5.98 -2.01
CA ILE B 19 3.60 -6.40 -1.41
C ILE B 19 2.44 -5.85 -2.26
N ILE B 20 2.46 -4.54 -2.52
CA ILE B 20 1.37 -3.82 -3.21
C ILE B 20 1.09 -4.40 -4.62
N GLU B 21 2.17 -4.63 -5.41
CA GLU B 21 2.03 -5.21 -6.77
C GLU B 21 1.61 -6.69 -6.74
N GLU B 22 1.85 -7.38 -5.60
CA GLU B 22 1.30 -8.72 -5.36
C GLU B 22 -0.23 -8.63 -5.16
N LEU B 23 -0.64 -7.63 -4.35
CA LEU B 23 -2.06 -7.42 -3.97
C LEU B 23 -2.94 -7.16 -5.19
N GLY B 24 -2.43 -6.30 -6.12
CA GLY B 24 -3.11 -6.00 -7.39
C GLY B 24 -3.37 -7.22 -8.25
N LYS B 25 -2.46 -8.21 -8.13
CA LYS B 25 -2.60 -9.52 -8.79
C LYS B 25 -3.60 -10.41 -8.03
N GLU B 26 -3.62 -10.30 -6.68
CA GLU B 26 -4.49 -11.14 -5.82
C GLU B 26 -5.99 -10.74 -5.95
N ILE B 27 -6.26 -9.53 -6.47
CA ILE B 27 -7.64 -9.05 -6.72
C ILE B 27 -8.39 -9.96 -7.72
N ARG B 28 -7.69 -10.37 -8.79
CA ARG B 28 -8.27 -11.14 -9.90
C ARG B 28 -8.83 -12.52 -9.42
N PRO B 29 -8.04 -13.40 -8.69
CA PRO B 29 -8.58 -14.65 -8.13
C PRO B 29 -9.62 -14.39 -7.00
N THR B 30 -9.42 -13.34 -6.18
CA THR B 30 -10.41 -12.92 -5.13
C THR B 30 -11.81 -12.69 -5.75
N TYR B 31 -11.82 -11.94 -6.86
CA TYR B 31 -13.03 -11.62 -7.62
C TYR B 31 -13.59 -12.88 -8.32
N ALA B 32 -12.70 -13.82 -8.66
CA ALA B 32 -13.06 -15.11 -9.28
C ALA B 32 -13.61 -16.12 -8.24
N GLY B 33 -13.50 -15.78 -6.94
CA GLY B 33 -14.05 -16.60 -5.84
C GLY B 33 -13.02 -17.50 -5.16
N SER B 34 -11.74 -17.14 -5.28
CA SER B 34 -10.62 -17.82 -4.60
C SER B 34 -10.39 -17.17 -3.24
N LYS B 35 -10.52 -17.97 -2.16
CA LYS B 35 -10.29 -17.50 -0.80
C LYS B 35 -8.79 -17.36 -0.51
N SER B 36 -7.96 -18.14 -1.23
CA SER B 36 -6.49 -18.12 -1.05
C SER B 36 -5.91 -16.72 -1.38
N ALA B 37 -6.50 -16.08 -2.39
CA ALA B 37 -6.09 -14.77 -2.89
C ALA B 37 -6.51 -13.65 -1.93
N MET B 38 -7.77 -13.70 -1.43
CA MET B 38 -8.30 -12.66 -0.50
C MET B 38 -7.56 -12.69 0.85
N GLU B 39 -7.02 -13.86 1.23
CA GLU B 39 -6.19 -14.02 2.43
C GLU B 39 -4.87 -13.21 2.27
N ARG B 40 -4.21 -13.37 1.12
CA ARG B 40 -2.94 -12.67 0.81
C ARG B 40 -3.19 -11.17 0.57
N LEU B 41 -4.36 -10.87 0.00
CA LEU B 41 -4.81 -9.50 -0.30
C LEU B 41 -5.03 -8.73 1.01
N LYS B 42 -5.79 -9.35 1.92
CA LYS B 42 -6.20 -8.72 3.20
C LYS B 42 -5.03 -8.58 4.17
N ARG B 43 -4.26 -9.68 4.35
CA ARG B 43 -3.07 -9.71 5.22
C ARG B 43 -2.02 -8.71 4.72
N GLY B 44 -1.88 -8.63 3.39
CA GLY B 44 -0.92 -7.74 2.76
C GLY B 44 -1.27 -6.26 2.90
N ILE B 45 -2.56 -5.94 2.71
CA ILE B 45 -3.08 -4.55 2.84
C ILE B 45 -2.97 -4.06 4.30
N ILE B 46 -3.40 -4.88 5.26
CA ILE B 46 -3.32 -4.53 6.69
C ILE B 46 -1.85 -4.39 7.15
N HIS B 47 -0.98 -5.28 6.66
CA HIS B 47 0.49 -5.21 6.91
C HIS B 47 1.09 -3.95 6.26
N ALA B 48 0.56 -3.60 5.08
CA ALA B 48 1.00 -2.42 4.31
C ALA B 48 0.71 -1.13 5.09
N ARG B 49 -0.51 -1.07 5.67
CA ARG B 49 -0.93 0.04 6.56
C ARG B 49 0.00 0.11 7.79
N GLY B 50 0.36 -1.07 8.32
CA GLY B 50 1.25 -1.19 9.48
C GLY B 50 2.65 -0.66 9.20
N LEU B 51 3.14 -0.90 7.97
CA LEU B 51 4.44 -0.37 7.50
C LEU B 51 4.45 1.16 7.49
N VAL B 52 3.34 1.75 7.00
CA VAL B 52 3.20 3.22 6.89
C VAL B 52 3.00 3.87 8.27
N ARG B 53 2.39 3.14 9.22
CA ARG B 53 2.26 3.57 10.63
C ARG B 53 3.66 3.79 11.25
N GLU B 54 4.57 2.85 10.99
CA GLU B 54 5.97 2.90 11.45
C GLU B 54 6.73 4.05 10.74
N CYS B 55 6.47 4.21 9.43
CA CYS B 55 7.10 5.26 8.59
C CYS B 55 6.75 6.68 9.11
N LEU B 56 5.46 6.88 9.39
CA LEU B 56 4.91 8.16 9.90
C LEU B 56 5.46 8.50 11.30
N ALA B 57 5.66 7.46 12.14
CA ALA B 57 6.23 7.64 13.51
C ALA B 57 7.66 8.23 13.44
N GLU B 58 8.46 7.73 12.47
CA GLU B 58 9.83 8.20 12.23
C GLU B 58 9.85 9.60 11.60
N THR B 59 8.96 9.80 10.60
CA THR B 59 8.82 11.06 9.87
C THR B 59 8.37 12.20 10.82
N GLU B 60 7.46 11.87 11.74
CA GLU B 60 6.80 12.83 12.67
C GLU B 60 7.85 13.69 13.43
N ARG B 61 8.90 13.02 13.91
CA ARG B 61 9.97 13.65 14.71
C ARG B 61 11.06 14.27 13.81
N ASN B 62 11.23 13.71 12.59
CA ASN B 62 12.33 14.11 11.68
C ASN B 62 11.84 15.08 10.57
N ALA B 63 11.07 14.56 9.59
CA ALA B 63 10.66 15.30 8.38
C ALA B 63 9.25 15.91 8.53
N ARG B 64 9.06 17.10 7.95
CA ARG B 64 7.77 17.83 7.95
C ARG B 64 7.08 17.76 6.57
N SER B 65 7.71 17.05 5.63
CA SER B 65 7.20 16.87 4.25
C SER B 65 6.34 15.58 4.16
N MET A 1 -13.41 0.70 16.63
CA MET A 1 -12.64 1.09 15.44
C MET A 1 -12.80 2.61 15.22
N GLY A 2 -11.96 3.39 15.95
CA GLY A 2 -12.03 4.85 15.94
C GLY A 2 -11.26 5.46 14.77
N HIS A 3 -11.68 5.14 13.54
CA HIS A 3 -11.08 5.68 12.30
C HIS A 3 -12.15 6.46 11.50
N HIS A 4 -13.23 6.85 12.20
CA HIS A 4 -14.39 7.55 11.59
C HIS A 4 -13.97 8.92 11.03
N HIS A 5 -13.05 9.59 11.71
CA HIS A 5 -12.40 10.83 11.24
C HIS A 5 -11.01 10.53 10.68
N HIS A 6 -10.41 11.53 10.02
CA HIS A 6 -9.04 11.46 9.47
C HIS A 6 -8.49 12.89 9.28
N HIS A 7 -7.19 13.07 9.55
CA HIS A 7 -6.48 14.33 9.29
C HIS A 7 -6.21 14.45 7.78
N HIS A 8 -7.14 15.12 7.07
CA HIS A 8 -7.08 15.30 5.61
C HIS A 8 -6.01 16.34 5.23
N SER A 9 -4.75 15.89 5.23
CA SER A 9 -3.58 16.70 4.91
C SER A 9 -3.10 16.34 3.50
N HIS A 10 -3.03 17.32 2.58
CA HIS A 10 -2.53 17.10 1.21
C HIS A 10 -1.02 16.80 1.26
N SER A 11 -0.71 15.51 1.34
CA SER A 11 0.65 14.99 1.58
C SER A 11 0.67 13.50 1.25
N LYS A 12 1.72 13.04 0.54
CA LYS A 12 1.74 11.72 -0.13
C LYS A 12 1.88 10.52 0.84
N TYR A 13 2.46 10.74 2.03
CA TYR A 13 2.59 9.68 3.07
C TYR A 13 1.23 9.45 3.76
N ALA A 14 0.55 10.56 4.13
CA ALA A 14 -0.81 10.52 4.71
C ALA A 14 -1.84 10.01 3.67
N GLU A 15 -1.56 10.30 2.39
CA GLU A 15 -2.35 9.83 1.25
C GLU A 15 -2.14 8.32 1.05
N LEU A 16 -0.88 7.88 1.22
CA LEU A 16 -0.49 6.47 1.06
C LEU A 16 -1.20 5.59 2.09
N LEU A 17 -1.26 6.09 3.33
CA LEU A 17 -2.04 5.47 4.41
C LEU A 17 -3.54 5.43 4.07
N ALA A 18 -4.07 6.56 3.56
CA ALA A 18 -5.50 6.72 3.23
C ALA A 18 -5.95 5.72 2.14
N ILE A 19 -5.05 5.47 1.17
CA ILE A 19 -5.26 4.47 0.11
C ILE A 19 -5.43 3.07 0.70
N ILE A 20 -4.46 2.66 1.52
CA ILE A 20 -4.39 1.30 2.08
C ILE A 20 -5.54 1.05 3.09
N GLU A 21 -5.95 2.13 3.78
CA GLU A 21 -7.17 2.20 4.59
C GLU A 21 -8.41 1.84 3.74
N GLU A 22 -8.43 2.37 2.50
CA GLU A 22 -9.55 2.14 1.55
C GLU A 22 -9.54 0.68 1.05
N LEU A 23 -8.38 0.26 0.50
CA LEU A 23 -8.16 -1.08 -0.10
C LEU A 23 -8.66 -2.23 0.78
N GLY A 24 -8.49 -2.11 2.12
CA GLY A 24 -8.91 -3.12 3.08
C GLY A 24 -10.42 -3.22 3.20
N LYS A 25 -11.07 -2.06 3.07
CA LYS A 25 -12.53 -1.97 3.11
C LYS A 25 -13.16 -2.40 1.76
N GLU A 26 -12.36 -2.40 0.67
CA GLU A 26 -12.79 -2.81 -0.68
C GLU A 26 -12.65 -4.34 -0.89
N ILE A 27 -12.00 -5.04 0.04
CA ILE A 27 -11.84 -6.52 -0.01
C ILE A 27 -13.22 -7.21 0.06
N ARG A 28 -14.00 -6.80 1.08
CA ARG A 28 -15.33 -7.40 1.40
C ARG A 28 -16.29 -7.40 0.16
N PRO A 29 -16.56 -6.23 -0.53
CA PRO A 29 -17.42 -6.22 -1.75
C PRO A 29 -16.75 -6.88 -2.99
N THR A 30 -15.41 -6.80 -3.11
CA THR A 30 -14.69 -7.50 -4.21
C THR A 30 -14.93 -9.05 -4.12
N TYR A 31 -14.90 -9.56 -2.89
CA TYR A 31 -15.27 -10.95 -2.54
C TYR A 31 -16.77 -11.21 -2.80
N ALA A 32 -17.61 -10.19 -2.56
CA ALA A 32 -19.07 -10.26 -2.75
C ALA A 32 -19.47 -10.26 -4.25
N GLY A 33 -18.48 -10.13 -5.15
CA GLY A 33 -18.71 -10.16 -6.60
C GLY A 33 -19.02 -8.80 -7.19
N SER A 34 -18.61 -7.73 -6.47
CA SER A 34 -18.78 -6.35 -6.93
C SER A 34 -17.54 -5.94 -7.75
N LYS A 35 -17.74 -5.85 -9.07
CA LYS A 35 -16.68 -5.45 -10.01
C LYS A 35 -16.31 -3.96 -9.82
N SER A 36 -17.22 -3.19 -9.23
CA SER A 36 -16.96 -1.78 -8.87
C SER A 36 -15.85 -1.68 -7.83
N ALA A 37 -15.86 -2.63 -6.88
CA ALA A 37 -14.92 -2.66 -5.76
C ALA A 37 -13.52 -3.07 -6.20
N MET A 38 -13.42 -4.08 -7.11
CA MET A 38 -12.11 -4.53 -7.66
C MET A 38 -11.45 -3.42 -8.50
N GLU A 39 -12.28 -2.57 -9.13
CA GLU A 39 -11.81 -1.38 -9.86
C GLU A 39 -11.19 -0.35 -8.90
N ARG A 40 -11.92 0.00 -7.83
CA ARG A 40 -11.46 0.98 -6.80
C ARG A 40 -10.26 0.43 -6.00
N LEU A 41 -10.24 -0.89 -5.86
CA LEU A 41 -9.14 -1.65 -5.24
C LEU A 41 -7.88 -1.51 -6.11
N LYS A 42 -8.05 -1.74 -7.41
CA LYS A 42 -6.94 -1.72 -8.38
C LYS A 42 -6.37 -0.31 -8.56
N ARG A 43 -7.27 0.67 -8.71
CA ARG A 43 -6.89 2.09 -8.94
C ARG A 43 -6.10 2.64 -7.74
N GLY A 44 -6.55 2.27 -6.52
CA GLY A 44 -5.84 2.60 -5.30
C GLY A 44 -4.47 1.94 -5.22
N ILE A 45 -4.41 0.64 -5.58
CA ILE A 45 -3.16 -0.17 -5.56
C ILE A 45 -2.08 0.43 -6.49
N ILE A 46 -2.47 0.77 -7.73
CA ILE A 46 -1.54 1.34 -8.73
C ILE A 46 -1.07 2.76 -8.29
N HIS A 47 -2.03 3.55 -7.78
CA HIS A 47 -1.73 4.89 -7.20
C HIS A 47 -0.77 4.77 -5.99
N ALA A 48 -0.97 3.75 -5.15
CA ALA A 48 -0.16 3.47 -3.95
C ALA A 48 1.27 3.15 -4.35
N ARG A 49 1.42 2.35 -5.42
CA ARG A 49 2.70 2.01 -6.03
C ARG A 49 3.40 3.29 -6.53
N GLY A 50 2.61 4.20 -7.12
CA GLY A 50 3.10 5.47 -7.67
C GLY A 50 3.69 6.39 -6.61
N LEU A 51 3.09 6.37 -5.40
CA LEU A 51 3.59 7.15 -4.24
C LEU A 51 4.87 6.52 -3.69
N VAL A 52 4.89 5.16 -3.67
CA VAL A 52 6.05 4.39 -3.18
C VAL A 52 7.24 4.47 -4.19
N ARG A 53 6.94 4.71 -5.49
CA ARG A 53 7.95 4.94 -6.53
C ARG A 53 8.78 6.20 -6.21
N GLU A 54 8.05 7.29 -5.90
CA GLU A 54 8.67 8.58 -5.57
C GLU A 54 9.30 8.57 -4.16
N CYS A 55 8.71 7.74 -3.27
CA CYS A 55 9.21 7.55 -1.90
C CYS A 55 10.53 6.74 -1.92
N LEU A 56 10.64 5.83 -2.89
CA LEU A 56 11.88 5.06 -3.15
C LEU A 56 12.95 5.95 -3.78
N ALA A 57 12.53 6.79 -4.73
CA ALA A 57 13.38 7.80 -5.38
C ALA A 57 13.95 8.79 -4.34
N GLU A 58 13.12 9.10 -3.33
CA GLU A 58 13.53 9.97 -2.22
C GLU A 58 14.55 9.24 -1.31
N THR A 59 14.14 8.08 -0.76
CA THR A 59 14.95 7.20 0.11
C THR A 59 16.36 6.99 -0.45
N GLU A 60 16.43 6.70 -1.77
CA GLU A 60 17.68 6.31 -2.44
C GLU A 60 18.68 7.49 -2.54
N ARG A 61 18.14 8.73 -2.53
CA ARG A 61 18.96 9.96 -2.49
C ARG A 61 19.51 10.17 -1.07
N ASN A 62 18.65 9.96 -0.06
CA ASN A 62 18.99 10.15 1.36
C ASN A 62 19.73 8.93 1.96
N ALA A 63 19.86 7.85 1.17
CA ALA A 63 20.53 6.60 1.60
C ALA A 63 21.72 6.29 0.69
N ARG A 64 22.58 5.40 1.18
CA ARG A 64 23.82 4.99 0.50
C ARG A 64 23.74 3.50 0.16
N SER A 65 23.36 3.20 -1.09
CA SER A 65 23.22 1.83 -1.61
C SER A 65 23.76 1.79 -3.07
N MET B 1 2.42 -6.41 -14.02
CA MET B 1 3.70 -6.28 -13.26
C MET B 1 4.84 -6.79 -14.14
N GLY B 2 5.77 -5.89 -14.49
CA GLY B 2 6.86 -6.19 -15.44
C GLY B 2 8.08 -6.83 -14.77
N HIS B 3 7.84 -7.85 -13.94
CA HIS B 3 8.89 -8.61 -13.24
C HIS B 3 8.30 -9.88 -12.62
N HIS B 4 9.07 -10.98 -12.69
CA HIS B 4 8.83 -12.21 -11.92
C HIS B 4 10.02 -12.47 -10.96
N HIS B 5 10.97 -11.52 -10.93
CA HIS B 5 12.10 -11.50 -9.98
C HIS B 5 11.82 -10.45 -8.90
N HIS B 6 12.20 -10.76 -7.65
CA HIS B 6 12.04 -9.83 -6.50
C HIS B 6 13.34 -9.78 -5.68
N HIS B 7 14.14 -8.73 -5.94
CA HIS B 7 15.35 -8.40 -5.19
C HIS B 7 14.97 -7.39 -4.10
N HIS B 8 14.71 -7.91 -2.89
CA HIS B 8 14.30 -7.09 -1.73
C HIS B 8 15.48 -6.28 -1.17
N SER B 9 15.24 -4.99 -0.88
CA SER B 9 16.17 -4.15 -0.12
C SER B 9 15.89 -4.32 1.39
N HIS B 10 16.76 -3.73 2.22
CA HIS B 10 16.55 -3.65 3.67
C HIS B 10 15.66 -2.44 4.00
N SER B 11 15.48 -1.54 3.00
CA SER B 11 14.50 -0.46 3.06
C SER B 11 13.08 -1.03 3.01
N LYS B 12 12.31 -0.80 4.09
CA LYS B 12 10.89 -1.22 4.20
C LYS B 12 10.01 -0.55 3.13
N TYR B 13 10.51 0.55 2.54
CA TYR B 13 9.87 1.22 1.40
C TYR B 13 9.86 0.28 0.15
N ALA B 14 10.97 -0.44 -0.07
CA ALA B 14 11.10 -1.40 -1.19
C ALA B 14 10.28 -2.67 -0.94
N GLU B 15 10.18 -3.07 0.34
CA GLU B 15 9.28 -4.17 0.76
C GLU B 15 7.82 -3.76 0.51
N LEU B 16 7.51 -2.50 0.83
CA LEU B 16 6.18 -1.89 0.68
C LEU B 16 5.75 -1.89 -0.81
N LEU B 17 6.71 -1.56 -1.70
CA LEU B 17 6.52 -1.62 -3.17
C LEU B 17 6.08 -3.04 -3.61
N ALA B 18 6.86 -4.03 -3.15
CA ALA B 18 6.67 -5.46 -3.49
C ALA B 18 5.34 -6.00 -2.96
N ILE B 19 4.94 -5.54 -1.75
CA ILE B 19 3.66 -5.92 -1.14
C ILE B 19 2.48 -5.39 -1.96
N ILE B 20 2.52 -4.09 -2.29
CA ILE B 20 1.42 -3.39 -2.98
C ILE B 20 1.19 -3.97 -4.40
N GLU B 21 2.28 -4.27 -5.12
CA GLU B 21 2.18 -4.89 -6.48
C GLU B 21 1.73 -6.37 -6.38
N GLU B 22 1.99 -7.01 -5.21
CA GLU B 22 1.53 -8.39 -4.92
C GLU B 22 0.02 -8.40 -4.64
N LEU B 23 -0.49 -7.28 -4.10
CA LEU B 23 -1.94 -7.07 -3.89
C LEU B 23 -2.65 -6.97 -5.25
N GLY B 24 -1.93 -6.34 -6.21
CA GLY B 24 -2.39 -6.22 -7.60
C GLY B 24 -2.63 -7.55 -8.30
N LYS B 25 -1.93 -8.60 -7.84
CA LYS B 25 -2.13 -9.99 -8.34
C LYS B 25 -3.50 -10.51 -7.85
N GLU B 26 -3.72 -10.34 -6.52
CA GLU B 26 -4.81 -10.99 -5.77
C GLU B 26 -6.20 -10.48 -6.18
N ILE B 27 -6.24 -9.36 -6.90
CA ILE B 27 -7.48 -8.77 -7.44
C ILE B 27 -8.23 -9.78 -8.34
N ARG B 28 -7.47 -10.46 -9.23
CA ARG B 28 -8.03 -11.36 -10.25
C ARG B 28 -8.70 -12.63 -9.61
N PRO B 29 -7.98 -13.48 -8.77
CA PRO B 29 -8.58 -14.72 -8.21
C PRO B 29 -9.68 -14.41 -7.18
N THR B 30 -9.57 -13.29 -6.42
CA THR B 30 -10.62 -12.84 -5.47
C THR B 30 -11.94 -12.58 -6.22
N TYR B 31 -11.84 -11.81 -7.32
CA TYR B 31 -12.97 -11.51 -8.21
C TYR B 31 -13.52 -12.80 -8.88
N ALA B 32 -12.63 -13.75 -9.18
CA ALA B 32 -12.99 -15.04 -9.76
C ALA B 32 -13.71 -15.94 -8.73
N GLY B 33 -13.52 -15.65 -7.43
CA GLY B 33 -14.24 -16.35 -6.34
C GLY B 33 -13.34 -16.91 -5.25
N SER B 34 -12.04 -17.03 -5.53
CA SER B 34 -11.05 -17.62 -4.59
C SER B 34 -10.93 -16.78 -3.30
N LYS B 35 -11.47 -17.34 -2.20
CA LYS B 35 -11.45 -16.71 -0.87
C LYS B 35 -10.02 -16.77 -0.25
N SER B 36 -9.18 -17.67 -0.76
CA SER B 36 -7.76 -17.74 -0.38
C SER B 36 -7.00 -16.47 -0.84
N ALA B 37 -7.45 -15.87 -1.96
CA ALA B 37 -6.81 -14.69 -2.57
C ALA B 37 -7.17 -13.40 -1.82
N MET B 38 -8.44 -13.26 -1.40
CA MET B 38 -8.92 -12.06 -0.64
C MET B 38 -8.23 -11.96 0.72
N GLU B 39 -7.92 -13.12 1.30
CA GLU B 39 -7.26 -13.21 2.61
C GLU B 39 -5.76 -12.92 2.50
N ARG B 40 -5.12 -13.36 1.41
CA ARG B 40 -3.71 -13.00 1.11
C ARG B 40 -3.59 -11.50 0.76
N LEU B 41 -4.62 -11.00 0.09
CA LEU B 41 -4.82 -9.57 -0.19
C LEU B 41 -4.94 -8.79 1.13
N LYS B 42 -5.70 -9.38 2.07
CA LYS B 42 -5.98 -8.80 3.40
C LYS B 42 -4.68 -8.65 4.22
N ARG B 43 -3.91 -9.74 4.32
CA ARG B 43 -2.67 -9.77 5.14
C ARG B 43 -1.61 -8.82 4.57
N GLY B 44 -1.59 -8.71 3.22
CA GLY B 44 -0.71 -7.79 2.52
C GLY B 44 -1.06 -6.34 2.80
N ILE B 45 -2.36 -6.00 2.72
CA ILE B 45 -2.87 -4.64 2.97
C ILE B 45 -2.59 -4.18 4.43
N ILE B 46 -2.83 -5.08 5.39
CA ILE B 46 -2.59 -4.81 6.83
C ILE B 46 -1.08 -4.57 7.08
N HIS B 47 -0.23 -5.40 6.46
CA HIS B 47 1.25 -5.29 6.55
C HIS B 47 1.71 -3.96 5.92
N ALA B 48 1.13 -3.62 4.76
CA ALA B 48 1.47 -2.40 4.00
C ALA B 48 1.12 -1.14 4.82
N ARG B 49 -0.06 -1.18 5.45
CA ARG B 49 -0.54 -0.12 6.35
C ARG B 49 0.41 0.06 7.53
N GLY B 50 0.89 -1.08 8.07
CA GLY B 50 1.80 -1.09 9.21
C GLY B 50 3.15 -0.44 8.88
N LEU B 51 3.67 -0.75 7.68
CA LEU B 51 4.94 -0.15 7.18
C LEU B 51 4.83 1.38 7.04
N VAL B 52 3.66 1.83 6.53
CA VAL B 52 3.37 3.27 6.36
C VAL B 52 3.19 3.96 7.72
N ARG B 53 2.56 3.26 8.67
CA ARG B 53 2.35 3.75 10.05
C ARG B 53 3.67 3.88 10.82
N GLU B 54 4.59 2.94 10.58
CA GLU B 54 5.95 2.97 11.15
C GLU B 54 6.76 4.12 10.52
N CYS B 55 6.54 4.34 9.21
CA CYS B 55 7.19 5.40 8.44
C CYS B 55 6.70 6.79 8.88
N LEU B 56 5.39 6.88 9.16
CA LEU B 56 4.76 8.11 9.66
C LEU B 56 5.29 8.45 11.05
N ALA B 57 5.28 7.44 11.95
CA ALA B 57 5.77 7.55 13.34
C ALA B 57 7.25 7.97 13.41
N GLU B 58 8.05 7.44 12.47
CA GLU B 58 9.50 7.71 12.41
C GLU B 58 9.77 9.14 11.86
N THR B 59 9.10 9.47 10.74
CA THR B 59 9.21 10.80 10.10
C THR B 59 8.53 11.90 10.97
N GLU B 60 7.64 11.47 11.88
CA GLU B 60 6.90 12.38 12.79
C GLU B 60 7.85 13.10 13.75
N ARG B 61 8.92 12.40 14.16
CA ARG B 61 9.90 12.95 15.11
C ARG B 61 10.90 13.88 14.41
N ASN B 62 11.39 13.46 13.22
CA ASN B 62 12.47 14.17 12.49
C ASN B 62 11.93 15.32 11.61
N ALA B 63 10.63 15.30 11.31
CA ALA B 63 9.93 16.35 10.53
C ALA B 63 8.73 16.89 11.33
N ARG B 64 8.19 18.05 10.90
CA ARG B 64 7.01 18.65 11.52
C ARG B 64 5.74 17.91 11.03
N SER B 65 5.22 17.03 11.89
CA SER B 65 4.04 16.21 11.61
C SER B 65 3.04 16.36 12.77
N MET A 1 -11.33 29.46 24.01
CA MET A 1 -11.81 30.24 22.85
C MET A 1 -10.67 31.12 22.26
N GLY A 2 -10.77 31.40 20.95
CA GLY A 2 -9.78 32.20 20.22
C GLY A 2 -9.78 31.86 18.74
N HIS A 3 -9.01 32.62 17.93
CA HIS A 3 -8.90 32.36 16.48
C HIS A 3 -7.97 31.16 16.26
N HIS A 4 -8.59 29.97 16.19
CA HIS A 4 -7.90 28.66 16.05
C HIS A 4 -7.20 28.53 14.67
N HIS A 5 -5.90 28.87 14.65
CA HIS A 5 -5.06 28.75 13.44
C HIS A 5 -4.57 27.30 13.33
N HIS A 6 -5.34 26.48 12.60
CA HIS A 6 -5.06 25.04 12.43
C HIS A 6 -4.03 24.82 11.29
N HIS A 7 -3.02 23.98 11.57
CA HIS A 7 -1.95 23.66 10.62
C HIS A 7 -2.05 22.18 10.19
N HIS A 8 -1.93 21.93 8.89
CA HIS A 8 -1.97 20.56 8.30
C HIS A 8 -1.22 20.57 6.95
N SER A 9 -0.81 19.37 6.52
CA SER A 9 -0.02 19.18 5.29
C SER A 9 -0.23 17.75 4.77
N HIS A 10 -1.00 17.63 3.67
CA HIS A 10 -1.31 16.35 3.02
C HIS A 10 -0.07 15.76 2.33
N SER A 11 0.65 14.91 3.08
CA SER A 11 1.88 14.23 2.61
C SER A 11 1.53 12.99 1.78
N LYS A 12 2.53 12.44 1.04
CA LYS A 12 2.35 11.18 0.31
C LYS A 12 2.10 10.03 1.29
N TYR A 13 2.71 10.12 2.49
CA TYR A 13 2.58 9.09 3.53
C TYR A 13 1.17 9.11 4.15
N ALA A 14 0.62 10.33 4.35
CA ALA A 14 -0.75 10.52 4.84
C ALA A 14 -1.78 9.99 3.83
N GLU A 15 -1.47 10.18 2.53
CA GLU A 15 -2.30 9.68 1.44
C GLU A 15 -2.17 8.15 1.30
N LEU A 16 -0.93 7.67 1.47
CA LEU A 16 -0.56 6.26 1.24
C LEU A 16 -1.20 5.35 2.29
N LEU A 17 -1.10 5.78 3.55
CA LEU A 17 -1.75 5.10 4.70
C LEU A 17 -3.27 5.08 4.51
N ALA A 18 -3.81 6.22 4.04
CA ALA A 18 -5.25 6.41 3.77
C ALA A 18 -5.76 5.45 2.68
N ILE A 19 -4.96 5.29 1.62
CA ILE A 19 -5.28 4.40 0.49
C ILE A 19 -5.36 2.95 1.00
N ILE A 20 -4.28 2.50 1.65
CA ILE A 20 -4.11 1.09 2.06
C ILE A 20 -5.20 0.64 3.08
N GLU A 21 -5.48 1.47 4.10
CA GLU A 21 -6.52 1.19 5.11
C GLU A 21 -7.94 1.18 4.48
N GLU A 22 -8.08 1.86 3.33
CA GLU A 22 -9.34 1.86 2.56
C GLU A 22 -9.45 0.58 1.74
N LEU A 23 -8.35 0.18 1.07
CA LEU A 23 -8.26 -1.06 0.29
C LEU A 23 -8.66 -2.30 1.11
N GLY A 24 -8.51 -2.22 2.45
CA GLY A 24 -8.83 -3.31 3.36
C GLY A 24 -10.31 -3.46 3.66
N LYS A 25 -11.08 -2.34 3.53
CA LYS A 25 -12.55 -2.36 3.71
C LYS A 25 -13.28 -2.57 2.37
N GLU A 26 -12.59 -2.44 1.23
CA GLU A 26 -13.19 -2.60 -0.12
C GLU A 26 -13.24 -4.08 -0.55
N ILE A 27 -12.66 -4.98 0.28
CA ILE A 27 -12.52 -6.40 -0.04
C ILE A 27 -13.86 -7.16 0.09
N ARG A 28 -14.64 -6.83 1.14
CA ARG A 28 -15.95 -7.48 1.40
C ARG A 28 -16.92 -7.35 0.17
N PRO A 29 -17.19 -6.10 -0.41
CA PRO A 29 -18.02 -5.97 -1.64
C PRO A 29 -17.36 -6.65 -2.87
N THR A 30 -16.02 -6.50 -3.01
CA THR A 30 -15.24 -7.18 -4.10
C THR A 30 -15.53 -8.71 -4.11
N TYR A 31 -15.47 -9.30 -2.90
CA TYR A 31 -15.72 -10.73 -2.64
C TYR A 31 -17.21 -11.07 -2.85
N ALA A 32 -18.09 -10.10 -2.57
CA ALA A 32 -19.55 -10.27 -2.71
C ALA A 32 -20.01 -10.15 -4.18
N GLY A 33 -19.04 -9.98 -5.11
CA GLY A 33 -19.31 -10.01 -6.55
C GLY A 33 -19.45 -8.62 -7.17
N SER A 34 -18.97 -7.58 -6.47
CA SER A 34 -19.03 -6.19 -6.96
C SER A 34 -17.82 -5.89 -7.86
N LYS A 35 -18.09 -5.69 -9.17
CA LYS A 35 -17.07 -5.32 -10.16
C LYS A 35 -16.62 -3.84 -9.96
N SER A 36 -17.47 -3.04 -9.28
CA SER A 36 -17.15 -1.64 -8.94
C SER A 36 -16.07 -1.58 -7.86
N ALA A 37 -16.18 -2.47 -6.85
CA ALA A 37 -15.31 -2.50 -5.68
C ALA A 37 -13.90 -3.00 -6.03
N MET A 38 -13.81 -3.99 -6.95
CA MET A 38 -12.50 -4.52 -7.41
C MET A 38 -11.72 -3.48 -8.22
N GLU A 39 -12.44 -2.61 -8.95
CA GLU A 39 -11.85 -1.49 -9.71
C GLU A 39 -11.41 -0.33 -8.79
N ARG A 40 -12.18 -0.09 -7.71
CA ARG A 40 -11.79 0.84 -6.62
C ARG A 40 -10.52 0.32 -5.91
N LEU A 41 -10.50 -0.99 -5.72
CA LEU A 41 -9.41 -1.72 -5.07
C LEU A 41 -8.12 -1.64 -5.92
N LYS A 42 -8.25 -1.92 -7.23
CA LYS A 42 -7.11 -1.95 -8.17
C LYS A 42 -6.50 -0.57 -8.39
N ARG A 43 -7.36 0.43 -8.64
CA ARG A 43 -6.93 1.80 -8.95
C ARG A 43 -6.19 2.42 -7.75
N GLY A 44 -6.66 2.11 -6.54
CA GLY A 44 -6.01 2.56 -5.30
C GLY A 44 -4.63 1.94 -5.11
N ILE A 45 -4.53 0.64 -5.42
CA ILE A 45 -3.25 -0.11 -5.33
C ILE A 45 -2.18 0.50 -6.27
N ILE A 46 -2.57 0.78 -7.52
CA ILE A 46 -1.69 1.42 -8.51
C ILE A 46 -1.31 2.85 -8.06
N HIS A 47 -2.31 3.59 -7.54
CA HIS A 47 -2.13 4.95 -7.00
C HIS A 47 -1.13 4.96 -5.82
N ALA A 48 -1.19 3.89 -5.00
CA ALA A 48 -0.31 3.69 -3.85
C ALA A 48 1.13 3.48 -4.30
N ARG A 49 1.30 2.68 -5.38
CA ARG A 49 2.62 2.38 -5.97
C ARG A 49 3.33 3.64 -6.49
N GLY A 50 2.53 4.61 -6.98
CA GLY A 50 3.05 5.91 -7.43
C GLY A 50 3.75 6.68 -6.32
N LEU A 51 3.24 6.53 -5.09
CA LEU A 51 3.80 7.18 -3.90
C LEU A 51 5.06 6.43 -3.43
N VAL A 52 4.98 5.09 -3.41
CA VAL A 52 6.04 4.21 -2.83
C VAL A 52 7.32 4.22 -3.71
N ARG A 53 7.15 4.24 -5.04
CA ARG A 53 8.29 4.31 -6.00
C ARG A 53 9.02 5.67 -5.89
N GLU A 54 8.27 6.73 -5.49
CA GLU A 54 8.86 8.04 -5.22
C GLU A 54 9.57 8.02 -3.85
N CYS A 55 9.00 7.26 -2.87
CA CYS A 55 9.64 7.02 -1.55
C CYS A 55 11.01 6.37 -1.74
N LEU A 56 11.09 5.45 -2.73
CA LEU A 56 12.32 4.77 -3.11
C LEU A 56 13.34 5.75 -3.71
N ALA A 57 12.88 6.61 -4.65
CA ALA A 57 13.71 7.64 -5.32
C ALA A 57 14.30 8.67 -4.33
N GLU A 58 13.51 9.03 -3.31
CA GLU A 58 13.92 9.99 -2.27
C GLU A 58 14.93 9.35 -1.30
N THR A 59 14.52 8.20 -0.73
CA THR A 59 15.35 7.39 0.18
C THR A 59 16.63 6.88 -0.53
N GLU A 60 16.61 6.82 -1.88
CA GLU A 60 17.82 6.49 -2.69
C GLU A 60 18.95 7.50 -2.42
N ARG A 61 18.57 8.78 -2.40
CA ARG A 61 19.50 9.89 -2.13
C ARG A 61 19.68 10.13 -0.61
N ASN A 62 18.77 9.60 0.22
CA ASN A 62 18.69 9.92 1.67
C ASN A 62 19.20 8.77 2.58
N ALA A 63 19.38 7.55 2.02
CA ALA A 63 19.72 6.34 2.84
C ALA A 63 21.22 6.06 2.81
N ARG A 64 21.77 5.89 4.02
CA ARG A 64 23.15 5.44 4.28
C ARG A 64 23.32 5.41 5.80
N SER A 65 22.52 4.55 6.46
CA SER A 65 22.46 4.41 7.91
C SER A 65 22.21 2.91 8.27
N MET B 1 37.09 -8.97 -15.87
CA MET B 1 36.64 -10.19 -15.15
C MET B 1 37.28 -10.26 -13.76
N GLY B 2 36.54 -10.83 -12.80
CA GLY B 2 36.98 -11.00 -11.42
C GLY B 2 35.87 -11.52 -10.54
N HIS B 3 36.03 -11.39 -9.21
CA HIS B 3 35.01 -11.85 -8.24
C HIS B 3 33.99 -10.74 -8.01
N HIS B 4 32.86 -10.82 -8.74
CA HIS B 4 31.74 -9.88 -8.59
C HIS B 4 30.97 -10.22 -7.31
N HIS B 5 30.53 -9.19 -6.59
CA HIS B 5 29.72 -9.35 -5.36
C HIS B 5 28.38 -8.62 -5.56
N HIS B 6 27.32 -9.40 -5.81
CA HIS B 6 25.98 -8.86 -6.09
C HIS B 6 25.44 -8.14 -4.83
N HIS B 7 25.06 -6.87 -4.98
CA HIS B 7 24.55 -6.05 -3.87
C HIS B 7 23.23 -5.39 -4.31
N HIS B 8 22.29 -5.33 -3.37
CA HIS B 8 20.98 -4.71 -3.59
C HIS B 8 20.43 -4.18 -2.26
N SER B 9 19.79 -3.01 -2.30
CA SER B 9 19.09 -2.45 -1.15
C SER B 9 17.70 -3.09 -1.04
N HIS B 10 17.19 -3.15 0.19
CA HIS B 10 15.82 -3.57 0.48
C HIS B 10 15.34 -2.82 1.72
N SER B 11 14.83 -1.60 1.48
CA SER B 11 14.22 -0.76 2.52
C SER B 11 12.83 -1.31 2.88
N LYS B 12 12.20 -0.71 3.90
CA LYS B 12 10.79 -0.99 4.23
C LYS B 12 9.87 -0.48 3.11
N TYR B 13 10.37 0.46 2.29
CA TYR B 13 9.66 1.01 1.12
C TYR B 13 9.74 0.01 -0.05
N ALA B 14 10.90 -0.68 -0.18
CA ALA B 14 11.09 -1.76 -1.17
C ALA B 14 10.21 -2.97 -0.82
N GLU B 15 10.08 -3.23 0.49
CA GLU B 15 9.19 -4.25 1.05
C GLU B 15 7.72 -3.87 0.78
N LEU B 16 7.41 -2.60 1.09
CA LEU B 16 6.06 -2.01 0.95
C LEU B 16 5.52 -2.15 -0.48
N LEU B 17 6.36 -1.77 -1.46
CA LEU B 17 6.02 -1.87 -2.89
C LEU B 17 5.82 -3.35 -3.30
N ALA B 18 6.69 -4.22 -2.78
CA ALA B 18 6.65 -5.68 -3.05
C ALA B 18 5.36 -6.33 -2.51
N ILE B 19 4.83 -5.76 -1.43
CA ILE B 19 3.53 -6.15 -0.86
C ILE B 19 2.39 -5.65 -1.76
N ILE B 20 2.41 -4.36 -2.10
CA ILE B 20 1.30 -3.67 -2.80
C ILE B 20 1.09 -4.22 -4.23
N GLU B 21 2.19 -4.57 -4.93
CA GLU B 21 2.13 -5.18 -6.27
C GLU B 21 1.53 -6.60 -6.21
N GLU B 22 1.76 -7.31 -5.07
CA GLU B 22 1.13 -8.62 -4.82
C GLU B 22 -0.37 -8.44 -4.60
N LEU B 23 -0.75 -7.38 -3.85
CA LEU B 23 -2.16 -7.05 -3.55
C LEU B 23 -2.97 -6.91 -4.84
N GLY B 24 -2.41 -6.15 -5.79
CA GLY B 24 -3.00 -5.96 -7.12
C GLY B 24 -3.14 -7.26 -7.90
N LYS B 25 -2.14 -8.13 -7.74
CA LYS B 25 -2.08 -9.43 -8.42
C LYS B 25 -3.16 -10.39 -7.87
N GLU B 26 -3.43 -10.28 -6.55
CA GLU B 26 -4.39 -11.16 -5.86
C GLU B 26 -5.85 -10.81 -6.20
N ILE B 27 -6.08 -9.61 -6.77
CA ILE B 27 -7.43 -9.18 -7.22
C ILE B 27 -7.94 -10.08 -8.37
N ARG B 28 -7.01 -10.50 -9.24
CA ARG B 28 -7.35 -11.25 -10.46
C ARG B 28 -7.98 -12.64 -10.14
N PRO B 29 -7.35 -13.51 -9.24
CA PRO B 29 -8.01 -14.76 -8.79
C PRO B 29 -9.23 -14.51 -7.87
N THR B 30 -9.24 -13.38 -7.11
CA THR B 30 -10.41 -13.01 -6.27
C THR B 30 -11.68 -12.81 -7.14
N TYR B 31 -11.51 -12.12 -8.27
CA TYR B 31 -12.59 -11.88 -9.25
C TYR B 31 -12.91 -13.16 -10.05
N ALA B 32 -11.90 -14.04 -10.20
CA ALA B 32 -12.08 -15.38 -10.78
C ALA B 32 -12.95 -16.26 -9.85
N GLY B 33 -12.93 -15.94 -8.54
CA GLY B 33 -13.78 -16.60 -7.53
C GLY B 33 -13.01 -17.08 -6.30
N SER B 34 -11.66 -17.15 -6.39
CA SER B 34 -10.79 -17.67 -5.32
C SER B 34 -10.86 -16.82 -4.03
N LYS B 35 -11.35 -17.43 -2.94
CA LYS B 35 -11.36 -16.80 -1.60
C LYS B 35 -9.93 -16.76 -1.02
N SER B 36 -9.08 -17.73 -1.44
CA SER B 36 -7.66 -17.79 -1.03
C SER B 36 -6.91 -16.47 -1.37
N ALA B 37 -7.28 -15.87 -2.52
CA ALA B 37 -6.64 -14.67 -3.06
C ALA B 37 -6.98 -13.41 -2.24
N MET B 38 -8.28 -13.23 -1.88
CA MET B 38 -8.73 -12.07 -1.05
C MET B 38 -8.12 -12.13 0.37
N GLU B 39 -7.82 -13.35 0.84
CA GLU B 39 -7.15 -13.57 2.12
C GLU B 39 -5.68 -13.11 2.09
N ARG B 40 -4.98 -13.38 0.96
CA ARG B 40 -3.59 -12.89 0.74
C ARG B 40 -3.56 -11.36 0.66
N LEU B 41 -4.59 -10.85 -0.03
CA LEU B 41 -4.87 -9.42 -0.20
C LEU B 41 -5.00 -8.72 1.17
N LYS B 42 -5.90 -9.23 2.03
CA LYS B 42 -6.22 -8.58 3.32
C LYS B 42 -5.05 -8.69 4.33
N ARG B 43 -4.34 -9.83 4.33
CA ARG B 43 -3.13 -10.04 5.15
C ARG B 43 -2.04 -9.02 4.77
N GLY B 44 -1.81 -8.87 3.47
CA GLY B 44 -0.80 -8.00 2.93
C GLY B 44 -1.11 -6.52 3.17
N ILE B 45 -2.39 -6.15 3.12
CA ILE B 45 -2.85 -4.77 3.32
C ILE B 45 -2.52 -4.26 4.74
N ILE B 46 -2.82 -5.07 5.77
CA ILE B 46 -2.51 -4.69 7.17
C ILE B 46 -0.97 -4.67 7.39
N HIS B 47 -0.28 -5.60 6.72
CA HIS B 47 1.20 -5.72 6.72
C HIS B 47 1.87 -4.46 6.10
N ALA B 48 1.22 -3.92 5.05
CA ALA B 48 1.68 -2.73 4.33
C ALA B 48 1.34 -1.44 5.12
N ARG B 49 0.17 -1.48 5.78
CA ARG B 49 -0.38 -0.36 6.57
C ARG B 49 0.59 0.03 7.70
N GLY B 50 1.15 -1.00 8.38
CA GLY B 50 2.10 -0.80 9.48
C GLY B 50 3.38 -0.09 9.05
N LEU B 51 3.85 -0.37 7.82
CA LEU B 51 5.09 0.22 7.28
C LEU B 51 4.93 1.73 7.06
N VAL B 52 3.74 2.14 6.56
CA VAL B 52 3.44 3.56 6.22
C VAL B 52 3.12 4.35 7.50
N ARG B 53 2.42 3.66 8.41
CA ARG B 53 2.10 4.15 9.76
C ARG B 53 3.39 4.56 10.50
N GLU B 54 4.46 3.77 10.30
CA GLU B 54 5.80 4.13 10.76
C GLU B 54 6.34 5.34 9.98
N CYS B 55 6.24 5.30 8.64
CA CYS B 55 6.85 6.32 7.73
C CYS B 55 6.36 7.75 8.05
N LEU B 56 5.10 7.87 8.49
CA LEU B 56 4.55 9.13 9.01
C LEU B 56 5.29 9.55 10.31
N ALA B 57 5.30 8.66 11.31
CA ALA B 57 5.90 8.90 12.64
C ALA B 57 7.42 9.20 12.58
N GLU B 58 8.11 8.56 11.62
CA GLU B 58 9.57 8.69 11.43
C GLU B 58 9.91 10.06 10.83
N THR B 59 9.14 10.42 9.79
CA THR B 59 9.26 11.72 9.12
C THR B 59 8.72 12.86 10.04
N GLU B 60 7.88 12.50 11.03
CA GLU B 60 7.33 13.46 12.00
C GLU B 60 8.38 13.84 13.05
N ARG B 61 9.03 12.82 13.63
CA ARG B 61 10.01 12.99 14.72
C ARG B 61 11.32 13.61 14.21
N ASN B 62 11.61 13.44 12.90
CA ASN B 62 12.81 14.00 12.26
C ASN B 62 12.49 15.34 11.58
N ALA B 63 11.69 15.28 10.50
CA ALA B 63 11.40 16.44 9.64
C ALA B 63 10.12 17.16 10.10
N ARG B 64 9.95 18.38 9.59
CA ARG B 64 8.68 19.14 9.70
C ARG B 64 7.92 19.08 8.36
N SER B 65 8.62 18.68 7.29
CA SER B 65 8.06 18.49 5.95
C SER B 65 7.57 17.02 5.81
N MET A 1 -19.32 17.96 25.47
CA MET A 1 -19.47 18.07 24.01
C MET A 1 -18.28 18.87 23.46
N GLY A 2 -17.23 18.14 23.01
CA GLY A 2 -15.99 18.75 22.54
C GLY A 2 -15.08 17.75 21.84
N HIS A 3 -15.15 17.72 20.50
CA HIS A 3 -14.30 16.89 19.66
C HIS A 3 -12.88 17.48 19.60
N HIS A 4 -11.89 16.74 20.13
CA HIS A 4 -10.46 17.13 20.08
C HIS A 4 -9.88 16.86 18.69
N HIS A 5 -10.42 15.82 18.01
CA HIS A 5 -9.99 15.42 16.66
C HIS A 5 -10.63 16.35 15.62
N HIS A 6 -9.79 17.14 14.93
CA HIS A 6 -10.22 18.07 13.85
C HIS A 6 -9.45 17.76 12.55
N HIS A 7 -9.62 18.62 11.53
CA HIS A 7 -8.90 18.47 10.24
C HIS A 7 -7.46 19.01 10.36
N HIS A 8 -6.61 18.18 10.98
CA HIS A 8 -5.15 18.41 11.08
C HIS A 8 -4.51 18.04 9.73
N SER A 9 -3.64 18.92 9.22
CA SER A 9 -3.05 18.80 7.86
C SER A 9 -2.33 17.43 7.65
N HIS A 10 -2.88 16.62 6.72
CA HIS A 10 -2.37 15.27 6.41
C HIS A 10 -1.13 15.33 5.51
N SER A 11 -0.13 14.50 5.85
CA SER A 11 1.11 14.34 5.08
C SER A 11 0.89 13.40 3.86
N LYS A 12 1.94 13.25 3.04
CA LYS A 12 1.95 12.32 1.89
C LYS A 12 1.95 10.85 2.38
N TYR A 13 2.58 10.60 3.54
CA TYR A 13 2.53 9.29 4.22
C TYR A 13 1.15 9.05 4.86
N ALA A 14 0.46 10.14 5.25
CA ALA A 14 -0.93 10.07 5.75
C ALA A 14 -1.94 9.88 4.60
N GLU A 15 -1.53 10.22 3.37
CA GLU A 15 -2.27 9.91 2.13
C GLU A 15 -2.13 8.41 1.82
N LEU A 16 -0.87 7.94 1.95
CA LEU A 16 -0.51 6.53 1.71
C LEU A 16 -1.23 5.61 2.74
N LEU A 17 -1.33 6.13 3.97
CA LEU A 17 -2.11 5.52 5.05
C LEU A 17 -3.60 5.37 4.65
N ALA A 18 -4.18 6.50 4.20
CA ALA A 18 -5.60 6.64 3.87
C ALA A 18 -6.01 5.76 2.66
N ILE A 19 -5.08 5.57 1.71
CA ILE A 19 -5.32 4.73 0.52
C ILE A 19 -5.39 3.24 0.90
N ILE A 20 -4.36 2.76 1.61
CA ILE A 20 -4.20 1.32 1.90
C ILE A 20 -5.32 0.82 2.84
N GLU A 21 -5.71 1.63 3.84
CA GLU A 21 -6.83 1.29 4.77
C GLU A 21 -8.20 1.30 4.04
N GLU A 22 -8.26 2.01 2.89
CA GLU A 22 -9.46 2.04 2.04
C GLU A 22 -9.55 0.76 1.21
N LEU A 23 -8.40 0.33 0.67
CA LEU A 23 -8.25 -0.90 -0.13
C LEU A 23 -8.77 -2.14 0.62
N GLY A 24 -8.62 -2.16 1.96
CA GLY A 24 -9.16 -3.22 2.82
C GLY A 24 -10.68 -3.28 2.79
N LYS A 25 -11.30 -2.09 2.65
CA LYS A 25 -12.76 -1.95 2.57
C LYS A 25 -13.27 -2.45 1.21
N GLU A 26 -12.51 -2.19 0.13
CA GLU A 26 -12.88 -2.48 -1.27
C GLU A 26 -12.79 -3.99 -1.58
N ILE A 27 -12.13 -4.75 -0.69
CA ILE A 27 -11.99 -6.22 -0.81
C ILE A 27 -13.36 -6.89 -0.78
N ARG A 28 -14.18 -6.50 0.21
CA ARG A 28 -15.48 -7.16 0.51
C ARG A 28 -16.41 -7.28 -0.74
N PRO A 29 -16.76 -6.16 -1.49
CA PRO A 29 -17.60 -6.27 -2.70
C PRO A 29 -16.85 -6.86 -3.93
N THR A 30 -15.51 -6.69 -3.99
CA THR A 30 -14.66 -7.36 -5.02
C THR A 30 -14.85 -8.90 -4.94
N TYR A 31 -14.74 -9.42 -3.70
CA TYR A 31 -14.97 -10.83 -3.36
C TYR A 31 -16.43 -11.24 -3.64
N ALA A 32 -17.35 -10.29 -3.54
CA ALA A 32 -18.78 -10.51 -3.83
C ALA A 32 -19.10 -10.34 -5.34
N GLY A 33 -18.06 -10.45 -6.19
CA GLY A 33 -18.22 -10.53 -7.65
C GLY A 33 -18.60 -9.20 -8.31
N SER A 34 -18.24 -8.08 -7.67
CA SER A 34 -18.53 -6.74 -8.21
C SER A 34 -17.39 -6.29 -9.12
N LYS A 35 -17.69 -6.18 -10.43
CA LYS A 35 -16.77 -5.68 -11.46
C LYS A 35 -16.38 -4.21 -11.19
N SER A 36 -17.27 -3.47 -10.53
CA SER A 36 -17.05 -2.06 -10.18
C SER A 36 -16.01 -1.93 -9.04
N ALA A 37 -16.16 -2.80 -8.03
CA ALA A 37 -15.36 -2.76 -6.80
C ALA A 37 -13.91 -3.21 -7.03
N MET A 38 -13.73 -4.25 -7.87
CA MET A 38 -12.40 -4.77 -8.22
C MET A 38 -11.57 -3.69 -8.96
N GLU A 39 -12.27 -2.87 -9.77
CA GLU A 39 -11.66 -1.74 -10.49
C GLU A 39 -11.19 -0.63 -9.50
N ARG A 40 -12.01 -0.36 -8.46
CA ARG A 40 -11.70 0.65 -7.43
C ARG A 40 -10.52 0.18 -6.54
N LEU A 41 -10.54 -1.11 -6.25
CA LEU A 41 -9.47 -1.79 -5.49
C LEU A 41 -8.16 -1.72 -6.30
N LYS A 42 -8.28 -1.93 -7.61
CA LYS A 42 -7.15 -1.95 -8.56
C LYS A 42 -6.50 -0.58 -8.70
N ARG A 43 -7.34 0.43 -8.98
CA ARG A 43 -6.91 1.79 -9.26
C ARG A 43 -6.21 2.41 -8.03
N GLY A 44 -6.78 2.13 -6.84
CA GLY A 44 -6.23 2.60 -5.57
C GLY A 44 -4.90 1.92 -5.20
N ILE A 45 -4.80 0.61 -5.49
CA ILE A 45 -3.55 -0.16 -5.25
C ILE A 45 -2.39 0.44 -6.09
N ILE A 46 -2.59 0.58 -7.40
CA ILE A 46 -1.57 1.15 -8.32
C ILE A 46 -1.30 2.64 -7.97
N HIS A 47 -2.34 3.35 -7.46
CA HIS A 47 -2.22 4.75 -6.97
C HIS A 47 -1.29 4.82 -5.72
N ALA A 48 -1.40 3.82 -4.83
CA ALA A 48 -0.57 3.71 -3.61
C ALA A 48 0.90 3.41 -3.98
N ARG A 49 1.08 2.63 -5.06
CA ARG A 49 2.39 2.24 -5.59
C ARG A 49 3.10 3.46 -6.22
N GLY A 50 2.29 4.39 -6.77
CA GLY A 50 2.77 5.65 -7.34
C GLY A 50 3.46 6.54 -6.31
N LEU A 51 2.96 6.49 -5.07
CA LEU A 51 3.55 7.22 -3.92
C LEU A 51 4.90 6.59 -3.52
N VAL A 52 4.92 5.26 -3.45
CA VAL A 52 6.06 4.52 -2.89
C VAL A 52 7.27 4.49 -3.85
N ARG A 53 7.03 4.56 -5.18
CA ARG A 53 8.10 4.53 -6.20
C ARG A 53 8.81 5.89 -6.31
N GLU A 54 8.07 6.98 -6.02
CA GLU A 54 8.65 8.33 -5.90
C GLU A 54 9.39 8.48 -4.55
N CYS A 55 8.92 7.69 -3.55
CA CYS A 55 9.57 7.56 -2.24
C CYS A 55 10.86 6.74 -2.36
N LEU A 56 10.93 5.86 -3.40
CA LEU A 56 12.16 5.12 -3.76
C LEU A 56 13.20 6.07 -4.34
N ALA A 57 12.79 6.80 -5.40
CA ALA A 57 13.66 7.78 -6.11
C ALA A 57 14.23 8.83 -5.15
N GLU A 58 13.42 9.20 -4.14
CA GLU A 58 13.81 10.12 -3.06
C GLU A 58 14.94 9.51 -2.20
N THR A 59 14.67 8.31 -1.65
CA THR A 59 15.61 7.57 -0.80
C THR A 59 16.82 7.02 -1.61
N GLU A 60 16.70 7.02 -2.94
CA GLU A 60 17.76 6.56 -3.86
C GLU A 60 18.77 7.69 -4.09
N ARG A 61 18.28 8.95 -4.07
CA ARG A 61 19.13 10.16 -4.04
C ARG A 61 19.83 10.27 -2.66
N ASN A 62 19.17 9.73 -1.63
CA ASN A 62 19.74 9.64 -0.28
C ASN A 62 20.71 8.44 -0.21
N ALA A 63 20.23 7.28 0.25
CA ALA A 63 21.03 6.06 0.47
C ALA A 63 20.21 4.83 0.05
N ARG A 64 20.33 4.45 -1.24
CA ARG A 64 19.66 3.27 -1.84
C ARG A 64 20.34 1.98 -1.30
N SER A 65 19.54 1.11 -0.66
CA SER A 65 20.02 -0.14 -0.04
C SER A 65 20.65 -1.08 -1.11
N MET B 1 21.16 -15.25 -22.30
CA MET B 1 21.40 -15.70 -20.91
C MET B 1 22.09 -14.57 -20.14
N GLY B 2 21.32 -13.86 -19.29
CA GLY B 2 21.83 -12.75 -18.49
C GLY B 2 20.72 -11.84 -17.99
N HIS B 3 20.32 -12.02 -16.73
CA HIS B 3 19.31 -11.16 -16.05
C HIS B 3 20.06 -10.18 -15.14
N HIS B 4 19.83 -8.87 -15.29
CA HIS B 4 20.50 -7.82 -14.47
C HIS B 4 19.75 -7.54 -13.15
N HIS B 5 18.65 -8.27 -12.90
CA HIS B 5 17.98 -8.27 -11.58
C HIS B 5 18.59 -9.35 -10.68
N HIS B 6 19.72 -8.98 -10.04
CA HIS B 6 20.47 -9.85 -9.09
C HIS B 6 19.97 -9.60 -7.66
N HIS B 7 20.00 -10.66 -6.81
CA HIS B 7 19.69 -10.52 -5.36
C HIS B 7 20.73 -9.61 -4.66
N HIS B 8 20.46 -8.30 -4.71
CA HIS B 8 21.32 -7.26 -4.12
C HIS B 8 20.88 -7.02 -2.66
N SER B 9 19.63 -6.54 -2.49
CA SER B 9 19.04 -6.26 -1.16
C SER B 9 17.53 -6.03 -1.31
N HIS B 10 16.80 -6.19 -0.20
CA HIS B 10 15.36 -5.86 -0.11
C HIS B 10 15.22 -4.64 0.81
N SER B 11 15.11 -3.44 0.21
CA SER B 11 14.93 -2.17 0.96
C SER B 11 13.58 -2.16 1.69
N LYS B 12 13.49 -1.36 2.76
CA LYS B 12 12.26 -1.21 3.54
C LYS B 12 11.16 -0.53 2.69
N TYR B 13 11.60 0.44 1.89
CA TYR B 13 10.75 1.21 0.97
C TYR B 13 10.35 0.32 -0.24
N ALA B 14 11.36 -0.41 -0.76
CA ALA B 14 11.17 -1.31 -1.93
C ALA B 14 10.34 -2.55 -1.55
N GLU B 15 10.30 -2.88 -0.25
CA GLU B 15 9.47 -3.97 0.27
C GLU B 15 7.99 -3.57 0.22
N LEU B 16 7.72 -2.31 0.66
CA LEU B 16 6.37 -1.72 0.64
C LEU B 16 5.85 -1.64 -0.81
N LEU B 17 6.73 -1.20 -1.73
CA LEU B 17 6.48 -1.19 -3.19
C LEU B 17 6.08 -2.60 -3.67
N ALA B 18 6.90 -3.58 -3.27
CA ALA B 18 6.75 -5.00 -3.68
C ALA B 18 5.46 -5.62 -3.13
N ILE B 19 5.04 -5.20 -1.93
CA ILE B 19 3.79 -5.68 -1.31
C ILE B 19 2.60 -5.21 -2.15
N ILE B 20 2.57 -3.90 -2.43
CA ILE B 20 1.43 -3.24 -3.09
C ILE B 20 1.17 -3.79 -4.52
N GLU B 21 2.23 -3.97 -5.32
CA GLU B 21 2.10 -4.58 -6.67
C GLU B 21 1.66 -6.06 -6.61
N GLU B 22 2.08 -6.76 -5.54
CA GLU B 22 1.70 -8.16 -5.27
C GLU B 22 0.19 -8.24 -4.93
N LEU B 23 -0.31 -7.21 -4.23
CA LEU B 23 -1.75 -7.03 -3.93
C LEU B 23 -2.53 -6.77 -5.23
N GLY B 24 -1.85 -6.04 -6.16
CA GLY B 24 -2.37 -5.78 -7.50
C GLY B 24 -2.59 -7.05 -8.32
N LYS B 25 -1.96 -8.16 -7.90
CA LYS B 25 -2.19 -9.48 -8.52
C LYS B 25 -3.34 -10.21 -7.81
N GLU B 26 -3.40 -10.06 -6.46
CA GLU B 26 -4.36 -10.77 -5.58
C GLU B 26 -5.82 -10.29 -5.75
N ILE B 27 -6.02 -9.19 -6.49
CA ILE B 27 -7.37 -8.68 -6.87
C ILE B 27 -8.14 -9.72 -7.72
N ARG B 28 -7.40 -10.40 -8.63
CA ARG B 28 -7.98 -11.32 -9.62
C ARG B 28 -8.61 -12.59 -8.96
N PRO B 29 -7.88 -13.38 -8.07
CA PRO B 29 -8.47 -14.54 -7.37
C PRO B 29 -9.53 -14.13 -6.31
N THR B 30 -9.40 -12.90 -5.75
CA THR B 30 -10.41 -12.34 -4.82
C THR B 30 -11.75 -12.12 -5.57
N TYR B 31 -11.68 -11.46 -6.75
CA TYR B 31 -12.84 -11.28 -7.65
C TYR B 31 -13.42 -12.63 -8.10
N ALA B 32 -12.53 -13.64 -8.28
CA ALA B 32 -12.93 -15.01 -8.64
C ALA B 32 -13.67 -15.72 -7.48
N GLY B 33 -13.61 -15.13 -6.28
CA GLY B 33 -14.41 -15.57 -5.13
C GLY B 33 -13.69 -16.60 -4.27
N SER B 34 -12.36 -16.60 -4.32
CA SER B 34 -11.52 -17.49 -3.52
C SER B 34 -11.33 -16.87 -2.12
N LYS B 35 -11.77 -17.60 -1.07
CA LYS B 35 -11.77 -17.10 0.32
C LYS B 35 -10.35 -16.82 0.84
N SER B 36 -9.43 -17.74 0.59
CA SER B 36 -8.02 -17.60 1.03
C SER B 36 -7.32 -16.43 0.32
N ALA B 37 -7.79 -16.10 -0.89
CA ALA B 37 -7.21 -15.03 -1.74
C ALA B 37 -7.51 -13.64 -1.17
N MET B 38 -8.80 -13.41 -0.80
CA MET B 38 -9.26 -12.13 -0.20
C MET B 38 -8.58 -11.90 1.16
N GLU B 39 -8.32 -13.02 1.88
CA GLU B 39 -7.67 -13.02 3.20
C GLU B 39 -6.18 -12.66 3.07
N ARG B 40 -5.49 -13.22 2.05
CA ARG B 40 -4.05 -12.94 1.79
C ARG B 40 -3.86 -11.51 1.26
N LEU B 41 -4.86 -11.04 0.49
CA LEU B 41 -4.94 -9.66 -0.01
C LEU B 41 -5.04 -8.68 1.18
N LYS B 42 -5.94 -9.01 2.13
CA LYS B 42 -6.12 -8.24 3.38
C LYS B 42 -4.86 -8.29 4.25
N ARG B 43 -4.25 -9.48 4.32
CA ARG B 43 -3.05 -9.76 5.13
C ARG B 43 -1.88 -8.87 4.68
N GLY B 44 -1.75 -8.73 3.35
CA GLY B 44 -0.72 -7.89 2.74
C GLY B 44 -1.03 -6.39 2.87
N ILE B 45 -2.32 -6.05 2.86
CA ILE B 45 -2.80 -4.66 3.07
C ILE B 45 -2.54 -4.22 4.53
N ILE B 46 -2.70 -5.14 5.48
CA ILE B 46 -2.37 -4.90 6.91
C ILE B 46 -0.86 -4.74 7.07
N HIS B 47 -0.08 -5.56 6.35
CA HIS B 47 1.40 -5.48 6.32
C HIS B 47 1.87 -4.15 5.69
N ALA B 48 1.18 -3.73 4.61
CA ALA B 48 1.52 -2.51 3.86
C ALA B 48 1.26 -1.26 4.71
N ARG B 49 0.04 -1.17 5.26
CA ARG B 49 -0.37 -0.09 6.19
C ARG B 49 0.50 -0.11 7.46
N GLY B 50 0.95 -1.32 7.85
CA GLY B 50 1.83 -1.51 9.00
C GLY B 50 3.18 -0.82 8.81
N LEU B 51 3.75 -0.95 7.59
CA LEU B 51 5.01 -0.29 7.21
C LEU B 51 4.83 1.24 7.21
N VAL B 52 3.62 1.68 6.84
CA VAL B 52 3.26 3.11 6.84
C VAL B 52 3.17 3.64 8.28
N ARG B 53 2.59 2.84 9.21
CA ARG B 53 2.47 3.21 10.64
C ARG B 53 3.86 3.38 11.28
N GLU B 54 4.80 2.50 10.87
CA GLU B 54 6.19 2.52 11.37
C GLU B 54 6.98 3.72 10.81
N CYS B 55 6.71 4.08 9.54
CA CYS B 55 7.38 5.24 8.89
C CYS B 55 6.75 6.57 9.36
N LEU B 56 5.45 6.52 9.75
CA LEU B 56 4.75 7.69 10.35
C LEU B 56 5.36 8.02 11.72
N ALA B 57 5.59 6.96 12.53
CA ALA B 57 6.22 7.07 13.86
C ALA B 57 7.61 7.75 13.78
N GLU B 58 8.37 7.40 12.74
CA GLU B 58 9.71 7.98 12.51
C GLU B 58 9.61 9.45 12.03
N THR B 59 8.78 9.68 10.99
CA THR B 59 8.67 10.98 10.31
C THR B 59 7.98 12.05 11.20
N GLU B 60 7.16 11.58 12.16
CA GLU B 60 6.50 12.43 13.17
C GLU B 60 7.56 13.09 14.08
N ARG B 61 8.64 12.33 14.35
CA ARG B 61 9.77 12.76 15.18
C ARG B 61 10.79 13.56 14.34
N ASN B 62 10.94 13.16 13.06
CA ASN B 62 11.87 13.81 12.10
C ASN B 62 11.35 15.20 11.66
N ALA B 63 10.31 15.20 10.81
CA ALA B 63 9.72 16.41 10.23
C ALA B 63 8.21 16.19 10.10
N ARG B 64 7.49 16.60 11.14
CA ARG B 64 6.05 16.32 11.31
C ARG B 64 5.19 17.23 10.42
N SER B 65 3.98 16.76 10.12
CA SER B 65 2.93 17.55 9.45
C SER B 65 1.69 17.56 10.38
N MET A 1 -29.46 20.64 -2.83
CA MET A 1 -28.34 21.51 -2.37
C MET A 1 -27.65 20.86 -1.16
N GLY A 2 -26.30 20.82 -1.19
CA GLY A 2 -25.49 20.32 -0.10
C GLY A 2 -24.01 20.57 -0.37
N HIS A 3 -23.30 21.18 0.60
CA HIS A 3 -21.87 21.52 0.48
C HIS A 3 -21.00 20.29 0.73
N HIS A 4 -20.92 19.45 -0.31
CA HIS A 4 -20.07 18.24 -0.32
C HIS A 4 -18.59 18.66 -0.44
N HIS A 5 -17.73 18.12 0.44
CA HIS A 5 -16.31 18.51 0.53
C HIS A 5 -15.44 17.32 0.98
N HIS A 6 -14.28 17.17 0.33
CA HIS A 6 -13.29 16.13 0.66
C HIS A 6 -11.98 16.81 1.11
N HIS A 7 -11.36 16.28 2.19
CA HIS A 7 -10.08 16.78 2.71
C HIS A 7 -8.96 16.59 1.66
N HIS A 8 -8.31 17.69 1.27
CA HIS A 8 -7.19 17.66 0.32
C HIS A 8 -6.00 16.88 0.90
N SER A 9 -5.49 15.91 0.14
CA SER A 9 -4.29 15.16 0.50
C SER A 9 -3.17 15.49 -0.51
N HIS A 10 -2.25 16.36 -0.08
CA HIS A 10 -1.02 16.67 -0.81
C HIS A 10 0.18 15.95 -0.15
N SER A 11 -0.10 15.25 0.98
CA SER A 11 0.88 14.47 1.74
C SER A 11 0.91 13.03 1.20
N LYS A 12 2.03 12.62 0.59
CA LYS A 12 2.20 11.31 -0.09
C LYS A 12 2.15 10.13 0.89
N TYR A 13 2.80 10.29 2.06
CA TYR A 13 2.90 9.21 3.07
C TYR A 13 1.55 9.01 3.79
N ALA A 14 0.88 10.13 4.09
CA ALA A 14 -0.46 10.14 4.71
C ALA A 14 -1.54 9.65 3.73
N GLU A 15 -1.33 9.95 2.43
CA GLU A 15 -2.22 9.48 1.35
C GLU A 15 -2.01 7.99 1.12
N LEU A 16 -0.76 7.55 1.31
CA LEU A 16 -0.35 6.14 1.21
C LEU A 16 -1.08 5.30 2.28
N LEU A 17 -1.16 5.87 3.49
CA LEU A 17 -1.97 5.31 4.59
C LEU A 17 -3.46 5.26 4.23
N ALA A 18 -3.97 6.41 3.71
CA ALA A 18 -5.40 6.64 3.44
C ALA A 18 -5.93 5.73 2.31
N ILE A 19 -5.07 5.45 1.34
CA ILE A 19 -5.40 4.59 0.19
C ILE A 19 -5.40 3.12 0.62
N ILE A 20 -4.33 2.67 1.30
CA ILE A 20 -4.17 1.25 1.68
C ILE A 20 -5.28 0.80 2.67
N GLU A 21 -5.66 1.67 3.63
CA GLU A 21 -6.77 1.40 4.58
C GLU A 21 -8.12 1.35 3.84
N GLU A 22 -8.20 2.02 2.68
CA GLU A 22 -9.40 2.02 1.83
C GLU A 22 -9.53 0.67 1.13
N LEU A 23 -8.42 0.24 0.49
CA LEU A 23 -8.31 -1.00 -0.31
C LEU A 23 -8.81 -2.25 0.43
N GLY A 24 -8.51 -2.36 1.74
CA GLY A 24 -8.91 -3.49 2.59
C GLY A 24 -10.42 -3.55 2.79
N LYS A 25 -11.05 -2.36 2.73
CA LYS A 25 -12.51 -2.20 2.88
C LYS A 25 -13.22 -2.42 1.52
N GLU A 26 -12.47 -2.40 0.40
CA GLU A 26 -13.00 -2.62 -0.96
C GLU A 26 -12.99 -4.12 -1.31
N ILE A 27 -12.28 -4.94 -0.51
CA ILE A 27 -12.11 -6.39 -0.77
C ILE A 27 -13.44 -7.14 -0.59
N ARG A 28 -14.12 -6.87 0.53
CA ARG A 28 -15.35 -7.59 0.91
C ARG A 28 -16.43 -7.57 -0.23
N PRO A 29 -16.78 -6.38 -0.85
CA PRO A 29 -17.64 -6.35 -2.06
C PRO A 29 -16.95 -6.95 -3.32
N THR A 30 -15.62 -6.74 -3.49
CA THR A 30 -14.86 -7.31 -4.66
C THR A 30 -15.02 -8.84 -4.76
N TYR A 31 -14.80 -9.50 -3.62
CA TYR A 31 -14.99 -10.96 -3.45
C TYR A 31 -16.45 -11.37 -3.71
N ALA A 32 -17.39 -10.46 -3.38
CA ALA A 32 -18.84 -10.68 -3.57
C ALA A 32 -19.31 -10.25 -4.99
N GLY A 33 -18.36 -10.06 -5.93
CA GLY A 33 -18.66 -9.85 -7.35
C GLY A 33 -18.96 -8.40 -7.73
N SER A 34 -18.42 -7.43 -6.96
CA SER A 34 -18.61 -5.99 -7.24
C SER A 34 -17.48 -5.49 -8.16
N LYS A 35 -17.84 -5.23 -9.44
CA LYS A 35 -16.89 -4.69 -10.43
C LYS A 35 -16.49 -3.24 -10.06
N SER A 36 -17.40 -2.54 -9.38
CA SER A 36 -17.18 -1.14 -8.99
C SER A 36 -16.09 -1.02 -7.91
N ALA A 37 -16.13 -1.96 -6.94
CA ALA A 37 -15.20 -1.99 -5.81
C ALA A 37 -13.81 -2.48 -6.23
N MET A 38 -13.74 -3.47 -7.17
CA MET A 38 -12.44 -4.02 -7.64
C MET A 38 -11.68 -3.02 -8.52
N GLU A 39 -12.42 -2.18 -9.28
CA GLU A 39 -11.82 -1.09 -10.08
C GLU A 39 -11.18 -0.03 -9.19
N ARG A 40 -11.76 0.20 -8.00
CA ARG A 40 -11.20 1.12 -6.97
C ARG A 40 -10.08 0.43 -6.19
N LEU A 41 -10.20 -0.89 -5.98
CA LEU A 41 -9.17 -1.71 -5.33
C LEU A 41 -7.88 -1.66 -6.16
N LYS A 42 -8.04 -1.88 -7.47
CA LYS A 42 -6.93 -1.88 -8.43
C LYS A 42 -6.39 -0.46 -8.64
N ARG A 43 -7.31 0.53 -8.71
CA ARG A 43 -6.95 1.95 -8.88
C ARG A 43 -5.98 2.38 -7.79
N GLY A 44 -6.40 2.16 -6.54
CA GLY A 44 -5.66 2.56 -5.36
C GLY A 44 -4.38 1.75 -5.14
N ILE A 45 -4.36 0.49 -5.57
CA ILE A 45 -3.12 -0.34 -5.52
C ILE A 45 -2.02 0.29 -6.40
N ILE A 46 -2.37 0.65 -7.64
CA ILE A 46 -1.47 1.35 -8.58
C ILE A 46 -1.10 2.77 -8.02
N HIS A 47 -2.10 3.47 -7.43
CA HIS A 47 -1.91 4.82 -6.85
C HIS A 47 -0.91 4.79 -5.68
N ALA A 48 -1.10 3.83 -4.76
CA ALA A 48 -0.26 3.63 -3.57
C ALA A 48 1.18 3.28 -3.99
N ARG A 49 1.29 2.48 -5.07
CA ARG A 49 2.58 2.10 -5.68
C ARG A 49 3.30 3.34 -6.22
N GLY A 50 2.52 4.28 -6.80
CA GLY A 50 3.04 5.53 -7.35
C GLY A 50 3.63 6.43 -6.26
N LEU A 51 2.97 6.45 -5.09
CA LEU A 51 3.40 7.22 -3.91
C LEU A 51 4.69 6.62 -3.32
N VAL A 52 4.74 5.27 -3.28
CA VAL A 52 5.92 4.53 -2.79
C VAL A 52 7.13 4.87 -3.67
N ARG A 53 6.98 4.79 -5.01
CA ARG A 53 8.06 5.02 -5.99
C ARG A 53 8.72 6.41 -5.83
N GLU A 54 7.90 7.44 -5.62
CA GLU A 54 8.40 8.83 -5.47
C GLU A 54 8.94 9.08 -4.04
N CYS A 55 8.51 8.26 -3.07
CA CYS A 55 9.06 8.26 -1.70
C CYS A 55 10.44 7.58 -1.67
N LEU A 56 10.61 6.55 -2.53
CA LEU A 56 11.89 5.82 -2.66
C LEU A 56 12.90 6.70 -3.39
N ALA A 57 12.43 7.36 -4.46
CA ALA A 57 13.20 8.34 -5.25
C ALA A 57 13.64 9.52 -4.38
N GLU A 58 12.77 9.93 -3.45
CA GLU A 58 13.03 11.04 -2.52
C GLU A 58 14.10 10.61 -1.50
N THR A 59 13.95 9.38 -0.95
CA THR A 59 14.93 8.79 -0.02
C THR A 59 16.26 8.49 -0.74
N GLU A 60 16.22 8.30 -2.06
CA GLU A 60 17.41 8.03 -2.88
C GLU A 60 18.28 9.31 -3.00
N ARG A 61 17.60 10.47 -3.04
CA ARG A 61 18.26 11.78 -3.13
C ARG A 61 18.65 12.31 -1.71
N ASN A 62 17.87 11.93 -0.68
CA ASN A 62 18.04 12.45 0.71
C ASN A 62 18.92 11.50 1.57
N ALA A 63 19.10 10.26 1.12
CA ALA A 63 19.70 9.18 1.93
C ALA A 63 20.05 7.98 1.02
N ARG A 64 20.18 6.79 1.61
CA ARG A 64 20.34 5.51 0.90
C ARG A 64 19.79 4.37 1.77
N SER A 65 19.98 3.11 1.31
CA SER A 65 19.69 1.91 2.11
C SER A 65 21.05 1.29 2.54
N MET B 1 14.75 -32.12 -2.75
CA MET B 1 13.98 -32.03 -1.47
C MET B 1 13.09 -30.76 -1.47
N GLY B 2 13.56 -29.69 -2.12
CA GLY B 2 12.83 -28.42 -2.21
C GLY B 2 13.72 -27.25 -1.83
N HIS B 3 13.70 -26.17 -2.63
CA HIS B 3 14.52 -24.96 -2.39
C HIS B 3 13.70 -23.70 -2.75
N HIS B 4 14.01 -22.59 -2.07
CA HIS B 4 13.43 -21.28 -2.36
C HIS B 4 14.41 -20.18 -1.87
N HIS B 5 14.97 -19.43 -2.81
CA HIS B 5 15.87 -18.30 -2.53
C HIS B 5 15.10 -16.99 -2.76
N HIS B 6 15.10 -16.13 -1.73
CA HIS B 6 14.38 -14.84 -1.75
C HIS B 6 15.19 -13.84 -0.92
N HIS B 7 15.42 -12.64 -1.48
CA HIS B 7 16.22 -11.60 -0.80
C HIS B 7 15.39 -10.96 0.35
N HIS B 8 15.91 -11.10 1.59
CA HIS B 8 15.26 -10.57 2.80
C HIS B 8 15.64 -9.10 3.01
N SER B 9 14.97 -8.21 2.25
CA SER B 9 15.10 -6.75 2.40
C SER B 9 14.39 -6.29 3.68
N HIS B 10 15.16 -6.10 4.77
CA HIS B 10 14.62 -5.67 6.08
C HIS B 10 14.12 -4.20 6.05
N SER B 11 14.39 -3.50 4.92
CA SER B 11 13.83 -2.19 4.63
C SER B 11 12.31 -2.28 4.41
N LYS B 12 11.55 -1.48 5.18
CA LYS B 12 10.08 -1.35 5.02
C LYS B 12 9.73 -0.65 3.71
N TYR B 13 10.71 0.04 3.11
CA TYR B 13 10.56 0.65 1.77
C TYR B 13 10.40 -0.43 0.70
N ALA B 14 11.40 -1.33 0.64
CA ALA B 14 11.44 -2.43 -0.32
C ALA B 14 10.31 -3.45 -0.06
N GLU B 15 10.04 -3.69 1.23
CA GLU B 15 9.00 -4.64 1.67
C GLU B 15 7.59 -4.12 1.31
N LEU B 16 7.36 -2.80 1.50
CA LEU B 16 6.06 -2.15 1.20
C LEU B 16 5.71 -2.24 -0.29
N LEU B 17 6.68 -1.86 -1.13
CA LEU B 17 6.55 -1.94 -2.61
C LEU B 17 6.28 -3.39 -3.05
N ALA B 18 7.01 -4.34 -2.41
CA ALA B 18 6.90 -5.79 -2.68
C ALA B 18 5.50 -6.34 -2.35
N ILE B 19 4.87 -5.77 -1.31
CA ILE B 19 3.50 -6.11 -0.93
C ILE B 19 2.51 -5.60 -1.99
N ILE B 20 2.62 -4.30 -2.31
CA ILE B 20 1.61 -3.59 -3.13
C ILE B 20 1.52 -4.17 -4.57
N GLU B 21 2.68 -4.49 -5.17
CA GLU B 21 2.72 -5.16 -6.49
C GLU B 21 2.10 -6.58 -6.44
N GLU B 22 2.21 -7.23 -5.25
CA GLU B 22 1.65 -8.58 -5.01
C GLU B 22 0.12 -8.50 -4.82
N LEU B 23 -0.34 -7.39 -4.23
CA LEU B 23 -1.78 -7.09 -4.02
C LEU B 23 -2.49 -6.97 -5.38
N GLY B 24 -1.75 -6.39 -6.36
CA GLY B 24 -2.20 -6.28 -7.75
C GLY B 24 -2.53 -7.64 -8.38
N LYS B 25 -1.77 -8.67 -7.97
CA LYS B 25 -1.98 -10.07 -8.43
C LYS B 25 -3.24 -10.66 -7.77
N GLU B 26 -3.43 -10.34 -6.49
CA GLU B 26 -4.49 -10.92 -5.63
C GLU B 26 -5.91 -10.49 -6.01
N ILE B 27 -6.03 -9.33 -6.70
CA ILE B 27 -7.34 -8.74 -7.11
C ILE B 27 -8.19 -9.74 -7.92
N ARG B 28 -7.54 -10.38 -8.91
CA ARG B 28 -8.22 -11.24 -9.90
C ARG B 28 -8.81 -12.54 -9.29
N PRO B 29 -8.02 -13.39 -8.54
CA PRO B 29 -8.59 -14.61 -7.90
C PRO B 29 -9.63 -14.27 -6.80
N THR B 30 -9.44 -13.12 -6.11
CA THR B 30 -10.41 -12.62 -5.10
C THR B 30 -11.78 -12.36 -5.75
N TYR B 31 -11.75 -11.60 -6.87
CA TYR B 31 -12.95 -11.29 -7.65
C TYR B 31 -13.58 -12.55 -8.28
N ALA B 32 -12.72 -13.51 -8.67
CA ALA B 32 -13.15 -14.80 -9.23
C ALA B 32 -13.88 -15.66 -8.18
N GLY B 33 -13.61 -15.37 -6.90
CA GLY B 33 -14.28 -16.02 -5.78
C GLY B 33 -13.42 -17.10 -5.12
N SER B 34 -12.13 -16.77 -4.88
CA SER B 34 -11.18 -17.62 -4.15
C SER B 34 -11.01 -17.06 -2.73
N LYS B 35 -11.38 -17.86 -1.72
CA LYS B 35 -11.35 -17.42 -0.31
C LYS B 35 -9.89 -17.26 0.19
N SER B 36 -8.99 -18.12 -0.30
CA SER B 36 -7.55 -18.02 0.02
C SER B 36 -6.95 -16.70 -0.50
N ALA B 37 -7.45 -16.24 -1.67
CA ALA B 37 -6.97 -15.03 -2.34
C ALA B 37 -7.31 -13.75 -1.55
N MET B 38 -8.59 -13.61 -1.15
CA MET B 38 -9.06 -12.42 -0.38
C MET B 38 -8.34 -12.30 0.98
N GLU B 39 -8.04 -13.45 1.58
CA GLU B 39 -7.32 -13.54 2.85
C GLU B 39 -5.86 -13.09 2.72
N ARG B 40 -5.18 -13.54 1.64
CA ARG B 40 -3.78 -13.14 1.32
C ARG B 40 -3.69 -11.64 0.99
N LEU B 41 -4.71 -11.16 0.27
CA LEU B 41 -4.86 -9.77 -0.16
C LEU B 41 -5.02 -8.85 1.07
N LYS B 42 -5.94 -9.23 1.96
CA LYS B 42 -6.28 -8.42 3.14
C LYS B 42 -5.17 -8.46 4.20
N ARG B 43 -4.53 -9.64 4.33
CA ARG B 43 -3.38 -9.85 5.23
C ARG B 43 -2.21 -8.96 4.79
N GLY B 44 -2.00 -8.91 3.46
CA GLY B 44 -0.97 -8.09 2.84
C GLY B 44 -1.24 -6.60 3.02
N ILE B 45 -2.51 -6.21 2.84
CA ILE B 45 -2.95 -4.80 2.93
C ILE B 45 -2.78 -4.25 4.37
N ILE B 46 -3.16 -5.03 5.39
CA ILE B 46 -2.98 -4.62 6.80
C ILE B 46 -1.49 -4.52 7.15
N HIS B 47 -0.69 -5.47 6.63
CA HIS B 47 0.77 -5.47 6.79
C HIS B 47 1.40 -4.22 6.12
N ALA B 48 0.87 -3.87 4.94
CA ALA B 48 1.33 -2.71 4.15
C ALA B 48 1.04 -1.41 4.91
N ARG B 49 -0.21 -1.28 5.40
CA ARG B 49 -0.67 -0.15 6.24
C ARG B 49 0.21 0.00 7.50
N GLY B 50 0.61 -1.14 8.07
CA GLY B 50 1.49 -1.18 9.23
C GLY B 50 2.88 -0.60 8.92
N LEU B 51 3.39 -0.90 7.72
CA LEU B 51 4.70 -0.40 7.26
C LEU B 51 4.64 1.12 7.00
N VAL B 52 3.46 1.59 6.52
CA VAL B 52 3.22 3.02 6.27
C VAL B 52 3.15 3.78 7.61
N ARG B 53 2.53 3.17 8.62
CA ARG B 53 2.49 3.70 10.01
C ARG B 53 3.93 3.87 10.55
N GLU B 54 4.83 2.95 10.18
CA GLU B 54 6.26 3.02 10.54
C GLU B 54 6.97 4.15 9.78
N CYS B 55 6.58 4.37 8.51
CA CYS B 55 7.14 5.43 7.66
C CYS B 55 6.68 6.82 8.16
N LEU B 56 5.44 6.89 8.66
CA LEU B 56 4.86 8.12 9.22
C LEU B 56 5.56 8.51 10.54
N ALA B 57 5.66 7.53 11.44
CA ALA B 57 6.32 7.67 12.75
C ALA B 57 7.82 8.01 12.60
N GLU B 58 8.45 7.43 11.57
CA GLU B 58 9.86 7.68 11.22
C GLU B 58 10.04 9.15 10.77
N THR B 59 9.19 9.56 9.80
CA THR B 59 9.20 10.94 9.25
C THR B 59 8.70 11.96 10.30
N GLU B 60 8.01 11.48 11.35
CA GLU B 60 7.51 12.33 12.46
C GLU B 60 8.68 12.75 13.37
N ARG B 61 9.64 11.82 13.57
CA ARG B 61 10.83 12.06 14.42
C ARG B 61 11.91 12.83 13.63
N ASN B 62 12.12 12.43 12.37
CA ASN B 62 13.21 12.94 11.52
C ASN B 62 12.81 14.24 10.78
N ALA B 63 11.50 14.56 10.79
CA ALA B 63 10.93 15.68 10.02
C ALA B 63 9.54 16.04 10.59
N ARG B 64 8.69 16.69 9.78
CA ARG B 64 7.24 16.81 10.05
C ARG B 64 6.47 15.84 9.13
N SER B 65 5.23 15.50 9.52
CA SER B 65 4.34 14.62 8.74
C SER B 65 3.00 15.36 8.48
N MET A 1 -7.41 4.62 17.56
CA MET A 1 -8.59 5.20 18.27
C MET A 1 -8.88 6.60 17.71
N GLY A 2 -9.90 6.69 16.84
CA GLY A 2 -10.28 7.95 16.20
C GLY A 2 -9.90 7.98 14.73
N HIS A 3 -10.90 7.79 13.84
CA HIS A 3 -10.72 7.90 12.38
C HIS A 3 -10.56 9.38 12.00
N HIS A 4 -9.48 9.70 11.27
CA HIS A 4 -9.14 11.07 10.86
C HIS A 4 -8.72 11.10 9.38
N HIS A 5 -9.66 11.51 8.52
CA HIS A 5 -9.46 11.66 7.06
C HIS A 5 -9.78 13.11 6.61
N HIS A 6 -10.09 13.99 7.58
CA HIS A 6 -10.46 15.40 7.31
C HIS A 6 -9.25 16.22 6.83
N HIS A 7 -8.12 16.03 7.53
CA HIS A 7 -6.83 16.66 7.19
C HIS A 7 -5.80 15.58 6.88
N HIS A 8 -5.41 15.50 5.60
CA HIS A 8 -4.20 14.75 5.20
C HIS A 8 -3.00 15.67 5.40
N SER A 9 -1.88 15.09 5.82
CA SER A 9 -0.60 15.81 5.84
C SER A 9 -0.06 15.86 4.40
N HIS A 10 0.83 16.83 4.12
CA HIS A 10 1.51 16.94 2.82
C HIS A 10 2.60 15.85 2.67
N SER A 11 2.74 15.03 3.73
CA SER A 11 3.54 13.81 3.72
C SER A 11 2.98 12.82 2.69
N LYS A 12 3.88 12.28 1.87
CA LYS A 12 3.62 11.22 0.88
C LYS A 12 3.00 9.97 1.56
N TYR A 13 3.41 9.75 2.83
CA TYR A 13 2.97 8.60 3.65
C TYR A 13 1.55 8.82 4.22
N ALA A 14 1.08 10.08 4.27
CA ALA A 14 -0.31 10.40 4.69
C ALA A 14 -1.32 9.97 3.62
N GLU A 15 -0.94 10.16 2.34
CA GLU A 15 -1.69 9.66 1.18
C GLU A 15 -1.59 8.14 1.12
N LEU A 16 -0.37 7.64 1.34
CA LEU A 16 -0.06 6.19 1.32
C LEU A 16 -0.83 5.44 2.42
N LEU A 17 -1.08 6.14 3.54
CA LEU A 17 -1.90 5.66 4.66
C LEU A 17 -3.38 5.56 4.25
N ALA A 18 -3.91 6.71 3.81
CA ALA A 18 -5.35 6.91 3.55
C ALA A 18 -5.86 5.99 2.42
N ILE A 19 -5.01 5.76 1.41
CA ILE A 19 -5.33 4.88 0.28
C ILE A 19 -5.41 3.42 0.74
N ILE A 20 -4.35 2.93 1.43
CA ILE A 20 -4.21 1.50 1.78
C ILE A 20 -5.35 1.02 2.73
N GLU A 21 -5.69 1.83 3.75
CA GLU A 21 -6.80 1.51 4.68
C GLU A 21 -8.18 1.66 4.01
N GLU A 22 -8.22 2.35 2.86
CA GLU A 22 -9.43 2.46 2.04
C GLU A 22 -9.61 1.19 1.20
N LEU A 23 -8.49 0.71 0.61
CA LEU A 23 -8.39 -0.55 -0.16
C LEU A 23 -8.92 -1.75 0.64
N GLY A 24 -8.66 -1.75 1.96
CA GLY A 24 -9.10 -2.79 2.88
C GLY A 24 -10.61 -2.82 3.03
N LYS A 25 -11.22 -1.63 3.05
CA LYS A 25 -12.67 -1.48 3.17
C LYS A 25 -13.39 -1.85 1.86
N GLU A 26 -12.67 -1.75 0.72
CA GLU A 26 -13.17 -2.11 -0.62
C GLU A 26 -13.10 -3.62 -0.87
N ILE A 27 -12.45 -4.38 0.04
CA ILE A 27 -12.37 -5.85 -0.07
C ILE A 27 -13.76 -6.50 0.14
N ARG A 28 -14.52 -5.98 1.13
CA ARG A 28 -15.85 -6.52 1.50
C ARG A 28 -16.84 -6.59 0.28
N PRO A 29 -17.08 -5.46 -0.51
CA PRO A 29 -17.93 -5.54 -1.73
C PRO A 29 -17.25 -6.33 -2.89
N THR A 30 -15.91 -6.26 -3.01
CA THR A 30 -15.15 -7.07 -4.01
C THR A 30 -15.43 -8.60 -3.80
N TYR A 31 -15.44 -8.99 -2.52
CA TYR A 31 -15.77 -10.36 -2.06
C TYR A 31 -17.26 -10.65 -2.26
N ALA A 32 -18.09 -9.60 -2.16
CA ALA A 32 -19.56 -9.69 -2.37
C ALA A 32 -19.92 -9.78 -3.87
N GLY A 33 -18.91 -9.72 -4.77
CA GLY A 33 -19.10 -9.83 -6.21
C GLY A 33 -19.46 -8.49 -6.86
N SER A 34 -18.94 -7.39 -6.30
CA SER A 34 -19.20 -6.03 -6.79
C SER A 34 -17.99 -5.54 -7.63
N LYS A 35 -18.24 -5.33 -8.93
CA LYS A 35 -17.20 -4.92 -9.90
C LYS A 35 -16.70 -3.48 -9.65
N SER A 36 -17.53 -2.66 -9.00
CA SER A 36 -17.17 -1.27 -8.67
C SER A 36 -15.99 -1.23 -7.68
N ALA A 37 -16.06 -2.09 -6.65
CA ALA A 37 -15.09 -2.13 -5.55
C ALA A 37 -13.73 -2.65 -6.00
N MET A 38 -13.70 -3.69 -6.87
CA MET A 38 -12.44 -4.30 -7.38
C MET A 38 -11.65 -3.31 -8.25
N GLU A 39 -12.38 -2.44 -8.97
CA GLU A 39 -11.77 -1.38 -9.78
C GLU A 39 -11.11 -0.32 -8.88
N ARG A 40 -11.88 0.22 -7.92
CA ARG A 40 -11.39 1.24 -6.95
C ARG A 40 -10.23 0.69 -6.09
N LEU A 41 -10.29 -0.63 -5.87
CA LEU A 41 -9.24 -1.41 -5.19
C LEU A 41 -7.95 -1.40 -6.00
N LYS A 42 -8.03 -1.83 -7.28
CA LYS A 42 -6.85 -1.97 -8.16
C LYS A 42 -6.22 -0.61 -8.51
N ARG A 43 -7.07 0.39 -8.75
CA ARG A 43 -6.65 1.77 -9.07
C ARG A 43 -5.81 2.33 -7.91
N GLY A 44 -6.36 2.21 -6.69
CA GLY A 44 -5.69 2.68 -5.47
C GLY A 44 -4.43 1.90 -5.15
N ILE A 45 -4.42 0.58 -5.45
CA ILE A 45 -3.20 -0.27 -5.30
C ILE A 45 -2.05 0.26 -6.18
N ILE A 46 -2.36 0.52 -7.46
CA ILE A 46 -1.39 1.09 -8.43
C ILE A 46 -0.92 2.50 -7.96
N HIS A 47 -1.87 3.31 -7.47
CA HIS A 47 -1.60 4.70 -7.01
C HIS A 47 -0.74 4.72 -5.74
N ALA A 48 -1.00 3.77 -4.81
CA ALA A 48 -0.23 3.61 -3.56
C ALA A 48 1.19 3.16 -3.88
N ARG A 49 1.32 2.30 -4.91
CA ARG A 49 2.60 1.84 -5.44
C ARG A 49 3.34 2.99 -6.16
N GLY A 50 2.55 3.90 -6.76
CA GLY A 50 3.10 5.11 -7.39
C GLY A 50 3.78 6.02 -6.37
N LEU A 51 3.18 6.08 -5.17
CA LEU A 51 3.73 6.80 -4.01
C LEU A 51 5.00 6.11 -3.51
N VAL A 52 4.99 4.75 -3.55
CA VAL A 52 6.14 3.91 -3.13
C VAL A 52 7.33 4.06 -4.10
N ARG A 53 7.04 4.20 -5.40
CA ARG A 53 8.08 4.40 -6.44
C ARG A 53 8.75 5.77 -6.29
N GLU A 54 7.94 6.79 -5.99
CA GLU A 54 8.45 8.15 -5.69
C GLU A 54 9.22 8.13 -4.35
N CYS A 55 8.74 7.30 -3.41
CA CYS A 55 9.34 7.15 -2.08
C CYS A 55 10.75 6.55 -2.19
N LEU A 56 10.89 5.53 -3.05
CA LEU A 56 12.17 4.88 -3.33
C LEU A 56 13.15 5.85 -3.98
N ALA A 57 12.71 6.47 -5.09
CA ALA A 57 13.51 7.39 -5.91
C ALA A 57 14.07 8.59 -5.10
N GLU A 58 13.23 9.13 -4.20
CA GLU A 58 13.56 10.36 -3.44
C GLU A 58 14.32 10.08 -2.12
N THR A 59 14.06 8.91 -1.51
CA THR A 59 14.85 8.44 -0.34
C THR A 59 16.22 7.89 -0.82
N GLU A 60 16.29 7.52 -2.12
CA GLU A 60 17.54 7.10 -2.77
C GLU A 60 18.50 8.29 -2.88
N ARG A 61 17.92 9.51 -3.09
CA ARG A 61 18.68 10.76 -3.22
C ARG A 61 19.36 11.14 -1.88
N ASN A 62 18.80 10.64 -0.78
CA ASN A 62 19.31 10.93 0.57
C ASN A 62 20.60 10.15 0.88
N ALA A 63 20.75 8.96 0.27
CA ALA A 63 21.89 8.04 0.56
C ALA A 63 22.83 7.87 -0.66
N ARG A 64 22.32 8.24 -1.84
CA ARG A 64 23.03 8.05 -3.14
C ARG A 64 22.79 9.28 -4.03
N SER A 65 23.86 9.73 -4.70
CA SER A 65 23.80 10.86 -5.65
C SER A 65 24.17 10.32 -7.06
N MET B 1 9.24 -4.69 -15.48
CA MET B 1 9.25 -6.10 -15.94
C MET B 1 10.48 -6.81 -15.41
N GLY B 2 10.41 -8.16 -15.33
CA GLY B 2 11.47 -8.99 -14.77
C GLY B 2 11.20 -9.29 -13.32
N HIS B 3 10.73 -10.53 -13.04
CA HIS B 3 10.44 -10.99 -11.67
C HIS B 3 11.75 -11.05 -10.85
N HIS B 4 11.97 -10.03 -10.02
CA HIS B 4 13.18 -9.90 -9.20
C HIS B 4 12.78 -9.92 -7.72
N HIS B 5 12.67 -11.16 -7.19
CA HIS B 5 12.39 -11.43 -5.76
C HIS B 5 13.29 -12.60 -5.33
N HIS B 6 14.48 -12.28 -4.81
CA HIS B 6 15.43 -13.27 -4.23
C HIS B 6 15.99 -12.71 -2.92
N HIS B 7 16.43 -11.44 -2.97
CA HIS B 7 16.79 -10.65 -1.77
C HIS B 7 15.69 -9.62 -1.52
N HIS B 8 14.84 -9.87 -0.51
CA HIS B 8 13.83 -8.89 -0.06
C HIS B 8 14.56 -7.60 0.37
N SER B 9 14.20 -6.48 -0.26
CA SER B 9 14.86 -5.21 -0.06
C SER B 9 14.61 -4.70 1.38
N HIS B 10 15.70 -4.61 2.17
CA HIS B 10 15.66 -4.12 3.55
C HIS B 10 15.31 -2.62 3.61
N SER B 11 15.43 -1.93 2.45
CA SER B 11 14.80 -0.63 2.23
C SER B 11 13.27 -0.82 2.36
N LYS B 12 12.74 -0.33 3.49
CA LYS B 12 11.37 -0.60 3.98
C LYS B 12 10.27 -0.33 2.93
N TYR B 13 10.53 0.67 2.07
CA TYR B 13 9.57 1.13 1.05
C TYR B 13 9.53 0.14 -0.12
N ALA B 14 10.69 -0.45 -0.47
CA ALA B 14 10.79 -1.50 -1.52
C ALA B 14 10.29 -2.86 -0.99
N GLU B 15 10.28 -3.00 0.35
CA GLU B 15 9.66 -4.14 1.02
C GLU B 15 8.12 -4.04 0.86
N LEU B 16 7.62 -2.80 1.01
CA LEU B 16 6.21 -2.45 0.82
C LEU B 16 5.80 -2.58 -0.66
N LEU B 17 6.75 -2.24 -1.57
CA LEU B 17 6.57 -2.39 -3.03
C LEU B 17 6.16 -3.82 -3.38
N ALA B 18 6.98 -4.79 -2.93
CA ALA B 18 6.79 -6.23 -3.19
C ALA B 18 5.44 -6.74 -2.65
N ILE B 19 4.94 -6.13 -1.56
CA ILE B 19 3.61 -6.43 -1.02
C ILE B 19 2.52 -5.95 -2.01
N ILE B 20 2.52 -4.65 -2.32
CA ILE B 20 1.48 -3.98 -3.12
C ILE B 20 1.33 -4.60 -4.54
N GLU B 21 2.49 -4.85 -5.19
CA GLU B 21 2.54 -5.47 -6.53
C GLU B 21 1.88 -6.86 -6.53
N GLU B 22 2.15 -7.61 -5.45
CA GLU B 22 1.57 -8.94 -5.23
C GLU B 22 0.04 -8.87 -5.10
N LEU B 23 -0.43 -7.88 -4.31
CA LEU B 23 -1.88 -7.68 -4.03
C LEU B 23 -2.66 -7.37 -5.32
N GLY B 24 -2.02 -6.58 -6.21
CA GLY B 24 -2.58 -6.21 -7.52
C GLY B 24 -2.83 -7.42 -8.40
N LYS B 25 -1.96 -8.42 -8.30
CA LYS B 25 -2.10 -9.70 -9.04
C LYS B 25 -3.16 -10.59 -8.39
N GLU B 26 -3.24 -10.54 -7.04
CA GLU B 26 -4.19 -11.37 -6.24
C GLU B 26 -5.66 -11.01 -6.51
N ILE B 27 -5.91 -9.83 -7.10
CA ILE B 27 -7.27 -9.36 -7.43
C ILE B 27 -7.93 -10.28 -8.49
N ARG B 28 -7.11 -10.87 -9.41
CA ARG B 28 -7.62 -11.75 -10.48
C ARG B 28 -8.24 -13.06 -9.86
N PRO B 29 -7.47 -13.91 -9.06
CA PRO B 29 -8.06 -15.10 -8.38
C PRO B 29 -9.14 -14.73 -7.33
N THR B 30 -9.02 -13.53 -6.68
CA THR B 30 -10.08 -13.01 -5.76
C THR B 30 -11.43 -12.86 -6.50
N TYR B 31 -11.36 -12.23 -7.67
CA TYR B 31 -12.52 -11.99 -8.54
C TYR B 31 -13.09 -13.33 -9.08
N ALA B 32 -12.20 -14.31 -9.30
CA ALA B 32 -12.56 -15.65 -9.78
C ALA B 32 -13.26 -16.48 -8.67
N GLY B 33 -13.16 -16.02 -7.41
CA GLY B 33 -13.86 -16.63 -6.27
C GLY B 33 -12.93 -17.25 -5.24
N SER B 34 -11.62 -17.34 -5.57
CA SER B 34 -10.60 -17.95 -4.70
C SER B 34 -10.37 -17.07 -3.46
N LYS B 35 -10.87 -17.53 -2.30
CA LYS B 35 -10.83 -16.76 -1.05
C LYS B 35 -9.40 -16.70 -0.46
N SER B 36 -8.53 -17.65 -0.87
CA SER B 36 -7.11 -17.63 -0.48
C SER B 36 -6.39 -16.36 -1.02
N ALA B 37 -6.90 -15.84 -2.15
CA ALA B 37 -6.36 -14.66 -2.82
C ALA B 37 -6.77 -13.36 -2.12
N MET B 38 -8.05 -13.26 -1.69
CA MET B 38 -8.54 -12.09 -0.93
C MET B 38 -7.93 -12.07 0.48
N GLU B 39 -7.52 -13.24 0.99
CA GLU B 39 -6.79 -13.35 2.26
C GLU B 39 -5.34 -12.85 2.12
N ARG B 40 -4.73 -13.09 0.95
CA ARG B 40 -3.40 -12.50 0.60
C ARG B 40 -3.52 -10.98 0.45
N LEU B 41 -4.60 -10.56 -0.20
CA LEU B 41 -4.95 -9.15 -0.43
C LEU B 41 -5.13 -8.42 0.92
N LYS B 42 -5.93 -9.05 1.79
CA LYS B 42 -6.30 -8.50 3.10
C LYS B 42 -5.10 -8.45 4.05
N ARG B 43 -4.44 -9.60 4.23
CA ARG B 43 -3.24 -9.75 5.09
C ARG B 43 -2.13 -8.80 4.63
N GLY B 44 -2.00 -8.68 3.31
CA GLY B 44 -1.03 -7.79 2.69
C GLY B 44 -1.30 -6.32 2.98
N ILE B 45 -2.59 -5.92 2.91
CA ILE B 45 -3.04 -4.54 3.20
C ILE B 45 -2.84 -4.18 4.69
N ILE B 46 -3.06 -5.16 5.58
CA ILE B 46 -2.81 -5.01 7.04
C ILE B 46 -1.31 -4.73 7.27
N HIS B 47 -0.46 -5.61 6.71
CA HIS B 47 1.02 -5.47 6.75
C HIS B 47 1.49 -4.17 6.08
N ALA B 48 0.77 -3.77 5.00
CA ALA B 48 1.12 -2.61 4.18
C ALA B 48 1.00 -1.32 5.01
N ARG B 49 -0.19 -1.11 5.61
CA ARG B 49 -0.45 0.04 6.49
C ARG B 49 0.41 -0.03 7.77
N GLY B 50 0.78 -1.26 8.18
CA GLY B 50 1.69 -1.47 9.30
C GLY B 50 3.07 -0.87 9.04
N LEU B 51 3.53 -1.00 7.78
CA LEU B 51 4.80 -0.39 7.32
C LEU B 51 4.65 1.14 7.24
N VAL B 52 3.53 1.60 6.64
CA VAL B 52 3.26 3.05 6.43
C VAL B 52 3.16 3.80 7.78
N ARG B 53 2.62 3.13 8.80
CA ARG B 53 2.49 3.67 10.17
C ARG B 53 3.87 3.92 10.81
N GLU B 54 4.85 3.06 10.51
CA GLU B 54 6.23 3.24 10.97
C GLU B 54 6.94 4.34 10.15
N CYS B 55 6.52 4.51 8.88
CA CYS B 55 6.99 5.61 8.00
C CYS B 55 6.44 6.96 8.49
N LEU B 56 5.23 6.90 9.07
CA LEU B 56 4.58 8.03 9.73
C LEU B 56 5.17 8.27 11.12
N ALA B 57 5.73 7.22 11.75
CA ALA B 57 6.50 7.32 13.00
C ALA B 57 7.85 8.05 12.76
N GLU B 58 8.39 7.87 11.54
CA GLU B 58 9.57 8.64 11.04
C GLU B 58 9.16 10.13 10.84
N THR B 59 7.93 10.32 10.29
CA THR B 59 7.34 11.66 10.08
C THR B 59 6.92 12.31 11.43
N GLU B 60 6.61 11.44 12.42
CA GLU B 60 6.04 11.86 13.73
C GLU B 60 7.04 12.72 14.51
N ARG B 61 8.19 12.12 14.81
CA ARG B 61 9.24 12.76 15.64
C ARG B 61 9.93 13.92 14.88
N ASN B 62 9.83 13.88 13.53
CA ASN B 62 10.44 14.91 12.66
C ASN B 62 9.56 16.17 12.61
N ALA B 63 8.28 16.00 12.28
CA ALA B 63 7.30 17.11 12.14
C ALA B 63 7.01 17.77 13.50
N ARG B 64 6.96 16.94 14.55
CA ARG B 64 6.77 17.39 15.94
C ARG B 64 8.05 18.07 16.44
N SER B 65 7.95 19.37 16.73
CA SER B 65 9.07 20.18 17.23
C SER B 65 9.38 19.82 18.70
N MET A 1 -17.92 24.52 18.85
CA MET A 1 -17.88 25.27 17.57
C MET A 1 -16.50 25.13 16.91
N GLY A 2 -16.42 24.29 15.85
CA GLY A 2 -15.21 24.21 15.00
C GLY A 2 -15.31 25.22 13.86
N HIS A 3 -15.50 26.50 14.26
CA HIS A 3 -15.83 27.61 13.34
C HIS A 3 -14.55 28.18 12.68
N HIS A 4 -13.38 27.84 13.24
CA HIS A 4 -12.07 28.21 12.65
C HIS A 4 -11.23 26.94 12.44
N HIS A 5 -10.91 26.63 11.18
CA HIS A 5 -10.13 25.42 10.82
C HIS A 5 -8.63 25.68 10.93
N HIS A 6 -7.91 24.68 11.47
CA HIS A 6 -6.46 24.74 11.72
C HIS A 6 -5.67 24.42 10.43
N HIS A 7 -4.33 24.56 10.51
CA HIS A 7 -3.44 24.26 9.38
C HIS A 7 -3.45 22.75 9.06
N HIS A 8 -4.28 22.37 8.08
CA HIS A 8 -4.38 20.98 7.60
C HIS A 8 -3.34 20.73 6.49
N SER A 9 -2.49 19.72 6.68
CA SER A 9 -1.45 19.32 5.70
C SER A 9 -1.14 17.82 5.85
N HIS A 10 -0.55 17.23 4.79
CA HIS A 10 -0.17 15.81 4.75
C HIS A 10 1.22 15.64 4.14
N SER A 11 1.90 14.56 4.56
CA SER A 11 3.18 14.11 3.99
C SER A 11 2.94 13.22 2.77
N LYS A 12 4.03 12.90 2.05
CA LYS A 12 4.04 11.94 0.92
C LYS A 12 3.53 10.55 1.38
N TYR A 13 3.88 10.21 2.63
CA TYR A 13 3.56 8.92 3.26
C TYR A 13 2.13 8.90 3.82
N ALA A 14 1.61 10.09 4.18
CA ALA A 14 0.23 10.25 4.71
C ALA A 14 -0.83 9.89 3.66
N GLU A 15 -0.54 10.23 2.40
CA GLU A 15 -1.42 9.90 1.26
C GLU A 15 -1.35 8.39 0.96
N LEU A 16 -0.16 7.84 1.17
CA LEU A 16 0.15 6.43 0.93
C LEU A 16 -0.62 5.52 1.93
N LEU A 17 -0.67 5.95 3.21
CA LEU A 17 -1.49 5.26 4.24
C LEU A 17 -2.99 5.46 3.96
N ALA A 18 -3.35 6.65 3.42
CA ALA A 18 -4.74 7.05 3.16
C ALA A 18 -5.40 6.21 2.07
N ILE A 19 -4.60 5.75 1.10
CA ILE A 19 -5.08 4.85 0.04
C ILE A 19 -5.30 3.44 0.59
N ILE A 20 -4.31 2.92 1.32
CA ILE A 20 -4.32 1.51 1.77
C ILE A 20 -5.46 1.22 2.77
N GLU A 21 -5.78 2.22 3.64
CA GLU A 21 -6.93 2.12 4.58
C GLU A 21 -8.30 2.08 3.83
N GLU A 22 -8.32 2.57 2.57
CA GLU A 22 -9.49 2.43 1.68
C GLU A 22 -9.55 0.99 1.16
N LEU A 23 -8.44 0.57 0.52
CA LEU A 23 -8.24 -0.74 -0.13
C LEU A 23 -8.69 -1.93 0.75
N GLY A 24 -8.50 -1.83 2.08
CA GLY A 24 -8.84 -2.90 3.02
C GLY A 24 -10.34 -3.07 3.21
N LYS A 25 -11.04 -1.93 3.21
CA LYS A 25 -12.51 -1.89 3.37
C LYS A 25 -13.22 -2.36 2.10
N GLU A 26 -12.52 -2.26 0.94
CA GLU A 26 -13.08 -2.57 -0.39
C GLU A 26 -12.67 -3.98 -0.88
N ILE A 27 -12.12 -4.81 0.02
CA ILE A 27 -11.81 -6.23 -0.27
C ILE A 27 -13.10 -7.06 -0.31
N ARG A 28 -13.93 -6.89 0.73
CA ARG A 28 -15.17 -7.67 0.92
C ARG A 28 -16.17 -7.57 -0.28
N PRO A 29 -16.51 -6.34 -0.83
CA PRO A 29 -17.38 -6.23 -2.05
C PRO A 29 -16.70 -6.80 -3.33
N THR A 30 -15.37 -6.58 -3.46
CA THR A 30 -14.58 -7.19 -4.56
C THR A 30 -14.75 -8.73 -4.54
N TYR A 31 -14.56 -9.29 -3.34
CA TYR A 31 -14.72 -10.72 -3.03
C TYR A 31 -16.16 -11.19 -3.33
N ALA A 32 -17.13 -10.31 -3.06
CA ALA A 32 -18.57 -10.59 -3.26
C ALA A 32 -19.00 -10.49 -4.74
N GLY A 33 -18.03 -10.23 -5.65
CA GLY A 33 -18.28 -10.22 -7.11
C GLY A 33 -18.82 -8.89 -7.61
N SER A 34 -18.37 -7.78 -7.00
CA SER A 34 -18.72 -6.42 -7.43
C SER A 34 -17.63 -5.86 -8.36
N LYS A 35 -17.98 -5.65 -9.65
CA LYS A 35 -17.05 -5.15 -10.69
C LYS A 35 -16.56 -3.72 -10.38
N SER A 36 -17.44 -2.94 -9.73
CA SER A 36 -17.11 -1.56 -9.36
C SER A 36 -16.06 -1.50 -8.25
N ALA A 37 -16.15 -2.45 -7.31
CA ALA A 37 -15.28 -2.56 -6.14
C ALA A 37 -13.86 -2.99 -6.52
N MET A 38 -13.76 -3.96 -7.46
CA MET A 38 -12.45 -4.46 -7.94
C MET A 38 -11.69 -3.37 -8.72
N GLU A 39 -12.44 -2.51 -9.44
CA GLU A 39 -11.88 -1.34 -10.14
C GLU A 39 -11.35 -0.29 -9.13
N ARG A 40 -12.14 -0.03 -8.07
CA ARG A 40 -11.77 0.90 -6.98
C ARG A 40 -10.51 0.40 -6.24
N LEU A 41 -10.46 -0.91 -6.06
CA LEU A 41 -9.34 -1.60 -5.42
C LEU A 41 -8.09 -1.53 -6.32
N LYS A 42 -8.29 -1.73 -7.62
CA LYS A 42 -7.22 -1.79 -8.64
C LYS A 42 -6.47 -0.45 -8.75
N ARG A 43 -7.22 0.61 -9.04
CA ARG A 43 -6.66 1.96 -9.28
C ARG A 43 -5.93 2.47 -8.03
N GLY A 44 -6.50 2.21 -6.85
CA GLY A 44 -5.89 2.57 -5.57
C GLY A 44 -4.55 1.85 -5.33
N ILE A 45 -4.52 0.54 -5.58
CA ILE A 45 -3.28 -0.29 -5.40
C ILE A 45 -2.14 0.22 -6.31
N ILE A 46 -2.45 0.41 -7.61
CA ILE A 46 -1.49 0.92 -8.59
C ILE A 46 -0.99 2.35 -8.21
N HIS A 47 -1.92 3.21 -7.77
CA HIS A 47 -1.62 4.60 -7.31
C HIS A 47 -0.72 4.57 -6.06
N ALA A 48 -1.03 3.64 -5.13
CA ALA A 48 -0.29 3.46 -3.87
C ALA A 48 1.16 3.07 -4.15
N ARG A 49 1.36 2.18 -5.14
CA ARG A 49 2.68 1.72 -5.59
C ARG A 49 3.49 2.89 -6.20
N GLY A 50 2.74 3.81 -6.83
CA GLY A 50 3.31 5.04 -7.39
C GLY A 50 3.87 5.96 -6.30
N LEU A 51 3.18 5.98 -5.14
CA LEU A 51 3.60 6.76 -3.98
C LEU A 51 4.78 6.09 -3.27
N VAL A 52 4.87 4.75 -3.39
CA VAL A 52 6.03 3.99 -2.89
C VAL A 52 7.28 4.35 -3.71
N ARG A 53 7.10 4.54 -5.04
CA ARG A 53 8.16 5.02 -5.95
C ARG A 53 8.60 6.45 -5.58
N GLU A 54 7.63 7.28 -5.12
CA GLU A 54 7.93 8.63 -4.59
C GLU A 54 8.81 8.51 -3.33
N CYS A 55 8.46 7.56 -2.46
CA CYS A 55 9.15 7.31 -1.17
C CYS A 55 10.59 6.76 -1.40
N LEU A 56 10.73 5.90 -2.41
CA LEU A 56 12.03 5.31 -2.81
C LEU A 56 13.00 6.41 -3.28
N ALA A 57 12.56 7.19 -4.27
CA ALA A 57 13.33 8.34 -4.81
C ALA A 57 13.57 9.43 -3.75
N GLU A 58 12.63 9.55 -2.79
CA GLU A 58 12.74 10.49 -1.66
C GLU A 58 13.96 10.12 -0.80
N THR A 59 14.04 8.83 -0.46
CA THR A 59 15.11 8.24 0.37
C THR A 59 16.43 8.12 -0.41
N GLU A 60 16.33 8.06 -1.75
CA GLU A 60 17.49 7.92 -2.66
C GLU A 60 18.25 9.26 -2.78
N ARG A 61 17.48 10.37 -2.76
CA ARG A 61 18.06 11.72 -2.81
C ARG A 61 18.52 12.15 -1.40
N ASN A 62 17.75 11.74 -0.39
CA ASN A 62 18.00 12.08 1.03
C ASN A 62 19.20 11.28 1.60
N ALA A 63 19.39 10.06 1.09
CA ALA A 63 20.38 9.11 1.65
C ALA A 63 20.93 8.19 0.54
N ARG A 64 22.03 7.48 0.84
CA ARG A 64 22.78 6.67 -0.15
C ARG A 64 22.62 5.17 0.14
N SER A 65 22.56 4.36 -0.92
CA SER A 65 22.37 2.91 -0.85
C SER A 65 22.95 2.29 -2.13
N MET B 1 26.56 -16.89 -12.38
CA MET B 1 27.05 -18.03 -11.56
C MET B 1 28.27 -17.57 -10.74
N GLY B 2 28.31 -17.95 -9.46
CA GLY B 2 29.44 -17.63 -8.57
C GLY B 2 29.23 -18.11 -7.16
N HIS B 3 30.05 -17.61 -6.22
CA HIS B 3 29.98 -17.97 -4.79
C HIS B 3 29.29 -16.84 -4.02
N HIS B 4 29.93 -15.64 -4.04
CA HIS B 4 29.43 -14.45 -3.34
C HIS B 4 28.36 -13.76 -4.21
N HIS B 5 27.08 -14.13 -3.99
CA HIS B 5 25.93 -13.60 -4.76
C HIS B 5 25.47 -12.25 -4.18
N HIS B 6 24.56 -11.58 -4.91
CA HIS B 6 24.05 -10.24 -4.53
C HIS B 6 23.30 -10.28 -3.17
N HIS B 7 23.66 -9.35 -2.26
CA HIS B 7 22.84 -9.03 -1.09
C HIS B 7 21.72 -8.08 -1.54
N HIS B 8 20.53 -8.65 -1.78
CA HIS B 8 19.34 -7.88 -2.19
C HIS B 8 18.72 -7.23 -0.93
N SER B 9 19.34 -6.10 -0.53
CA SER B 9 19.08 -5.42 0.75
C SER B 9 17.76 -4.62 0.72
N HIS B 10 16.72 -5.17 1.37
CA HIS B 10 15.41 -4.51 1.48
C HIS B 10 15.39 -3.45 2.59
N SER B 11 14.55 -2.44 2.40
CA SER B 11 14.11 -1.49 3.42
C SER B 11 12.58 -1.37 3.29
N LYS B 12 11.87 -0.81 4.30
CA LYS B 12 10.38 -0.81 4.36
C LYS B 12 9.72 -0.19 3.11
N TYR B 13 10.44 0.67 2.38
CA TYR B 13 9.96 1.26 1.10
C TYR B 13 10.01 0.21 -0.04
N ALA B 14 11.19 -0.40 -0.24
CA ALA B 14 11.41 -1.46 -1.26
C ALA B 14 10.60 -2.74 -0.94
N GLU B 15 10.35 -2.95 0.35
CA GLU B 15 9.55 -4.06 0.88
C GLU B 15 8.07 -3.82 0.53
N LEU B 16 7.61 -2.60 0.87
CA LEU B 16 6.23 -2.11 0.61
C LEU B 16 5.87 -2.22 -0.88
N LEU B 17 6.85 -1.88 -1.72
CA LEU B 17 6.75 -2.02 -3.19
C LEU B 17 6.48 -3.48 -3.58
N ALA B 18 7.21 -4.40 -2.92
CA ALA B 18 7.15 -5.86 -3.18
C ALA B 18 5.83 -6.50 -2.69
N ILE B 19 5.17 -5.89 -1.68
CA ILE B 19 3.82 -6.33 -1.25
C ILE B 19 2.75 -5.82 -2.26
N ILE B 20 2.73 -4.50 -2.48
CA ILE B 20 1.65 -3.81 -3.22
C ILE B 20 1.56 -4.28 -4.71
N GLU B 21 2.73 -4.61 -5.31
CA GLU B 21 2.77 -5.19 -6.66
C GLU B 21 1.96 -6.52 -6.73
N GLU B 22 2.13 -7.38 -5.70
CA GLU B 22 1.43 -8.67 -5.61
C GLU B 22 -0.08 -8.45 -5.47
N LEU B 23 -0.44 -7.45 -4.63
CA LEU B 23 -1.84 -7.08 -4.35
C LEU B 23 -2.61 -6.77 -5.66
N GLY B 24 -1.88 -6.20 -6.65
CA GLY B 24 -2.41 -5.92 -7.99
C GLY B 24 -2.97 -7.16 -8.70
N LYS B 25 -2.33 -8.31 -8.49
CA LYS B 25 -2.80 -9.61 -9.02
C LYS B 25 -3.84 -10.24 -8.08
N GLU B 26 -3.68 -10.08 -6.74
CA GLU B 26 -4.55 -10.73 -5.74
C GLU B 26 -6.01 -10.24 -5.85
N ILE B 27 -6.21 -9.08 -6.51
CA ILE B 27 -7.55 -8.51 -6.83
C ILE B 27 -8.44 -9.52 -7.59
N ARG B 28 -7.85 -10.19 -8.58
CA ARG B 28 -8.57 -11.02 -9.56
C ARG B 28 -9.15 -12.34 -8.92
N PRO B 29 -8.35 -13.20 -8.18
CA PRO B 29 -8.90 -14.40 -7.52
C PRO B 29 -9.79 -14.06 -6.30
N THR B 30 -9.53 -12.89 -5.64
CA THR B 30 -10.43 -12.35 -4.61
C THR B 30 -11.83 -12.11 -5.22
N TYR B 31 -11.84 -11.40 -6.36
CA TYR B 31 -13.04 -11.09 -7.15
C TYR B 31 -13.77 -12.37 -7.61
N ALA B 32 -12.97 -13.41 -7.91
CA ALA B 32 -13.47 -14.72 -8.35
C ALA B 32 -14.19 -15.48 -7.21
N GLY B 33 -14.00 -15.01 -5.96
CA GLY B 33 -14.69 -15.56 -4.78
C GLY B 33 -13.84 -16.58 -4.02
N SER B 34 -12.51 -16.55 -4.23
CA SER B 34 -11.57 -17.44 -3.53
C SER B 34 -11.31 -16.91 -2.10
N LYS B 35 -11.58 -17.79 -1.11
CA LYS B 35 -11.42 -17.50 0.33
C LYS B 35 -9.94 -17.21 0.67
N SER B 36 -9.04 -18.08 0.19
CA SER B 36 -7.60 -17.96 0.44
C SER B 36 -7.02 -16.71 -0.25
N ALA B 37 -7.65 -16.29 -1.37
CA ALA B 37 -7.20 -15.13 -2.17
C ALA B 37 -7.55 -13.80 -1.52
N MET B 38 -8.77 -13.70 -0.96
CA MET B 38 -9.21 -12.48 -0.24
C MET B 38 -8.36 -12.28 1.02
N GLU B 39 -7.92 -13.41 1.62
CA GLU B 39 -7.02 -13.42 2.79
C GLU B 39 -5.55 -13.11 2.39
N ARG B 40 -5.15 -13.56 1.19
CA ARG B 40 -3.83 -13.21 0.57
C ARG B 40 -3.73 -11.69 0.41
N LEU B 41 -4.79 -11.14 -0.18
CA LEU B 41 -4.95 -9.71 -0.41
C LEU B 41 -5.05 -8.94 0.91
N LYS B 42 -5.86 -9.47 1.85
CA LYS B 42 -6.16 -8.80 3.13
C LYS B 42 -4.91 -8.66 3.99
N ARG B 43 -4.24 -9.80 4.25
CA ARG B 43 -2.98 -9.85 5.03
C ARG B 43 -1.89 -8.95 4.41
N GLY B 44 -1.88 -8.92 3.06
CA GLY B 44 -0.97 -8.06 2.30
C GLY B 44 -1.24 -6.58 2.53
N ILE B 45 -2.52 -6.20 2.50
CA ILE B 45 -2.96 -4.80 2.68
C ILE B 45 -2.73 -4.34 4.14
N ILE B 46 -2.93 -5.26 5.10
CA ILE B 46 -2.62 -5.01 6.54
C ILE B 46 -1.11 -4.74 6.72
N HIS B 47 -0.27 -5.60 6.10
CA HIS B 47 1.20 -5.50 6.22
C HIS B 47 1.74 -4.26 5.48
N ALA B 48 1.11 -3.92 4.34
CA ALA B 48 1.46 -2.74 3.54
C ALA B 48 1.17 -1.46 4.37
N ARG B 49 -0.04 -1.42 4.93
CA ARG B 49 -0.51 -0.38 5.87
C ARG B 49 0.46 -0.22 7.06
N GLY B 50 0.96 -1.36 7.54
CA GLY B 50 1.92 -1.41 8.63
C GLY B 50 3.25 -0.73 8.30
N LEU B 51 3.80 -1.04 7.11
CA LEU B 51 5.11 -0.51 6.65
C LEU B 51 5.07 1.02 6.48
N VAL B 52 3.93 1.52 5.97
CA VAL B 52 3.69 2.97 5.79
C VAL B 52 3.56 3.66 7.15
N ARG B 53 2.85 2.97 8.08
CA ARG B 53 2.60 3.48 9.44
C ARG B 53 3.91 3.61 10.24
N GLU B 54 4.87 2.68 10.03
CA GLU B 54 6.22 2.77 10.66
C GLU B 54 7.00 3.96 10.08
N CYS B 55 6.77 4.22 8.78
CA CYS B 55 7.38 5.35 8.06
C CYS B 55 6.75 6.69 8.47
N LEU B 56 5.45 6.66 8.83
CA LEU B 56 4.73 7.85 9.33
C LEU B 56 5.08 8.15 10.78
N ALA B 57 5.33 7.09 11.56
CA ALA B 57 5.93 7.19 12.90
C ALA B 57 7.32 7.84 12.81
N GLU B 58 8.07 7.47 11.76
CA GLU B 58 9.39 8.06 11.46
C GLU B 58 9.24 9.55 11.11
N THR B 59 8.24 9.84 10.25
CA THR B 59 7.97 11.20 9.73
C THR B 59 7.44 12.15 10.83
N GLU B 60 6.63 11.60 11.74
CA GLU B 60 6.02 12.38 12.85
C GLU B 60 7.06 12.71 13.91
N ARG B 61 7.90 11.71 14.24
CA ARG B 61 9.04 11.84 15.17
C ARG B 61 10.15 12.74 14.57
N ASN B 62 10.14 12.88 13.22
CA ASN B 62 11.08 13.77 12.49
C ASN B 62 10.47 15.19 12.34
N ALA B 63 9.13 15.26 12.36
CA ALA B 63 8.39 16.52 12.19
C ALA B 63 8.36 17.34 13.49
N ARG B 64 8.46 18.66 13.34
CA ARG B 64 8.28 19.64 14.42
C ARG B 64 6.87 20.25 14.26
N SER B 65 5.88 19.55 14.85
CA SER B 65 4.46 19.89 14.71
C SER B 65 3.72 19.44 16.00
N MET A 1 -8.94 4.44 16.49
CA MET A 1 -10.12 5.28 16.13
C MET A 1 -10.04 6.64 16.86
N GLY A 2 -9.87 6.58 18.20
CA GLY A 2 -9.96 7.76 19.06
C GLY A 2 -11.42 8.15 19.29
N HIS A 3 -11.69 9.46 19.41
CA HIS A 3 -13.05 10.03 19.49
C HIS A 3 -13.16 11.19 18.50
N HIS A 4 -12.17 12.10 18.55
CA HIS A 4 -12.11 13.27 17.64
C HIS A 4 -11.86 12.84 16.18
N HIS A 5 -12.28 13.67 15.22
CA HIS A 5 -12.08 13.41 13.78
C HIS A 5 -10.62 13.69 13.38
N HIS A 6 -10.28 13.31 12.15
CA HIS A 6 -8.94 13.55 11.57
C HIS A 6 -8.99 14.81 10.69
N HIS A 7 -8.05 15.74 10.93
CA HIS A 7 -7.79 16.89 10.05
C HIS A 7 -7.13 16.36 8.78
N HIS A 8 -7.73 16.62 7.59
CA HIS A 8 -7.25 16.07 6.31
C HIS A 8 -5.79 16.51 6.04
N SER A 9 -4.88 15.53 5.96
CA SER A 9 -3.45 15.76 5.74
C SER A 9 -3.07 15.35 4.31
N HIS A 10 -2.75 16.34 3.46
CA HIS A 10 -2.40 16.13 2.03
C HIS A 10 -0.95 15.61 1.87
N SER A 11 -0.23 15.49 3.01
CA SER A 11 1.11 14.87 3.07
C SER A 11 1.07 13.43 2.54
N LYS A 12 2.11 13.04 1.78
CA LYS A 12 2.10 11.81 0.94
C LYS A 12 2.10 10.50 1.76
N TYR A 13 2.63 10.53 2.99
CA TYR A 13 2.61 9.34 3.88
C TYR A 13 1.26 9.21 4.62
N ALA A 14 0.66 10.36 4.97
CA ALA A 14 -0.72 10.40 5.51
C ALA A 14 -1.75 10.08 4.41
N GLU A 15 -1.37 10.36 3.16
CA GLU A 15 -2.14 10.02 1.95
C GLU A 15 -2.04 8.52 1.71
N LEU A 16 -0.82 8.00 1.89
CA LEU A 16 -0.49 6.56 1.75
C LEU A 16 -1.31 5.72 2.76
N LEU A 17 -1.41 6.26 4.00
CA LEU A 17 -2.25 5.66 5.06
C LEU A 17 -3.73 5.70 4.66
N ALA A 18 -4.18 6.87 4.18
CA ALA A 18 -5.58 7.15 3.86
C ALA A 18 -6.09 6.32 2.67
N ILE A 19 -5.21 6.02 1.72
CA ILE A 19 -5.52 5.19 0.55
C ILE A 19 -5.67 3.73 1.00
N ILE A 20 -4.64 3.21 1.68
CA ILE A 20 -4.55 1.79 2.08
C ILE A 20 -5.65 1.40 3.10
N GLU A 21 -6.04 2.32 4.01
CA GLU A 21 -7.14 2.08 4.97
C GLU A 21 -8.51 1.99 4.25
N GLU A 22 -8.62 2.63 3.08
CA GLU A 22 -9.82 2.57 2.23
C GLU A 22 -9.86 1.25 1.45
N LEU A 23 -8.76 0.91 0.77
CA LEU A 23 -8.62 -0.28 -0.08
C LEU A 23 -9.02 -1.59 0.62
N GLY A 24 -8.71 -1.71 1.92
CA GLY A 24 -9.01 -2.92 2.72
C GLY A 24 -10.51 -3.15 2.88
N LYS A 25 -11.26 -2.03 2.84
CA LYS A 25 -12.73 -2.04 2.93
C LYS A 25 -13.35 -2.52 1.60
N GLU A 26 -12.69 -2.22 0.45
CA GLU A 26 -13.20 -2.50 -0.91
C GLU A 26 -12.99 -3.97 -1.32
N ILE A 27 -12.21 -4.72 -0.52
CA ILE A 27 -11.88 -6.14 -0.78
C ILE A 27 -13.08 -7.06 -0.54
N ARG A 28 -13.82 -6.80 0.55
CA ARG A 28 -14.99 -7.61 0.97
C ARG A 28 -16.08 -7.70 -0.17
N PRO A 29 -16.52 -6.55 -0.83
CA PRO A 29 -17.45 -6.61 -1.99
C PRO A 29 -16.77 -7.12 -3.30
N THR A 30 -15.46 -6.87 -3.48
CA THR A 30 -14.69 -7.43 -4.62
C THR A 30 -14.77 -8.99 -4.61
N TYR A 31 -14.56 -9.54 -3.41
CA TYR A 31 -14.68 -10.99 -3.14
C TYR A 31 -16.12 -11.48 -3.37
N ALA A 32 -17.09 -10.57 -3.16
CA ALA A 32 -18.52 -10.83 -3.37
C ALA A 32 -18.96 -10.55 -4.83
N GLY A 33 -17.98 -10.42 -5.76
CA GLY A 33 -18.25 -10.30 -7.19
C GLY A 33 -18.82 -8.95 -7.61
N SER A 34 -18.40 -7.87 -6.93
CA SER A 34 -18.87 -6.49 -7.22
C SER A 34 -17.85 -5.77 -8.14
N LYS A 35 -18.28 -5.49 -9.39
CA LYS A 35 -17.44 -4.83 -10.42
C LYS A 35 -17.10 -3.38 -10.04
N SER A 36 -17.90 -2.80 -9.13
CA SER A 36 -17.65 -1.45 -8.59
C SER A 36 -16.41 -1.44 -7.67
N ALA A 37 -16.39 -2.36 -6.70
CA ALA A 37 -15.38 -2.44 -5.64
C ALA A 37 -13.98 -2.76 -6.18
N MET A 38 -13.90 -3.71 -7.14
CA MET A 38 -12.62 -4.12 -7.78
C MET A 38 -11.90 -2.95 -8.49
N GLU A 39 -12.70 -2.01 -9.04
CA GLU A 39 -12.16 -0.81 -9.71
C GLU A 39 -11.55 0.16 -8.69
N ARG A 40 -12.30 0.45 -7.62
CA ARG A 40 -11.82 1.27 -6.46
C ARG A 40 -10.50 0.70 -5.90
N LEU A 41 -10.50 -0.63 -5.75
CA LEU A 41 -9.42 -1.40 -5.13
C LEU A 41 -8.16 -1.37 -6.00
N LYS A 42 -8.31 -1.63 -7.30
CA LYS A 42 -7.18 -1.76 -8.25
C LYS A 42 -6.46 -0.42 -8.42
N ARG A 43 -7.24 0.61 -8.77
CA ARG A 43 -6.72 1.96 -9.08
C ARG A 43 -5.93 2.54 -7.89
N GLY A 44 -6.47 2.33 -6.67
CA GLY A 44 -5.84 2.84 -5.44
C GLY A 44 -4.59 2.07 -5.06
N ILE A 45 -4.57 0.74 -5.33
CA ILE A 45 -3.37 -0.10 -5.12
C ILE A 45 -2.23 0.36 -6.06
N ILE A 46 -2.59 0.68 -7.33
CA ILE A 46 -1.64 1.26 -8.31
C ILE A 46 -1.08 2.60 -7.77
N HIS A 47 -1.98 3.47 -7.29
CA HIS A 47 -1.64 4.82 -6.79
C HIS A 47 -0.78 4.76 -5.50
N ALA A 48 -1.09 3.81 -4.61
CA ALA A 48 -0.36 3.60 -3.34
C ALA A 48 1.10 3.22 -3.64
N ARG A 49 1.29 2.38 -4.67
CA ARG A 49 2.60 1.96 -5.18
C ARG A 49 3.32 3.14 -5.87
N GLY A 50 2.51 4.03 -6.49
CA GLY A 50 3.02 5.25 -7.14
C GLY A 50 3.75 6.16 -6.15
N LEU A 51 3.25 6.20 -4.90
CA LEU A 51 3.87 6.96 -3.78
C LEU A 51 5.20 6.30 -3.36
N VAL A 52 5.19 4.95 -3.33
CA VAL A 52 6.33 4.13 -2.88
C VAL A 52 7.58 4.35 -3.77
N ARG A 53 7.36 4.44 -5.09
CA ARG A 53 8.43 4.63 -6.09
C ARG A 53 9.22 5.92 -5.83
N GLU A 54 8.49 6.98 -5.42
CA GLU A 54 9.08 8.32 -5.18
C GLU A 54 9.98 8.27 -3.94
N CYS A 55 9.53 7.51 -2.94
CA CYS A 55 10.24 7.30 -1.68
C CYS A 55 11.52 6.47 -1.90
N LEU A 56 11.50 5.61 -2.94
CA LEU A 56 12.62 4.76 -3.33
C LEU A 56 13.63 5.51 -4.19
N ALA A 57 13.13 6.32 -5.13
CA ALA A 57 13.95 7.15 -6.05
C ALA A 57 14.83 8.14 -5.26
N GLU A 58 14.25 8.68 -4.18
CA GLU A 58 14.97 9.56 -3.24
C GLU A 58 16.06 8.79 -2.48
N THR A 59 15.67 7.65 -1.89
CA THR A 59 16.57 6.75 -1.14
C THR A 59 17.66 6.14 -2.06
N GLU A 60 17.41 6.13 -3.38
CA GLU A 60 18.32 5.56 -4.40
C GLU A 60 19.52 6.49 -4.62
N ARG A 61 19.21 7.81 -4.71
CA ARG A 61 20.21 8.87 -4.92
C ARG A 61 21.24 8.85 -3.77
N ASN A 62 20.72 8.62 -2.55
CA ASN A 62 21.51 8.67 -1.30
C ASN A 62 22.21 7.31 -1.02
N ALA A 63 21.42 6.35 -0.46
CA ALA A 63 21.88 5.05 0.09
C ALA A 63 23.01 4.35 -0.70
N ARG A 64 23.90 3.70 0.05
CA ARG A 64 25.06 2.96 -0.50
C ARG A 64 24.56 1.60 -1.01
N SER A 65 23.93 1.61 -2.19
CA SER A 65 23.42 0.42 -2.87
C SER A 65 24.25 0.20 -4.16
N MET B 1 10.87 -2.09 -15.76
CA MET B 1 10.30 -3.24 -15.02
C MET B 1 11.42 -4.10 -14.42
N GLY B 2 12.40 -4.46 -15.28
CA GLY B 2 13.56 -5.24 -14.87
C GLY B 2 14.16 -6.01 -16.03
N HIS B 3 14.99 -7.01 -15.72
CA HIS B 3 15.67 -7.87 -16.72
C HIS B 3 16.14 -9.19 -16.07
N HIS B 4 16.39 -9.14 -14.75
CA HIS B 4 16.78 -10.31 -13.94
C HIS B 4 16.03 -10.27 -12.59
N HIS B 5 16.25 -11.30 -11.74
CA HIS B 5 15.59 -11.39 -10.42
C HIS B 5 16.14 -10.29 -9.49
N HIS B 6 15.22 -9.56 -8.83
CA HIS B 6 15.53 -8.35 -8.04
C HIS B 6 15.89 -8.68 -6.59
N HIS B 7 16.62 -7.75 -5.95
CA HIS B 7 16.86 -7.75 -4.50
C HIS B 7 16.36 -6.40 -3.94
N HIS B 8 15.17 -6.40 -3.33
CA HIS B 8 14.64 -5.20 -2.64
C HIS B 8 15.42 -5.00 -1.34
N SER B 9 15.59 -3.74 -0.92
CA SER B 9 16.28 -3.39 0.32
C SER B 9 15.37 -3.64 1.54
N HIS B 10 15.98 -3.69 2.73
CA HIS B 10 15.26 -3.84 4.01
C HIS B 10 14.57 -2.53 4.44
N SER B 11 14.68 -1.50 3.57
CA SER B 11 13.87 -0.29 3.64
C SER B 11 12.37 -0.67 3.57
N LYS B 12 11.57 -0.04 4.45
CA LYS B 12 10.12 -0.33 4.54
C LYS B 12 9.42 0.01 3.21
N TYR B 13 9.98 0.97 2.47
CA TYR B 13 9.50 1.38 1.14
C TYR B 13 9.68 0.25 0.12
N ALA B 14 10.90 -0.33 0.05
CA ALA B 14 11.22 -1.42 -0.90
C ALA B 14 10.40 -2.69 -0.62
N GLU B 15 10.18 -2.94 0.67
CA GLU B 15 9.33 -4.05 1.13
C GLU B 15 7.85 -3.76 0.78
N LEU B 16 7.47 -2.48 0.90
CA LEU B 16 6.09 -2.00 0.62
C LEU B 16 5.76 -2.12 -0.88
N LEU B 17 6.76 -1.85 -1.73
CA LEU B 17 6.69 -2.04 -3.19
C LEU B 17 6.37 -3.51 -3.50
N ALA B 18 7.12 -4.40 -2.83
CA ALA B 18 7.00 -5.86 -2.96
C ALA B 18 5.61 -6.38 -2.56
N ILE B 19 5.05 -5.81 -1.49
CA ILE B 19 3.72 -6.19 -1.00
C ILE B 19 2.63 -5.73 -1.97
N ILE B 20 2.57 -4.41 -2.23
CA ILE B 20 1.47 -3.77 -2.98
C ILE B 20 1.33 -4.34 -4.42
N GLU B 21 2.48 -4.61 -5.09
CA GLU B 21 2.49 -5.18 -6.46
C GLU B 21 1.91 -6.60 -6.48
N GLU B 22 2.14 -7.36 -5.39
CA GLU B 22 1.64 -8.74 -5.22
C GLU B 22 0.11 -8.70 -5.00
N LEU B 23 -0.35 -7.68 -4.25
CA LEU B 23 -1.77 -7.48 -3.90
C LEU B 23 -2.62 -7.17 -5.16
N GLY B 24 -2.05 -6.31 -6.04
CA GLY B 24 -2.70 -5.88 -7.28
C GLY B 24 -3.05 -7.04 -8.21
N LYS B 25 -2.25 -8.10 -8.12
CA LYS B 25 -2.45 -9.35 -8.88
C LYS B 25 -3.57 -10.19 -8.25
N GLU B 26 -3.63 -10.18 -6.90
CA GLU B 26 -4.56 -11.02 -6.12
C GLU B 26 -6.02 -10.50 -6.14
N ILE B 27 -6.21 -9.26 -6.63
CA ILE B 27 -7.55 -8.65 -6.77
C ILE B 27 -8.49 -9.49 -7.67
N ARG B 28 -7.94 -9.97 -8.80
CA ARG B 28 -8.73 -10.66 -9.83
C ARG B 28 -9.17 -12.10 -9.37
N PRO B 29 -8.25 -12.98 -8.79
CA PRO B 29 -8.69 -14.26 -8.18
C PRO B 29 -9.59 -14.06 -6.92
N THR B 30 -9.42 -12.95 -6.16
CA THR B 30 -10.35 -12.60 -5.06
C THR B 30 -11.77 -12.32 -5.63
N TYR B 31 -11.79 -11.58 -6.74
CA TYR B 31 -13.02 -11.28 -7.50
C TYR B 31 -13.62 -12.57 -8.10
N ALA B 32 -12.76 -13.57 -8.38
CA ALA B 32 -13.18 -14.90 -8.88
C ALA B 32 -13.70 -15.79 -7.73
N GLY B 33 -13.47 -15.36 -6.47
CA GLY B 33 -13.97 -16.07 -5.29
C GLY B 33 -12.94 -17.00 -4.64
N SER B 34 -11.70 -16.97 -5.15
CA SER B 34 -10.57 -17.72 -4.56
C SER B 34 -10.18 -17.09 -3.21
N LYS B 35 -10.43 -17.83 -2.11
CA LYS B 35 -10.19 -17.32 -0.75
C LYS B 35 -8.68 -17.19 -0.45
N SER B 36 -7.84 -17.98 -1.14
CA SER B 36 -6.38 -17.91 -1.01
C SER B 36 -5.85 -16.51 -1.44
N ALA B 37 -6.54 -15.91 -2.42
CA ALA B 37 -6.19 -14.61 -2.98
C ALA B 37 -6.46 -13.46 -2.00
N MET B 38 -7.60 -13.50 -1.29
CA MET B 38 -7.94 -12.48 -0.25
C MET B 38 -7.08 -12.66 1.01
N GLU B 39 -6.65 -13.91 1.29
CA GLU B 39 -5.70 -14.20 2.38
C GLU B 39 -4.30 -13.57 2.10
N ARG B 40 -4.05 -13.27 0.81
CA ARG B 40 -2.90 -12.45 0.38
C ARG B 40 -3.28 -10.96 0.41
N LEU B 41 -4.44 -10.64 -0.18
CA LEU B 41 -4.87 -9.28 -0.50
C LEU B 41 -5.25 -8.47 0.77
N LYS B 42 -6.29 -8.94 1.48
CA LYS B 42 -6.80 -8.33 2.73
C LYS B 42 -5.70 -8.23 3.79
N ARG B 43 -5.11 -9.38 4.11
CA ARG B 43 -4.03 -9.51 5.11
C ARG B 43 -2.77 -8.74 4.69
N GLY B 44 -2.53 -8.65 3.38
CA GLY B 44 -1.37 -7.94 2.84
C GLY B 44 -1.53 -6.43 2.88
N ILE B 45 -2.77 -5.94 2.74
CA ILE B 45 -3.10 -4.51 2.85
C ILE B 45 -2.97 -4.03 4.30
N ILE B 46 -3.34 -4.91 5.26
CA ILE B 46 -3.14 -4.65 6.69
C ILE B 46 -1.63 -4.62 7.03
N HIS B 47 -0.87 -5.56 6.42
CA HIS B 47 0.60 -5.64 6.55
C HIS B 47 1.28 -4.40 5.91
N ALA B 48 0.73 -3.95 4.77
CA ALA B 48 1.22 -2.78 4.03
C ALA B 48 1.02 -1.50 4.86
N ARG B 49 -0.17 -1.42 5.48
CA ARG B 49 -0.58 -0.32 6.38
C ARG B 49 0.36 -0.23 7.61
N GLY B 50 0.91 -1.41 7.99
CA GLY B 50 1.90 -1.50 9.06
C GLY B 50 3.20 -0.80 8.70
N LEU B 51 3.68 -1.02 7.46
CA LEU B 51 4.92 -0.38 6.94
C LEU B 51 4.73 1.14 6.79
N VAL B 52 3.49 1.55 6.50
CA VAL B 52 3.11 2.97 6.45
C VAL B 52 3.21 3.58 7.86
N ARG B 53 2.74 2.83 8.87
CA ARG B 53 2.81 3.26 10.29
C ARG B 53 4.27 3.29 10.82
N GLU B 54 5.14 2.42 10.25
CA GLU B 54 6.59 2.46 10.51
C GLU B 54 7.18 3.80 10.01
N CYS B 55 6.70 4.22 8.82
CA CYS B 55 7.14 5.46 8.17
C CYS B 55 6.57 6.69 8.91
N LEU B 56 5.32 6.57 9.39
CA LEU B 56 4.60 7.64 10.11
C LEU B 56 5.14 7.85 11.53
N ALA B 57 5.78 6.82 12.10
CA ALA B 57 6.59 6.96 13.34
C ALA B 57 7.72 8.00 13.15
N GLU B 58 8.32 7.99 11.95
CA GLU B 58 9.38 8.97 11.57
C GLU B 58 8.75 10.32 11.17
N THR B 59 7.63 10.25 10.43
CA THR B 59 6.91 11.44 9.92
C THR B 59 6.22 12.20 11.08
N GLU B 60 6.01 11.50 12.19
CA GLU B 60 5.52 12.08 13.47
C GLU B 60 6.56 13.07 14.02
N ARG B 61 7.83 12.62 14.00
CA ARG B 61 8.99 13.41 14.46
C ARG B 61 9.23 14.61 13.51
N ASN B 62 8.94 14.39 12.21
CA ASN B 62 9.07 15.41 11.16
C ASN B 62 8.05 16.55 11.34
N ALA B 63 6.77 16.17 11.53
CA ALA B 63 5.65 17.12 11.65
C ALA B 63 5.48 17.56 13.11
N ARG B 64 6.07 18.72 13.46
CA ARG B 64 5.99 19.31 14.81
C ARG B 64 4.70 20.15 14.93
N SER B 65 4.41 20.96 13.90
CA SER B 65 3.28 21.91 13.89
C SER B 65 2.81 22.12 12.44
N MET A 1 -9.18 15.62 25.44
CA MET A 1 -10.13 14.53 25.08
C MET A 1 -10.28 14.46 23.55
N GLY A 2 -9.74 13.39 22.96
CA GLY A 2 -9.81 13.16 21.51
C GLY A 2 -8.64 13.78 20.75
N HIS A 3 -7.83 12.93 20.09
CA HIS A 3 -6.76 13.37 19.15
C HIS A 3 -7.37 13.57 17.76
N HIS A 4 -7.60 14.84 17.40
CA HIS A 4 -8.17 15.22 16.12
C HIS A 4 -7.07 15.27 15.05
N HIS A 5 -6.70 14.07 14.55
CA HIS A 5 -5.75 13.92 13.44
C HIS A 5 -6.40 14.48 12.16
N HIS A 6 -5.99 15.69 11.80
CA HIS A 6 -6.60 16.45 10.71
C HIS A 6 -6.17 15.88 9.36
N HIS A 7 -7.12 15.24 8.65
CA HIS A 7 -6.91 14.72 7.28
C HIS A 7 -7.27 15.81 6.26
N HIS A 8 -6.59 16.95 6.40
CA HIS A 8 -6.71 18.12 5.52
C HIS A 8 -5.32 18.42 4.92
N SER A 9 -4.47 17.37 4.87
CA SER A 9 -3.08 17.44 4.39
C SER A 9 -2.87 16.45 3.25
N HIS A 10 -2.52 16.93 2.05
CA HIS A 10 -2.27 16.07 0.86
C HIS A 10 -0.78 15.62 0.82
N SER A 11 -0.16 15.56 2.02
CA SER A 11 1.17 14.97 2.23
C SER A 11 1.16 13.51 1.75
N LYS A 12 2.10 13.16 0.86
CA LYS A 12 2.14 11.85 0.17
C LYS A 12 2.15 10.66 1.14
N TYR A 13 2.73 10.87 2.33
CA TYR A 13 2.82 9.83 3.39
C TYR A 13 1.46 9.60 4.08
N ALA A 14 0.82 10.72 4.47
CA ALA A 14 -0.55 10.70 5.07
C ALA A 14 -1.61 10.24 4.03
N GLU A 15 -1.30 10.47 2.75
CA GLU A 15 -2.15 10.07 1.63
C GLU A 15 -1.99 8.57 1.37
N LEU A 16 -0.74 8.11 1.50
CA LEU A 16 -0.36 6.70 1.28
C LEU A 16 -1.07 5.77 2.28
N LEU A 17 -1.04 6.16 3.56
CA LEU A 17 -1.76 5.45 4.63
C LEU A 17 -3.26 5.35 4.31
N ALA A 18 -3.84 6.50 3.94
CA ALA A 18 -5.27 6.67 3.66
C ALA A 18 -5.75 5.85 2.44
N ILE A 19 -4.84 5.63 1.47
CA ILE A 19 -5.12 4.83 0.27
C ILE A 19 -5.23 3.33 0.65
N ILE A 20 -4.20 2.83 1.34
CA ILE A 20 -4.05 1.39 1.61
C ILE A 20 -5.17 0.87 2.53
N GLU A 21 -5.55 1.67 3.54
CA GLU A 21 -6.67 1.34 4.46
C GLU A 21 -8.04 1.43 3.75
N GLU A 22 -8.10 2.20 2.65
CA GLU A 22 -9.32 2.35 1.84
C GLU A 22 -9.50 1.09 0.98
N LEU A 23 -8.36 0.55 0.48
CA LEU A 23 -8.29 -0.74 -0.24
C LEU A 23 -8.78 -1.89 0.64
N GLY A 24 -8.66 -1.73 1.97
CA GLY A 24 -9.15 -2.68 2.96
C GLY A 24 -10.67 -2.78 2.96
N LYS A 25 -11.32 -1.65 2.68
CA LYS A 25 -12.78 -1.57 2.55
C LYS A 25 -13.28 -2.36 1.32
N GLU A 26 -12.45 -2.41 0.24
CA GLU A 26 -12.83 -3.00 -1.06
C GLU A 26 -12.66 -4.53 -1.11
N ILE A 27 -12.03 -5.13 -0.10
CA ILE A 27 -11.72 -6.59 -0.10
C ILE A 27 -13.01 -7.45 -0.12
N ARG A 28 -13.88 -7.24 0.91
CA ARG A 28 -15.13 -8.02 1.07
C ARG A 28 -16.02 -7.98 -0.22
N PRO A 29 -16.42 -6.76 -0.79
CA PRO A 29 -17.27 -6.71 -1.99
C PRO A 29 -16.59 -7.22 -3.28
N THR A 30 -15.26 -6.98 -3.43
CA THR A 30 -14.48 -7.57 -4.56
C THR A 30 -14.59 -9.10 -4.52
N TYR A 31 -14.39 -9.65 -3.32
CA TYR A 31 -14.54 -11.09 -3.03
C TYR A 31 -15.96 -11.58 -3.30
N ALA A 32 -16.95 -10.72 -3.02
CA ALA A 32 -18.38 -11.00 -3.26
C ALA A 32 -18.79 -10.76 -4.72
N GLY A 33 -17.80 -10.61 -5.63
CA GLY A 33 -18.05 -10.45 -7.07
C GLY A 33 -18.71 -9.14 -7.42
N SER A 34 -18.23 -8.03 -6.84
CA SER A 34 -18.66 -6.65 -7.19
C SER A 34 -17.59 -5.99 -8.06
N LYS A 35 -17.94 -5.69 -9.32
CA LYS A 35 -17.02 -5.12 -10.32
C LYS A 35 -16.60 -3.68 -9.94
N SER A 36 -17.48 -2.99 -9.19
CA SER A 36 -17.23 -1.62 -8.73
C SER A 36 -16.07 -1.57 -7.72
N ALA A 37 -16.09 -2.52 -6.77
CA ALA A 37 -15.13 -2.62 -5.68
C ALA A 37 -13.71 -2.89 -6.19
N MET A 38 -13.59 -3.86 -7.13
CA MET A 38 -12.28 -4.24 -7.71
C MET A 38 -11.68 -3.11 -8.56
N GLU A 39 -12.54 -2.23 -9.12
CA GLU A 39 -12.08 -1.05 -9.89
C GLU A 39 -11.50 0.02 -8.94
N ARG A 40 -12.15 0.24 -7.78
CA ARG A 40 -11.64 1.15 -6.71
C ARG A 40 -10.38 0.57 -6.07
N LEU A 41 -10.37 -0.76 -5.94
CA LEU A 41 -9.26 -1.53 -5.37
C LEU A 41 -8.02 -1.39 -6.25
N LYS A 42 -8.20 -1.63 -7.56
CA LYS A 42 -7.10 -1.58 -8.54
C LYS A 42 -6.58 -0.16 -8.70
N ARG A 43 -7.50 0.81 -8.74
CA ARG A 43 -7.19 2.23 -8.91
C ARG A 43 -6.25 2.71 -7.79
N GLY A 44 -6.65 2.42 -6.54
CA GLY A 44 -5.88 2.80 -5.36
C GLY A 44 -4.57 2.02 -5.23
N ILE A 45 -4.56 0.72 -5.62
CA ILE A 45 -3.33 -0.10 -5.59
C ILE A 45 -2.26 0.50 -6.52
N ILE A 46 -2.65 0.83 -7.77
CA ILE A 46 -1.74 1.47 -8.75
C ILE A 46 -1.25 2.85 -8.22
N HIS A 47 -2.19 3.63 -7.64
CA HIS A 47 -1.87 4.95 -7.02
C HIS A 47 -0.82 4.82 -5.90
N ALA A 48 -1.02 3.84 -5.01
CA ALA A 48 -0.13 3.54 -3.88
C ALA A 48 1.26 3.10 -4.37
N ARG A 49 1.30 2.35 -5.50
CA ARG A 49 2.53 1.90 -6.17
C ARG A 49 3.33 3.13 -6.65
N GLY A 50 2.57 4.13 -7.16
CA GLY A 50 3.15 5.37 -7.66
C GLY A 50 3.87 6.18 -6.58
N LEU A 51 3.20 6.32 -5.41
CA LEU A 51 3.72 7.07 -4.26
C LEU A 51 5.01 6.44 -3.71
N VAL A 52 5.00 5.11 -3.58
CA VAL A 52 6.08 4.36 -2.90
C VAL A 52 7.31 4.21 -3.80
N ARG A 53 7.10 4.15 -5.12
CA ARG A 53 8.18 3.99 -6.09
C ARG A 53 9.02 5.27 -6.18
N GLU A 54 8.32 6.43 -6.19
CA GLU A 54 8.96 7.74 -6.17
C GLU A 54 9.56 8.03 -4.78
N CYS A 55 8.91 7.51 -3.73
CA CYS A 55 9.42 7.62 -2.35
C CYS A 55 10.73 6.84 -2.20
N LEU A 56 10.90 5.76 -2.99
CA LEU A 56 12.15 4.98 -3.09
C LEU A 56 13.21 5.72 -3.91
N ALA A 57 12.77 6.39 -5.00
CA ALA A 57 13.64 7.22 -5.86
C ALA A 57 14.27 8.37 -5.04
N GLU A 58 13.51 8.86 -4.04
CA GLU A 58 13.98 9.92 -3.11
C GLU A 58 14.87 9.34 -1.99
N THR A 59 14.38 8.26 -1.34
CA THR A 59 15.11 7.55 -0.27
C THR A 59 16.49 7.07 -0.76
N GLU A 60 16.58 6.75 -2.06
CA GLU A 60 17.82 6.31 -2.73
C GLU A 60 18.88 7.42 -2.72
N ARG A 61 18.42 8.68 -2.90
CA ARG A 61 19.30 9.87 -2.91
C ARG A 61 19.90 10.11 -1.51
N ASN A 62 19.17 9.66 -0.47
CA ASN A 62 19.53 9.87 0.95
C ASN A 62 19.85 8.53 1.66
N ALA A 63 20.05 7.46 0.86
CA ALA A 63 20.25 6.08 1.38
C ALA A 63 21.67 5.85 1.94
N ARG A 64 21.84 4.71 2.63
CA ARG A 64 23.15 4.23 3.12
C ARG A 64 23.78 3.26 2.10
N SER A 65 23.17 3.20 0.91
CA SER A 65 23.63 2.39 -0.21
C SER A 65 23.60 3.28 -1.49
N MET B 1 24.52 -4.10 -18.85
CA MET B 1 23.38 -3.97 -17.92
C MET B 1 23.75 -4.60 -16.57
N GLY B 2 24.65 -3.91 -15.83
CA GLY B 2 25.12 -4.37 -14.52
C GLY B 2 24.06 -4.24 -13.43
N HIS B 3 23.21 -3.20 -13.55
CA HIS B 3 22.12 -2.93 -12.59
C HIS B 3 20.87 -3.76 -12.95
N HIS B 4 20.34 -4.48 -11.96
CA HIS B 4 19.07 -5.21 -12.02
C HIS B 4 18.35 -5.09 -10.66
N HIS B 5 17.20 -5.77 -10.53
CA HIS B 5 16.46 -5.85 -9.25
C HIS B 5 17.19 -6.81 -8.29
N HIS B 6 18.16 -6.26 -7.54
CA HIS B 6 18.79 -6.96 -6.41
C HIS B 6 17.91 -6.70 -5.18
N HIS B 7 16.81 -7.46 -5.10
CA HIS B 7 15.76 -7.29 -4.08
C HIS B 7 16.15 -8.02 -2.79
N HIS B 8 17.12 -7.40 -2.09
CA HIS B 8 17.56 -7.80 -0.74
C HIS B 8 17.68 -6.53 0.14
N SER B 9 16.96 -5.48 -0.28
CA SER B 9 16.91 -4.20 0.41
C SER B 9 15.62 -4.15 1.25
N HIS B 10 15.68 -4.66 2.48
CA HIS B 10 14.55 -4.57 3.42
C HIS B 10 14.51 -3.17 4.03
N SER B 11 13.51 -2.39 3.62
CA SER B 11 13.25 -1.04 4.14
C SER B 11 11.73 -0.86 4.36
N LYS B 12 11.31 0.35 4.79
CA LYS B 12 9.87 0.68 4.92
C LYS B 12 9.20 0.65 3.55
N TYR B 13 9.76 1.42 2.61
CA TYR B 13 9.15 1.64 1.28
C TYR B 13 9.51 0.50 0.30
N ALA B 14 10.73 -0.06 0.43
CA ALA B 14 11.18 -1.19 -0.44
C ALA B 14 10.33 -2.46 -0.24
N GLU B 15 10.00 -2.75 1.03
CA GLU B 15 9.12 -3.89 1.39
C GLU B 15 7.67 -3.59 0.97
N LEU B 16 7.27 -2.33 1.22
CA LEU B 16 5.92 -1.79 0.96
C LEU B 16 5.53 -1.89 -0.54
N LEU B 17 6.44 -1.43 -1.41
CA LEU B 17 6.23 -1.42 -2.88
C LEU B 17 6.04 -2.85 -3.40
N ALA B 18 6.89 -3.75 -2.89
CA ALA B 18 6.89 -5.18 -3.24
C ALA B 18 5.54 -5.86 -2.91
N ILE B 19 4.88 -5.38 -1.84
CA ILE B 19 3.53 -5.85 -1.45
C ILE B 19 2.49 -5.36 -2.45
N ILE B 20 2.49 -4.03 -2.68
CA ILE B 20 1.43 -3.33 -3.43
C ILE B 20 1.32 -3.84 -4.89
N GLU B 21 2.48 -3.99 -5.55
CA GLU B 21 2.54 -4.51 -6.94
C GLU B 21 2.03 -5.98 -7.02
N GLU B 22 2.25 -6.75 -5.93
CA GLU B 22 1.75 -8.14 -5.82
C GLU B 22 0.21 -8.15 -5.67
N LEU B 23 -0.31 -7.19 -4.89
CA LEU B 23 -1.76 -7.05 -4.61
C LEU B 23 -2.55 -6.77 -5.90
N GLY B 24 -1.88 -6.11 -6.87
CA GLY B 24 -2.46 -5.85 -8.20
C GLY B 24 -2.83 -7.14 -8.94
N LYS B 25 -2.09 -8.22 -8.66
CA LYS B 25 -2.37 -9.57 -9.18
C LYS B 25 -3.44 -10.26 -8.34
N GLU B 26 -3.40 -10.03 -7.00
CA GLU B 26 -4.29 -10.70 -6.01
C GLU B 26 -5.74 -10.19 -6.09
N ILE B 27 -5.97 -9.07 -6.80
CA ILE B 27 -7.32 -8.53 -7.12
C ILE B 27 -8.19 -9.60 -7.83
N ARG B 28 -7.60 -10.27 -8.82
CA ARG B 28 -8.32 -11.15 -9.75
C ARG B 28 -8.84 -12.46 -9.08
N PRO B 29 -8.00 -13.26 -8.32
CA PRO B 29 -8.49 -14.47 -7.61
C PRO B 29 -9.46 -14.13 -6.44
N THR B 30 -9.25 -12.96 -5.78
CA THR B 30 -10.20 -12.42 -4.78
C THR B 30 -11.58 -12.21 -5.43
N TYR B 31 -11.55 -11.53 -6.59
CA TYR B 31 -12.74 -11.23 -7.39
C TYR B 31 -13.43 -12.51 -7.90
N ALA B 32 -12.62 -13.56 -8.13
CA ALA B 32 -13.11 -14.88 -8.56
C ALA B 32 -13.83 -15.63 -7.42
N GLY B 33 -13.66 -15.14 -6.18
CA GLY B 33 -14.34 -15.70 -5.01
C GLY B 33 -13.52 -16.77 -4.29
N SER B 34 -12.18 -16.64 -4.34
CA SER B 34 -11.27 -17.52 -3.60
C SER B 34 -11.05 -16.97 -2.18
N LYS B 35 -11.46 -17.75 -1.16
CA LYS B 35 -11.42 -17.35 0.26
C LYS B 35 -9.96 -17.23 0.76
N SER B 36 -9.05 -17.96 0.10
CA SER B 36 -7.61 -17.84 0.34
C SER B 36 -7.10 -16.49 -0.19
N ALA B 37 -7.58 -16.12 -1.39
CA ALA B 37 -7.09 -14.95 -2.15
C ALA B 37 -7.53 -13.62 -1.54
N MET B 38 -8.74 -13.58 -0.96
CA MET B 38 -9.21 -12.38 -0.24
C MET B 38 -8.30 -12.09 0.97
N GLU B 39 -7.77 -13.17 1.59
CA GLU B 39 -6.83 -13.09 2.72
C GLU B 39 -5.39 -12.83 2.25
N ARG B 40 -5.09 -13.15 0.98
CA ARG B 40 -3.80 -12.79 0.35
C ARG B 40 -3.75 -11.27 0.13
N LEU B 41 -4.83 -10.76 -0.44
CA LEU B 41 -5.07 -9.34 -0.65
C LEU B 41 -5.08 -8.60 0.71
N LYS B 42 -5.82 -9.18 1.67
CA LYS B 42 -6.05 -8.58 2.99
C LYS B 42 -4.77 -8.50 3.81
N ARG B 43 -4.07 -9.64 3.98
CA ARG B 43 -2.86 -9.73 4.82
C ARG B 43 -1.74 -8.84 4.25
N GLY B 44 -1.74 -8.73 2.90
CA GLY B 44 -0.86 -7.80 2.20
C GLY B 44 -1.16 -6.34 2.53
N ILE B 45 -2.45 -5.97 2.45
CA ILE B 45 -2.94 -4.60 2.77
C ILE B 45 -2.66 -4.23 4.25
N ILE B 46 -2.80 -5.20 5.15
CA ILE B 46 -2.54 -5.02 6.59
C ILE B 46 -1.02 -4.81 6.83
N HIS B 47 -0.19 -5.63 6.15
CA HIS B 47 1.28 -5.54 6.24
C HIS B 47 1.78 -4.23 5.60
N ALA B 48 1.08 -3.77 4.55
CA ALA B 48 1.41 -2.56 3.81
C ALA B 48 1.14 -1.32 4.68
N ARG B 49 -0.11 -1.24 5.20
CA ARG B 49 -0.56 -0.14 6.09
C ARG B 49 0.31 -0.08 7.35
N GLY B 50 0.71 -1.27 7.85
CA GLY B 50 1.55 -1.39 9.05
C GLY B 50 2.95 -0.81 8.85
N LEU B 51 3.52 -1.04 7.65
CA LEU B 51 4.83 -0.45 7.26
C LEU B 51 4.74 1.08 7.19
N VAL B 52 3.57 1.59 6.74
CA VAL B 52 3.32 3.04 6.66
C VAL B 52 3.07 3.63 8.07
N ARG B 53 2.54 2.81 8.99
CA ARG B 53 2.34 3.21 10.41
C ARG B 53 3.68 3.34 11.13
N GLU B 54 4.59 2.37 10.91
CA GLU B 54 5.96 2.42 11.46
C GLU B 54 6.82 3.48 10.72
N CYS B 55 6.49 3.74 9.45
CA CYS B 55 7.10 4.81 8.66
C CYS B 55 6.72 6.18 9.25
N LEU B 56 5.42 6.37 9.50
CA LEU B 56 4.85 7.64 9.99
C LEU B 56 5.18 7.88 11.46
N ALA B 57 5.40 6.80 12.24
CA ALA B 57 5.91 6.90 13.62
C ALA B 57 7.30 7.55 13.62
N GLU B 58 8.09 7.24 12.60
CA GLU B 58 9.42 7.82 12.37
C GLU B 58 9.32 9.23 11.75
N THR B 59 8.45 9.36 10.72
CA THR B 59 8.27 10.60 9.93
C THR B 59 7.80 11.74 10.83
N GLU B 60 6.88 11.42 11.76
CA GLU B 60 6.29 12.39 12.71
C GLU B 60 7.39 13.09 13.55
N ARG B 61 8.29 12.27 14.13
CA ARG B 61 9.37 12.75 15.01
C ARG B 61 10.45 13.52 14.21
N ASN B 62 10.63 13.11 12.94
CA ASN B 62 11.66 13.67 12.05
C ASN B 62 11.10 14.87 11.22
N ALA B 63 9.79 15.13 11.30
CA ALA B 63 9.13 16.25 10.58
C ALA B 63 8.76 17.39 11.55
N ARG B 64 8.79 18.62 11.01
CA ARG B 64 8.33 19.84 11.70
C ARG B 64 6.78 19.93 11.68
N SER B 65 6.15 19.08 10.86
CA SER B 65 4.69 18.92 10.77
C SER B 65 4.23 17.78 11.71
N MET A 1 -22.52 9.01 9.93
CA MET A 1 -22.88 8.41 8.61
C MET A 1 -21.59 8.10 7.80
N GLY A 2 -20.55 8.92 8.00
CA GLY A 2 -19.22 8.68 7.42
C GLY A 2 -19.02 9.40 6.09
N HIS A 3 -19.12 10.74 6.12
CA HIS A 3 -18.95 11.58 4.92
C HIS A 3 -17.46 11.98 4.79
N HIS A 4 -16.69 11.13 4.09
CA HIS A 4 -15.24 11.34 3.88
C HIS A 4 -14.99 12.38 2.77
N HIS A 5 -13.99 13.27 3.00
CA HIS A 5 -13.59 14.33 2.05
C HIS A 5 -12.05 14.37 1.90
N HIS A 6 -11.58 14.33 0.64
CA HIS A 6 -10.16 14.48 0.28
C HIS A 6 -10.10 14.99 -1.17
N HIS A 7 -9.94 16.32 -1.34
CA HIS A 7 -9.96 16.98 -2.65
C HIS A 7 -8.54 17.12 -3.22
N HIS A 8 -7.67 17.79 -2.46
CA HIS A 8 -6.26 18.03 -2.82
C HIS A 8 -5.34 17.05 -2.06
N SER A 9 -4.08 16.96 -2.50
CA SER A 9 -3.06 16.06 -1.92
C SER A 9 -1.81 16.87 -1.51
N HIS A 10 -1.76 17.28 -0.24
CA HIS A 10 -0.59 17.95 0.37
C HIS A 10 0.06 16.99 1.37
N SER A 11 -0.78 16.36 2.20
CA SER A 11 -0.38 15.28 3.10
C SER A 11 -0.13 14.00 2.27
N LYS A 12 1.06 13.92 1.67
CA LYS A 12 1.42 12.93 0.64
C LYS A 12 1.71 11.53 1.25
N TYR A 13 2.47 11.52 2.35
CA TYR A 13 2.74 10.27 3.10
C TYR A 13 1.44 9.72 3.72
N ALA A 14 0.58 10.67 4.16
CA ALA A 14 -0.76 10.37 4.71
C ALA A 14 -1.74 9.89 3.62
N GLU A 15 -1.53 10.35 2.36
CA GLU A 15 -2.34 9.92 1.18
C GLU A 15 -2.19 8.41 0.96
N LEU A 16 -0.93 7.96 1.10
CA LEU A 16 -0.54 6.55 0.92
C LEU A 16 -1.29 5.65 1.92
N LEU A 17 -1.20 6.01 3.20
CA LEU A 17 -1.89 5.27 4.30
C LEU A 17 -3.42 5.26 4.12
N ALA A 18 -3.96 6.42 3.70
CA ALA A 18 -5.41 6.64 3.55
C ALA A 18 -6.01 5.80 2.40
N ILE A 19 -5.24 5.63 1.32
CA ILE A 19 -5.65 4.79 0.18
C ILE A 19 -5.67 3.31 0.57
N ILE A 20 -4.57 2.83 1.18
CA ILE A 20 -4.41 1.41 1.52
C ILE A 20 -5.53 0.92 2.50
N GLU A 21 -5.80 1.73 3.54
CA GLU A 21 -6.86 1.41 4.53
C GLU A 21 -8.29 1.45 3.92
N GLU A 22 -8.41 2.18 2.80
CA GLU A 22 -9.66 2.27 2.03
C GLU A 22 -9.85 0.99 1.20
N LEU A 23 -8.76 0.54 0.54
CA LEU A 23 -8.73 -0.68 -0.30
C LEU A 23 -9.11 -1.94 0.47
N GLY A 24 -8.86 -1.96 1.80
CA GLY A 24 -9.18 -3.10 2.68
C GLY A 24 -10.67 -3.30 2.86
N LYS A 25 -11.42 -2.21 2.68
CA LYS A 25 -12.88 -2.22 2.74
C LYS A 25 -13.45 -2.87 1.47
N GLU A 26 -12.86 -2.51 0.31
CA GLU A 26 -13.34 -2.86 -1.04
C GLU A 26 -13.13 -4.34 -1.40
N ILE A 27 -12.37 -5.07 -0.56
CA ILE A 27 -12.05 -6.49 -0.80
C ILE A 27 -13.29 -7.38 -0.67
N ARG A 28 -14.03 -7.17 0.43
CA ARG A 28 -15.19 -8.00 0.81
C ARG A 28 -16.29 -8.02 -0.32
N PRO A 29 -16.72 -6.82 -0.91
CA PRO A 29 -17.62 -6.80 -2.09
C PRO A 29 -16.94 -7.34 -3.39
N THR A 30 -15.63 -7.05 -3.59
CA THR A 30 -14.88 -7.57 -4.80
C THR A 30 -14.95 -9.11 -4.86
N TYR A 31 -14.70 -9.75 -3.71
CA TYR A 31 -14.80 -11.19 -3.50
C TYR A 31 -16.26 -11.68 -3.67
N ALA A 32 -17.22 -10.83 -3.32
CA ALA A 32 -18.65 -11.13 -3.45
C ALA A 32 -19.18 -10.82 -4.87
N GLY A 33 -18.28 -10.49 -5.82
CA GLY A 33 -18.61 -10.34 -7.24
C GLY A 33 -19.07 -8.95 -7.63
N SER A 34 -18.56 -7.91 -6.94
CA SER A 34 -18.85 -6.50 -7.27
C SER A 34 -17.76 -5.94 -8.19
N LYS A 35 -18.15 -5.65 -9.45
CA LYS A 35 -17.26 -5.03 -10.45
C LYS A 35 -16.84 -3.60 -10.03
N SER A 36 -17.72 -2.92 -9.28
CA SER A 36 -17.50 -1.53 -8.85
C SER A 36 -16.37 -1.46 -7.81
N ALA A 37 -16.31 -2.49 -6.95
CA ALA A 37 -15.34 -2.60 -5.87
C ALA A 37 -13.93 -2.93 -6.39
N MET A 38 -13.86 -3.84 -7.39
CA MET A 38 -12.56 -4.27 -7.97
C MET A 38 -11.90 -3.13 -8.77
N GLU A 39 -12.72 -2.24 -9.36
CA GLU A 39 -12.22 -1.02 -10.03
C GLU A 39 -11.49 -0.09 -9.04
N ARG A 40 -12.12 0.13 -7.87
CA ARG A 40 -11.55 0.95 -6.76
C ARG A 40 -10.29 0.28 -6.17
N LEU A 41 -10.39 -1.05 -6.01
CA LEU A 41 -9.32 -1.89 -5.44
C LEU A 41 -8.05 -1.81 -6.31
N LYS A 42 -8.21 -2.06 -7.61
CA LYS A 42 -7.12 -2.12 -8.59
C LYS A 42 -6.44 -0.76 -8.77
N ARG A 43 -7.26 0.25 -9.07
CA ARG A 43 -6.80 1.62 -9.36
C ARG A 43 -6.04 2.21 -8.16
N GLY A 44 -6.54 1.93 -6.94
CA GLY A 44 -5.93 2.41 -5.71
C GLY A 44 -4.62 1.71 -5.39
N ILE A 45 -4.55 0.39 -5.66
CA ILE A 45 -3.31 -0.41 -5.47
C ILE A 45 -2.18 0.12 -6.36
N ILE A 46 -2.46 0.24 -7.66
CA ILE A 46 -1.48 0.74 -8.65
C ILE A 46 -1.03 2.18 -8.30
N HIS A 47 -1.99 3.01 -7.86
CA HIS A 47 -1.74 4.40 -7.42
C HIS A 47 -0.90 4.42 -6.12
N ALA A 48 -1.19 3.49 -5.20
CA ALA A 48 -0.54 3.40 -3.87
C ALA A 48 0.96 3.10 -4.03
N ARG A 49 1.30 2.20 -4.97
CA ARG A 49 2.68 1.86 -5.30
C ARG A 49 3.40 3.06 -5.95
N GLY A 50 2.60 3.90 -6.64
CA GLY A 50 3.09 5.15 -7.23
C GLY A 50 3.46 6.19 -6.18
N LEU A 51 2.86 6.09 -4.99
CA LEU A 51 3.15 6.98 -3.84
C LEU A 51 4.35 6.44 -3.06
N VAL A 52 4.49 5.10 -3.07
CA VAL A 52 5.67 4.42 -2.51
C VAL A 52 6.89 4.75 -3.36
N ARG A 53 6.69 4.92 -4.69
CA ARG A 53 7.72 5.40 -5.64
C ARG A 53 8.22 6.81 -5.26
N GLU A 54 7.29 7.65 -4.79
CA GLU A 54 7.60 9.03 -4.34
C GLU A 54 8.39 9.02 -3.02
N CYS A 55 8.05 8.06 -2.16
CA CYS A 55 8.68 7.89 -0.84
C CYS A 55 10.04 7.15 -0.96
N LEU A 56 10.16 6.33 -2.03
CA LEU A 56 11.41 5.63 -2.38
C LEU A 56 12.39 6.61 -3.04
N ALA A 57 11.84 7.53 -3.86
CA ALA A 57 12.59 8.67 -4.45
C ALA A 57 13.22 9.53 -3.35
N GLU A 58 12.45 9.72 -2.26
CA GLU A 58 12.90 10.42 -1.05
C GLU A 58 14.12 9.68 -0.45
N THR A 59 13.91 8.40 -0.09
CA THR A 59 14.93 7.53 0.53
C THR A 59 16.14 7.29 -0.39
N GLU A 60 15.93 7.40 -1.73
CA GLU A 60 16.99 7.17 -2.76
C GLU A 60 18.04 8.29 -2.71
N ARG A 61 17.56 9.52 -2.57
CA ARG A 61 18.44 10.70 -2.42
C ARG A 61 19.20 10.63 -1.09
N ASN A 62 18.59 9.97 -0.10
CA ASN A 62 19.16 9.74 1.24
C ASN A 62 19.95 8.41 1.30
N ALA A 63 19.90 7.62 0.21
CA ALA A 63 20.56 6.30 0.13
C ALA A 63 21.99 6.43 -0.35
N ARG A 64 22.92 5.72 0.33
CA ARG A 64 24.36 5.73 -0.02
C ARG A 64 24.92 4.28 -0.14
N SER A 65 24.25 3.33 0.53
CA SER A 65 24.61 1.90 0.49
C SER A 65 23.37 1.02 0.85
N MET B 1 6.95 -19.16 -12.86
CA MET B 1 6.09 -19.51 -11.71
C MET B 1 6.38 -18.58 -10.52
N GLY B 2 7.55 -18.79 -9.86
CA GLY B 2 7.97 -18.00 -8.71
C GLY B 2 9.27 -18.51 -8.11
N HIS B 3 10.26 -17.63 -7.92
CA HIS B 3 11.56 -17.98 -7.32
C HIS B 3 12.15 -16.76 -6.56
N HIS B 4 11.38 -15.66 -6.47
CA HIS B 4 11.82 -14.42 -5.80
C HIS B 4 11.83 -14.62 -4.26
N HIS B 5 12.98 -15.10 -3.76
CA HIS B 5 13.24 -15.32 -2.34
C HIS B 5 13.28 -13.97 -1.58
N HIS B 6 12.20 -13.69 -0.84
CA HIS B 6 11.95 -12.37 -0.19
C HIS B 6 12.66 -12.26 1.19
N HIS B 7 13.59 -13.19 1.48
CA HIS B 7 14.48 -13.10 2.65
C HIS B 7 15.67 -12.17 2.28
N HIS B 8 15.31 -10.93 1.91
CA HIS B 8 16.21 -9.89 1.38
C HIS B 8 15.38 -8.61 1.19
N SER B 9 15.19 -7.88 2.30
CA SER B 9 14.38 -6.65 2.34
C SER B 9 15.25 -5.52 2.94
N HIS B 10 15.36 -4.38 2.22
CA HIS B 10 16.22 -3.25 2.64
C HIS B 10 15.50 -2.40 3.72
N SER B 11 14.91 -1.24 3.33
CA SER B 11 14.11 -0.41 4.25
C SER B 11 12.64 -0.85 4.21
N LYS B 12 11.84 -0.33 5.17
CA LYS B 12 10.40 -0.67 5.28
C LYS B 12 9.63 -0.22 4.02
N TYR B 13 10.21 0.74 3.26
CA TYR B 13 9.64 1.28 2.02
C TYR B 13 9.73 0.26 0.87
N ALA B 14 10.89 -0.44 0.78
CA ALA B 14 11.14 -1.49 -0.23
C ALA B 14 10.25 -2.72 0.03
N GLU B 15 10.05 -3.00 1.32
CA GLU B 15 9.14 -4.04 1.81
C GLU B 15 7.67 -3.72 1.43
N LEU B 16 7.29 -2.46 1.70
CA LEU B 16 5.96 -1.89 1.42
C LEU B 16 5.64 -1.94 -0.10
N LEU B 17 6.66 -1.64 -0.91
CA LEU B 17 6.61 -1.72 -2.37
C LEU B 17 6.21 -3.14 -2.84
N ALA B 18 6.98 -4.12 -2.32
CA ALA B 18 6.88 -5.54 -2.67
C ALA B 18 5.50 -6.13 -2.33
N ILE B 19 4.88 -5.62 -1.26
CA ILE B 19 3.54 -6.01 -0.83
C ILE B 19 2.47 -5.56 -1.84
N ILE B 20 2.45 -4.25 -2.15
CA ILE B 20 1.36 -3.61 -2.91
C ILE B 20 1.25 -4.19 -4.35
N GLU B 21 2.39 -4.42 -5.00
CA GLU B 21 2.43 -5.04 -6.36
C GLU B 21 2.02 -6.53 -6.32
N GLU B 22 2.26 -7.19 -5.18
CA GLU B 22 1.82 -8.59 -4.95
C GLU B 22 0.28 -8.65 -4.81
N LEU B 23 -0.26 -7.61 -4.17
CA LEU B 23 -1.71 -7.39 -4.04
C LEU B 23 -2.35 -7.12 -5.42
N GLY B 24 -1.55 -6.47 -6.30
CA GLY B 24 -1.91 -6.23 -7.70
C GLY B 24 -2.24 -7.50 -8.46
N LYS B 25 -1.59 -8.61 -8.06
CA LYS B 25 -1.87 -9.95 -8.60
C LYS B 25 -3.14 -10.53 -7.96
N GLU B 26 -3.27 -10.33 -6.64
CA GLU B 26 -4.36 -10.94 -5.83
C GLU B 26 -5.75 -10.32 -6.09
N ILE B 27 -5.79 -9.20 -6.85
CA ILE B 27 -7.06 -8.59 -7.29
C ILE B 27 -7.89 -9.60 -8.12
N ARG B 28 -7.20 -10.30 -9.04
CA ARG B 28 -7.85 -11.17 -10.04
C ARG B 28 -8.45 -12.45 -9.39
N PRO B 29 -7.68 -13.28 -8.57
CA PRO B 29 -8.25 -14.48 -7.92
C PRO B 29 -9.33 -14.12 -6.85
N THR B 30 -9.18 -12.96 -6.17
CA THR B 30 -10.22 -12.47 -5.22
C THR B 30 -11.57 -12.27 -5.95
N TYR B 31 -11.51 -11.57 -7.10
CA TYR B 31 -12.68 -11.33 -7.95
C TYR B 31 -13.15 -12.62 -8.66
N ALA B 32 -12.26 -13.62 -8.77
CA ALA B 32 -12.57 -14.95 -9.33
C ALA B 32 -13.30 -15.84 -8.30
N GLY B 33 -13.29 -15.43 -7.02
CA GLY B 33 -14.00 -16.15 -5.95
C GLY B 33 -13.09 -16.95 -5.02
N SER B 34 -11.77 -16.79 -5.16
CA SER B 34 -10.78 -17.42 -4.27
C SER B 34 -10.77 -16.72 -2.91
N LYS B 35 -11.24 -17.44 -1.87
CA LYS B 35 -11.26 -16.96 -0.48
C LYS B 35 -9.85 -16.83 0.09
N SER B 36 -8.94 -17.73 -0.34
CA SER B 36 -7.54 -17.67 0.07
C SER B 36 -6.85 -16.39 -0.46
N ALA B 37 -7.29 -15.93 -1.65
CA ALA B 37 -6.72 -14.75 -2.31
C ALA B 37 -7.17 -13.45 -1.64
N MET B 38 -8.47 -13.38 -1.26
CA MET B 38 -9.02 -12.20 -0.56
C MET B 38 -8.38 -12.06 0.83
N GLU B 39 -8.02 -13.21 1.43
CA GLU B 39 -7.31 -13.26 2.71
C GLU B 39 -5.82 -12.87 2.56
N ARG B 40 -5.18 -13.20 1.41
CA ARG B 40 -3.79 -12.75 1.12
C ARG B 40 -3.78 -11.24 0.83
N LEU B 41 -4.87 -10.78 0.21
CA LEU B 41 -5.08 -9.39 -0.19
C LEU B 41 -5.32 -8.50 1.04
N LYS B 42 -6.18 -8.98 1.95
CA LYS B 42 -6.53 -8.28 3.20
C LYS B 42 -5.37 -8.26 4.18
N ARG B 43 -4.75 -9.43 4.37
CA ARG B 43 -3.54 -9.62 5.21
C ARG B 43 -2.40 -8.70 4.72
N GLY B 44 -2.24 -8.64 3.39
CA GLY B 44 -1.21 -7.82 2.77
C GLY B 44 -1.46 -6.33 2.94
N ILE B 45 -2.72 -5.89 2.78
CA ILE B 45 -3.12 -4.48 2.92
C ILE B 45 -2.90 -3.98 4.37
N ILE B 46 -3.35 -4.76 5.36
CA ILE B 46 -3.16 -4.45 6.78
C ILE B 46 -1.64 -4.46 7.14
N HIS B 47 -0.89 -5.37 6.47
CA HIS B 47 0.58 -5.47 6.64
C HIS B 47 1.29 -4.27 5.98
N ALA B 48 0.69 -3.72 4.91
CA ALA B 48 1.19 -2.55 4.21
C ALA B 48 0.97 -1.28 5.06
N ARG B 49 -0.21 -1.20 5.72
CA ARG B 49 -0.60 -0.08 6.59
C ARG B 49 0.44 0.17 7.68
N GLY B 50 0.85 -0.90 8.38
CA GLY B 50 1.81 -0.81 9.49
C GLY B 50 3.18 -0.31 9.03
N LEU B 51 3.51 -0.53 7.76
CA LEU B 51 4.77 -0.06 7.15
C LEU B 51 4.67 1.40 6.74
N VAL B 52 3.46 1.85 6.37
CA VAL B 52 3.22 3.30 6.11
C VAL B 52 3.22 4.06 7.45
N ARG B 53 2.77 3.38 8.53
CA ARG B 53 2.94 3.90 9.90
C ARG B 53 4.44 4.03 10.25
N GLU B 54 5.26 3.05 9.79
CA GLU B 54 6.74 3.12 9.92
C GLU B 54 7.33 4.23 9.03
N CYS B 55 6.67 4.52 7.89
CA CYS B 55 7.08 5.58 6.96
C CYS B 55 6.96 6.98 7.62
N LEU B 56 5.77 7.26 8.19
CA LEU B 56 5.48 8.54 8.86
C LEU B 56 6.26 8.65 10.18
N ALA B 57 6.45 7.50 10.87
CA ALA B 57 7.26 7.42 12.10
C ALA B 57 8.73 7.75 11.81
N GLU B 58 9.26 7.18 10.72
CA GLU B 58 10.66 7.39 10.26
C GLU B 58 10.88 8.87 9.92
N THR B 59 9.92 9.44 9.16
CA THR B 59 9.87 10.84 8.73
C THR B 59 9.77 11.78 9.97
N GLU B 60 9.01 11.35 10.98
CA GLU B 60 8.75 12.14 12.21
C GLU B 60 9.98 12.18 13.14
N ARG B 61 10.74 11.07 13.23
CA ARG B 61 11.92 10.98 14.11
C ARG B 61 13.16 11.61 13.45
N ASN B 62 13.25 11.46 12.11
CA ASN B 62 14.34 12.05 11.30
C ASN B 62 14.22 13.58 11.29
N ALA B 63 13.06 14.06 10.81
CA ALA B 63 12.80 15.48 10.58
C ALA B 63 11.64 15.96 11.47
N ARG B 64 11.69 17.25 11.85
CA ARG B 64 10.66 17.87 12.70
C ARG B 64 9.39 18.15 11.87
N SER B 65 9.47 19.14 10.97
CA SER B 65 8.39 19.52 10.06
C SER B 65 8.99 19.88 8.68
N MET A 1 -17.79 15.82 13.46
CA MET A 1 -17.67 16.17 12.02
C MET A 1 -16.68 17.35 11.87
N GLY A 2 -15.59 17.12 11.14
CA GLY A 2 -14.55 18.13 10.94
C GLY A 2 -14.89 19.13 9.84
N HIS A 3 -14.99 20.43 10.20
CA HIS A 3 -15.23 21.53 9.26
C HIS A 3 -13.91 21.82 8.51
N HIS A 4 -13.95 21.79 7.16
CA HIS A 4 -12.76 21.97 6.31
C HIS A 4 -12.24 23.42 6.43
N HIS A 5 -11.08 23.58 7.11
CA HIS A 5 -10.37 24.87 7.21
C HIS A 5 -9.11 24.80 6.32
N HIS A 6 -8.18 23.90 6.70
CA HIS A 6 -6.87 23.75 6.04
C HIS A 6 -6.18 22.44 6.46
N HIS A 7 -5.13 22.04 5.72
CA HIS A 7 -4.29 20.86 6.04
C HIS A 7 -2.81 21.27 6.09
N HIS A 8 -2.06 20.69 7.04
CA HIS A 8 -0.58 20.81 7.10
C HIS A 8 0.06 19.45 6.70
N SER A 9 -0.75 18.57 6.07
CA SER A 9 -0.36 17.21 5.70
C SER A 9 0.49 17.22 4.39
N HIS A 10 1.75 17.68 4.51
CA HIS A 10 2.72 17.71 3.39
C HIS A 10 3.31 16.31 3.16
N SER A 11 3.35 15.48 4.22
CA SER A 11 3.83 14.10 4.13
C SER A 11 2.89 13.27 3.24
N LYS A 12 3.46 12.69 2.16
CA LYS A 12 2.72 11.90 1.18
C LYS A 12 2.26 10.55 1.78
N TYR A 13 2.88 10.17 2.92
CA TYR A 13 2.52 8.98 3.72
C TYR A 13 1.10 9.11 4.29
N ALA A 14 0.64 10.36 4.49
CA ALA A 14 -0.75 10.67 4.90
C ALA A 14 -1.76 10.19 3.84
N GLU A 15 -1.41 10.36 2.54
CA GLU A 15 -2.26 9.86 1.42
C GLU A 15 -2.08 8.35 1.25
N LEU A 16 -0.82 7.90 1.39
CA LEU A 16 -0.44 6.50 1.14
C LEU A 16 -1.15 5.56 2.13
N LEU A 17 -1.16 5.95 3.41
CA LEU A 17 -1.90 5.23 4.47
C LEU A 17 -3.42 5.28 4.22
N ALA A 18 -3.91 6.48 3.84
CA ALA A 18 -5.34 6.75 3.62
C ALA A 18 -5.93 5.83 2.54
N ILE A 19 -5.16 5.61 1.48
CA ILE A 19 -5.56 4.72 0.37
C ILE A 19 -5.66 3.27 0.87
N ILE A 20 -4.58 2.79 1.51
CA ILE A 20 -4.43 1.39 1.96
C ILE A 20 -5.59 0.97 2.92
N GLU A 21 -5.90 1.84 3.90
CA GLU A 21 -6.97 1.57 4.88
C GLU A 21 -8.38 1.60 4.24
N GLU A 22 -8.53 2.29 3.09
CA GLU A 22 -9.76 2.27 2.28
C GLU A 22 -9.86 0.94 1.53
N LEU A 23 -8.72 0.48 0.98
CA LEU A 23 -8.59 -0.77 0.23
C LEU A 23 -8.95 -2.00 1.09
N GLY A 24 -8.85 -1.88 2.43
CA GLY A 24 -9.29 -2.92 3.36
C GLY A 24 -10.81 -3.06 3.39
N LYS A 25 -11.48 -1.92 3.23
CA LYS A 25 -12.96 -1.84 3.18
C LYS A 25 -13.48 -2.48 1.87
N GLU A 26 -12.74 -2.29 0.76
CA GLU A 26 -13.17 -2.65 -0.60
C GLU A 26 -12.98 -4.16 -0.90
N ILE A 27 -12.34 -4.89 0.03
CA ILE A 27 -12.12 -6.35 -0.11
C ILE A 27 -13.46 -7.11 -0.06
N ARG A 28 -14.32 -6.69 0.89
CA ARG A 28 -15.64 -7.31 1.12
C ARG A 28 -16.54 -7.32 -0.17
N PRO A 29 -16.82 -6.15 -0.87
CA PRO A 29 -17.60 -6.18 -2.14
C PRO A 29 -16.83 -6.88 -3.31
N THR A 30 -15.49 -6.71 -3.36
CA THR A 30 -14.66 -7.35 -4.42
C THR A 30 -14.81 -8.89 -4.39
N TYR A 31 -14.65 -9.48 -3.20
CA TYR A 31 -14.78 -10.93 -2.99
C TYR A 31 -16.26 -11.37 -3.10
N ALA A 32 -17.20 -10.42 -2.97
CA ALA A 32 -18.64 -10.67 -3.17
C ALA A 32 -19.02 -10.69 -4.68
N GLY A 33 -18.01 -10.55 -5.57
CA GLY A 33 -18.21 -10.65 -7.01
C GLY A 33 -18.65 -9.33 -7.65
N SER A 34 -18.29 -8.20 -7.02
CA SER A 34 -18.63 -6.86 -7.52
C SER A 34 -17.46 -6.31 -8.34
N LYS A 35 -17.65 -6.21 -9.66
CA LYS A 35 -16.61 -5.73 -10.59
C LYS A 35 -16.35 -4.23 -10.42
N SER A 36 -17.30 -3.51 -9.84
CA SER A 36 -17.15 -2.09 -9.53
C SER A 36 -16.11 -1.90 -8.40
N ALA A 37 -16.16 -2.80 -7.41
CA ALA A 37 -15.28 -2.78 -6.25
C ALA A 37 -13.83 -3.08 -6.63
N MET A 38 -13.63 -4.16 -7.40
CA MET A 38 -12.28 -4.62 -7.80
C MET A 38 -11.52 -3.55 -8.62
N GLU A 39 -12.27 -2.78 -9.41
CA GLU A 39 -11.70 -1.73 -10.29
C GLU A 39 -11.37 -0.45 -9.51
N ARG A 40 -12.04 -0.24 -8.37
CA ARG A 40 -11.72 0.85 -7.41
C ARG A 40 -10.60 0.43 -6.44
N LEU A 41 -10.58 -0.87 -6.14
CA LEU A 41 -9.59 -1.50 -5.23
C LEU A 41 -8.21 -1.52 -5.90
N LYS A 42 -8.21 -1.90 -7.18
CA LYS A 42 -6.99 -1.92 -8.02
C LYS A 42 -6.59 -0.52 -8.47
N ARG A 43 -7.58 0.40 -8.55
CA ARG A 43 -7.32 1.83 -8.84
C ARG A 43 -6.45 2.41 -7.71
N GLY A 44 -6.89 2.15 -6.47
CA GLY A 44 -6.17 2.56 -5.28
C GLY A 44 -4.79 1.93 -5.14
N ILE A 45 -4.72 0.60 -5.42
CA ILE A 45 -3.44 -0.16 -5.39
C ILE A 45 -2.37 0.46 -6.31
N ILE A 46 -2.75 0.70 -7.58
CA ILE A 46 -1.82 1.22 -8.60
C ILE A 46 -1.31 2.63 -8.21
N HIS A 47 -2.24 3.52 -7.78
CA HIS A 47 -1.88 4.87 -7.35
C HIS A 47 -0.98 4.83 -6.10
N ALA A 48 -1.30 3.92 -5.16
CA ALA A 48 -0.54 3.69 -3.92
C ALA A 48 0.89 3.23 -4.24
N ARG A 49 1.06 2.37 -5.27
CA ARG A 49 2.38 1.89 -5.72
C ARG A 49 3.21 3.04 -6.29
N GLY A 50 2.52 3.98 -6.96
CA GLY A 50 3.13 5.18 -7.50
C GLY A 50 3.75 6.07 -6.41
N LEU A 51 3.08 6.09 -5.24
CA LEU A 51 3.55 6.85 -4.06
C LEU A 51 4.80 6.18 -3.46
N VAL A 52 4.80 4.83 -3.46
CA VAL A 52 5.90 4.02 -2.90
C VAL A 52 7.17 4.14 -3.74
N ARG A 53 7.00 4.24 -5.07
CA ARG A 53 8.12 4.44 -6.00
C ARG A 53 8.74 5.85 -5.84
N GLU A 54 7.95 6.82 -5.36
CA GLU A 54 8.46 8.15 -4.98
C GLU A 54 9.15 8.11 -3.61
N CYS A 55 8.66 7.21 -2.72
CA CYS A 55 9.30 6.92 -1.42
C CYS A 55 10.69 6.30 -1.65
N LEU A 56 10.77 5.41 -2.65
CA LEU A 56 12.02 4.75 -3.05
C LEU A 56 12.97 5.72 -3.76
N ALA A 57 12.39 6.63 -4.58
CA ALA A 57 13.15 7.70 -5.26
C ALA A 57 13.82 8.64 -4.24
N GLU A 58 13.19 8.80 -3.06
CA GLU A 58 13.73 9.60 -1.95
C GLU A 58 14.78 8.78 -1.15
N THR A 59 14.34 7.65 -0.57
CA THR A 59 15.16 6.73 0.25
C THR A 59 16.46 6.28 -0.48
N GLU A 60 16.42 6.16 -1.82
CA GLU A 60 17.61 5.84 -2.62
C GLU A 60 18.69 6.93 -2.48
N ARG A 61 18.26 8.19 -2.60
CA ARG A 61 19.16 9.36 -2.49
C ARG A 61 19.62 9.57 -1.03
N ASN A 62 18.87 8.98 -0.08
CA ASN A 62 19.16 9.07 1.36
C ASN A 62 19.82 7.77 1.90
N ALA A 63 19.94 6.73 1.04
CA ALA A 63 20.50 5.40 1.41
C ALA A 63 20.57 4.48 0.18
N ARG A 64 21.81 4.21 -0.30
CA ARG A 64 22.09 3.30 -1.43
C ARG A 64 23.57 2.84 -1.34
N SER A 65 24.15 2.92 -0.15
CA SER A 65 25.56 2.60 0.11
C SER A 65 25.74 2.28 1.61
N MET B 1 14.88 -18.26 -10.83
CA MET B 1 15.94 -19.28 -10.71
C MET B 1 17.31 -18.63 -10.93
N GLY B 2 18.30 -19.09 -10.16
CA GLY B 2 19.68 -18.60 -10.26
C GLY B 2 20.55 -19.12 -9.12
N HIS B 3 21.71 -18.50 -8.91
CA HIS B 3 22.60 -18.81 -7.79
C HIS B 3 23.17 -17.48 -7.26
N HIS B 4 22.37 -16.78 -6.44
CA HIS B 4 22.77 -15.52 -5.82
C HIS B 4 23.87 -15.78 -4.77
N HIS B 5 24.95 -14.99 -4.81
CA HIS B 5 26.09 -15.14 -3.88
C HIS B 5 25.73 -14.53 -2.52
N HIS B 6 24.87 -13.50 -2.53
CA HIS B 6 24.48 -12.75 -1.32
C HIS B 6 23.06 -12.16 -1.48
N HIS B 7 22.59 -11.47 -0.42
CA HIS B 7 21.32 -10.74 -0.43
C HIS B 7 21.40 -9.61 0.63
N HIS B 8 22.19 -8.56 0.33
CA HIS B 8 22.32 -7.36 1.19
C HIS B 8 21.14 -6.41 1.00
N SER B 9 20.58 -6.40 -0.22
CA SER B 9 19.42 -5.57 -0.57
C SER B 9 18.15 -6.12 0.14
N HIS B 10 17.76 -5.44 1.23
CA HIS B 10 16.61 -5.85 2.08
C HIS B 10 15.68 -4.65 2.33
N SER B 11 15.74 -3.64 1.41
CA SER B 11 15.00 -2.37 1.53
C SER B 11 13.51 -2.59 1.85
N LYS B 12 13.07 -2.12 3.03
CA LYS B 12 11.73 -2.40 3.57
C LYS B 12 10.62 -1.71 2.76
N TYR B 13 10.97 -0.59 2.09
CA TYR B 13 10.03 0.15 1.23
C TYR B 13 9.93 -0.51 -0.16
N ALA B 14 11.05 -1.12 -0.60
CA ALA B 14 11.07 -1.99 -1.79
C ALA B 14 10.28 -3.28 -1.55
N GLU B 15 10.28 -3.74 -0.29
CA GLU B 15 9.48 -4.90 0.14
C GLU B 15 7.99 -4.52 0.10
N LEU B 16 7.70 -3.30 0.60
CA LEU B 16 6.35 -2.73 0.62
C LEU B 16 5.86 -2.49 -0.84
N LEU B 17 6.79 -2.17 -1.74
CA LEU B 17 6.51 -2.07 -3.18
C LEU B 17 6.03 -3.43 -3.74
N ALA B 18 6.82 -4.47 -3.44
CA ALA B 18 6.56 -5.85 -3.83
C ALA B 18 5.22 -6.36 -3.28
N ILE B 19 4.85 -5.87 -2.07
CA ILE B 19 3.55 -6.16 -1.45
C ILE B 19 2.42 -5.61 -2.34
N ILE B 20 2.39 -4.28 -2.50
CA ILE B 20 1.24 -3.56 -3.09
C ILE B 20 0.99 -3.96 -4.56
N GLU B 21 2.07 -4.12 -5.35
CA GLU B 21 1.95 -4.54 -6.77
C GLU B 21 1.36 -5.95 -6.91
N GLU B 22 1.71 -6.84 -5.96
CA GLU B 22 1.22 -8.22 -5.97
C GLU B 22 -0.25 -8.26 -5.51
N LEU B 23 -0.62 -7.36 -4.58
CA LEU B 23 -2.01 -7.21 -4.10
C LEU B 23 -2.94 -6.92 -5.28
N GLY B 24 -2.48 -6.01 -6.17
CA GLY B 24 -3.16 -5.68 -7.43
C GLY B 24 -3.44 -6.89 -8.30
N LYS B 25 -2.51 -7.83 -8.28
CA LYS B 25 -2.62 -9.10 -9.01
C LYS B 25 -3.64 -10.04 -8.31
N GLU B 26 -3.65 -10.03 -6.95
CA GLU B 26 -4.55 -10.90 -6.14
C GLU B 26 -6.03 -10.50 -6.29
N ILE B 27 -6.27 -9.23 -6.65
CA ILE B 27 -7.63 -8.63 -6.76
C ILE B 27 -8.51 -9.36 -7.80
N ARG B 28 -7.91 -9.83 -8.92
CA ARG B 28 -8.66 -10.51 -9.99
C ARG B 28 -9.15 -11.92 -9.47
N PRO B 29 -8.25 -12.84 -8.95
CA PRO B 29 -8.69 -14.11 -8.30
C PRO B 29 -9.68 -13.87 -7.13
N THR B 30 -9.44 -12.83 -6.30
CA THR B 30 -10.34 -12.44 -5.17
C THR B 30 -11.78 -12.19 -5.68
N TYR B 31 -11.86 -11.38 -6.74
CA TYR B 31 -13.12 -11.06 -7.43
C TYR B 31 -13.77 -12.32 -8.02
N ALA B 32 -12.93 -13.26 -8.49
CA ALA B 32 -13.40 -14.53 -9.07
C ALA B 32 -13.92 -15.50 -8.00
N GLY B 33 -13.39 -15.37 -6.76
CA GLY B 33 -13.85 -16.17 -5.61
C GLY B 33 -12.77 -16.98 -4.92
N SER B 34 -11.49 -16.76 -5.28
CA SER B 34 -10.34 -17.38 -4.59
C SER B 34 -10.20 -16.80 -3.16
N LYS B 35 -10.51 -17.65 -2.17
CA LYS B 35 -10.44 -17.30 -0.74
C LYS B 35 -8.98 -17.11 -0.28
N SER B 36 -8.05 -17.88 -0.88
CA SER B 36 -6.62 -17.76 -0.56
C SER B 36 -6.05 -16.39 -1.02
N ALA B 37 -6.60 -15.88 -2.14
CA ALA B 37 -6.15 -14.63 -2.77
C ALA B 37 -6.59 -13.41 -1.96
N MET B 38 -7.84 -13.46 -1.43
CA MET B 38 -8.41 -12.35 -0.62
C MET B 38 -7.72 -12.28 0.76
N GLU B 39 -7.27 -13.44 1.28
CA GLU B 39 -6.52 -13.51 2.54
C GLU B 39 -5.13 -12.89 2.38
N ARG B 40 -4.47 -13.15 1.23
CA ARG B 40 -3.15 -12.56 0.89
C ARG B 40 -3.27 -11.06 0.60
N LEU B 41 -4.40 -10.70 -0.05
CA LEU B 41 -4.75 -9.30 -0.36
C LEU B 41 -4.86 -8.49 0.94
N LYS B 42 -5.67 -9.01 1.88
CA LYS B 42 -5.89 -8.37 3.17
C LYS B 42 -4.62 -8.37 4.04
N ARG B 43 -3.88 -9.50 4.01
CA ARG B 43 -2.65 -9.68 4.82
C ARG B 43 -1.60 -8.62 4.45
N GLY B 44 -1.48 -8.39 3.13
CA GLY B 44 -0.58 -7.38 2.60
C GLY B 44 -0.99 -5.97 2.97
N ILE B 45 -2.31 -5.72 3.00
CA ILE B 45 -2.90 -4.41 3.40
C ILE B 45 -2.70 -4.13 4.91
N ILE B 46 -2.77 -5.19 5.73
CA ILE B 46 -2.47 -5.13 7.19
C ILE B 46 -1.02 -4.65 7.40
N HIS B 47 -0.10 -5.31 6.69
CA HIS B 47 1.34 -4.99 6.74
C HIS B 47 1.62 -3.61 6.13
N ALA B 48 0.94 -3.30 5.02
CA ALA B 48 1.14 -2.05 4.24
C ALA B 48 0.79 -0.82 5.10
N ARG B 49 -0.36 -0.92 5.78
CA ARG B 49 -0.78 0.05 6.80
C ARG B 49 0.35 0.31 7.82
N GLY B 50 0.84 -0.79 8.43
CA GLY B 50 1.84 -0.72 9.51
C GLY B 50 3.15 -0.04 9.08
N LEU B 51 3.58 -0.36 7.84
CA LEU B 51 4.83 0.15 7.25
C LEU B 51 4.74 1.67 7.02
N VAL B 52 3.57 2.14 6.57
CA VAL B 52 3.33 3.56 6.29
C VAL B 52 3.07 4.35 7.59
N ARG B 53 2.54 3.67 8.63
CA ARG B 53 2.40 4.25 9.99
C ARG B 53 3.79 4.40 10.66
N GLU B 54 4.74 3.53 10.30
CA GLU B 54 6.15 3.66 10.72
C GLU B 54 6.82 4.85 10.00
N CYS B 55 6.41 5.09 8.74
CA CYS B 55 6.88 6.24 7.95
C CYS B 55 6.41 7.57 8.58
N LEU B 56 5.10 7.65 8.89
CA LEU B 56 4.48 8.82 9.55
C LEU B 56 5.12 9.09 10.93
N ALA B 57 5.30 8.01 11.72
CA ALA B 57 5.86 8.09 13.08
C ALA B 57 7.30 8.63 13.06
N GLU B 58 8.08 8.16 12.09
CA GLU B 58 9.49 8.57 11.91
C GLU B 58 9.57 10.05 11.51
N THR B 59 8.69 10.46 10.57
CA THR B 59 8.59 11.86 10.09
C THR B 59 8.13 12.81 11.23
N GLU B 60 7.32 12.25 12.16
CA GLU B 60 6.82 12.99 13.34
C GLU B 60 7.97 13.25 14.34
N ARG B 61 9.05 12.44 14.25
CA ARG B 61 10.26 12.61 15.07
C ARG B 61 11.21 13.64 14.40
N ASN B 62 11.38 13.53 13.07
CA ASN B 62 12.30 14.40 12.30
C ASN B 62 11.73 15.82 12.11
N ALA B 63 10.76 15.98 11.19
CA ALA B 63 10.18 17.29 10.83
C ALA B 63 8.66 17.25 11.04
N ARG B 64 8.24 17.53 12.28
CA ARG B 64 6.83 17.50 12.70
C ARG B 64 6.21 18.90 12.59
N SER B 65 6.68 19.79 13.46
CA SER B 65 6.17 21.16 13.61
C SER B 65 7.36 22.08 13.97
N MET A 1 -22.28 15.10 16.27
CA MET A 1 -21.70 13.78 15.96
C MET A 1 -20.17 13.82 16.07
N GLY A 2 -19.57 12.67 16.43
CA GLY A 2 -18.12 12.53 16.53
C GLY A 2 -17.48 12.07 15.22
N HIS A 3 -17.78 12.79 14.14
CA HIS A 3 -17.20 12.55 12.79
C HIS A 3 -16.54 13.84 12.27
N HIS A 4 -16.16 14.73 13.21
CA HIS A 4 -15.46 15.99 12.88
C HIS A 4 -14.00 15.67 12.50
N HIS A 5 -13.79 15.42 11.20
CA HIS A 5 -12.47 15.02 10.67
C HIS A 5 -11.57 16.24 10.51
N HIS A 6 -10.43 16.23 11.21
CA HIS A 6 -9.42 17.30 11.14
C HIS A 6 -8.46 17.00 9.98
N HIS A 7 -8.94 17.33 8.77
CA HIS A 7 -8.21 17.16 7.51
C HIS A 7 -7.13 18.25 7.40
N HIS A 8 -5.86 17.85 7.55
CA HIS A 8 -4.70 18.78 7.51
C HIS A 8 -3.56 18.17 6.68
N SER A 9 -3.18 16.93 7.02
CA SER A 9 -1.96 16.28 6.51
C SER A 9 -2.12 15.83 5.04
N HIS A 10 -1.27 16.39 4.16
CA HIS A 10 -1.17 15.98 2.75
C HIS A 10 0.19 15.30 2.50
N SER A 11 0.78 14.72 3.56
CA SER A 11 2.04 13.97 3.47
C SER A 11 1.90 12.74 2.55
N LYS A 12 3.02 12.29 1.96
CA LYS A 12 3.05 11.14 1.05
C LYS A 12 2.46 9.88 1.73
N TYR A 13 2.96 9.61 2.94
CA TYR A 13 2.52 8.45 3.75
C TYR A 13 1.12 8.69 4.37
N ALA A 14 0.68 9.96 4.49
CA ALA A 14 -0.69 10.30 4.98
C ALA A 14 -1.75 9.95 3.93
N GLU A 15 -1.40 10.24 2.66
CA GLU A 15 -2.24 9.96 1.49
C GLU A 15 -2.24 8.45 1.19
N LEU A 16 -1.04 7.87 1.35
CA LEU A 16 -0.76 6.45 1.11
C LEU A 16 -1.54 5.56 2.10
N LEU A 17 -1.50 5.97 3.38
CA LEU A 17 -2.23 5.30 4.47
C LEU A 17 -3.75 5.37 4.23
N ALA A 18 -4.23 6.54 3.77
CA ALA A 18 -5.66 6.77 3.49
C ALA A 18 -6.16 5.88 2.34
N ILE A 19 -5.30 5.66 1.32
CA ILE A 19 -5.58 4.73 0.21
C ILE A 19 -5.81 3.31 0.75
N ILE A 20 -4.97 2.90 1.71
CA ILE A 20 -5.06 1.57 2.35
C ILE A 20 -6.38 1.42 3.14
N GLU A 21 -6.77 2.51 3.83
CA GLU A 21 -8.04 2.57 4.60
C GLU A 21 -9.26 2.38 3.68
N GLU A 22 -9.12 2.79 2.40
CA GLU A 22 -10.13 2.54 1.36
C GLU A 22 -10.10 1.04 0.99
N LEU A 23 -8.95 0.57 0.44
CA LEU A 23 -8.72 -0.80 -0.07
C LEU A 23 -9.14 -1.92 0.91
N GLY A 24 -9.04 -1.67 2.24
CA GLY A 24 -9.34 -2.67 3.28
C GLY A 24 -10.83 -2.90 3.43
N LYS A 25 -11.60 -1.84 3.17
CA LYS A 25 -13.05 -1.87 3.17
C LYS A 25 -13.57 -2.53 1.89
N GLU A 26 -12.85 -2.34 0.76
CA GLU A 26 -13.24 -2.80 -0.59
C GLU A 26 -12.99 -4.32 -0.78
N ILE A 27 -12.33 -4.98 0.19
CA ILE A 27 -12.07 -6.43 0.12
C ILE A 27 -13.40 -7.21 0.20
N ARG A 28 -14.24 -6.80 1.18
CA ARG A 28 -15.55 -7.41 1.45
C ARG A 28 -16.48 -7.43 0.18
N PRO A 29 -16.84 -6.24 -0.46
CA PRO A 29 -17.70 -6.23 -1.67
C PRO A 29 -17.02 -6.87 -2.92
N THR A 30 -15.68 -6.73 -3.06
CA THR A 30 -14.94 -7.40 -4.17
C THR A 30 -15.16 -8.94 -4.11
N TYR A 31 -15.06 -9.50 -2.90
CA TYR A 31 -15.31 -10.93 -2.64
C TYR A 31 -16.83 -11.27 -2.78
N ALA A 32 -17.69 -10.26 -2.52
CA ALA A 32 -19.16 -10.40 -2.66
C ALA A 32 -19.60 -10.29 -4.14
N GLY A 33 -18.65 -10.07 -5.07
CA GLY A 33 -18.92 -10.07 -6.52
C GLY A 33 -19.20 -8.68 -7.11
N SER A 34 -18.71 -7.61 -6.46
CA SER A 34 -18.93 -6.23 -6.91
C SER A 34 -17.87 -5.81 -7.94
N LYS A 35 -18.34 -5.44 -9.14
CA LYS A 35 -17.52 -4.93 -10.25
C LYS A 35 -16.96 -3.52 -9.91
N SER A 36 -17.68 -2.80 -9.04
CA SER A 36 -17.31 -1.45 -8.62
C SER A 36 -16.09 -1.47 -7.68
N ALA A 37 -16.14 -2.36 -6.69
CA ALA A 37 -15.17 -2.44 -5.60
C ALA A 37 -13.80 -2.95 -6.06
N MET A 38 -13.80 -3.86 -7.06
CA MET A 38 -12.55 -4.40 -7.63
C MET A 38 -11.81 -3.30 -8.44
N GLU A 39 -12.58 -2.37 -9.03
CA GLU A 39 -12.03 -1.19 -9.73
C GLU A 39 -11.42 -0.19 -8.73
N ARG A 40 -12.09 0.00 -7.57
CA ARG A 40 -11.58 0.81 -6.45
C ARG A 40 -10.28 0.20 -5.89
N LEU A 41 -10.31 -1.14 -5.77
CA LEU A 41 -9.20 -1.94 -5.29
C LEU A 41 -7.97 -1.74 -6.20
N LYS A 42 -8.18 -1.94 -7.50
CA LYS A 42 -7.16 -1.80 -8.54
C LYS A 42 -6.57 -0.38 -8.57
N ARG A 43 -7.48 0.62 -8.53
CA ARG A 43 -7.17 2.05 -8.58
C ARG A 43 -6.16 2.41 -7.49
N GLY A 44 -6.53 2.11 -6.24
CA GLY A 44 -5.73 2.44 -5.08
C GLY A 44 -4.40 1.72 -5.03
N ILE A 45 -4.38 0.43 -5.43
CA ILE A 45 -3.14 -0.38 -5.44
C ILE A 45 -2.10 0.22 -6.41
N ILE A 46 -2.51 0.50 -7.66
CA ILE A 46 -1.64 1.12 -8.68
C ILE A 46 -1.18 2.53 -8.22
N HIS A 47 -2.12 3.31 -7.67
CA HIS A 47 -1.84 4.68 -7.18
C HIS A 47 -0.92 4.67 -5.94
N ALA A 48 -1.05 3.62 -5.10
CA ALA A 48 -0.24 3.43 -3.89
C ALA A 48 1.22 3.15 -4.27
N ARG A 49 1.39 2.27 -5.28
CA ARG A 49 2.66 2.00 -5.97
C ARG A 49 3.31 3.29 -6.50
N GLY A 50 2.43 4.17 -7.02
CA GLY A 50 2.83 5.50 -7.50
C GLY A 50 3.47 6.35 -6.40
N LEU A 51 2.82 6.39 -5.22
CA LEU A 51 3.27 7.20 -4.07
C LEU A 51 4.54 6.61 -3.42
N VAL A 52 4.58 5.26 -3.32
CA VAL A 52 5.71 4.55 -2.69
C VAL A 52 6.98 4.79 -3.49
N ARG A 53 6.92 4.63 -4.84
CA ARG A 53 8.07 4.84 -5.74
C ARG A 53 8.57 6.30 -5.68
N GLU A 54 7.66 7.28 -5.47
CA GLU A 54 8.04 8.70 -5.25
C GLU A 54 8.79 8.86 -3.90
N CYS A 55 8.34 8.10 -2.88
CA CYS A 55 8.98 8.08 -1.55
C CYS A 55 10.36 7.40 -1.62
N LEU A 56 10.49 6.37 -2.48
CA LEU A 56 11.72 5.57 -2.60
C LEU A 56 12.80 6.34 -3.38
N ALA A 57 12.39 7.02 -4.46
CA ALA A 57 13.27 7.90 -5.27
C ALA A 57 13.89 9.02 -4.41
N GLU A 58 13.10 9.52 -3.45
CA GLU A 58 13.55 10.53 -2.49
C GLU A 58 14.54 9.91 -1.48
N THR A 59 14.11 8.80 -0.84
CA THR A 59 14.86 8.12 0.21
C THR A 59 16.17 7.47 -0.33
N GLU A 60 16.24 7.23 -1.65
CA GLU A 60 17.44 6.66 -2.29
C GLU A 60 18.56 7.72 -2.35
N ARG A 61 18.16 8.98 -2.61
CA ARG A 61 19.08 10.14 -2.57
C ARG A 61 19.36 10.55 -1.09
N ASN A 62 18.43 10.18 -0.19
CA ASN A 62 18.57 10.39 1.26
C ASN A 62 19.41 9.25 1.91
N ALA A 63 19.57 8.13 1.18
CA ALA A 63 20.22 6.90 1.69
C ALA A 63 21.74 7.04 1.78
N ARG A 64 22.37 5.98 2.30
CA ARG A 64 23.81 5.93 2.61
C ARG A 64 24.41 4.72 1.86
N SER A 65 23.93 4.49 0.63
CA SER A 65 24.26 3.33 -0.19
C SER A 65 25.13 3.76 -1.42
N MET B 1 13.61 -20.36 -16.10
CA MET B 1 13.00 -19.30 -16.94
C MET B 1 13.71 -17.95 -16.71
N GLY B 2 14.31 -17.78 -15.52
CA GLY B 2 14.97 -16.54 -15.12
C GLY B 2 13.99 -15.55 -14.52
N HIS B 3 13.19 -16.03 -13.56
CA HIS B 3 12.18 -15.21 -12.84
C HIS B 3 12.66 -14.92 -11.40
N HIS B 4 13.98 -15.09 -11.21
CA HIS B 4 14.66 -14.91 -9.91
C HIS B 4 14.55 -13.46 -9.40
N HIS B 5 14.08 -13.31 -8.16
CA HIS B 5 14.01 -12.02 -7.47
C HIS B 5 15.25 -11.89 -6.57
N HIS B 6 15.79 -10.66 -6.47
CA HIS B 6 16.93 -10.39 -5.57
C HIS B 6 16.47 -10.61 -4.12
N HIS B 7 16.97 -11.71 -3.51
CA HIS B 7 16.54 -12.17 -2.17
C HIS B 7 17.03 -11.24 -1.05
N HIS B 8 17.79 -10.19 -1.44
CA HIS B 8 18.27 -9.13 -0.54
C HIS B 8 17.30 -7.92 -0.55
N SER B 9 16.07 -8.10 -1.09
CA SER B 9 15.03 -7.05 -1.04
C SER B 9 14.28 -7.11 0.31
N HIS B 10 14.67 -6.23 1.24
CA HIS B 10 14.08 -6.14 2.60
C HIS B 10 13.88 -4.65 2.98
N SER B 11 13.61 -4.39 4.28
CA SER B 11 13.28 -3.06 4.84
C SER B 11 11.81 -2.69 4.53
N LYS B 12 11.25 -1.77 5.33
CA LYS B 12 9.82 -1.36 5.22
C LYS B 12 9.55 -0.61 3.90
N TYR B 13 10.63 -0.18 3.22
CA TYR B 13 10.55 0.50 1.92
C TYR B 13 10.27 -0.49 0.78
N ALA B 14 11.17 -1.48 0.63
CA ALA B 14 11.12 -2.47 -0.46
C ALA B 14 10.00 -3.49 -0.22
N GLU B 15 9.74 -3.79 1.06
CA GLU B 15 8.67 -4.71 1.46
C GLU B 15 7.29 -4.10 1.15
N LEU B 16 7.15 -2.79 1.39
CA LEU B 16 5.89 -2.05 1.14
C LEU B 16 5.50 -2.12 -0.34
N LEU B 17 6.46 -1.78 -1.22
CA LEU B 17 6.28 -1.86 -2.67
C LEU B 17 6.00 -3.30 -3.12
N ALA B 18 6.77 -4.27 -2.59
CA ALA B 18 6.63 -5.71 -2.92
C ALA B 18 5.25 -6.27 -2.52
N ILE B 19 4.69 -5.74 -1.42
CA ILE B 19 3.32 -6.06 -0.97
C ILE B 19 2.32 -5.61 -2.03
N ILE B 20 2.49 -4.36 -2.49
CA ILE B 20 1.59 -3.73 -3.47
C ILE B 20 1.67 -4.43 -4.84
N GLU B 21 2.88 -4.87 -5.20
CA GLU B 21 3.11 -5.67 -6.42
C GLU B 21 2.37 -7.02 -6.34
N GLU B 22 2.33 -7.59 -5.12
CA GLU B 22 1.58 -8.82 -4.84
C GLU B 22 0.06 -8.54 -4.88
N LEU B 23 -0.37 -7.40 -4.31
CA LEU B 23 -1.81 -7.00 -4.25
C LEU B 23 -2.39 -6.83 -5.67
N GLY B 24 -1.60 -6.18 -6.54
CA GLY B 24 -1.97 -5.96 -7.93
C GLY B 24 -1.98 -7.24 -8.76
N LYS B 25 -1.33 -8.27 -8.23
CA LYS B 25 -1.34 -9.63 -8.78
C LYS B 25 -2.57 -10.42 -8.21
N GLU B 26 -2.93 -10.13 -6.95
CA GLU B 26 -3.99 -10.86 -6.22
C GLU B 26 -5.41 -10.46 -6.70
N ILE B 27 -5.56 -9.34 -7.43
CA ILE B 27 -6.89 -8.81 -7.84
C ILE B 27 -7.64 -9.82 -8.75
N ARG B 28 -6.89 -10.43 -9.71
CA ARG B 28 -7.47 -11.40 -10.67
C ARG B 28 -8.02 -12.67 -9.96
N PRO B 29 -7.22 -13.44 -9.12
CA PRO B 29 -7.75 -14.61 -8.37
C PRO B 29 -8.83 -14.23 -7.31
N THR B 30 -8.67 -13.06 -6.63
CA THR B 30 -9.64 -12.59 -5.60
C THR B 30 -11.03 -12.36 -6.23
N TYR B 31 -11.04 -11.62 -7.35
CA TYR B 31 -12.26 -11.35 -8.14
C TYR B 31 -12.82 -12.63 -8.75
N ALA B 32 -11.93 -13.57 -9.13
CA ALA B 32 -12.30 -14.89 -9.70
C ALA B 32 -13.01 -15.77 -8.65
N GLY B 33 -12.87 -15.44 -7.36
CA GLY B 33 -13.61 -16.13 -6.28
C GLY B 33 -12.72 -16.92 -5.32
N SER B 34 -11.38 -16.90 -5.56
CA SER B 34 -10.42 -17.57 -4.66
C SER B 34 -10.35 -16.86 -3.29
N LYS B 35 -10.83 -17.54 -2.25
CA LYS B 35 -10.82 -17.04 -0.86
C LYS B 35 -9.36 -16.93 -0.34
N SER B 36 -8.50 -17.85 -0.79
CA SER B 36 -7.07 -17.84 -0.42
C SER B 36 -6.37 -16.55 -0.92
N ALA B 37 -6.88 -16.01 -2.05
CA ALA B 37 -6.34 -14.79 -2.67
C ALA B 37 -6.78 -13.52 -1.93
N MET B 38 -8.06 -13.47 -1.51
CA MET B 38 -8.60 -12.30 -0.75
C MET B 38 -7.98 -12.22 0.64
N GLU B 39 -7.58 -13.37 1.20
CA GLU B 39 -6.86 -13.45 2.49
C GLU B 39 -5.40 -12.94 2.38
N ARG B 40 -4.77 -13.12 1.21
CA ARG B 40 -3.42 -12.55 0.92
C ARG B 40 -3.52 -11.05 0.58
N LEU B 41 -4.65 -10.68 -0.03
CA LEU B 41 -5.01 -9.29 -0.30
C LEU B 41 -5.21 -8.55 1.04
N LYS B 42 -5.95 -9.21 1.95
CA LYS B 42 -6.18 -8.74 3.32
C LYS B 42 -4.85 -8.58 4.08
N ARG B 43 -4.12 -9.69 4.19
CA ARG B 43 -2.81 -9.75 4.86
C ARG B 43 -1.84 -8.67 4.31
N GLY B 44 -1.90 -8.45 3.00
CA GLY B 44 -1.08 -7.46 2.32
C GLY B 44 -1.43 -6.03 2.72
N ILE B 45 -2.72 -5.67 2.55
CA ILE B 45 -3.25 -4.30 2.84
C ILE B 45 -3.05 -3.92 4.33
N ILE B 46 -3.40 -4.84 5.24
CA ILE B 46 -3.25 -4.66 6.70
C ILE B 46 -1.75 -4.50 7.10
N HIS B 47 -0.87 -5.35 6.51
CA HIS B 47 0.59 -5.30 6.81
C HIS B 47 1.20 -4.00 6.25
N ALA B 48 0.71 -3.58 5.06
CA ALA B 48 1.12 -2.35 4.39
C ALA B 48 0.73 -1.12 5.22
N ARG B 49 -0.47 -1.17 5.81
CA ARG B 49 -0.99 -0.15 6.76
C ARG B 49 0.02 0.08 7.89
N GLY B 50 0.50 -1.03 8.47
CA GLY B 50 1.52 -1.01 9.51
C GLY B 50 2.82 -0.34 9.06
N LEU B 51 3.30 -0.73 7.86
CA LEU B 51 4.57 -0.22 7.29
C LEU B 51 4.51 1.29 7.07
N VAL B 52 3.39 1.75 6.51
CA VAL B 52 3.17 3.16 6.17
C VAL B 52 3.05 4.02 7.44
N ARG B 53 2.41 3.47 8.50
CA ARG B 53 2.35 4.12 9.83
C ARG B 53 3.76 4.27 10.44
N GLU B 54 4.56 3.20 10.35
CA GLU B 54 5.96 3.20 10.85
C GLU B 54 6.80 4.24 10.11
N CYS B 55 6.65 4.25 8.78
CA CYS B 55 7.40 5.14 7.88
C CYS B 55 6.95 6.60 8.03
N LEU B 56 5.65 6.81 8.35
CA LEU B 56 5.09 8.16 8.58
C LEU B 56 5.75 8.75 9.84
N ALA B 57 5.66 7.98 10.94
CA ALA B 57 6.22 8.36 12.26
C ALA B 57 7.75 8.48 12.23
N GLU B 58 8.40 7.66 11.38
CA GLU B 58 9.85 7.69 11.20
C GLU B 58 10.29 9.00 10.55
N THR B 59 9.72 9.29 9.37
CA THR B 59 9.99 10.50 8.60
C THR B 59 9.59 11.78 9.39
N GLU B 60 8.50 11.68 10.17
CA GLU B 60 7.91 12.81 10.93
C GLU B 60 8.84 13.25 12.08
N ARG B 61 9.32 12.25 12.83
CA ARG B 61 10.14 12.46 14.05
C ARG B 61 11.60 12.84 13.64
N ASN B 62 12.05 12.28 12.50
CA ASN B 62 13.38 12.56 11.94
C ASN B 62 13.38 13.89 11.13
N ALA B 63 12.18 14.43 10.85
CA ALA B 63 12.02 15.76 10.24
C ALA B 63 12.14 16.88 11.28
N ARG B 64 12.53 18.07 10.82
CA ARG B 64 12.72 19.26 11.66
C ARG B 64 11.35 19.88 11.99
N SER B 65 10.72 19.41 13.09
CA SER B 65 9.36 19.82 13.50
C SER B 65 9.28 19.80 15.05
#